data_2MT6
#
_entry.id   2MT6
#
_entity_poly.entity_id   1
_entity_poly.type   'polypeptide(L)'
_entity_poly.pdbx_seq_one_letter_code
;MASMQKRLQKELLALQNDPPPGMTLNEKSVQNSITQWIVDMEGAPGTLYEGEKFQLLFKFSSRYPFDSPQVMFTGENIPV
HPHVYSNGHICLSILTEDWSPALSVQSVCLSIISMLSSCKEKRRPPDNSFYVRTCNKNPKKTKWWYHDDTC
;
_entity_poly.pdbx_strand_id   A
#
# COMPACT_ATOMS: atom_id res chain seq x y z
N MET A 1 25.41 -1.82 0.87
CA MET A 1 24.67 -2.04 2.10
C MET A 1 23.99 -0.77 2.61
N ALA A 2 22.89 -0.95 3.33
CA ALA A 2 22.16 0.18 3.88
C ALA A 2 21.28 -0.19 5.05
N SER A 3 21.17 0.76 5.97
CA SER A 3 20.33 0.64 7.15
C SER A 3 18.91 1.00 6.77
N MET A 4 17.97 0.78 7.68
CA MET A 4 16.57 1.11 7.49
C MET A 4 16.40 2.59 7.17
N GLN A 5 17.02 3.42 8.00
CA GLN A 5 16.96 4.85 7.84
C GLN A 5 17.67 5.29 6.58
N LYS A 6 18.84 4.71 6.28
CA LYS A 6 19.58 5.04 5.06
C LYS A 6 18.74 4.75 3.82
N ARG A 7 18.08 3.60 3.81
CA ARG A 7 17.19 3.20 2.73
C ARG A 7 16.10 4.24 2.54
N LEU A 8 15.51 4.69 3.65
CA LEU A 8 14.49 5.72 3.57
C LEU A 8 15.03 7.07 3.14
N GLN A 9 16.26 7.42 3.51
CA GLN A 9 16.84 8.67 3.06
C GLN A 9 17.02 8.65 1.56
N LYS A 10 17.48 7.50 1.05
CA LYS A 10 17.65 7.29 -0.39
C LYS A 10 16.33 7.41 -1.12
N GLU A 11 15.30 6.75 -0.58
CA GLU A 11 13.97 6.74 -1.17
C GLU A 11 13.33 8.12 -1.13
N LEU A 12 13.50 8.81 -0.01
CA LEU A 12 13.01 10.15 0.22
C LEU A 12 13.53 11.07 -0.84
N LEU A 13 14.86 11.09 -0.99
CA LEU A 13 15.50 11.95 -1.96
C LEU A 13 15.12 11.58 -3.38
N ALA A 14 14.95 10.30 -3.68
CA ALA A 14 14.51 9.90 -5.01
C ALA A 14 13.15 10.50 -5.33
N LEU A 15 12.24 10.47 -4.36
CA LEU A 15 10.91 11.03 -4.51
C LEU A 15 10.83 12.53 -4.31
N GLN A 16 11.83 13.15 -3.69
CA GLN A 16 11.81 14.60 -3.63
C GLN A 16 12.33 15.14 -4.96
N ASN A 17 13.30 14.45 -5.54
CA ASN A 17 13.83 14.85 -6.83
C ASN A 17 12.90 14.54 -8.00
N ASP A 18 12.33 13.35 -8.04
CA ASP A 18 11.44 13.02 -9.15
C ASP A 18 10.38 11.96 -8.81
N PRO A 19 9.26 12.34 -8.19
CA PRO A 19 8.16 11.47 -7.89
C PRO A 19 7.33 11.23 -9.16
N PRO A 20 6.52 10.17 -9.22
CA PRO A 20 5.65 9.89 -10.34
C PRO A 20 4.68 11.06 -10.58
N PRO A 21 4.25 11.32 -11.82
CA PRO A 21 3.33 12.37 -12.15
C PRO A 21 2.06 12.32 -11.31
N GLY A 22 1.75 13.44 -10.65
CA GLY A 22 0.57 13.55 -9.80
C GLY A 22 0.85 13.11 -8.35
N MET A 23 2.09 12.70 -8.07
CA MET A 23 2.43 12.25 -6.72
C MET A 23 3.36 13.20 -5.95
N THR A 24 3.09 13.40 -4.66
CA THR A 24 4.00 14.19 -3.83
C THR A 24 4.28 13.54 -2.47
N LEU A 25 5.57 13.47 -2.10
CA LEU A 25 5.96 12.87 -0.84
C LEU A 25 6.24 13.89 0.26
N ASN A 26 5.55 13.73 1.39
CA ASN A 26 5.70 14.62 2.53
C ASN A 26 5.93 13.85 3.84
N GLU A 27 7.19 13.75 4.27
CA GLU A 27 7.51 13.08 5.53
C GLU A 27 6.82 13.76 6.70
N LYS A 28 6.10 12.98 7.49
CA LYS A 28 5.35 13.55 8.61
C LYS A 28 5.99 13.32 9.97
N SER A 29 6.33 14.41 10.68
CA SER A 29 6.82 14.25 12.03
C SER A 29 5.65 13.79 12.88
N VAL A 30 5.83 12.73 13.65
CA VAL A 30 4.72 12.20 14.46
C VAL A 30 5.04 11.99 15.93
N GLN A 31 3.98 11.96 16.72
CA GLN A 31 4.03 11.73 18.17
C GLN A 31 4.46 10.31 18.53
N ASN A 32 4.43 9.42 17.54
CA ASN A 32 4.82 8.04 17.67
C ASN A 32 6.34 7.87 17.65
N SER A 33 7.10 8.93 17.30
CA SER A 33 8.56 8.90 17.21
C SER A 33 9.12 7.80 16.31
N ILE A 34 8.41 7.53 15.22
CA ILE A 34 8.77 6.54 14.21
C ILE A 34 8.63 7.21 12.86
N THR A 35 9.18 6.60 11.82
CA THR A 35 9.05 7.23 10.51
C THR A 35 7.73 6.86 9.85
N GLN A 36 6.96 7.90 9.53
CA GLN A 36 5.69 7.78 8.84
C GLN A 36 5.62 8.82 7.72
N TRP A 37 5.33 8.38 6.51
CA TRP A 37 5.26 9.29 5.37
C TRP A 37 3.85 9.50 4.82
N ILE A 38 3.58 10.73 4.39
CA ILE A 38 2.29 11.05 3.78
C ILE A 38 2.46 11.27 2.27
N VAL A 39 1.63 10.59 1.49
CA VAL A 39 1.75 10.76 0.04
C VAL A 39 0.47 11.29 -0.59
N ASP A 40 0.66 12.36 -1.37
CA ASP A 40 -0.39 13.03 -2.11
C ASP A 40 -0.64 12.30 -3.42
N MET A 41 -1.80 11.67 -3.57
CA MET A 41 -2.10 10.96 -4.82
C MET A 41 -3.28 11.49 -5.60
N GLU A 42 -3.01 12.18 -6.70
CA GLU A 42 -4.11 12.64 -7.54
C GLU A 42 -4.46 11.51 -8.51
N GLY A 43 -5.76 11.18 -8.63
CA GLY A 43 -6.16 10.10 -9.50
C GLY A 43 -5.83 10.34 -10.97
N ALA A 44 -5.43 9.25 -11.62
CA ALA A 44 -5.00 9.24 -13.00
C ALA A 44 -6.13 9.50 -14.02
N PRO A 45 -5.82 10.24 -15.11
CA PRO A 45 -6.73 10.51 -16.20
C PRO A 45 -7.33 9.27 -16.82
N GLY A 46 -8.64 9.31 -17.02
CA GLY A 46 -9.35 8.19 -17.60
C GLY A 46 -9.87 7.20 -16.57
N THR A 47 -9.54 7.39 -15.28
CA THR A 47 -10.03 6.47 -14.28
C THR A 47 -11.18 7.11 -13.53
N LEU A 48 -11.80 6.33 -12.67
CA LEU A 48 -12.93 6.79 -11.86
C LEU A 48 -12.48 7.60 -10.66
N TYR A 49 -11.16 7.78 -10.50
CA TYR A 49 -10.58 8.51 -9.40
C TYR A 49 -9.97 9.81 -9.93
N GLU A 50 -10.05 10.02 -11.26
CA GLU A 50 -9.42 11.14 -11.93
C GLU A 50 -9.66 12.52 -11.35
N GLY A 51 -8.55 13.17 -11.02
CA GLY A 51 -8.58 14.54 -10.52
C GLY A 51 -8.80 14.64 -9.01
N GLU A 52 -9.13 13.54 -8.35
CA GLU A 52 -9.37 13.61 -6.92
C GLU A 52 -8.12 13.23 -6.17
N LYS A 53 -7.90 13.83 -5.02
CA LYS A 53 -6.71 13.46 -4.27
C LYS A 53 -7.03 12.58 -3.09
N PHE A 54 -6.17 11.59 -2.90
CA PHE A 54 -6.32 10.64 -1.82
C PHE A 54 -4.97 10.66 -1.11
N GLN A 55 -4.94 10.48 0.21
CA GLN A 55 -3.64 10.48 0.84
C GLN A 55 -3.22 9.07 1.25
N LEU A 56 -1.92 8.81 1.25
CA LEU A 56 -1.42 7.53 1.74
C LEU A 56 -0.55 7.71 2.97
N LEU A 57 -0.61 6.73 3.86
CA LEU A 57 0.20 6.67 5.05
C LEU A 57 1.13 5.46 4.98
N PHE A 58 2.43 5.72 5.02
CA PHE A 58 3.45 4.69 5.01
C PHE A 58 4.11 4.59 6.37
N LYS A 59 3.80 3.54 7.12
CA LYS A 59 4.38 3.36 8.44
C LYS A 59 5.58 2.44 8.34
N PHE A 60 6.76 2.93 8.66
CA PHE A 60 7.93 2.10 8.47
C PHE A 60 8.40 1.41 9.75
N SER A 61 8.80 0.16 9.56
CA SER A 61 9.33 -0.70 10.62
C SER A 61 10.83 -0.55 10.68
N SER A 62 11.45 -1.07 11.74
CA SER A 62 12.90 -1.03 11.84
C SER A 62 13.53 -2.11 10.96
N ARG A 63 12.74 -3.15 10.67
CA ARG A 63 13.14 -4.22 9.79
C ARG A 63 13.18 -3.78 8.33
N TYR A 64 12.25 -2.92 7.92
CA TYR A 64 12.24 -2.24 6.61
C TYR A 64 13.66 -2.04 6.03
N PRO A 65 13.95 -2.44 4.80
CA PRO A 65 13.10 -3.01 3.77
C PRO A 65 13.00 -4.52 3.73
N PHE A 66 13.21 -5.17 4.87
CA PHE A 66 13.08 -6.62 4.94
C PHE A 66 11.73 -6.96 5.60
N ASP A 67 10.86 -5.96 5.68
CA ASP A 67 9.52 -6.02 6.25
C ASP A 67 8.80 -4.81 5.66
N SER A 68 7.76 -5.06 4.86
CA SER A 68 7.03 -3.99 4.17
C SER A 68 6.41 -2.98 5.12
N PRO A 69 6.20 -1.74 4.68
CA PRO A 69 5.56 -0.70 5.45
C PRO A 69 4.07 -0.93 5.54
N GLN A 70 3.44 -0.42 6.58
CA GLN A 70 2.00 -0.57 6.65
C GLN A 70 1.50 0.53 5.73
N VAL A 71 0.77 0.17 4.68
CA VAL A 71 0.36 1.23 3.77
C VAL A 71 -1.16 1.31 3.69
N MET A 72 -1.68 2.46 4.11
CA MET A 72 -3.11 2.68 4.14
C MET A 72 -3.52 4.05 3.62
N PHE A 73 -4.75 4.17 3.13
CA PHE A 73 -5.23 5.47 2.73
C PHE A 73 -5.57 6.25 3.99
N THR A 74 -5.33 7.54 3.94
CA THR A 74 -5.59 8.44 5.05
C THR A 74 -6.11 9.79 4.55
N GLY A 75 -6.00 10.81 5.40
CA GLY A 75 -6.48 12.13 5.03
C GLY A 75 -8.00 12.14 5.14
N GLU A 76 -8.63 13.01 4.37
CA GLU A 76 -10.08 13.12 4.37
C GLU A 76 -10.73 12.49 3.13
N ASN A 77 -10.03 11.61 2.43
CA ASN A 77 -10.62 11.03 1.24
C ASN A 77 -10.11 9.61 0.95
N ILE A 78 -10.95 8.64 1.29
CA ILE A 78 -10.66 7.23 1.07
C ILE A 78 -11.42 6.82 -0.20
N PRO A 79 -10.77 6.29 -1.25
CA PRO A 79 -11.46 5.91 -2.46
C PRO A 79 -12.34 4.67 -2.30
N VAL A 80 -13.45 4.65 -3.03
CA VAL A 80 -14.34 3.49 -3.01
C VAL A 80 -13.79 2.53 -4.05
N HIS A 81 -13.42 1.34 -3.62
CA HIS A 81 -12.78 0.38 -4.51
C HIS A 81 -12.81 -1.02 -3.91
N PRO A 82 -12.97 -2.10 -4.67
CA PRO A 82 -12.94 -3.46 -4.15
C PRO A 82 -11.73 -3.82 -3.28
N HIS A 83 -10.56 -3.19 -3.51
CA HIS A 83 -9.39 -3.45 -2.70
C HIS A 83 -9.09 -2.32 -1.71
N VAL A 84 -10.03 -1.40 -1.52
CA VAL A 84 -9.83 -0.32 -0.55
C VAL A 84 -10.96 -0.32 0.46
N TYR A 85 -10.59 -0.40 1.73
CA TYR A 85 -11.58 -0.43 2.79
C TYR A 85 -11.76 0.98 3.31
N SER A 86 -12.93 1.26 3.88
CA SER A 86 -13.27 2.61 4.36
C SER A 86 -12.39 3.09 5.51
N ASN A 87 -11.70 2.16 6.18
CA ASN A 87 -10.76 2.51 7.23
C ASN A 87 -9.36 2.77 6.67
N GLY A 88 -9.21 2.76 5.34
CA GLY A 88 -7.95 3.01 4.66
C GLY A 88 -7.20 1.75 4.25
N HIS A 89 -7.63 0.56 4.66
CA HIS A 89 -6.86 -0.63 4.30
C HIS A 89 -6.75 -0.87 2.80
N ILE A 90 -5.53 -1.18 2.37
CA ILE A 90 -5.22 -1.44 0.96
C ILE A 90 -4.85 -2.90 0.74
N CYS A 91 -5.61 -3.60 -0.11
CA CYS A 91 -5.31 -5.00 -0.36
C CYS A 91 -4.48 -5.21 -1.62
N LEU A 92 -3.16 -5.26 -1.42
CA LEU A 92 -2.18 -5.53 -2.47
C LEU A 92 -1.15 -6.55 -2.04
N SER A 93 -0.76 -7.42 -2.98
CA SER A 93 0.21 -8.47 -2.67
C SER A 93 1.58 -7.90 -2.38
N ILE A 94 1.88 -6.71 -2.92
CA ILE A 94 3.15 -6.04 -2.71
C ILE A 94 3.43 -5.75 -1.25
N LEU A 95 2.39 -5.66 -0.43
CA LEU A 95 2.58 -5.37 0.98
C LEU A 95 2.75 -6.64 1.80
N THR A 96 2.45 -7.81 1.21
CA THR A 96 2.54 -9.08 1.91
C THR A 96 3.49 -10.03 1.19
N GLU A 97 2.89 -10.98 0.47
CA GLU A 97 3.59 -12.07 -0.19
C GLU A 97 4.58 -11.68 -1.29
N ASP A 98 4.33 -10.57 -1.98
CA ASP A 98 5.25 -10.14 -3.02
C ASP A 98 6.25 -9.09 -2.52
N TRP A 99 6.28 -8.80 -1.22
CA TRP A 99 7.27 -7.85 -0.74
C TRP A 99 8.69 -8.37 -0.83
N SER A 100 9.59 -7.49 -1.23
CA SER A 100 11.01 -7.73 -1.39
C SER A 100 11.79 -6.45 -1.11
N PRO A 101 12.97 -6.53 -0.51
CA PRO A 101 13.89 -5.43 -0.28
C PRO A 101 14.27 -4.67 -1.55
N ALA A 102 14.12 -5.31 -2.71
CA ALA A 102 14.38 -4.71 -4.01
C ALA A 102 13.28 -3.74 -4.44
N LEU A 103 12.16 -3.71 -3.72
CA LEU A 103 11.04 -2.84 -4.00
C LEU A 103 11.22 -1.48 -3.34
N SER A 104 10.28 -0.59 -3.64
CA SER A 104 10.36 0.77 -3.13
C SER A 104 9.01 1.37 -2.77
N VAL A 105 9.05 2.47 -2.03
CA VAL A 105 7.86 3.23 -1.63
C VAL A 105 7.17 3.68 -2.89
N GLN A 106 7.98 4.17 -3.83
CA GLN A 106 7.51 4.55 -5.15
C GLN A 106 6.74 3.42 -5.82
N SER A 107 7.30 2.21 -5.85
CA SER A 107 6.61 1.08 -6.49
C SER A 107 5.33 0.69 -5.77
N VAL A 108 5.25 0.93 -4.47
CA VAL A 108 4.02 0.66 -3.74
C VAL A 108 2.97 1.68 -4.17
N CYS A 109 3.36 2.95 -4.25
CA CYS A 109 2.43 3.98 -4.71
C CYS A 109 1.94 3.69 -6.11
N LEU A 110 2.86 3.26 -6.99
CA LEU A 110 2.52 2.91 -8.35
C LEU A 110 1.58 1.71 -8.40
N SER A 111 1.78 0.74 -7.50
CA SER A 111 0.90 -0.42 -7.42
C SER A 111 -0.51 0.03 -7.04
N ILE A 112 -0.61 0.97 -6.09
CA ILE A 112 -1.86 1.55 -5.64
C ILE A 112 -2.54 2.32 -6.77
N ILE A 113 -1.76 3.07 -7.55
CA ILE A 113 -2.28 3.79 -8.69
C ILE A 113 -2.87 2.83 -9.71
N SER A 114 -2.14 1.77 -10.06
CA SER A 114 -2.64 0.80 -11.03
C SER A 114 -3.81 0.00 -10.47
N MET A 115 -3.87 -0.16 -9.14
CA MET A 115 -4.99 -0.80 -8.46
C MET A 115 -6.26 -0.01 -8.70
N LEU A 116 -6.18 1.29 -8.43
CA LEU A 116 -7.31 2.19 -8.65
C LEU A 116 -7.67 2.26 -10.13
N SER A 117 -6.66 2.26 -11.00
CA SER A 117 -6.89 2.29 -12.45
C SER A 117 -7.62 1.06 -12.97
N SER A 118 -7.16 -0.13 -12.59
CA SER A 118 -7.78 -1.37 -13.03
C SER A 118 -7.87 -2.41 -11.92
N CYS A 119 -9.07 -2.58 -11.38
CA CYS A 119 -9.30 -3.54 -10.31
C CYS A 119 -9.22 -4.97 -10.81
N LYS A 120 -8.34 -5.75 -10.22
CA LYS A 120 -8.17 -7.14 -10.61
C LYS A 120 -8.82 -8.09 -9.61
N GLU A 121 -9.40 -9.16 -10.14
CA GLU A 121 -10.07 -10.17 -9.34
C GLU A 121 -9.14 -11.33 -9.02
N LYS A 122 -9.44 -12.04 -7.93
CA LYS A 122 -8.62 -13.17 -7.53
C LYS A 122 -9.03 -14.44 -8.27
N ARG A 123 -8.05 -15.30 -8.54
CA ARG A 123 -8.25 -16.55 -9.26
C ARG A 123 -7.41 -17.68 -8.68
N ARG A 124 -7.73 -18.90 -9.11
CA ARG A 124 -7.04 -20.09 -8.67
C ARG A 124 -7.00 -21.07 -9.84
N PRO A 125 -6.15 -22.10 -9.82
CA PRO A 125 -6.08 -23.10 -10.87
C PRO A 125 -7.40 -23.82 -11.07
N PRO A 126 -7.75 -24.20 -12.31
CA PRO A 126 -8.96 -24.92 -12.63
C PRO A 126 -8.90 -26.32 -12.01
N ASP A 127 -7.68 -26.81 -11.81
CA ASP A 127 -7.48 -28.07 -11.16
C ASP A 127 -7.58 -27.80 -9.67
N ASN A 128 -8.80 -27.94 -9.18
CA ASN A 128 -9.13 -27.73 -7.78
C ASN A 128 -8.45 -28.72 -6.86
N SER A 129 -8.17 -29.94 -7.34
CA SER A 129 -7.46 -30.92 -6.53
C SER A 129 -6.06 -30.39 -6.25
N PHE A 130 -5.40 -29.92 -7.31
CA PHE A 130 -4.08 -29.31 -7.22
C PHE A 130 -4.10 -28.12 -6.28
N TYR A 131 -5.08 -27.24 -6.48
CA TYR A 131 -5.22 -26.06 -5.62
C TYR A 131 -5.27 -26.47 -4.17
N VAL A 132 -6.16 -27.40 -3.82
CA VAL A 132 -6.26 -27.89 -2.44
C VAL A 132 -4.93 -28.44 -1.94
N ARG A 133 -4.23 -29.21 -2.76
CA ARG A 133 -2.93 -29.76 -2.37
C ARG A 133 -1.85 -28.70 -2.14
N THR A 134 -1.99 -27.50 -2.72
CA THR A 134 -1.01 -26.44 -2.49
C THR A 134 -1.43 -25.51 -1.37
N CYS A 135 -2.57 -25.78 -0.71
CA CYS A 135 -3.07 -24.91 0.35
C CYS A 135 -2.25 -25.02 1.62
N ASN A 136 -1.43 -26.06 1.72
CA ASN A 136 -0.55 -26.24 2.87
C ASN A 136 0.58 -25.21 2.85
N LYS A 137 0.77 -24.50 1.73
CA LYS A 137 1.77 -23.47 1.61
C LYS A 137 1.18 -22.08 1.88
N ASN A 138 -0.13 -22.01 2.15
CA ASN A 138 -0.79 -20.75 2.41
C ASN A 138 -0.86 -20.46 3.91
N PRO A 139 -1.01 -19.19 4.32
CA PRO A 139 -1.16 -18.77 5.70
C PRO A 139 -2.33 -19.44 6.40
N LYS A 140 -2.16 -19.66 7.71
CA LYS A 140 -3.16 -20.32 8.53
C LYS A 140 -4.34 -19.40 8.88
N LYS A 141 -5.46 -20.05 9.21
CA LYS A 141 -6.70 -19.35 9.56
C LYS A 141 -6.57 -18.42 10.75
N THR A 142 -6.99 -17.18 10.54
CA THR A 142 -6.98 -16.14 11.57
C THR A 142 -8.23 -16.20 12.43
N LYS A 143 -8.01 -16.21 13.75
CA LYS A 143 -9.09 -16.27 14.73
C LYS A 143 -9.53 -14.89 15.17
N TRP A 144 -8.60 -14.10 15.71
CA TRP A 144 -8.93 -12.75 16.12
C TRP A 144 -8.91 -11.80 14.94
N TRP A 145 -9.97 -11.01 14.81
CA TRP A 145 -10.04 -10.06 13.72
C TRP A 145 -10.13 -8.63 14.23
N TYR A 146 -9.45 -7.73 13.53
CA TYR A 146 -9.53 -6.32 13.88
C TYR A 146 -10.90 -5.78 13.51
N HIS A 147 -11.52 -5.04 14.44
CA HIS A 147 -12.82 -4.48 14.16
C HIS A 147 -12.78 -2.96 14.15
N ASP A 148 -13.68 -2.37 13.37
CA ASP A 148 -13.78 -0.92 13.22
C ASP A 148 -14.81 -0.29 14.16
N ASP A 149 -15.36 -1.07 15.09
CA ASP A 149 -16.35 -0.57 16.03
C ASP A 149 -15.76 0.46 16.99
N THR A 150 -16.57 1.46 17.33
CA THR A 150 -16.16 2.51 18.26
C THR A 150 -15.96 1.97 19.67
N CYS A 151 -14.81 2.29 20.25
CA CYS A 151 -14.47 1.87 21.61
C CYS A 151 -14.36 3.08 22.54
N MET A 1 15.45 8.29 15.24
CA MET A 1 16.66 8.52 14.45
C MET A 1 17.42 7.24 14.15
N ALA A 2 16.71 6.21 13.70
CA ALA A 2 17.32 4.93 13.34
C ALA A 2 18.11 5.11 12.06
N SER A 3 19.12 4.27 11.82
CA SER A 3 19.88 4.40 10.58
C SER A 3 18.97 4.11 9.39
N MET A 4 17.93 3.32 9.63
CA MET A 4 16.89 3.01 8.66
C MET A 4 16.21 4.29 8.27
N GLN A 5 15.79 5.05 9.29
CA GLN A 5 15.11 6.32 9.13
C GLN A 5 15.99 7.33 8.45
N LYS A 6 17.31 7.30 8.73
CA LYS A 6 18.24 8.21 8.09
C LYS A 6 18.37 7.92 6.59
N ARG A 7 18.48 6.65 6.22
CA ARG A 7 18.58 6.24 4.82
C ARG A 7 17.29 6.55 4.09
N LEU A 8 16.18 6.24 4.76
CA LEU A 8 14.84 6.48 4.30
C LEU A 8 14.61 7.95 4.07
N GLN A 9 15.01 8.77 5.04
CA GLN A 9 14.91 10.21 4.95
C GLN A 9 15.56 10.70 3.69
N LYS A 10 16.80 10.26 3.42
CA LYS A 10 17.50 10.67 2.21
C LYS A 10 16.73 10.27 0.96
N GLU A 11 16.17 9.06 0.94
CA GLU A 11 15.33 8.59 -0.16
C GLU A 11 14.13 9.52 -0.36
N LEU A 12 13.47 9.83 0.74
CA LEU A 12 12.30 10.69 0.72
C LEU A 12 12.66 12.14 0.36
N LEU A 13 13.86 12.61 0.74
CA LEU A 13 14.32 13.95 0.38
C LEU A 13 14.50 14.02 -1.12
N ALA A 14 15.00 12.94 -1.72
CA ALA A 14 15.11 12.87 -3.17
C ALA A 14 13.71 12.98 -3.77
N LEU A 15 12.73 12.33 -3.14
CA LEU A 15 11.36 12.45 -3.62
C LEU A 15 10.72 13.80 -3.27
N GLN A 16 11.22 14.52 -2.28
CA GLN A 16 10.70 15.87 -2.09
C GLN A 16 11.14 16.70 -3.28
N ASN A 17 12.37 16.49 -3.75
CA ASN A 17 12.85 17.17 -4.93
C ASN A 17 12.17 16.68 -6.22
N ASP A 18 11.83 15.40 -6.29
CA ASP A 18 11.14 14.82 -7.43
C ASP A 18 10.29 13.62 -6.99
N PRO A 19 9.03 13.84 -6.56
CA PRO A 19 8.12 12.84 -6.05
C PRO A 19 7.55 11.90 -7.10
N PRO A 20 6.95 10.78 -6.70
CA PRO A 20 6.34 9.82 -7.59
C PRO A 20 5.32 10.57 -8.45
N PRO A 21 5.31 10.40 -9.78
CA PRO A 21 4.35 11.03 -10.67
C PRO A 21 2.90 10.87 -10.26
N GLY A 22 2.25 12.00 -9.96
CA GLY A 22 0.85 12.02 -9.51
C GLY A 22 0.72 11.99 -7.98
N MET A 23 1.84 12.07 -7.26
CA MET A 23 1.81 12.02 -5.79
C MET A 23 2.43 13.23 -5.08
N THR A 24 1.72 13.69 -4.04
CA THR A 24 2.13 14.81 -3.18
C THR A 24 2.53 14.19 -1.84
N LEU A 25 3.70 14.54 -1.35
CA LEU A 25 4.16 13.86 -0.16
C LEU A 25 4.20 14.68 1.14
N ASN A 26 3.91 14.02 2.27
CA ASN A 26 4.01 14.66 3.57
C ASN A 26 4.22 13.57 4.62
N GLU A 27 4.39 13.93 5.89
CA GLU A 27 4.58 12.96 6.96
C GLU A 27 3.84 13.33 8.23
N LYS A 28 3.44 12.32 9.02
CA LYS A 28 2.78 12.61 10.28
C LYS A 28 3.75 12.49 11.44
N SER A 29 4.00 13.63 12.10
CA SER A 29 4.89 13.63 13.25
C SER A 29 4.15 13.12 14.47
N VAL A 30 4.77 12.16 15.16
CA VAL A 30 4.15 11.59 16.36
C VAL A 30 5.16 11.62 17.50
N GLN A 31 4.64 11.50 18.73
CA GLN A 31 5.44 11.57 19.95
C GLN A 31 6.39 10.39 20.13
N ASN A 32 6.19 9.32 19.38
CA ASN A 32 7.05 8.16 19.46
C ASN A 32 8.13 8.13 18.39
N SER A 33 8.26 9.21 17.60
CA SER A 33 9.26 9.30 16.52
C SER A 33 9.23 8.16 15.51
N ILE A 34 8.02 7.69 15.21
CA ILE A 34 7.74 6.61 14.28
C ILE A 34 7.46 7.15 12.89
N THR A 35 8.13 6.58 11.89
CA THR A 35 7.93 7.02 10.51
C THR A 35 6.48 6.78 10.08
N GLN A 36 5.87 7.83 9.55
CA GLN A 36 4.50 7.86 9.05
C GLN A 36 4.48 8.57 7.71
N TRP A 37 4.88 7.87 6.65
CA TRP A 37 4.96 8.55 5.36
C TRP A 37 3.57 8.60 4.73
N ILE A 38 3.13 9.80 4.37
CA ILE A 38 1.81 9.95 3.79
C ILE A 38 1.84 10.38 2.33
N VAL A 39 1.13 9.61 1.52
CA VAL A 39 1.09 9.90 0.11
C VAL A 39 -0.29 10.28 -0.41
N ASP A 40 -0.40 11.51 -0.92
CA ASP A 40 -1.64 11.94 -1.53
C ASP A 40 -1.50 11.61 -3.00
N MET A 41 -2.47 10.91 -3.56
CA MET A 41 -2.36 10.45 -4.93
C MET A 41 -3.57 10.71 -5.81
N GLU A 42 -3.34 11.21 -7.03
CA GLU A 42 -4.46 11.42 -7.94
C GLU A 42 -4.66 10.21 -8.84
N GLY A 43 -5.90 9.74 -8.95
CA GLY A 43 -6.19 8.61 -9.82
C GLY A 43 -5.88 8.92 -11.28
N ALA A 44 -5.35 7.90 -11.96
CA ALA A 44 -4.88 7.97 -13.34
C ALA A 44 -5.96 8.32 -14.37
N PRO A 45 -5.63 9.17 -15.34
CA PRO A 45 -6.55 9.64 -16.35
C PRO A 45 -6.95 8.56 -17.31
N GLY A 46 -8.25 8.54 -17.63
CA GLY A 46 -8.80 7.55 -18.52
C GLY A 46 -9.25 6.30 -17.76
N THR A 47 -9.01 6.23 -16.45
CA THR A 47 -9.40 5.05 -15.70
C THR A 47 -10.62 5.36 -14.87
N LEU A 48 -11.12 4.32 -14.21
CA LEU A 48 -12.28 4.42 -13.34
C LEU A 48 -12.01 5.25 -12.09
N TYR A 49 -10.74 5.54 -11.80
CA TYR A 49 -10.40 6.30 -10.63
C TYR A 49 -9.91 7.70 -10.98
N GLU A 50 -10.02 8.12 -12.25
CA GLU A 50 -9.51 9.43 -12.66
C GLU A 50 -9.95 10.62 -11.84
N GLY A 51 -8.95 11.32 -11.30
CA GLY A 51 -9.18 12.53 -10.51
C GLY A 51 -9.49 12.28 -9.04
N GLU A 52 -9.63 11.01 -8.64
CA GLU A 52 -9.95 10.68 -7.27
C GLU A 52 -8.74 10.88 -6.37
N LYS A 53 -8.97 11.50 -5.22
CA LYS A 53 -7.86 11.68 -4.29
C LYS A 53 -7.73 10.49 -3.35
N PHE A 54 -6.55 9.90 -3.35
CA PHE A 54 -6.23 8.79 -2.49
C PHE A 54 -5.24 9.25 -1.44
N GLN A 55 -5.25 8.61 -0.29
CA GLN A 55 -4.30 8.95 0.75
C GLN A 55 -3.87 7.66 1.42
N LEU A 56 -2.58 7.36 1.37
CA LEU A 56 -2.11 6.14 1.99
C LEU A 56 -0.95 6.37 2.97
N LEU A 57 -0.91 5.52 3.99
CA LEU A 57 0.10 5.54 5.03
C LEU A 57 1.11 4.44 4.84
N PHE A 58 2.38 4.81 4.87
CA PHE A 58 3.45 3.85 4.72
C PHE A 58 4.27 3.72 6.00
N LYS A 59 4.37 2.48 6.47
CA LYS A 59 5.09 2.20 7.70
C LYS A 59 6.39 1.47 7.42
N PHE A 60 7.43 1.87 8.11
CA PHE A 60 8.74 1.25 7.88
C PHE A 60 9.27 0.61 9.15
N SER A 61 9.82 -0.60 9.02
CA SER A 61 10.41 -1.26 10.17
C SER A 61 11.86 -0.89 10.15
N SER A 62 12.56 -1.18 11.25
CA SER A 62 13.97 -0.85 11.37
C SER A 62 14.88 -1.65 10.42
N ARG A 63 14.37 -2.70 9.78
CA ARG A 63 15.24 -3.44 8.88
C ARG A 63 15.14 -2.95 7.43
N TYR A 64 14.23 -2.01 7.12
CA TYR A 64 14.10 -1.47 5.76
C TYR A 64 15.48 -0.99 5.25
N PRO A 65 15.85 -1.31 4.01
CA PRO A 65 15.10 -2.01 2.97
C PRO A 65 15.18 -3.52 2.88
N PHE A 66 15.50 -4.20 3.97
CA PHE A 66 15.43 -5.65 3.98
C PHE A 66 13.94 -5.99 3.98
N ASP A 67 13.24 -5.40 4.95
CA ASP A 67 11.79 -5.54 5.07
C ASP A 67 11.02 -4.63 4.13
N SER A 68 9.88 -5.13 3.67
CA SER A 68 8.97 -4.36 2.83
C SER A 68 8.21 -3.34 3.67
N PRO A 69 7.95 -2.13 3.17
CA PRO A 69 7.18 -1.14 3.87
C PRO A 69 5.73 -1.58 3.89
N GLN A 70 4.99 -1.20 4.91
CA GLN A 70 3.61 -1.66 5.01
C GLN A 70 2.73 -0.60 4.41
N VAL A 71 1.71 -1.04 3.71
CA VAL A 71 0.84 -0.10 3.00
C VAL A 71 -0.61 -0.14 3.46
N MET A 72 -1.16 1.01 3.85
CA MET A 72 -2.56 1.03 4.24
C MET A 72 -3.24 2.36 3.95
N PHE A 73 -4.37 2.29 3.26
CA PHE A 73 -5.15 3.46 2.92
C PHE A 73 -5.65 4.16 4.17
N THR A 74 -5.46 5.48 4.24
CA THR A 74 -5.91 6.29 5.35
C THR A 74 -7.04 7.24 4.97
N GLY A 75 -8.16 7.14 5.69
CA GLY A 75 -9.29 8.02 5.41
C GLY A 75 -10.63 7.39 5.80
N GLU A 76 -11.65 8.24 5.84
CA GLU A 76 -13.02 7.86 6.19
C GLU A 76 -13.78 7.06 5.13
N ASN A 77 -13.23 6.93 3.93
CA ASN A 77 -13.91 6.22 2.86
C ASN A 77 -12.90 5.55 1.93
N ILE A 78 -12.72 4.24 2.13
CA ILE A 78 -11.80 3.43 1.35
C ILE A 78 -12.40 3.06 -0.01
N PRO A 79 -11.71 3.36 -1.13
CA PRO A 79 -12.11 3.06 -2.49
C PRO A 79 -12.38 1.60 -2.82
N VAL A 80 -13.35 1.38 -3.69
CA VAL A 80 -13.72 0.04 -4.15
C VAL A 80 -12.80 -0.41 -5.27
N HIS A 81 -12.18 -1.56 -5.04
CA HIS A 81 -11.23 -2.18 -5.96
C HIS A 81 -11.00 -3.65 -5.57
N PRO A 82 -10.87 -4.59 -6.52
CA PRO A 82 -10.60 -5.99 -6.23
C PRO A 82 -9.41 -6.27 -5.30
N HIS A 83 -8.40 -5.42 -5.30
CA HIS A 83 -7.23 -5.58 -4.44
C HIS A 83 -7.23 -4.64 -3.23
N VAL A 84 -8.35 -3.99 -2.92
CA VAL A 84 -8.32 -3.12 -1.75
C VAL A 84 -9.30 -3.61 -0.70
N TYR A 85 -8.77 -3.84 0.50
CA TYR A 85 -9.55 -4.33 1.62
C TYR A 85 -10.18 -3.22 2.44
N SER A 86 -11.21 -3.60 3.19
CA SER A 86 -11.96 -2.70 4.07
C SER A 86 -11.12 -2.16 5.23
N ASN A 87 -9.98 -2.79 5.50
CA ASN A 87 -9.05 -2.29 6.51
C ASN A 87 -7.93 -1.47 5.87
N GLY A 88 -8.02 -1.15 4.58
CA GLY A 88 -7.04 -0.35 3.88
C GLY A 88 -5.90 -1.12 3.22
N HIS A 89 -5.85 -2.45 3.40
CA HIS A 89 -4.79 -3.26 2.82
C HIS A 89 -4.78 -3.36 1.30
N ILE A 90 -3.58 -3.25 0.74
CA ILE A 90 -3.35 -3.33 -0.71
C ILE A 90 -2.86 -4.72 -1.12
N CYS A 91 -3.70 -5.50 -1.81
CA CYS A 91 -3.41 -6.88 -2.17
C CYS A 91 -2.53 -7.10 -3.39
N LEU A 92 -1.26 -6.71 -3.27
CA LEU A 92 -0.28 -6.91 -4.31
C LEU A 92 0.81 -7.83 -3.79
N SER A 93 1.10 -8.92 -4.51
CA SER A 93 2.09 -9.88 -4.03
C SER A 93 3.49 -9.29 -4.02
N ILE A 94 3.71 -8.31 -4.90
CA ILE A 94 4.94 -7.52 -5.03
C ILE A 94 5.23 -6.61 -3.84
N LEU A 95 4.29 -6.48 -2.91
CA LEU A 95 4.51 -5.70 -1.71
C LEU A 95 4.82 -6.65 -0.54
N THR A 96 4.68 -7.96 -0.76
CA THR A 96 4.93 -8.92 0.31
C THR A 96 6.01 -9.88 -0.14
N GLU A 97 5.59 -11.08 -0.55
CA GLU A 97 6.48 -12.16 -0.93
C GLU A 97 7.37 -11.88 -2.13
N ASP A 98 6.90 -11.06 -3.06
CA ASP A 98 7.68 -10.73 -4.24
C ASP A 98 8.38 -9.37 -4.11
N TRP A 99 8.30 -8.73 -2.93
CA TRP A 99 8.95 -7.43 -2.76
C TRP A 99 10.46 -7.59 -2.70
N SER A 100 11.15 -6.67 -3.36
CA SER A 100 12.60 -6.67 -3.40
C SER A 100 13.21 -5.39 -2.84
N PRO A 101 14.31 -5.47 -2.08
CA PRO A 101 15.08 -4.35 -1.56
C PRO A 101 15.52 -3.35 -2.64
N ALA A 102 15.61 -3.80 -3.89
CA ALA A 102 15.96 -2.97 -5.03
C ALA A 102 14.83 -2.01 -5.42
N LEU A 103 13.61 -2.26 -4.93
CA LEU A 103 12.48 -1.40 -5.24
C LEU A 103 12.49 -0.19 -4.32
N SER A 104 12.09 0.96 -4.85
CA SER A 104 12.03 2.20 -4.10
C SER A 104 10.66 2.42 -3.50
N VAL A 105 10.53 3.40 -2.60
CA VAL A 105 9.20 3.67 -2.06
C VAL A 105 8.35 4.34 -3.16
N GLN A 106 9.04 5.00 -4.09
CA GLN A 106 8.45 5.59 -5.29
C GLN A 106 7.84 4.46 -6.11
N SER A 107 8.62 3.38 -6.28
CA SER A 107 8.23 2.17 -7.02
C SER A 107 6.94 1.61 -6.42
N VAL A 108 6.87 1.58 -5.08
CA VAL A 108 5.69 1.12 -4.36
C VAL A 108 4.46 1.97 -4.64
N CYS A 109 4.59 3.28 -4.59
CA CYS A 109 3.44 4.14 -4.88
C CYS A 109 3.00 4.02 -6.33
N LEU A 110 3.96 3.88 -7.24
CA LEU A 110 3.66 3.69 -8.64
C LEU A 110 3.04 2.33 -8.89
N SER A 111 3.41 1.33 -8.10
CA SER A 111 2.81 0.01 -8.19
C SER A 111 1.33 0.09 -7.79
N ILE A 112 1.03 0.87 -6.77
CA ILE A 112 -0.33 1.08 -6.30
C ILE A 112 -1.18 1.82 -7.35
N ILE A 113 -0.67 2.90 -7.93
CA ILE A 113 -1.47 3.54 -8.97
C ILE A 113 -1.59 2.64 -10.20
N SER A 114 -0.58 1.79 -10.47
CA SER A 114 -0.63 0.84 -11.57
C SER A 114 -1.73 -0.18 -11.31
N MET A 115 -1.87 -0.60 -10.05
CA MET A 115 -2.94 -1.47 -9.61
C MET A 115 -4.31 -0.88 -9.91
N LEU A 116 -4.49 0.38 -9.51
CA LEU A 116 -5.72 1.11 -9.76
C LEU A 116 -6.01 1.32 -11.25
N SER A 117 -4.98 1.57 -12.05
CA SER A 117 -5.11 1.79 -13.48
C SER A 117 -5.25 0.55 -14.36
N SER A 118 -4.34 -0.39 -14.19
CA SER A 118 -4.27 -1.62 -14.99
C SER A 118 -4.56 -2.87 -14.17
N CYS A 119 -5.56 -2.80 -13.29
CA CYS A 119 -5.95 -3.94 -12.44
C CYS A 119 -6.06 -5.24 -13.21
N LYS A 120 -5.34 -6.26 -12.73
CA LYS A 120 -5.33 -7.57 -13.37
C LYS A 120 -6.53 -8.43 -12.99
N GLU A 121 -6.96 -8.31 -11.74
CA GLU A 121 -8.13 -9.07 -11.29
C GLU A 121 -9.39 -8.63 -12.02
N LYS A 122 -10.05 -9.60 -12.65
CA LYS A 122 -11.26 -9.33 -13.40
C LYS A 122 -12.51 -9.26 -12.56
N ARG A 123 -12.57 -10.02 -11.46
CA ARG A 123 -13.77 -10.01 -10.62
C ARG A 123 -13.49 -10.08 -9.13
N ARG A 124 -14.32 -9.40 -8.34
CA ARG A 124 -14.20 -9.46 -6.90
C ARG A 124 -14.81 -10.76 -6.39
N PRO A 125 -14.46 -11.23 -5.20
CA PRO A 125 -15.08 -12.38 -4.58
C PRO A 125 -16.59 -12.18 -4.47
N PRO A 126 -17.43 -13.07 -5.02
CA PRO A 126 -18.88 -13.05 -4.96
C PRO A 126 -19.53 -12.76 -3.61
N ASP A 127 -19.30 -13.62 -2.61
CA ASP A 127 -19.91 -13.33 -1.31
C ASP A 127 -19.10 -13.92 -0.15
N ASN A 128 -19.69 -13.92 1.04
CA ASN A 128 -19.05 -14.43 2.24
C ASN A 128 -18.93 -15.94 2.27
N SER A 129 -19.79 -16.68 1.55
CA SER A 129 -19.68 -18.13 1.62
C SER A 129 -18.56 -18.54 0.69
N PHE A 130 -18.38 -17.75 -0.37
CA PHE A 130 -17.28 -17.90 -1.31
C PHE A 130 -15.99 -17.75 -0.54
N TYR A 131 -15.92 -16.65 0.23
CA TYR A 131 -14.77 -16.38 1.08
C TYR A 131 -14.46 -17.58 1.97
N VAL A 132 -15.47 -18.06 2.70
CA VAL A 132 -15.26 -19.19 3.59
C VAL A 132 -14.77 -20.45 2.88
N ARG A 133 -15.36 -20.80 1.74
CA ARG A 133 -14.94 -22.00 1.04
C ARG A 133 -13.50 -21.90 0.54
N THR A 134 -13.14 -20.75 -0.03
CA THR A 134 -11.77 -20.61 -0.54
C THR A 134 -10.77 -20.46 0.59
N CYS A 135 -11.23 -19.99 1.76
CA CYS A 135 -10.36 -19.90 2.91
C CYS A 135 -10.39 -21.11 3.84
N ASN A 136 -10.94 -22.26 3.38
CA ASN A 136 -10.87 -23.47 4.18
C ASN A 136 -9.43 -23.97 4.25
N LYS A 137 -8.64 -23.68 3.21
CA LYS A 137 -7.24 -24.03 3.16
C LYS A 137 -6.47 -22.77 2.76
N ASN A 138 -6.41 -21.82 3.70
CA ASN A 138 -5.73 -20.55 3.45
C ASN A 138 -5.17 -19.99 4.76
N PRO A 139 -3.85 -20.01 4.98
CA PRO A 139 -3.19 -19.54 6.18
C PRO A 139 -3.16 -18.03 6.38
N LYS A 140 -3.54 -17.25 5.37
CA LYS A 140 -3.48 -15.79 5.49
C LYS A 140 -4.48 -15.29 6.52
N LYS A 141 -3.99 -14.42 7.40
CA LYS A 141 -4.82 -13.89 8.47
C LYS A 141 -5.67 -12.72 8.01
N THR A 142 -6.78 -13.06 7.38
CA THR A 142 -7.78 -12.13 6.86
C THR A 142 -9.14 -12.43 7.49
N LYS A 143 -9.12 -13.03 8.67
CA LYS A 143 -10.32 -13.48 9.38
C LYS A 143 -10.48 -12.76 10.71
N TRP A 144 -10.26 -11.46 10.69
CA TRP A 144 -10.32 -10.64 11.89
C TRP A 144 -11.70 -10.06 12.12
N TRP A 145 -12.08 -9.92 13.39
CA TRP A 145 -13.37 -9.34 13.72
C TRP A 145 -13.53 -7.91 13.23
N TYR A 146 -14.60 -7.67 12.49
CA TYR A 146 -14.88 -6.33 12.02
C TYR A 146 -15.59 -5.56 13.11
N HIS A 147 -15.01 -4.42 13.49
CA HIS A 147 -15.61 -3.63 14.54
C HIS A 147 -16.94 -3.07 14.05
N ASP A 148 -17.96 -3.15 14.89
CA ASP A 148 -19.30 -2.73 14.55
C ASP A 148 -19.46 -1.25 14.16
N ASP A 149 -20.27 -1.02 13.13
CA ASP A 149 -20.54 0.31 12.62
C ASP A 149 -21.34 1.15 13.61
N THR A 150 -21.06 2.45 13.62
CA THR A 150 -21.75 3.39 14.50
C THR A 150 -23.23 3.45 14.17
N CYS A 151 -24.07 3.29 15.19
CA CYS A 151 -25.51 3.32 15.03
C CYS A 151 -26.23 3.53 16.35
N MET A 1 20.13 7.79 11.77
CA MET A 1 21.40 7.17 12.15
C MET A 1 21.58 5.74 11.63
N ALA A 2 20.51 4.94 11.59
CA ALA A 2 20.59 3.57 11.11
C ALA A 2 20.70 3.56 9.61
N SER A 3 21.32 2.51 9.05
CA SER A 3 21.45 2.39 7.60
C SER A 3 20.10 2.22 6.92
N MET A 4 19.13 1.68 7.65
CA MET A 4 17.77 1.53 7.16
C MET A 4 17.12 2.91 7.04
N GLN A 5 17.42 3.78 8.01
CA GLN A 5 16.93 5.14 8.02
C GLN A 5 17.60 5.91 6.89
N LYS A 6 18.88 5.64 6.66
CA LYS A 6 19.61 6.25 5.57
C LYS A 6 18.98 5.83 4.25
N ARG A 7 18.60 4.56 4.13
CA ARG A 7 17.91 4.05 2.97
C ARG A 7 16.59 4.78 2.76
N LEU A 8 15.83 5.01 3.84
CA LEU A 8 14.59 5.78 3.74
C LEU A 8 14.86 7.21 3.25
N GLN A 9 15.96 7.82 3.71
CA GLN A 9 16.32 9.14 3.21
C GLN A 9 16.64 9.08 1.73
N LYS A 10 17.31 8.01 1.30
CA LYS A 10 17.60 7.80 -0.12
C LYS A 10 16.32 7.60 -0.92
N GLU A 11 15.31 6.95 -0.34
CA GLU A 11 14.04 6.77 -1.02
C GLU A 11 13.36 8.12 -1.21
N LEU A 12 13.47 9.00 -0.22
CA LEU A 12 12.92 10.34 -0.33
C LEU A 12 13.61 11.09 -1.46
N LEU A 13 14.93 10.96 -1.54
CA LEU A 13 15.69 11.61 -2.59
C LEU A 13 15.34 11.08 -3.97
N ALA A 14 15.14 9.76 -4.08
CA ALA A 14 14.77 9.12 -5.34
C ALA A 14 13.42 9.63 -5.82
N LEU A 15 12.45 9.70 -4.90
CA LEU A 15 11.13 10.19 -5.22
C LEU A 15 11.21 11.64 -5.67
N GLN A 16 12.00 12.46 -4.97
CA GLN A 16 12.18 13.85 -5.35
C GLN A 16 12.84 13.99 -6.72
N ASN A 17 13.81 13.13 -7.03
CA ASN A 17 14.46 13.16 -8.32
C ASN A 17 13.51 12.80 -9.47
N ASP A 18 12.60 11.85 -9.25
CA ASP A 18 11.65 11.53 -10.31
C ASP A 18 10.32 10.98 -9.80
N PRO A 19 9.42 11.82 -9.31
CA PRO A 19 8.12 11.40 -8.84
C PRO A 19 7.19 11.12 -10.03
N PRO A 20 6.52 9.96 -10.09
CA PRO A 20 5.55 9.64 -11.10
C PRO A 20 4.40 10.66 -11.11
N PRO A 21 3.81 10.98 -12.27
CA PRO A 21 2.72 11.91 -12.41
C PRO A 21 1.56 11.59 -11.49
N GLY A 22 1.13 12.59 -10.73
CA GLY A 22 0.03 12.45 -9.79
C GLY A 22 0.51 12.06 -8.39
N MET A 23 1.80 11.80 -8.20
CA MET A 23 2.28 11.41 -6.88
C MET A 23 2.97 12.56 -6.13
N THR A 24 2.31 13.12 -5.12
CA THR A 24 2.90 14.16 -4.28
C THR A 24 4.01 13.58 -3.41
N LEU A 25 5.07 14.37 -3.22
CA LEU A 25 6.21 13.97 -2.42
C LEU A 25 5.80 13.64 -0.98
N ASN A 26 6.57 12.79 -0.32
CA ASN A 26 6.26 12.35 1.04
C ASN A 26 6.43 13.45 2.07
N GLU A 27 5.48 13.50 3.00
CA GLU A 27 5.54 14.45 4.12
C GLU A 27 6.64 14.24 5.14
N LYS A 28 6.60 15.16 6.11
CA LYS A 28 7.49 15.32 7.27
C LYS A 28 8.80 16.01 6.91
N SER A 29 9.22 16.91 7.79
CA SER A 29 10.46 17.68 7.61
C SER A 29 11.50 17.33 8.66
N VAL A 30 11.21 16.32 9.47
CA VAL A 30 12.11 15.88 10.53
C VAL A 30 12.81 14.61 10.10
N GLN A 31 14.15 14.64 10.05
CA GLN A 31 14.91 13.49 9.56
C GLN A 31 15.06 12.38 10.58
N ASN A 32 14.64 12.65 11.81
CA ASN A 32 14.62 11.67 12.87
C ASN A 32 13.21 11.07 13.01
N SER A 33 12.27 11.48 12.15
CA SER A 33 10.93 10.93 12.17
C SER A 33 10.49 10.71 10.74
N ILE A 34 11.11 9.70 10.14
CA ILE A 34 10.90 9.33 8.75
C ILE A 34 10.25 7.96 8.58
N THR A 35 9.57 7.50 9.61
CA THR A 35 8.89 6.21 9.58
C THR A 35 7.38 6.36 9.46
N GLN A 36 6.91 7.58 9.19
CA GLN A 36 5.49 7.85 8.96
C GLN A 36 5.36 8.91 7.87
N TRP A 37 5.13 8.46 6.64
CA TRP A 37 5.05 9.35 5.48
C TRP A 37 3.65 9.48 4.89
N ILE A 38 3.35 10.67 4.38
CA ILE A 38 2.04 10.92 3.78
C ILE A 38 2.14 11.42 2.33
N VAL A 39 1.35 10.79 1.45
CA VAL A 39 1.27 11.13 0.03
C VAL A 39 -0.11 11.55 -0.45
N ASP A 40 -0.15 12.72 -1.10
CA ASP A 40 -1.38 13.22 -1.71
C ASP A 40 -1.33 12.75 -3.17
N MET A 41 -2.12 11.73 -3.47
CA MET A 41 -2.10 11.17 -4.82
C MET A 41 -3.33 11.51 -5.64
N GLU A 42 -3.15 11.80 -6.91
CA GLU A 42 -4.30 12.07 -7.78
C GLU A 42 -4.52 10.93 -8.77
N GLY A 43 -5.76 10.45 -8.86
CA GLY A 43 -6.07 9.36 -9.78
C GLY A 43 -5.90 9.73 -11.25
N ALA A 44 -5.45 8.74 -12.01
CA ALA A 44 -5.12 8.86 -13.44
C ALA A 44 -6.33 9.16 -14.34
N PRO A 45 -6.13 9.99 -15.38
CA PRO A 45 -7.18 10.39 -16.29
C PRO A 45 -7.64 9.26 -17.16
N GLY A 46 -8.95 9.21 -17.36
CA GLY A 46 -9.57 8.16 -18.13
C GLY A 46 -9.97 6.97 -17.25
N THR A 47 -9.59 6.98 -15.97
CA THR A 47 -9.93 5.88 -15.09
C THR A 47 -11.05 6.30 -14.17
N LEU A 48 -11.51 5.34 -13.38
CA LEU A 48 -12.57 5.55 -12.40
C LEU A 48 -12.16 6.49 -11.29
N TYR A 49 -10.86 6.77 -11.14
CA TYR A 49 -10.38 7.62 -10.09
C TYR A 49 -9.86 8.97 -10.61
N GLU A 50 -10.13 9.29 -11.88
CA GLU A 50 -9.67 10.54 -12.48
C GLU A 50 -9.93 11.80 -11.69
N GLY A 51 -8.85 12.37 -11.14
CA GLY A 51 -8.94 13.62 -10.39
C GLY A 51 -9.21 13.45 -8.90
N GLU A 52 -9.44 12.23 -8.45
CA GLU A 52 -9.70 12.02 -7.04
C GLU A 52 -8.41 12.10 -6.26
N LYS A 53 -8.43 12.82 -5.15
CA LYS A 53 -7.23 12.94 -4.34
C LYS A 53 -7.24 11.84 -3.29
N PHE A 54 -6.08 11.29 -2.98
CA PHE A 54 -5.98 10.24 -2.01
C PHE A 54 -5.00 10.57 -0.91
N GLN A 55 -5.34 10.20 0.32
CA GLN A 55 -4.46 10.43 1.46
C GLN A 55 -3.79 9.12 1.85
N LEU A 56 -2.57 8.92 1.37
CA LEU A 56 -1.86 7.69 1.65
C LEU A 56 -0.95 7.80 2.86
N LEU A 57 -0.93 6.74 3.66
CA LEU A 57 -0.12 6.65 4.87
C LEU A 57 0.83 5.48 4.80
N PHE A 58 2.12 5.76 5.03
CA PHE A 58 3.16 4.74 4.98
C PHE A 58 3.93 4.61 6.28
N LYS A 59 3.79 3.47 6.95
CA LYS A 59 4.55 3.31 8.19
C LYS A 59 5.70 2.34 7.98
N PHE A 60 6.85 2.68 8.55
CA PHE A 60 8.03 1.83 8.36
C PHE A 60 8.47 1.26 9.70
N SER A 61 8.77 -0.04 9.68
CA SER A 61 9.20 -0.75 10.87
C SER A 61 10.70 -0.72 11.06
N SER A 62 11.15 -1.17 12.23
CA SER A 62 12.58 -1.26 12.53
C SER A 62 13.23 -2.37 11.71
N ARG A 63 12.43 -3.33 11.27
CA ARG A 63 12.88 -4.41 10.39
C ARG A 63 12.94 -3.99 8.94
N TYR A 64 12.02 -3.11 8.52
CA TYR A 64 11.96 -2.59 7.16
C TYR A 64 13.34 -2.11 6.71
N PRO A 65 13.78 -2.47 5.49
CA PRO A 65 13.17 -3.22 4.41
C PRO A 65 12.96 -4.73 4.52
N PHE A 66 13.33 -5.37 5.62
CA PHE A 66 13.11 -6.81 5.77
C PHE A 66 11.62 -7.11 5.68
N ASP A 67 10.83 -6.41 6.49
CA ASP A 67 9.38 -6.51 6.43
C ASP A 67 8.81 -5.41 5.54
N SER A 68 7.62 -5.65 5.02
CA SER A 68 6.92 -4.70 4.16
C SER A 68 6.36 -3.54 4.98
N PRO A 69 6.14 -2.35 4.38
CA PRO A 69 5.60 -1.18 5.02
C PRO A 69 4.09 -1.26 5.22
N GLN A 70 3.56 -0.50 6.18
CA GLN A 70 2.11 -0.49 6.36
C GLN A 70 1.57 0.49 5.35
N VAL A 71 0.73 0.00 4.45
CA VAL A 71 0.17 0.85 3.41
C VAL A 71 -1.34 1.01 3.53
N MET A 72 -1.78 2.24 3.70
CA MET A 72 -3.21 2.47 3.83
C MET A 72 -3.69 3.87 3.50
N PHE A 73 -5.00 3.99 3.30
CA PHE A 73 -5.60 5.29 3.10
C PHE A 73 -5.91 5.81 4.49
N THR A 74 -5.90 7.12 4.68
CA THR A 74 -6.18 7.67 6.01
C THR A 74 -7.03 8.92 5.94
N GLY A 75 -7.83 9.11 6.98
CA GLY A 75 -8.75 10.24 7.06
C GLY A 75 -10.17 9.78 7.35
N GLU A 76 -11.09 10.74 7.41
CA GLU A 76 -12.51 10.50 7.69
C GLU A 76 -13.32 9.80 6.61
N ASN A 77 -12.76 9.64 5.41
CA ASN A 77 -13.47 9.01 4.32
C ASN A 77 -12.51 8.17 3.48
N ILE A 78 -12.58 6.85 3.63
CA ILE A 78 -11.73 5.93 2.91
C ILE A 78 -12.26 5.62 1.51
N PRO A 79 -11.45 5.81 0.45
CA PRO A 79 -11.77 5.53 -0.94
C PRO A 79 -12.20 4.09 -1.21
N VAL A 80 -13.13 3.95 -2.14
CA VAL A 80 -13.68 2.66 -2.52
C VAL A 80 -12.95 2.01 -3.70
N HIS A 81 -12.50 0.79 -3.48
CA HIS A 81 -11.77 -0.01 -4.45
C HIS A 81 -11.88 -1.49 -4.07
N PRO A 82 -12.08 -2.42 -5.02
CA PRO A 82 -12.18 -3.84 -4.77
C PRO A 82 -11.07 -4.51 -3.96
N HIS A 83 -9.85 -3.99 -4.03
CA HIS A 83 -8.74 -4.59 -3.30
C HIS A 83 -8.32 -3.74 -2.10
N VAL A 84 -9.20 -2.86 -1.64
CA VAL A 84 -9.00 -1.98 -0.50
C VAL A 84 -10.11 -2.15 0.54
N TYR A 85 -9.73 -2.19 1.80
CA TYR A 85 -10.69 -2.38 2.87
C TYR A 85 -11.17 -1.04 3.38
N SER A 86 -12.39 -1.02 3.93
CA SER A 86 -13.05 0.20 4.40
C SER A 86 -12.35 0.90 5.57
N ASN A 87 -11.44 0.22 6.23
CA ASN A 87 -10.66 0.83 7.31
C ASN A 87 -9.36 1.44 6.79
N GLY A 88 -9.18 1.48 5.46
CA GLY A 88 -8.00 2.08 4.85
C GLY A 88 -7.00 1.06 4.34
N HIS A 89 -7.03 -0.19 4.79
CA HIS A 89 -6.02 -1.15 4.34
C HIS A 89 -5.95 -1.34 2.83
N ILE A 90 -4.78 -1.04 2.25
CA ILE A 90 -4.62 -1.23 0.82
C ILE A 90 -3.90 -2.53 0.52
N CYS A 91 -4.59 -3.48 -0.13
CA CYS A 91 -3.91 -4.75 -0.33
C CYS A 91 -3.18 -4.84 -1.65
N LEU A 92 -1.91 -4.50 -1.59
CA LEU A 92 -1.00 -4.61 -2.73
C LEU A 92 -0.34 -5.98 -2.56
N SER A 93 -0.07 -6.70 -3.66
CA SER A 93 0.53 -8.02 -3.48
C SER A 93 1.93 -7.97 -2.90
N ILE A 94 2.61 -6.87 -3.18
CA ILE A 94 3.97 -6.58 -2.72
C ILE A 94 4.07 -6.38 -1.23
N LEU A 95 2.96 -6.31 -0.52
CA LEU A 95 3.08 -6.14 0.91
C LEU A 95 3.11 -7.50 1.60
N THR A 96 2.81 -8.57 0.85
CA THR A 96 2.83 -9.92 1.38
C THR A 96 3.78 -10.76 0.53
N GLU A 97 3.20 -11.57 -0.35
CA GLU A 97 3.91 -12.54 -1.16
C GLU A 97 4.93 -11.95 -2.14
N ASP A 98 4.69 -10.75 -2.66
CA ASP A 98 5.65 -10.19 -3.59
C ASP A 98 6.61 -9.21 -2.91
N TRP A 99 6.62 -9.13 -1.58
CA TRP A 99 7.55 -8.22 -0.92
C TRP A 99 9.00 -8.56 -1.14
N SER A 100 9.73 -7.54 -1.56
CA SER A 100 11.14 -7.58 -1.79
C SER A 100 11.74 -6.35 -1.14
N PRO A 101 12.76 -6.50 -0.28
CA PRO A 101 13.49 -5.43 0.37
C PRO A 101 14.05 -4.36 -0.58
N ALA A 102 14.21 -4.69 -1.86
CA ALA A 102 14.69 -3.77 -2.87
C ALA A 102 13.63 -2.72 -3.26
N LEU A 103 12.36 -2.94 -2.90
CA LEU A 103 11.29 -2.02 -3.26
C LEU A 103 11.33 -0.75 -2.41
N SER A 104 11.04 0.38 -3.05
CA SER A 104 11.00 1.69 -2.43
C SER A 104 9.59 2.16 -2.12
N VAL A 105 9.42 3.21 -1.32
CA VAL A 105 8.08 3.76 -1.12
C VAL A 105 7.52 4.28 -2.44
N GLN A 106 8.38 4.71 -3.37
CA GLN A 106 7.98 5.14 -4.69
C GLN A 106 7.39 3.95 -5.42
N SER A 107 8.06 2.81 -5.31
CA SER A 107 7.64 1.54 -5.92
C SER A 107 6.24 1.20 -5.42
N VAL A 108 6.02 1.38 -4.11
CA VAL A 108 4.76 1.12 -3.44
C VAL A 108 3.65 2.07 -3.88
N CYS A 109 3.94 3.37 -3.91
CA CYS A 109 2.96 4.36 -4.34
C CYS A 109 2.62 4.18 -5.82
N LEU A 110 3.61 3.83 -6.63
CA LEU A 110 3.40 3.58 -8.04
C LEU A 110 2.51 2.36 -8.19
N SER A 111 2.75 1.32 -7.36
CA SER A 111 1.91 0.14 -7.34
C SER A 111 0.47 0.52 -7.01
N ILE A 112 0.26 1.47 -6.09
CA ILE A 112 -1.06 2.00 -5.77
C ILE A 112 -1.68 2.67 -6.99
N ILE A 113 -0.89 3.46 -7.73
CA ILE A 113 -1.39 4.08 -8.96
C ILE A 113 -1.84 2.99 -9.94
N SER A 114 -1.01 1.96 -10.10
CA SER A 114 -1.34 0.84 -10.97
C SER A 114 -2.60 0.12 -10.49
N MET A 115 -2.74 -0.06 -9.18
CA MET A 115 -3.90 -0.68 -8.57
C MET A 115 -5.18 0.06 -8.91
N LEU A 116 -5.17 1.38 -8.70
CA LEU A 116 -6.29 2.25 -8.99
C LEU A 116 -6.61 2.35 -10.48
N SER A 117 -5.58 2.45 -11.33
CA SER A 117 -5.81 2.60 -12.76
C SER A 117 -6.05 1.33 -13.56
N SER A 118 -5.56 0.18 -13.11
CA SER A 118 -5.81 -1.08 -13.79
C SER A 118 -6.64 -1.99 -12.88
N CYS A 119 -7.60 -1.39 -12.19
CA CYS A 119 -8.48 -2.13 -11.29
C CYS A 119 -9.25 -3.25 -11.98
N LYS A 120 -8.89 -4.49 -11.64
CA LYS A 120 -9.56 -5.66 -12.21
C LYS A 120 -10.06 -6.64 -11.16
N GLU A 121 -11.11 -7.36 -11.53
CA GLU A 121 -11.72 -8.40 -10.70
C GLU A 121 -11.77 -9.69 -11.50
N LYS A 122 -10.60 -10.14 -11.95
CA LYS A 122 -10.51 -11.35 -12.76
C LYS A 122 -10.15 -12.56 -11.93
N ARG A 123 -10.62 -13.72 -12.36
CA ARG A 123 -10.33 -14.96 -11.65
C ARG A 123 -10.57 -16.20 -12.50
N ARG A 124 -10.02 -17.32 -12.04
CA ARG A 124 -10.17 -18.63 -12.68
C ARG A 124 -10.61 -19.67 -11.65
N PRO A 125 -11.92 -19.82 -11.38
CA PRO A 125 -12.45 -20.73 -10.38
C PRO A 125 -11.97 -22.19 -10.42
N PRO A 126 -11.78 -22.88 -11.57
CA PRO A 126 -11.23 -24.22 -11.59
C PRO A 126 -9.85 -24.33 -10.95
N ASP A 127 -9.07 -23.27 -11.09
CA ASP A 127 -7.70 -23.23 -10.61
C ASP A 127 -7.69 -22.70 -9.19
N ASN A 128 -8.67 -21.88 -8.86
CA ASN A 128 -8.83 -21.43 -7.49
C ASN A 128 -9.24 -22.63 -6.64
N SER A 129 -10.08 -23.50 -7.21
CA SER A 129 -10.52 -24.72 -6.57
C SER A 129 -9.32 -25.65 -6.38
N PHE A 130 -8.49 -25.76 -7.42
CA PHE A 130 -7.26 -26.54 -7.36
C PHE A 130 -6.37 -26.05 -6.24
N TYR A 131 -6.16 -24.73 -6.20
CA TYR A 131 -5.37 -24.09 -5.17
C TYR A 131 -5.86 -24.47 -3.79
N VAL A 132 -7.16 -24.30 -3.52
CA VAL A 132 -7.72 -24.65 -2.22
C VAL A 132 -7.48 -26.11 -1.87
N ARG A 133 -7.74 -27.00 -2.82
CA ARG A 133 -7.49 -28.43 -2.63
C ARG A 133 -6.03 -28.85 -2.36
N THR A 134 -5.05 -27.94 -2.48
CA THR A 134 -3.67 -28.28 -2.20
C THR A 134 -3.13 -27.49 -1.01
N CYS A 135 -3.98 -26.72 -0.33
CA CYS A 135 -3.54 -25.86 0.79
C CYS A 135 -3.29 -26.55 2.13
N ASN A 136 -2.36 -27.50 2.13
CA ASN A 136 -2.02 -28.30 3.30
C ASN A 136 -1.26 -27.51 4.36
N LYS A 137 -0.71 -26.36 3.98
CA LYS A 137 -0.01 -25.48 4.90
C LYS A 137 -0.93 -24.40 5.46
N ASN A 138 -2.21 -24.42 5.11
CA ASN A 138 -3.17 -23.43 5.60
C ASN A 138 -4.07 -24.07 6.67
N PRO A 139 -3.85 -23.80 7.97
CA PRO A 139 -4.62 -24.39 9.04
C PRO A 139 -6.04 -23.84 9.16
N LYS A 140 -6.93 -24.66 9.71
CA LYS A 140 -8.31 -24.26 9.91
C LYS A 140 -8.44 -23.31 11.10
N LYS A 141 -7.52 -23.43 12.06
CA LYS A 141 -7.59 -22.62 13.27
C LYS A 141 -6.87 -21.29 13.12
N THR A 142 -7.49 -20.39 12.36
CA THR A 142 -6.93 -19.05 12.18
C THR A 142 -7.41 -18.17 13.31
N LYS A 143 -6.45 -17.66 14.07
CA LYS A 143 -6.75 -16.80 15.20
C LYS A 143 -6.32 -15.36 14.93
N TRP A 144 -5.31 -15.18 14.08
CA TRP A 144 -4.88 -13.84 13.74
C TRP A 144 -5.71 -13.29 12.59
N TRP A 145 -6.24 -12.09 12.77
CA TRP A 145 -7.03 -11.46 11.73
C TRP A 145 -6.60 -10.01 11.56
N TYR A 146 -6.79 -9.47 10.36
CA TYR A 146 -6.49 -8.07 10.09
C TYR A 146 -7.81 -7.37 9.81
N HIS A 147 -8.83 -7.73 10.58
CA HIS A 147 -10.17 -7.24 10.36
C HIS A 147 -10.70 -6.49 11.58
N ASP A 148 -11.61 -5.55 11.33
CA ASP A 148 -12.20 -4.75 12.40
C ASP A 148 -13.10 -5.58 13.31
N ASP A 149 -13.11 -5.24 14.60
CA ASP A 149 -13.97 -5.92 15.54
C ASP A 149 -15.34 -5.28 15.53
N THR A 150 -16.25 -5.90 14.79
CA THR A 150 -17.62 -5.43 14.65
C THR A 150 -18.61 -6.38 15.32
N CYS A 151 -18.18 -7.04 16.39
CA CYS A 151 -19.03 -7.97 17.12
C CYS A 151 -20.18 -7.29 17.86
N MET A 1 21.55 7.46 13.36
CA MET A 1 20.39 6.93 12.65
C MET A 1 20.47 5.43 12.42
N ALA A 2 19.31 4.79 12.41
CA ALA A 2 19.19 3.37 12.14
C ALA A 2 19.29 3.18 10.64
N SER A 3 19.70 2.01 10.17
CA SER A 3 19.79 1.78 8.72
C SER A 3 18.40 1.86 8.07
N MET A 4 17.38 1.58 8.88
CA MET A 4 15.97 1.71 8.53
C MET A 4 15.68 3.15 8.19
N GLN A 5 16.07 4.02 9.12
CA GLN A 5 15.90 5.47 9.03
C GLN A 5 16.73 6.05 7.91
N LYS A 6 17.94 5.53 7.72
CA LYS A 6 18.80 6.01 6.65
C LYS A 6 18.18 5.73 5.29
N ARG A 7 17.68 4.51 5.09
CA ARG A 7 17.05 4.18 3.82
C ARG A 7 15.76 4.97 3.64
N LEU A 8 14.99 5.12 4.72
CA LEU A 8 13.78 5.92 4.75
C LEU A 8 14.06 7.32 4.21
N GLN A 9 15.11 7.95 4.76
CA GLN A 9 15.54 9.27 4.35
C GLN A 9 16.03 9.31 2.92
N LYS A 10 16.75 8.27 2.48
CA LYS A 10 17.22 8.20 1.10
C LYS A 10 16.04 8.15 0.14
N GLU A 11 14.98 7.43 0.51
CA GLU A 11 13.80 7.37 -0.33
C GLU A 11 13.09 8.70 -0.34
N LEU A 12 13.06 9.38 0.80
CA LEU A 12 12.44 10.70 0.88
C LEU A 12 13.16 11.65 -0.06
N LEU A 13 14.48 11.62 -0.03
CA LEU A 13 15.31 12.45 -0.89
C LEU A 13 15.09 12.12 -2.37
N ALA A 14 14.92 10.84 -2.69
CA ALA A 14 14.64 10.41 -4.05
C ALA A 14 13.30 10.97 -4.52
N LEU A 15 12.30 10.99 -3.65
CA LEU A 15 10.98 11.53 -3.95
C LEU A 15 11.04 13.03 -4.15
N GLN A 16 11.91 13.70 -3.40
CA GLN A 16 12.11 15.13 -3.59
C GLN A 16 12.78 15.40 -4.93
N ASN A 17 13.74 14.55 -5.29
CA ASN A 17 14.42 14.66 -6.58
C ASN A 17 13.53 14.26 -7.75
N ASP A 18 12.57 13.38 -7.51
CA ASP A 18 11.63 12.96 -8.55
C ASP A 18 10.27 12.55 -7.97
N PRO A 19 9.37 13.51 -7.73
CA PRO A 19 8.04 13.27 -7.25
C PRO A 19 7.30 12.32 -8.20
N PRO A 20 6.76 11.20 -7.73
CA PRO A 20 6.05 10.25 -8.56
C PRO A 20 4.81 10.93 -9.15
N PRO A 21 4.49 10.73 -10.43
CA PRO A 21 3.30 11.28 -11.07
C PRO A 21 2.02 10.99 -10.30
N GLY A 22 1.34 12.05 -9.88
CA GLY A 22 0.08 11.95 -9.14
C GLY A 22 0.27 11.79 -7.64
N MET A 23 1.51 11.70 -7.17
CA MET A 23 1.73 11.50 -5.75
C MET A 23 2.31 12.67 -4.97
N THR A 24 1.79 12.87 -3.77
CA THR A 24 2.34 13.88 -2.86
C THR A 24 2.63 13.19 -1.53
N LEU A 25 3.88 13.27 -1.07
CA LEU A 25 4.18 12.60 0.19
C LEU A 25 4.68 13.63 1.20
N ASN A 26 4.24 13.49 2.45
CA ASN A 26 4.60 14.40 3.52
C ASN A 26 4.74 13.66 4.85
N GLU A 27 5.97 13.49 5.32
CA GLU A 27 6.21 12.79 6.57
C GLU A 27 5.43 13.32 7.77
N LYS A 28 4.73 12.41 8.42
CA LYS A 28 3.90 12.74 9.58
C LYS A 28 4.80 13.05 10.76
N SER A 29 4.75 14.31 11.21
CA SER A 29 5.58 14.76 12.32
C SER A 29 4.89 14.61 13.66
N VAL A 30 5.34 13.63 14.45
CA VAL A 30 4.79 13.40 15.78
C VAL A 30 5.89 13.36 16.82
N GLN A 31 5.50 13.57 18.07
CA GLN A 31 6.42 13.62 19.21
C GLN A 31 7.07 12.29 19.54
N ASN A 32 6.53 11.20 18.99
CA ASN A 32 7.08 9.87 19.21
C ASN A 32 8.02 9.40 18.10
N SER A 33 8.33 10.27 17.13
CA SER A 33 9.22 9.92 16.01
C SER A 33 8.82 8.63 15.31
N ILE A 34 7.56 8.55 14.89
CA ILE A 34 6.99 7.39 14.24
C ILE A 34 7.03 7.49 12.73
N THR A 35 7.58 6.45 12.08
CA THR A 35 7.81 6.29 10.63
C THR A 35 6.63 6.35 9.65
N GLN A 36 5.61 7.17 9.88
CA GLN A 36 4.48 7.23 8.98
C GLN A 36 4.54 8.42 8.05
N TRP A 37 4.24 8.20 6.78
CA TRP A 37 4.14 9.29 5.82
C TRP A 37 2.69 9.49 5.40
N ILE A 38 2.33 10.76 5.24
CA ILE A 38 0.99 11.15 4.83
C ILE A 38 1.03 11.24 3.32
N VAL A 39 0.27 10.40 2.64
CA VAL A 39 0.37 10.41 1.20
C VAL A 39 -0.92 10.64 0.41
N ASP A 40 -0.89 11.56 -0.55
CA ASP A 40 -2.05 11.80 -1.40
C ASP A 40 -1.85 11.08 -2.72
N MET A 41 -2.85 10.30 -3.14
CA MET A 41 -2.76 9.57 -4.40
C MET A 41 -3.81 9.88 -5.43
N GLU A 42 -3.43 10.62 -6.47
CA GLU A 42 -4.33 11.03 -7.53
C GLU A 42 -4.47 9.98 -8.62
N GLY A 43 -5.71 9.62 -8.96
CA GLY A 43 -5.93 8.64 -10.02
C GLY A 43 -5.60 9.19 -11.41
N ALA A 44 -5.19 8.27 -12.27
CA ALA A 44 -4.75 8.56 -13.64
C ALA A 44 -5.88 9.01 -14.59
N PRO A 45 -5.58 9.89 -15.55
CA PRO A 45 -6.50 10.38 -16.56
C PRO A 45 -7.17 9.29 -17.37
N GLY A 46 -8.48 9.40 -17.51
CA GLY A 46 -9.28 8.45 -18.25
C GLY A 46 -9.74 7.26 -17.41
N THR A 47 -9.29 7.15 -16.16
CA THR A 47 -9.69 6.02 -15.35
C THR A 47 -10.83 6.39 -14.43
N LEU A 48 -11.25 5.41 -13.65
CA LEU A 48 -12.32 5.56 -12.68
C LEU A 48 -11.97 6.58 -11.60
N TYR A 49 -10.68 6.87 -11.41
CA TYR A 49 -10.31 7.82 -10.39
C TYR A 49 -9.59 9.04 -10.94
N GLU A 50 -9.80 9.39 -12.21
CA GLU A 50 -9.14 10.59 -12.74
C GLU A 50 -9.31 11.84 -11.89
N GLY A 51 -8.22 12.24 -11.23
CA GLY A 51 -8.23 13.45 -10.40
C GLY A 51 -8.68 13.22 -8.96
N GLU A 52 -9.10 12.01 -8.62
CA GLU A 52 -9.56 11.68 -7.29
C GLU A 52 -8.36 11.35 -6.44
N LYS A 53 -8.21 12.02 -5.30
CA LYS A 53 -7.06 11.73 -4.47
C LYS A 53 -7.44 10.93 -3.24
N PHE A 54 -6.65 9.89 -2.98
CA PHE A 54 -6.87 8.99 -1.85
C PHE A 54 -5.86 9.16 -0.74
N GLN A 55 -6.26 8.85 0.49
CA GLN A 55 -5.35 9.02 1.62
C GLN A 55 -4.61 7.72 1.86
N LEU A 56 -3.32 7.73 1.57
CA LEU A 56 -2.45 6.57 1.68
C LEU A 56 -1.49 6.66 2.87
N LEU A 57 -1.40 5.58 3.63
CA LEU A 57 -0.44 5.49 4.71
C LEU A 57 0.82 4.80 4.22
N PHE A 58 1.96 5.48 4.30
CA PHE A 58 3.15 4.77 3.85
C PHE A 58 4.05 4.77 5.07
N LYS A 59 3.97 3.69 5.85
CA LYS A 59 4.69 3.53 7.11
C LYS A 59 5.86 2.57 7.00
N PHE A 60 6.99 2.88 7.62
CA PHE A 60 8.11 1.95 7.50
C PHE A 60 8.26 1.05 8.72
N SER A 61 8.59 -0.21 8.46
CA SER A 61 8.79 -1.19 9.52
C SER A 61 10.17 -0.99 10.11
N SER A 62 10.42 -1.60 11.27
CA SER A 62 11.75 -1.49 11.87
C SER A 62 12.72 -2.44 11.19
N ARG A 63 12.18 -3.50 10.58
CA ARG A 63 12.97 -4.47 9.84
C ARG A 63 13.43 -3.90 8.50
N TYR A 64 12.65 -2.98 7.92
CA TYR A 64 12.99 -2.26 6.70
C TYR A 64 14.41 -1.71 6.77
N PRO A 65 15.20 -1.80 5.70
CA PRO A 65 14.97 -2.34 4.37
C PRO A 65 15.21 -3.83 4.18
N PHE A 66 15.03 -4.62 5.23
CA PHE A 66 15.19 -6.05 5.13
C PHE A 66 13.81 -6.71 5.26
N ASP A 67 12.77 -5.90 5.04
CA ASP A 67 11.36 -6.28 5.07
C ASP A 67 10.59 -5.09 4.50
N SER A 68 9.38 -5.34 4.04
CA SER A 68 8.60 -4.28 3.41
C SER A 68 8.04 -3.29 4.41
N PRO A 69 7.77 -2.05 3.99
CA PRO A 69 7.14 -1.04 4.80
C PRO A 69 5.63 -1.30 4.84
N GLN A 70 4.96 -0.91 5.91
CA GLN A 70 3.52 -1.08 5.99
C GLN A 70 2.81 -0.09 5.05
N VAL A 71 2.26 -0.59 3.96
CA VAL A 71 1.61 0.31 3.02
C VAL A 71 0.16 -0.06 2.86
N MET A 72 -0.72 0.89 3.17
CA MET A 72 -2.16 0.65 3.05
C MET A 72 -2.86 1.98 3.07
N PHE A 73 -4.10 2.06 2.61
CA PHE A 73 -4.80 3.32 2.62
C PHE A 73 -5.32 3.55 4.02
N THR A 74 -5.56 4.80 4.37
CA THR A 74 -6.08 5.09 5.70
C THR A 74 -7.13 6.19 5.73
N GLY A 75 -7.57 6.51 6.93
CA GLY A 75 -8.62 7.51 7.12
C GLY A 75 -9.92 6.97 6.53
N GLU A 76 -10.79 7.87 6.11
CA GLU A 76 -12.04 7.49 5.47
C GLU A 76 -11.91 7.46 3.95
N ASN A 77 -10.88 8.13 3.43
CA ASN A 77 -10.65 8.29 1.99
C ASN A 77 -10.00 7.07 1.33
N ILE A 78 -10.79 6.00 1.25
CA ILE A 78 -10.40 4.69 0.71
C ILE A 78 -10.99 4.42 -0.69
N PRO A 79 -10.19 4.08 -1.72
CA PRO A 79 -10.65 3.76 -3.07
C PRO A 79 -11.29 2.38 -3.16
N VAL A 80 -12.02 2.12 -4.25
CA VAL A 80 -12.66 0.83 -4.44
C VAL A 80 -11.94 0.05 -5.54
N HIS A 81 -11.60 -1.19 -5.23
CA HIS A 81 -10.86 -2.04 -6.15
C HIS A 81 -10.95 -3.48 -5.68
N PRO A 82 -10.97 -4.49 -6.55
CA PRO A 82 -10.93 -5.87 -6.11
C PRO A 82 -9.81 -6.20 -5.10
N HIS A 83 -8.68 -5.50 -5.17
CA HIS A 83 -7.56 -5.66 -4.25
C HIS A 83 -7.46 -4.56 -3.18
N VAL A 84 -8.51 -3.77 -2.99
CA VAL A 84 -8.52 -2.77 -1.93
C VAL A 84 -9.69 -3.03 -1.00
N TYR A 85 -9.38 -3.15 0.27
CA TYR A 85 -10.39 -3.45 1.28
C TYR A 85 -10.91 -2.15 1.86
N SER A 86 -12.10 -2.20 2.47
CA SER A 86 -12.75 -1.00 3.02
C SER A 86 -11.97 -0.36 4.17
N ASN A 87 -11.07 -1.11 4.80
CA ASN A 87 -10.22 -0.57 5.84
C ASN A 87 -8.89 -0.05 5.27
N GLY A 88 -8.76 -0.03 3.95
CA GLY A 88 -7.58 0.46 3.27
C GLY A 88 -6.55 -0.60 2.91
N HIS A 89 -6.75 -1.86 3.30
CA HIS A 89 -5.72 -2.83 2.96
C HIS A 89 -5.51 -2.96 1.46
N ILE A 90 -4.24 -2.96 1.06
CA ILE A 90 -3.84 -3.07 -0.33
C ILE A 90 -3.23 -4.42 -0.62
N CYS A 91 -3.85 -5.19 -1.51
CA CYS A 91 -3.28 -6.50 -1.80
C CYS A 91 -2.46 -6.49 -3.09
N LEU A 92 -1.16 -6.30 -2.91
CA LEU A 92 -0.18 -6.35 -4.00
C LEU A 92 0.96 -7.26 -3.58
N SER A 93 1.48 -8.04 -4.53
CA SER A 93 2.55 -8.96 -4.17
C SER A 93 3.81 -8.23 -3.75
N ILE A 94 4.02 -7.02 -4.29
CA ILE A 94 5.18 -6.19 -3.96
C ILE A 94 5.21 -5.70 -2.53
N LEU A 95 4.15 -5.90 -1.76
CA LEU A 95 4.17 -5.50 -0.37
C LEU A 95 4.51 -6.71 0.50
N THR A 96 4.46 -7.91 -0.09
CA THR A 96 4.75 -9.14 0.64
C THR A 96 5.87 -9.91 -0.05
N GLU A 97 5.48 -10.96 -0.78
CA GLU A 97 6.39 -11.90 -1.43
C GLU A 97 7.32 -11.35 -2.48
N ASP A 98 6.89 -10.34 -3.24
CA ASP A 98 7.73 -9.75 -4.26
C ASP A 98 8.40 -8.48 -3.78
N TRP A 99 8.30 -8.13 -2.48
CA TRP A 99 8.97 -6.93 -2.06
C TRP A 99 10.47 -7.16 -2.08
N SER A 100 11.21 -6.16 -2.53
CA SER A 100 12.65 -6.25 -2.56
C SER A 100 13.17 -4.86 -2.26
N PRO A 101 14.40 -4.72 -1.74
CA PRO A 101 15.03 -3.45 -1.43
C PRO A 101 15.39 -2.65 -2.67
N ALA A 102 15.30 -3.28 -3.84
CA ALA A 102 15.49 -2.64 -5.12
C ALA A 102 14.27 -1.78 -5.47
N LEU A 103 13.13 -2.00 -4.80
CA LEU A 103 11.95 -1.20 -5.05
C LEU A 103 12.03 0.12 -4.30
N SER A 104 11.59 1.19 -4.95
CA SER A 104 11.55 2.51 -4.34
C SER A 104 10.15 2.82 -3.81
N VAL A 105 10.04 3.88 -3.02
CA VAL A 105 8.73 4.34 -2.54
C VAL A 105 7.88 4.69 -3.74
N GLN A 106 8.51 5.37 -4.69
CA GLN A 106 7.96 5.73 -5.98
C GLN A 106 7.42 4.50 -6.70
N SER A 107 8.24 3.45 -6.78
CA SER A 107 7.85 2.19 -7.41
C SER A 107 6.55 1.66 -6.85
N VAL A 108 6.47 1.63 -5.52
CA VAL A 108 5.30 1.12 -4.81
C VAL A 108 4.07 1.98 -5.00
N CYS A 109 4.20 3.29 -4.82
CA CYS A 109 3.07 4.19 -4.96
C CYS A 109 2.50 4.22 -6.36
N LEU A 110 3.38 4.19 -7.36
CA LEU A 110 2.93 4.20 -8.74
C LEU A 110 2.32 2.85 -9.08
N SER A 111 2.83 1.77 -8.49
CA SER A 111 2.24 0.44 -8.69
C SER A 111 0.82 0.42 -8.15
N ILE A 112 0.60 1.03 -6.99
CA ILE A 112 -0.73 1.13 -6.39
C ILE A 112 -1.64 1.92 -7.31
N ILE A 113 -1.16 3.02 -7.89
CA ILE A 113 -1.96 3.75 -8.87
C ILE A 113 -2.31 2.87 -10.06
N SER A 114 -1.34 2.11 -10.59
CA SER A 114 -1.65 1.26 -11.75
C SER A 114 -2.65 0.17 -11.39
N MET A 115 -2.66 -0.26 -10.12
CA MET A 115 -3.65 -1.19 -9.62
C MET A 115 -5.02 -0.57 -9.78
N LEU A 116 -5.17 0.65 -9.24
CA LEU A 116 -6.43 1.36 -9.29
C LEU A 116 -6.84 1.68 -10.73
N SER A 117 -5.88 1.95 -11.61
CA SER A 117 -6.22 2.19 -13.02
C SER A 117 -6.58 0.92 -13.78
N SER A 118 -6.06 -0.23 -13.33
CA SER A 118 -6.39 -1.50 -13.97
C SER A 118 -7.75 -2.05 -13.60
N CYS A 119 -8.36 -1.53 -12.51
CA CYS A 119 -9.70 -1.94 -12.11
C CYS A 119 -10.63 -2.16 -13.30
N LYS A 120 -10.91 -3.43 -13.57
CA LYS A 120 -11.76 -3.82 -14.69
C LYS A 120 -13.22 -4.03 -14.32
N GLU A 121 -13.45 -4.97 -13.42
CA GLU A 121 -14.80 -5.34 -13.04
C GLU A 121 -14.85 -5.91 -11.63
N LYS A 122 -16.07 -5.92 -11.07
CA LYS A 122 -16.33 -6.44 -9.74
C LYS A 122 -16.34 -7.96 -9.66
N ARG A 123 -16.51 -8.62 -10.80
CA ARG A 123 -16.55 -10.06 -10.88
C ARG A 123 -15.22 -10.68 -10.46
N ARG A 124 -15.31 -11.67 -9.60
CA ARG A 124 -14.13 -12.36 -9.08
C ARG A 124 -14.06 -13.78 -9.60
N PRO A 125 -12.87 -14.41 -9.63
CA PRO A 125 -12.65 -15.78 -10.09
C PRO A 125 -13.47 -16.84 -9.36
N PRO A 126 -13.84 -17.95 -10.02
CA PRO A 126 -14.57 -19.06 -9.45
C PRO A 126 -13.97 -19.63 -8.16
N ASP A 127 -12.64 -19.59 -8.05
CA ASP A 127 -11.93 -20.09 -6.88
C ASP A 127 -11.64 -19.02 -5.83
N ASN A 128 -12.12 -17.80 -6.05
CA ASN A 128 -11.89 -16.70 -5.11
C ASN A 128 -12.38 -17.03 -3.71
N SER A 129 -13.56 -17.64 -3.61
CA SER A 129 -14.12 -17.99 -2.31
C SER A 129 -13.30 -19.04 -1.57
N PHE A 130 -12.59 -19.89 -2.32
CA PHE A 130 -11.66 -20.84 -1.73
C PHE A 130 -10.57 -20.08 -1.03
N TYR A 131 -10.01 -19.11 -1.74
CA TYR A 131 -8.93 -18.30 -1.20
C TYR A 131 -9.40 -17.42 -0.06
N VAL A 132 -10.66 -16.98 -0.08
CA VAL A 132 -11.21 -16.21 1.04
C VAL A 132 -11.35 -17.10 2.26
N ARG A 133 -11.91 -18.29 2.10
CA ARG A 133 -12.09 -19.22 3.21
C ARG A 133 -10.77 -19.71 3.79
N THR A 134 -9.74 -19.78 2.96
CA THR A 134 -8.42 -20.18 3.41
C THR A 134 -7.47 -19.00 3.59
N CYS A 135 -7.99 -17.76 3.64
CA CYS A 135 -7.14 -16.59 3.81
C CYS A 135 -6.64 -16.48 5.25
N ASN A 136 -5.32 -16.44 5.41
CA ASN A 136 -4.68 -16.36 6.73
C ASN A 136 -4.83 -15.01 7.42
N LYS A 137 -5.33 -14.01 6.69
CA LYS A 137 -5.56 -12.69 7.23
C LYS A 137 -7.01 -12.51 7.70
N ASN A 138 -7.81 -13.58 7.70
CA ASN A 138 -9.18 -13.44 8.19
C ASN A 138 -9.19 -13.21 9.70
N PRO A 139 -10.10 -12.39 10.22
CA PRO A 139 -10.23 -12.08 11.63
C PRO A 139 -10.79 -13.21 12.46
N LYS A 140 -10.49 -13.17 13.75
CA LYS A 140 -10.98 -14.15 14.71
C LYS A 140 -12.45 -13.93 15.05
N LYS A 141 -12.93 -12.71 14.83
CA LYS A 141 -14.32 -12.35 15.08
C LYS A 141 -14.92 -11.54 13.95
N THR A 142 -16.06 -12.00 13.46
CA THR A 142 -16.79 -11.34 12.37
C THR A 142 -17.39 -10.01 12.76
N LYS A 143 -16.56 -8.98 12.80
CA LYS A 143 -17.00 -7.63 13.10
C LYS A 143 -17.98 -7.15 12.05
N TRP A 144 -19.10 -6.60 12.51
CA TRP A 144 -20.10 -6.10 11.58
C TRP A 144 -20.21 -4.58 11.58
N TRP A 145 -20.43 -4.06 10.38
CA TRP A 145 -20.68 -2.65 10.16
C TRP A 145 -22.11 -2.47 9.68
N TYR A 146 -22.65 -3.54 9.09
CA TYR A 146 -24.00 -3.57 8.57
C TYR A 146 -24.64 -4.91 8.88
N HIS A 147 -24.83 -5.19 10.16
CA HIS A 147 -25.43 -6.45 10.58
C HIS A 147 -26.90 -6.56 10.18
N ASP A 148 -27.25 -7.71 9.63
CA ASP A 148 -28.61 -8.04 9.22
C ASP A 148 -29.52 -8.12 10.43
N ASP A 149 -30.49 -7.21 10.50
CA ASP A 149 -31.43 -7.09 11.63
C ASP A 149 -32.33 -8.30 11.84
N THR A 150 -32.46 -9.19 10.85
CA THR A 150 -33.29 -10.37 11.02
C THR A 150 -32.47 -11.57 11.50
N CYS A 151 -31.15 -11.39 11.65
CA CYS A 151 -30.26 -12.46 12.10
C CYS A 151 -29.89 -12.31 13.57
N MET A 1 21.55 7.68 12.59
CA MET A 1 22.24 7.32 11.36
C MET A 1 22.11 5.84 11.01
N ALA A 2 20.91 5.29 11.18
CA ALA A 2 20.64 3.89 10.88
C ALA A 2 20.58 3.70 9.38
N SER A 3 20.89 2.50 8.90
CA SER A 3 20.83 2.23 7.46
C SER A 3 19.39 2.33 6.95
N MET A 4 18.44 2.10 7.85
CA MET A 4 17.01 2.28 7.63
C MET A 4 16.73 3.73 7.29
N GLN A 5 17.26 4.61 8.14
CA GLN A 5 17.10 6.04 8.00
C GLN A 5 17.78 6.54 6.74
N LYS A 6 18.97 6.00 6.46
CA LYS A 6 19.71 6.37 5.27
C LYS A 6 18.96 5.99 4.01
N ARG A 7 18.40 4.78 4.00
CA ARG A 7 17.60 4.30 2.88
C ARG A 7 16.37 5.15 2.63
N LEU A 8 15.63 5.48 3.67
CA LEU A 8 14.46 6.30 3.51
C LEU A 8 14.79 7.72 3.11
N GLN A 9 15.88 8.28 3.64
CA GLN A 9 16.26 9.64 3.29
C GLN A 9 16.67 9.70 1.84
N LYS A 10 17.38 8.69 1.35
CA LYS A 10 17.77 8.66 -0.04
C LYS A 10 16.56 8.54 -0.95
N GLU A 11 15.56 7.74 -0.57
CA GLU A 11 14.37 7.67 -1.42
C GLU A 11 13.60 8.99 -1.37
N LEU A 12 13.55 9.64 -0.22
CA LEU A 12 12.90 10.94 -0.12
C LEU A 12 13.57 11.97 -1.01
N LEU A 13 14.90 11.99 -1.03
CA LEU A 13 15.64 12.92 -1.85
C LEU A 13 15.47 12.64 -3.33
N ALA A 14 15.47 11.36 -3.70
CA ALA A 14 15.29 10.94 -5.08
C ALA A 14 13.91 11.35 -5.60
N LEU A 15 12.89 11.19 -4.78
CA LEU A 15 11.55 11.51 -5.23
C LEU A 15 11.26 12.99 -5.06
N GLN A 16 12.04 13.68 -4.22
CA GLN A 16 11.92 15.12 -4.15
C GLN A 16 12.47 15.71 -5.45
N ASN A 17 13.56 15.12 -5.94
CA ASN A 17 14.14 15.52 -7.20
C ASN A 17 13.25 15.15 -8.39
N ASP A 18 12.54 14.03 -8.29
CA ASP A 18 11.60 13.67 -9.34
C ASP A 18 10.37 12.93 -8.80
N PRO A 19 9.32 13.65 -8.40
CA PRO A 19 8.07 13.11 -7.92
C PRO A 19 7.41 12.15 -8.91
N PRO A 20 7.08 10.91 -8.54
CA PRO A 20 6.41 9.94 -9.37
C PRO A 20 5.05 10.41 -9.82
N PRO A 21 4.57 9.96 -10.99
CA PRO A 21 3.26 10.30 -11.52
C PRO A 21 2.17 10.03 -10.49
N GLY A 22 1.51 11.09 -10.05
CA GLY A 22 0.43 10.98 -9.09
C GLY A 22 0.89 10.78 -7.64
N MET A 23 2.15 11.06 -7.32
CA MET A 23 2.63 10.90 -5.95
C MET A 23 3.21 12.16 -5.33
N THR A 24 2.47 12.75 -4.39
CA THR A 24 2.92 13.95 -3.68
C THR A 24 3.46 13.60 -2.31
N LEU A 25 4.66 14.12 -2.03
CA LEU A 25 5.35 13.85 -0.77
C LEU A 25 4.99 14.87 0.30
N ASN A 26 4.35 14.44 1.39
CA ASN A 26 4.04 15.36 2.47
C ASN A 26 4.99 15.17 3.65
N GLU A 27 5.26 16.28 4.33
CA GLU A 27 6.13 16.29 5.50
C GLU A 27 5.51 15.56 6.67
N LYS A 28 6.36 14.79 7.34
CA LYS A 28 5.99 14.01 8.51
C LYS A 28 5.77 14.88 9.74
N SER A 29 4.98 14.38 10.69
CA SER A 29 4.64 15.14 11.88
C SER A 29 5.70 15.03 12.97
N VAL A 30 6.51 13.97 12.92
CA VAL A 30 7.57 13.81 13.90
C VAL A 30 8.90 13.99 13.21
N GLN A 31 9.60 15.05 13.58
CA GLN A 31 10.87 15.40 12.95
C GLN A 31 11.97 14.39 13.26
N ASN A 32 11.83 13.68 14.37
CA ASN A 32 12.79 12.67 14.77
C ASN A 32 12.38 11.25 14.34
N SER A 33 11.38 11.10 13.48
CA SER A 33 11.03 9.74 13.04
C SER A 33 10.65 9.65 11.58
N ILE A 34 11.67 9.33 10.79
CA ILE A 34 11.65 9.16 9.33
C ILE A 34 10.75 8.02 8.85
N THR A 35 10.30 7.19 9.78
CA THR A 35 9.43 6.07 9.48
C THR A 35 8.02 6.52 9.11
N GLN A 36 7.67 7.78 9.39
CA GLN A 36 6.36 8.28 8.95
C GLN A 36 6.49 8.86 7.54
N TRP A 37 5.75 8.32 6.57
CA TRP A 37 5.81 8.87 5.23
C TRP A 37 4.42 9.00 4.60
N ILE A 38 3.95 10.24 4.54
CA ILE A 38 2.63 10.60 4.05
C ILE A 38 2.61 10.89 2.56
N VAL A 39 1.74 10.17 1.84
CA VAL A 39 1.60 10.29 0.39
C VAL A 39 0.20 10.65 -0.12
N ASP A 40 0.11 11.67 -0.96
CA ASP A 40 -1.18 11.96 -1.56
C ASP A 40 -1.13 11.34 -2.95
N MET A 41 -2.03 10.38 -3.18
CA MET A 41 -2.08 9.59 -4.39
C MET A 41 -3.18 9.90 -5.38
N GLU A 42 -2.79 10.25 -6.59
CA GLU A 42 -3.77 10.57 -7.62
C GLU A 42 -4.19 9.27 -8.28
N GLY A 43 -5.45 9.22 -8.71
CA GLY A 43 -5.95 8.01 -9.35
C GLY A 43 -5.45 7.78 -10.78
N ALA A 44 -5.77 6.60 -11.29
CA ALA A 44 -5.34 6.18 -12.61
C ALA A 44 -6.18 6.80 -13.75
N PRO A 45 -5.54 7.44 -14.75
CA PRO A 45 -6.21 8.01 -15.89
C PRO A 45 -7.04 7.00 -16.65
N GLY A 46 -8.26 7.40 -17.00
CA GLY A 46 -9.18 6.54 -17.72
C GLY A 46 -10.07 5.70 -16.80
N THR A 47 -9.79 5.71 -15.50
CA THR A 47 -10.58 4.93 -14.55
C THR A 47 -11.47 5.86 -13.77
N LEU A 48 -12.26 5.26 -12.89
CA LEU A 48 -13.17 5.95 -11.99
C LEU A 48 -12.44 6.78 -10.93
N TYR A 49 -11.11 6.67 -10.85
CA TYR A 49 -10.33 7.40 -9.88
C TYR A 49 -9.62 8.58 -10.54
N GLU A 50 -9.75 8.75 -11.86
CA GLU A 50 -9.07 9.86 -12.51
C GLU A 50 -9.61 11.19 -11.99
N GLY A 51 -8.70 12.04 -11.53
CA GLY A 51 -9.05 13.34 -10.98
C GLY A 51 -9.24 13.30 -9.46
N GLU A 52 -9.25 12.11 -8.88
CA GLU A 52 -9.41 11.94 -7.44
C GLU A 52 -8.03 11.79 -6.81
N LYS A 53 -7.90 12.18 -5.55
CA LYS A 53 -6.61 12.08 -4.90
C LYS A 53 -6.82 11.71 -3.43
N PHE A 54 -6.17 10.63 -3.00
CA PHE A 54 -6.37 10.11 -1.64
C PHE A 54 -5.08 10.01 -0.86
N GLN A 55 -5.15 10.27 0.43
CA GLN A 55 -3.96 10.22 1.27
C GLN A 55 -3.72 8.88 1.93
N LEU A 56 -2.46 8.44 1.94
CA LEU A 56 -2.10 7.20 2.61
C LEU A 56 -0.80 7.37 3.37
N LEU A 57 -0.57 6.44 4.28
CA LEU A 57 0.58 6.44 5.15
C LEU A 57 1.41 5.17 5.14
N PHE A 58 2.72 5.35 4.91
CA PHE A 58 3.66 4.27 5.02
C PHE A 58 4.23 4.30 6.42
N LYS A 59 4.25 3.13 7.04
CA LYS A 59 4.81 2.98 8.37
C LYS A 59 6.03 2.09 8.25
N PHE A 60 7.21 2.67 8.31
CA PHE A 60 8.38 1.83 8.12
C PHE A 60 8.88 1.19 9.39
N SER A 61 9.26 -0.07 9.25
CA SER A 61 9.86 -0.84 10.31
C SER A 61 11.24 -0.31 10.58
N SER A 62 11.68 -0.39 11.83
CA SER A 62 13.03 0.07 12.16
C SER A 62 14.09 -0.80 11.48
N ARG A 63 13.69 -1.99 11.02
CA ARG A 63 14.55 -2.89 10.26
C ARG A 63 14.48 -2.71 8.74
N TYR A 64 13.64 -1.80 8.23
CA TYR A 64 13.50 -1.53 6.79
C TYR A 64 14.87 -1.29 6.17
N PRO A 65 15.17 -1.88 5.01
CA PRO A 65 14.35 -2.72 4.15
C PRO A 65 14.30 -4.22 4.39
N PHE A 66 14.52 -4.68 5.61
CA PHE A 66 14.35 -6.09 5.93
C PHE A 66 12.85 -6.41 5.87
N ASP A 67 12.07 -5.61 6.58
CA ASP A 67 10.61 -5.73 6.66
C ASP A 67 9.87 -4.81 5.69
N SER A 68 8.68 -5.20 5.25
CA SER A 68 7.89 -4.33 4.40
C SER A 68 7.19 -3.30 5.29
N PRO A 69 6.82 -2.12 4.77
CA PRO A 69 6.07 -1.12 5.50
C PRO A 69 4.59 -1.39 5.58
N GLN A 70 3.93 -0.86 6.61
CA GLN A 70 2.48 -1.01 6.64
C GLN A 70 2.00 0.08 5.70
N VAL A 71 1.18 -0.25 4.71
CA VAL A 71 0.75 0.80 3.80
C VAL A 71 -0.77 0.88 3.84
N MET A 72 -1.31 1.96 4.41
CA MET A 72 -2.76 2.10 4.50
C MET A 72 -3.25 3.50 4.20
N PHE A 73 -4.48 3.62 3.71
CA PHE A 73 -5.07 4.92 3.44
C PHE A 73 -5.44 5.55 4.77
N THR A 74 -5.33 6.88 4.85
CA THR A 74 -5.61 7.57 6.09
C THR A 74 -6.27 8.94 5.89
N GLY A 75 -7.10 9.30 6.86
CA GLY A 75 -7.81 10.58 6.78
C GLY A 75 -9.31 10.34 6.72
N GLU A 76 -10.04 11.39 6.36
CA GLU A 76 -11.49 11.36 6.26
C GLU A 76 -12.04 10.86 4.92
N ASN A 77 -11.17 10.63 3.95
CA ASN A 77 -11.64 10.17 2.64
C ASN A 77 -10.84 8.96 2.18
N ILE A 78 -11.41 7.78 2.42
CA ILE A 78 -10.81 6.50 2.05
C ILE A 78 -11.46 6.02 0.75
N PRO A 79 -10.71 5.66 -0.29
CA PRO A 79 -11.27 5.22 -1.55
C PRO A 79 -11.94 3.86 -1.53
N VAL A 80 -12.88 3.69 -2.47
CA VAL A 80 -13.61 2.44 -2.64
C VAL A 80 -12.97 1.68 -3.78
N HIS A 81 -12.55 0.46 -3.49
CA HIS A 81 -11.84 -0.41 -4.42
C HIS A 81 -11.94 -1.85 -3.93
N PRO A 82 -12.00 -2.88 -4.78
CA PRO A 82 -12.03 -4.26 -4.32
C PRO A 82 -10.96 -4.65 -3.31
N HIS A 83 -9.79 -4.01 -3.35
CA HIS A 83 -8.73 -4.29 -2.40
C HIS A 83 -8.52 -3.18 -1.37
N VAL A 84 -9.43 -2.22 -1.27
CA VAL A 84 -9.27 -1.17 -0.26
C VAL A 84 -10.47 -1.17 0.67
N TYR A 85 -10.17 -1.26 1.95
CA TYR A 85 -11.18 -1.32 2.99
C TYR A 85 -11.42 0.07 3.54
N SER A 86 -12.60 0.29 4.12
CA SER A 86 -13.01 1.58 4.66
C SER A 86 -12.16 2.06 5.83
N ASN A 87 -11.42 1.15 6.45
CA ASN A 87 -10.49 1.49 7.52
C ASN A 87 -9.09 1.83 6.97
N GLY A 88 -8.94 1.87 5.65
CA GLY A 88 -7.69 2.21 5.01
C GLY A 88 -6.85 1.00 4.58
N HIS A 89 -7.25 -0.22 4.96
CA HIS A 89 -6.43 -1.37 4.60
C HIS A 89 -6.30 -1.59 3.10
N ILE A 90 -5.07 -1.85 2.66
CA ILE A 90 -4.79 -2.10 1.25
C ILE A 90 -4.34 -3.55 1.08
N CYS A 91 -5.14 -4.35 0.40
CA CYS A 91 -4.83 -5.75 0.18
C CYS A 91 -3.94 -5.91 -1.05
N LEU A 92 -2.67 -6.19 -0.81
CA LEU A 92 -1.73 -6.35 -1.91
C LEU A 92 -0.59 -7.30 -1.57
N SER A 93 -0.49 -8.39 -2.35
CA SER A 93 0.51 -9.44 -2.15
C SER A 93 1.94 -8.96 -2.27
N ILE A 94 2.13 -7.90 -3.06
CA ILE A 94 3.42 -7.24 -3.26
C ILE A 94 3.99 -6.73 -1.95
N LEU A 95 3.13 -6.33 -1.02
CA LEU A 95 3.57 -5.80 0.26
C LEU A 95 3.79 -6.87 1.33
N THR A 96 3.47 -8.14 1.01
CA THR A 96 3.63 -9.23 1.96
C THR A 96 4.57 -10.28 1.38
N GLU A 97 3.98 -11.35 0.87
CA GLU A 97 4.72 -12.50 0.35
C GLU A 97 5.63 -12.21 -0.83
N ASP A 98 5.24 -11.26 -1.68
CA ASP A 98 6.05 -10.91 -2.83
C ASP A 98 6.92 -9.67 -2.60
N TRP A 99 6.99 -9.17 -1.36
CA TRP A 99 7.77 -7.96 -1.11
C TRP A 99 9.26 -8.21 -1.19
N SER A 100 9.95 -7.24 -1.79
CA SER A 100 11.39 -7.27 -1.99
C SER A 100 12.06 -6.02 -1.44
N PRO A 101 13.26 -6.12 -0.85
CA PRO A 101 14.03 -4.99 -0.35
C PRO A 101 14.49 -4.04 -1.46
N ALA A 102 14.45 -4.53 -2.71
CA ALA A 102 14.77 -3.73 -3.88
C ALA A 102 13.58 -2.89 -4.33
N LEU A 103 12.39 -3.18 -3.80
CA LEU A 103 11.17 -2.46 -4.16
C LEU A 103 11.20 -1.09 -3.52
N SER A 104 11.02 -0.03 -4.31
CA SER A 104 11.02 1.31 -3.76
C SER A 104 9.64 1.74 -3.27
N VAL A 105 9.61 2.82 -2.49
CA VAL A 105 8.38 3.41 -1.97
C VAL A 105 7.57 3.91 -3.15
N GLN A 106 8.30 4.53 -4.09
CA GLN A 106 7.79 4.94 -5.39
C GLN A 106 7.07 3.82 -6.10
N SER A 107 7.75 2.68 -6.19
CA SER A 107 7.21 1.50 -6.85
C SER A 107 5.92 1.05 -6.19
N VAL A 108 5.86 1.10 -4.85
CA VAL A 108 4.65 0.73 -4.14
C VAL A 108 3.49 1.65 -4.47
N CYS A 109 3.73 2.97 -4.49
CA CYS A 109 2.66 3.89 -4.81
C CYS A 109 2.17 3.73 -6.23
N LEU A 110 3.10 3.56 -7.15
CA LEU A 110 2.73 3.39 -8.55
C LEU A 110 2.03 2.05 -8.75
N SER A 111 2.38 1.04 -7.95
CA SER A 111 1.72 -0.26 -8.00
C SER A 111 0.28 -0.13 -7.53
N ILE A 112 0.04 0.65 -6.48
CA ILE A 112 -1.32 0.90 -5.99
C ILE A 112 -2.13 1.64 -7.04
N ILE A 113 -1.52 2.65 -7.66
CA ILE A 113 -2.16 3.38 -8.73
C ILE A 113 -2.49 2.42 -9.88
N SER A 114 -1.57 1.51 -10.20
CA SER A 114 -1.83 0.50 -11.21
C SER A 114 -3.01 -0.38 -10.82
N MET A 115 -3.13 -0.77 -9.54
CA MET A 115 -4.25 -1.56 -9.00
C MET A 115 -5.57 -0.87 -9.24
N LEU A 116 -5.59 0.46 -9.18
CA LEU A 116 -6.82 1.20 -9.43
C LEU A 116 -7.39 0.90 -10.84
N SER A 117 -6.55 0.52 -11.80
CA SER A 117 -7.03 0.18 -13.14
C SER A 117 -7.03 -1.32 -13.41
N SER A 118 -6.07 -2.04 -12.83
CA SER A 118 -5.92 -3.47 -13.07
C SER A 118 -6.63 -4.41 -12.09
N CYS A 119 -6.97 -3.95 -10.90
CA CYS A 119 -7.66 -4.80 -9.95
C CYS A 119 -8.97 -4.17 -9.50
N LYS A 120 -9.59 -3.45 -10.43
CA LYS A 120 -10.89 -2.81 -10.26
C LYS A 120 -12.05 -3.81 -10.37
N GLU A 121 -11.77 -4.96 -10.98
CA GLU A 121 -12.74 -6.03 -11.20
C GLU A 121 -12.76 -7.03 -10.05
N LYS A 122 -13.97 -7.34 -9.56
CA LYS A 122 -14.16 -8.28 -8.45
C LYS A 122 -14.41 -9.73 -8.89
N ARG A 123 -14.46 -9.96 -10.20
CA ARG A 123 -14.71 -11.28 -10.75
C ARG A 123 -13.57 -12.26 -10.55
N ARG A 124 -13.93 -13.47 -10.15
CA ARG A 124 -12.98 -14.54 -9.90
C ARG A 124 -12.48 -15.15 -11.21
N PRO A 125 -11.23 -15.64 -11.27
CA PRO A 125 -10.62 -16.18 -12.45
C PRO A 125 -11.15 -17.54 -12.91
N PRO A 126 -10.92 -17.92 -14.19
CA PRO A 126 -11.30 -19.18 -14.80
C PRO A 126 -10.86 -20.41 -14.03
N ASP A 127 -9.72 -20.31 -13.33
CA ASP A 127 -9.19 -21.40 -12.56
C ASP A 127 -9.38 -21.21 -11.05
N ASN A 128 -10.38 -20.42 -10.65
CA ASN A 128 -10.70 -20.21 -9.24
C ASN A 128 -11.02 -21.51 -8.52
N SER A 129 -11.86 -22.36 -9.13
CA SER A 129 -12.23 -23.63 -8.52
C SER A 129 -11.07 -24.61 -8.52
N PHE A 130 -10.16 -24.47 -9.48
CA PHE A 130 -8.93 -25.25 -9.53
C PHE A 130 -8.14 -24.92 -8.28
N TYR A 131 -7.96 -23.61 -8.05
CA TYR A 131 -7.28 -23.13 -6.86
C TYR A 131 -7.94 -23.66 -5.60
N VAL A 132 -9.27 -23.65 -5.52
CA VAL A 132 -9.93 -24.22 -4.35
C VAL A 132 -9.55 -25.69 -4.15
N ARG A 133 -9.58 -26.46 -5.24
CA ARG A 133 -9.22 -27.87 -5.16
C ARG A 133 -7.75 -28.07 -4.78
N THR A 134 -6.89 -27.15 -5.19
CA THR A 134 -5.47 -27.18 -4.86
C THR A 134 -5.08 -26.06 -3.89
N CYS A 135 -6.02 -25.66 -3.02
CA CYS A 135 -5.81 -24.61 -2.02
C CYS A 135 -4.55 -24.75 -1.18
N ASN A 136 -3.81 -23.65 -1.06
CA ASN A 136 -2.56 -23.60 -0.32
C ASN A 136 -2.77 -23.14 1.12
N LYS A 137 -1.75 -23.33 1.95
CA LYS A 137 -1.81 -22.95 3.36
C LYS A 137 -2.12 -21.47 3.55
N ASN A 138 -3.15 -21.22 4.35
CA ASN A 138 -3.59 -19.87 4.65
C ASN A 138 -2.72 -19.23 5.74
N PRO A 139 -2.52 -17.91 5.70
CA PRO A 139 -1.75 -17.17 6.68
C PRO A 139 -2.48 -17.05 8.01
N LYS A 140 -1.70 -16.83 9.07
CA LYS A 140 -2.28 -16.70 10.40
C LYS A 140 -3.18 -15.48 10.54
N LYS A 141 -4.41 -15.73 10.98
CA LYS A 141 -5.37 -14.67 11.21
C LYS A 141 -5.16 -14.03 12.57
N THR A 142 -5.02 -12.70 12.58
CA THR A 142 -4.85 -11.98 13.83
C THR A 142 -6.10 -12.03 14.69
N LYS A 143 -5.89 -12.01 15.99
CA LYS A 143 -7.00 -12.01 16.93
C LYS A 143 -7.37 -10.59 17.33
N TRP A 144 -6.62 -9.60 16.85
CA TRP A 144 -6.92 -8.21 17.17
C TRP A 144 -8.22 -7.74 16.56
N TRP A 145 -9.09 -7.22 17.42
CA TRP A 145 -10.36 -6.67 16.97
C TRP A 145 -10.19 -5.22 16.55
N TYR A 146 -10.66 -4.90 15.34
CA TYR A 146 -10.56 -3.54 14.84
C TYR A 146 -11.35 -2.58 15.70
N HIS A 147 -10.70 -1.48 16.08
CA HIS A 147 -11.29 -0.47 16.94
C HIS A 147 -12.62 0.07 16.46
N ASP A 148 -13.62 -0.07 17.32
CA ASP A 148 -14.99 0.36 17.05
C ASP A 148 -15.11 1.86 16.86
N ASP A 149 -16.01 2.25 15.96
CA ASP A 149 -16.25 3.66 15.67
C ASP A 149 -16.83 4.39 16.86
N THR A 150 -16.37 5.62 17.06
CA THR A 150 -16.82 6.46 18.15
C THR A 150 -17.80 7.54 17.70
N CYS A 151 -17.82 7.84 16.40
CA CYS A 151 -18.71 8.84 15.82
C CYS A 151 -19.65 8.25 14.78
N MET A 1 18.50 7.87 13.47
CA MET A 1 19.75 7.19 13.80
C MET A 1 19.99 5.87 13.04
N ALA A 2 18.93 5.12 12.78
CA ALA A 2 19.06 3.84 12.07
C ALA A 2 19.30 4.08 10.60
N SER A 3 20.00 3.14 9.95
CA SER A 3 20.25 3.25 8.51
C SER A 3 18.95 3.16 7.71
N MET A 4 17.96 2.50 8.30
CA MET A 4 16.61 2.40 7.77
C MET A 4 16.00 3.79 7.72
N GLN A 5 16.12 4.50 8.83
CA GLN A 5 15.62 5.86 8.98
C GLN A 5 16.35 6.79 8.02
N LYS A 6 17.66 6.57 7.87
CA LYS A 6 18.47 7.35 6.94
C LYS A 6 17.99 7.12 5.52
N ARG A 7 17.68 5.86 5.17
CA ARG A 7 17.15 5.53 3.85
C ARG A 7 15.83 6.25 3.65
N LEU A 8 14.96 6.26 4.66
CA LEU A 8 13.72 7.02 4.56
C LEU A 8 13.98 8.48 4.25
N GLN A 9 14.89 9.10 5.00
CA GLN A 9 15.22 10.50 4.78
C GLN A 9 15.71 10.73 3.36
N LYS A 10 16.53 9.81 2.85
CA LYS A 10 16.99 9.89 1.48
C LYS A 10 15.84 9.79 0.48
N GLU A 11 14.89 8.90 0.74
CA GLU A 11 13.74 8.75 -0.15
C GLU A 11 12.83 9.97 -0.06
N LEU A 12 12.69 10.55 1.14
CA LEU A 12 11.87 11.74 1.33
C LEU A 12 12.45 12.92 0.56
N LEU A 13 13.76 13.09 0.64
CA LEU A 13 14.42 14.18 -0.05
C LEU A 13 14.48 13.99 -1.54
N ALA A 14 14.66 12.74 -1.99
CA ALA A 14 14.70 12.43 -3.40
C ALA A 14 13.36 12.75 -4.06
N LEU A 15 12.27 12.41 -3.38
CA LEU A 15 10.98 12.66 -3.97
C LEU A 15 10.49 14.06 -3.65
N GLN A 16 11.12 14.74 -2.70
CA GLN A 16 10.84 16.16 -2.49
C GLN A 16 11.41 16.90 -3.69
N ASN A 17 12.59 16.48 -4.13
CA ASN A 17 13.23 17.05 -5.30
C ASN A 17 12.50 16.67 -6.60
N ASP A 18 11.93 15.46 -6.65
CA ASP A 18 11.17 15.08 -7.81
C ASP A 18 10.02 14.12 -7.47
N PRO A 19 8.83 14.65 -7.14
CA PRO A 19 7.63 13.91 -6.85
C PRO A 19 7.22 12.99 -8.00
N PRO A 20 6.99 11.69 -7.78
CA PRO A 20 6.54 10.74 -8.77
C PRO A 20 5.19 11.14 -9.36
N PRO A 21 4.90 10.81 -10.62
CA PRO A 21 3.64 11.09 -11.26
C PRO A 21 2.44 10.62 -10.45
N GLY A 22 1.61 11.56 -10.05
CA GLY A 22 0.40 11.27 -9.28
C GLY A 22 0.68 11.03 -7.79
N MET A 23 1.87 11.38 -7.31
CA MET A 23 2.24 11.17 -5.91
C MET A 23 2.72 12.38 -5.11
N THR A 24 2.10 12.60 -3.94
CA THR A 24 2.54 13.65 -3.04
C THR A 24 2.92 13.02 -1.70
N LEU A 25 4.20 13.12 -1.38
CA LEU A 25 4.78 12.51 -0.18
C LEU A 25 4.78 13.45 1.02
N ASN A 26 4.05 13.11 2.09
CA ASN A 26 4.01 13.97 3.27
C ASN A 26 4.30 13.25 4.60
N GLU A 27 5.54 13.42 5.09
CA GLU A 27 6.00 12.84 6.36
C GLU A 27 5.05 13.17 7.51
N LYS A 28 4.56 12.18 8.24
CA LYS A 28 3.62 12.47 9.30
C LYS A 28 4.25 12.43 10.69
N SER A 29 4.24 13.55 11.40
CA SER A 29 4.74 13.50 12.75
C SER A 29 3.73 12.68 13.56
N VAL A 30 4.22 11.65 14.25
CA VAL A 30 3.33 10.80 15.03
C VAL A 30 3.79 10.62 16.47
N GLN A 31 2.81 10.33 17.33
CA GLN A 31 3.04 10.09 18.76
C GLN A 31 3.80 8.79 19.02
N ASN A 32 3.88 7.96 18.00
CA ASN A 32 4.58 6.69 18.03
C ASN A 32 6.10 6.84 17.87
N SER A 33 6.59 8.04 17.48
CA SER A 33 8.02 8.29 17.26
C SER A 33 8.62 7.24 16.33
N ILE A 34 8.00 7.08 15.17
CA ILE A 34 8.38 6.05 14.22
C ILE A 34 8.02 6.47 12.81
N THR A 35 8.72 5.88 11.84
CA THR A 35 8.61 6.21 10.42
C THR A 35 7.28 5.88 9.73
N GLN A 36 6.28 6.73 9.99
CA GLN A 36 4.96 6.68 9.38
C GLN A 36 4.64 7.96 8.59
N TRP A 37 3.95 7.82 7.46
CA TRP A 37 3.58 9.00 6.69
C TRP A 37 2.39 8.81 5.76
N ILE A 38 1.91 9.92 5.20
CA ILE A 38 0.75 9.87 4.32
C ILE A 38 1.10 10.31 2.90
N VAL A 39 0.68 9.51 1.93
CA VAL A 39 0.89 9.83 0.54
C VAL A 39 -0.41 10.08 -0.21
N ASP A 40 -0.52 11.24 -0.85
CA ASP A 40 -1.73 11.49 -1.61
C ASP A 40 -1.50 10.86 -2.97
N MET A 41 -2.51 10.17 -3.49
CA MET A 41 -2.33 9.53 -4.79
C MET A 41 -3.47 9.83 -5.75
N GLU A 42 -3.12 10.22 -6.98
CA GLU A 42 -4.14 10.55 -7.97
C GLU A 42 -4.38 9.43 -8.97
N GLY A 43 -5.64 9.03 -9.15
CA GLY A 43 -5.94 7.98 -10.13
C GLY A 43 -5.69 8.44 -11.56
N ALA A 44 -5.22 7.49 -12.38
CA ALA A 44 -4.82 7.73 -13.76
C ALA A 44 -5.95 8.16 -14.71
N PRO A 45 -5.69 9.15 -15.59
CA PRO A 45 -6.60 9.63 -16.61
C PRO A 45 -7.07 8.55 -17.55
N GLY A 46 -8.38 8.57 -17.83
CA GLY A 46 -8.98 7.59 -18.72
C GLY A 46 -9.47 6.36 -17.98
N THR A 47 -9.16 6.23 -16.68
CA THR A 47 -9.63 5.08 -15.94
C THR A 47 -10.78 5.48 -15.04
N LEU A 48 -11.34 4.49 -14.37
CA LEU A 48 -12.44 4.68 -13.45
C LEU A 48 -12.03 5.45 -12.20
N TYR A 49 -10.73 5.64 -11.99
CA TYR A 49 -10.24 6.32 -10.82
C TYR A 49 -9.68 7.71 -11.16
N GLU A 50 -9.86 8.16 -12.40
CA GLU A 50 -9.33 9.45 -12.86
C GLU A 50 -9.58 10.67 -12.01
N GLY A 51 -8.51 11.16 -11.38
CA GLY A 51 -8.59 12.37 -10.57
C GLY A 51 -9.03 12.13 -9.13
N GLU A 52 -9.26 10.88 -8.76
CA GLU A 52 -9.69 10.59 -7.40
C GLU A 52 -8.48 10.51 -6.51
N LYS A 53 -8.64 10.88 -5.23
CA LYS A 53 -7.50 10.82 -4.33
C LYS A 53 -7.54 9.58 -3.45
N PHE A 54 -6.41 8.90 -3.40
CA PHE A 54 -6.22 7.67 -2.65
C PHE A 54 -5.15 7.86 -1.61
N GLN A 55 -5.50 8.48 -0.49
CA GLN A 55 -4.48 8.69 0.52
C GLN A 55 -4.07 7.38 1.14
N LEU A 56 -2.76 7.16 1.26
CA LEU A 56 -2.25 5.93 1.84
C LEU A 56 -1.26 6.13 2.99
N LEU A 57 -1.29 5.18 3.92
CA LEU A 57 -0.42 5.13 5.09
C LEU A 57 0.76 4.23 4.81
N PHE A 58 1.94 4.79 4.95
CA PHE A 58 3.15 4.01 4.75
C PHE A 58 3.99 3.93 6.00
N LYS A 59 4.55 2.74 6.22
CA LYS A 59 5.42 2.56 7.38
C LYS A 59 6.63 1.67 7.13
N PHE A 60 7.81 2.15 7.50
CA PHE A 60 8.99 1.30 7.33
C PHE A 60 9.23 0.51 8.60
N SER A 61 9.60 -0.76 8.43
CA SER A 61 9.88 -1.61 9.58
C SER A 61 11.29 -1.34 10.02
N SER A 62 11.70 -1.95 11.12
CA SER A 62 13.06 -1.81 11.64
C SER A 62 14.08 -2.57 10.81
N ARG A 63 13.63 -3.39 9.86
CA ARG A 63 14.50 -4.18 9.00
C ARG A 63 14.58 -3.59 7.59
N TYR A 64 13.49 -2.95 7.13
CA TYR A 64 13.44 -2.23 5.85
C TYR A 64 14.80 -1.67 5.40
N PRO A 65 15.25 -1.96 4.18
CA PRO A 65 14.59 -2.69 3.11
C PRO A 65 14.79 -4.18 3.05
N PHE A 66 15.17 -4.80 4.17
CA PHE A 66 15.25 -6.24 4.25
C PHE A 66 13.81 -6.71 4.11
N ASP A 67 12.95 -6.13 4.94
CA ASP A 67 11.52 -6.35 4.92
C ASP A 67 10.81 -5.26 4.11
N SER A 68 9.65 -5.63 3.59
CA SER A 68 8.81 -4.73 2.81
C SER A 68 8.04 -3.75 3.70
N PRO A 69 7.62 -2.59 3.17
CA PRO A 69 6.85 -1.58 3.88
C PRO A 69 5.38 -1.90 4.08
N GLN A 70 4.78 -1.30 5.09
CA GLN A 70 3.36 -1.47 5.35
C GLN A 70 2.60 -0.47 4.51
N VAL A 71 1.57 -0.93 3.79
CA VAL A 71 0.77 -0.02 2.98
C VAL A 71 -0.72 -0.15 3.32
N MET A 72 -1.34 0.93 3.82
CA MET A 72 -2.76 0.88 4.16
C MET A 72 -3.58 2.08 3.66
N PHE A 73 -4.87 1.88 3.46
CA PHE A 73 -5.69 3.02 3.06
C PHE A 73 -5.94 4.01 4.19
N THR A 74 -5.65 5.29 3.93
CA THR A 74 -5.88 6.38 4.88
C THR A 74 -7.15 7.16 4.54
N GLY A 75 -8.10 7.17 5.47
CA GLY A 75 -9.34 7.90 5.25
C GLY A 75 -10.58 7.10 5.61
N GLU A 76 -11.73 7.78 5.61
CA GLU A 76 -13.02 7.18 5.95
C GLU A 76 -13.76 6.55 4.78
N ASN A 77 -13.27 6.73 3.56
CA ASN A 77 -13.94 6.16 2.40
C ASN A 77 -13.00 5.28 1.60
N ILE A 78 -13.07 3.98 1.89
CA ILE A 78 -12.21 2.98 1.25
C ILE A 78 -12.64 2.67 -0.19
N PRO A 79 -11.74 2.78 -1.17
CA PRO A 79 -11.96 2.53 -2.58
C PRO A 79 -12.48 1.17 -3.00
N VAL A 80 -13.32 1.19 -4.03
CA VAL A 80 -13.83 -0.04 -4.62
C VAL A 80 -12.82 -0.45 -5.66
N HIS A 81 -12.10 -1.52 -5.36
CA HIS A 81 -11.03 -2.04 -6.19
C HIS A 81 -10.71 -3.47 -5.75
N PRO A 82 -10.42 -4.42 -6.65
CA PRO A 82 -10.08 -5.79 -6.33
C PRO A 82 -8.97 -5.98 -5.28
N HIS A 83 -8.02 -5.07 -5.20
CA HIS A 83 -6.93 -5.20 -4.25
C HIS A 83 -7.07 -4.24 -3.06
N VAL A 84 -8.22 -3.59 -2.89
CA VAL A 84 -8.38 -2.70 -1.75
C VAL A 84 -9.44 -3.24 -0.82
N TYR A 85 -9.04 -3.52 0.41
CA TYR A 85 -9.92 -4.10 1.41
C TYR A 85 -10.48 -3.10 2.39
N SER A 86 -11.66 -3.45 2.92
CA SER A 86 -12.39 -2.64 3.90
C SER A 86 -11.68 -2.54 5.26
N ASN A 87 -10.64 -3.34 5.47
CA ASN A 87 -9.84 -3.26 6.67
C ASN A 87 -8.62 -2.34 6.44
N GLY A 88 -8.51 -1.75 5.24
CA GLY A 88 -7.41 -0.86 4.89
C GLY A 88 -6.29 -1.57 4.12
N HIS A 89 -6.35 -2.90 4.02
CA HIS A 89 -5.29 -3.63 3.34
C HIS A 89 -5.19 -3.36 1.85
N ILE A 90 -3.96 -3.12 1.39
CA ILE A 90 -3.69 -2.90 -0.02
C ILE A 90 -2.94 -4.13 -0.54
N CYS A 91 -3.56 -4.92 -1.40
CA CYS A 91 -2.86 -6.13 -1.82
C CYS A 91 -1.87 -5.90 -2.93
N LEU A 92 -0.62 -5.81 -2.49
CA LEU A 92 0.54 -5.63 -3.34
C LEU A 92 1.46 -6.84 -3.32
N SER A 93 1.67 -7.46 -4.49
CA SER A 93 2.52 -8.66 -4.56
C SER A 93 3.98 -8.33 -4.27
N ILE A 94 4.35 -7.06 -4.51
CA ILE A 94 5.66 -6.49 -4.24
C ILE A 94 5.99 -6.39 -2.77
N LEU A 95 5.03 -6.60 -1.88
CA LEU A 95 5.36 -6.55 -0.48
C LEU A 95 5.67 -7.95 0.04
N THR A 96 5.43 -8.98 -0.77
CA THR A 96 5.70 -10.35 -0.35
C THR A 96 6.66 -10.97 -1.36
N GLU A 97 6.10 -11.79 -2.24
CA GLU A 97 6.82 -12.53 -3.27
C GLU A 97 7.72 -11.70 -4.16
N ASP A 98 7.28 -10.50 -4.55
CA ASP A 98 8.07 -9.67 -5.43
C ASP A 98 8.90 -8.61 -4.69
N TRP A 99 9.01 -8.70 -3.36
CA TRP A 99 9.83 -7.73 -2.64
C TRP A 99 11.31 -7.88 -2.92
N SER A 100 11.93 -6.72 -3.09
CA SER A 100 13.35 -6.55 -3.35
C SER A 100 13.82 -5.31 -2.63
N PRO A 101 14.99 -5.33 -1.97
CA PRO A 101 15.55 -4.21 -1.24
C PRO A 101 15.94 -3.03 -2.12
N ALA A 102 15.96 -3.24 -3.44
CA ALA A 102 16.23 -2.20 -4.41
C ALA A 102 15.00 -1.29 -4.60
N LEU A 103 13.85 -1.71 -4.09
CA LEU A 103 12.61 -0.96 -4.18
C LEU A 103 12.57 0.18 -3.16
N SER A 104 11.73 1.16 -3.45
CA SER A 104 11.56 2.38 -2.66
C SER A 104 10.11 2.77 -2.57
N VAL A 105 9.76 3.74 -1.70
CA VAL A 105 8.38 4.19 -1.61
C VAL A 105 7.90 4.76 -2.96
N GLN A 106 8.83 5.28 -3.76
CA GLN A 106 8.52 5.71 -5.12
C GLN A 106 8.03 4.54 -5.95
N SER A 107 8.82 3.47 -5.95
CA SER A 107 8.44 2.31 -6.75
C SER A 107 7.20 1.60 -6.21
N VAL A 108 6.94 1.69 -4.90
CA VAL A 108 5.76 1.08 -4.32
C VAL A 108 4.53 1.87 -4.74
N CYS A 109 4.57 3.19 -4.58
CA CYS A 109 3.42 4.01 -4.97
C CYS A 109 3.15 3.97 -6.47
N LEU A 110 4.19 3.96 -7.29
CA LEU A 110 3.96 3.90 -8.73
C LEU A 110 3.42 2.52 -9.11
N SER A 111 3.82 1.46 -8.38
CA SER A 111 3.27 0.13 -8.61
C SER A 111 1.80 0.09 -8.24
N ILE A 112 1.44 0.78 -7.15
CA ILE A 112 0.05 0.89 -6.69
C ILE A 112 -0.79 1.59 -7.74
N ILE A 113 -0.26 2.69 -8.28
CA ILE A 113 -0.90 3.45 -9.36
C ILE A 113 -1.07 2.58 -10.60
N SER A 114 -0.03 1.82 -10.95
CA SER A 114 -0.11 0.92 -12.08
C SER A 114 -1.22 -0.09 -11.89
N MET A 115 -1.33 -0.66 -10.68
CA MET A 115 -2.38 -1.60 -10.30
C MET A 115 -3.77 -0.98 -10.40
N LEU A 116 -3.90 0.21 -9.81
CA LEU A 116 -5.09 1.03 -9.79
C LEU A 116 -5.62 1.24 -11.19
N SER A 117 -4.74 1.67 -12.10
CA SER A 117 -5.10 1.88 -13.49
C SER A 117 -5.24 0.61 -14.32
N SER A 118 -4.57 -0.47 -13.92
CA SER A 118 -4.68 -1.75 -14.61
C SER A 118 -6.06 -2.39 -14.43
N CYS A 119 -6.64 -2.23 -13.25
CA CYS A 119 -7.98 -2.74 -12.94
C CYS A 119 -8.97 -2.61 -14.09
N LYS A 120 -9.29 -3.75 -14.70
CA LYS A 120 -10.23 -3.82 -15.81
C LYS A 120 -11.64 -4.15 -15.36
N GLU A 121 -11.79 -5.31 -14.74
CA GLU A 121 -13.09 -5.77 -14.28
C GLU A 121 -13.01 -6.70 -13.09
N LYS A 122 -14.13 -6.84 -12.39
CA LYS A 122 -14.21 -7.72 -11.23
C LYS A 122 -14.52 -9.14 -11.64
N ARG A 123 -13.70 -10.08 -11.19
CA ARG A 123 -13.90 -11.49 -11.49
C ARG A 123 -13.93 -12.33 -10.22
N ARG A 124 -14.60 -13.47 -10.31
CA ARG A 124 -14.72 -14.40 -9.19
C ARG A 124 -13.44 -15.19 -8.94
N PRO A 125 -12.82 -15.09 -7.76
CA PRO A 125 -11.62 -15.80 -7.39
C PRO A 125 -11.94 -17.26 -7.09
N PRO A 126 -10.94 -18.15 -7.06
CA PRO A 126 -11.11 -19.55 -6.70
C PRO A 126 -11.82 -19.75 -5.37
N ASP A 127 -11.56 -18.88 -4.41
CA ASP A 127 -12.17 -18.93 -3.09
C ASP A 127 -13.61 -18.41 -3.09
N ASN A 128 -14.44 -19.06 -2.30
CA ASN A 128 -15.84 -18.65 -2.18
C ASN A 128 -15.95 -17.58 -1.12
N SER A 129 -17.06 -16.83 -1.15
CA SER A 129 -17.31 -15.71 -0.23
C SER A 129 -17.29 -16.12 1.23
N PHE A 130 -17.54 -17.40 1.51
CA PHE A 130 -17.39 -17.98 2.83
C PHE A 130 -15.96 -17.80 3.32
N TYR A 131 -15.01 -18.17 2.45
CA TYR A 131 -13.60 -18.16 2.79
C TYR A 131 -13.09 -16.74 2.83
N VAL A 132 -13.69 -15.88 2.01
CA VAL A 132 -13.30 -14.48 2.01
C VAL A 132 -13.79 -13.76 3.26
N ARG A 133 -15.08 -13.86 3.55
CA ARG A 133 -15.65 -13.14 4.68
C ARG A 133 -15.17 -13.68 6.02
N THR A 134 -14.96 -15.00 6.14
CA THR A 134 -14.51 -15.51 7.43
C THR A 134 -13.01 -15.31 7.71
N CYS A 135 -12.32 -14.49 6.92
CA CYS A 135 -10.94 -14.12 7.22
C CYS A 135 -10.75 -12.62 6.93
N ASN A 136 -11.84 -11.90 6.61
CA ASN A 136 -11.77 -10.46 6.34
C ASN A 136 -12.86 -9.64 7.03
N LYS A 137 -14.05 -10.19 7.15
CA LYS A 137 -15.17 -9.49 7.76
C LYS A 137 -15.31 -9.99 9.19
N ASN A 138 -15.11 -11.29 9.34
CA ASN A 138 -15.10 -11.95 10.63
C ASN A 138 -13.93 -12.92 10.74
N PRO A 139 -12.67 -12.47 10.89
CA PRO A 139 -11.46 -13.28 10.99
C PRO A 139 -11.56 -14.41 12.00
N LYS A 140 -12.30 -14.18 13.07
CA LYS A 140 -12.60 -15.11 14.15
C LYS A 140 -13.29 -16.40 13.70
N LYS A 141 -13.86 -16.41 12.49
CA LYS A 141 -14.53 -17.57 11.96
C LYS A 141 -13.62 -18.46 11.11
N THR A 142 -12.35 -18.08 10.91
CA THR A 142 -11.42 -18.93 10.16
C THR A 142 -11.04 -20.21 10.90
N LYS A 143 -11.95 -21.17 10.88
CA LYS A 143 -11.74 -22.46 11.53
C LYS A 143 -11.17 -23.46 10.54
N TRP A 144 -11.27 -23.12 9.26
CA TRP A 144 -10.76 -23.89 8.15
C TRP A 144 -9.26 -23.72 7.86
N TRP A 145 -8.58 -22.89 8.64
CA TRP A 145 -7.15 -22.73 8.48
C TRP A 145 -6.48 -22.36 9.79
N TYR A 146 -5.51 -23.19 10.15
CA TYR A 146 -4.73 -23.02 11.37
C TYR A 146 -3.27 -23.39 11.13
N HIS A 147 -2.96 -23.69 9.87
CA HIS A 147 -1.64 -24.14 9.47
C HIS A 147 -0.68 -22.99 9.25
N ASP A 148 0.61 -23.28 9.42
CA ASP A 148 1.64 -22.28 9.21
C ASP A 148 2.16 -22.26 7.78
N ASP A 149 1.67 -23.16 6.93
CA ASP A 149 2.10 -23.26 5.53
C ASP A 149 1.59 -22.10 4.67
N THR A 150 2.23 -20.95 4.83
CA THR A 150 1.89 -19.72 4.12
C THR A 150 3.07 -19.17 3.34
N CYS A 151 4.03 -20.04 3.00
CA CYS A 151 5.22 -19.63 2.27
C CYS A 151 4.93 -19.25 0.82
N MET A 1 19.21 0.88 14.30
CA MET A 1 18.59 1.01 12.98
C MET A 1 19.08 2.25 12.21
N ALA A 2 20.36 2.58 12.35
CA ALA A 2 20.95 3.73 11.69
C ALA A 2 20.95 3.57 10.18
N SER A 3 21.24 2.36 9.69
CA SER A 3 21.27 2.11 8.26
C SER A 3 19.87 2.15 7.66
N MET A 4 18.86 1.85 8.46
CA MET A 4 17.46 1.95 8.07
C MET A 4 17.16 3.40 7.80
N GLN A 5 17.57 4.23 8.76
CA GLN A 5 17.37 5.67 8.67
C GLN A 5 18.14 6.24 7.49
N LYS A 6 19.36 5.76 7.24
CA LYS A 6 20.16 6.19 6.09
C LYS A 6 19.46 5.83 4.78
N ARG A 7 18.85 4.64 4.72
CA ARG A 7 18.07 4.27 3.56
C ARG A 7 16.90 5.22 3.40
N LEU A 8 16.26 5.60 4.49
CA LEU A 8 15.15 6.54 4.36
C LEU A 8 15.62 7.92 3.93
N GLN A 9 16.83 8.32 4.31
CA GLN A 9 17.37 9.58 3.85
C GLN A 9 17.53 9.52 2.34
N LYS A 10 18.00 8.37 1.84
CA LYS A 10 18.13 8.16 0.41
C LYS A 10 16.78 8.16 -0.28
N GLU A 11 15.76 7.60 0.37
CA GLU A 11 14.39 7.58 -0.17
C GLU A 11 13.83 8.98 -0.24
N LEU A 12 14.11 9.78 0.79
CA LEU A 12 13.69 11.17 0.86
C LEU A 12 14.31 11.94 -0.28
N LEU A 13 15.62 11.79 -0.47
CA LEU A 13 16.31 12.46 -1.54
C LEU A 13 15.78 12.06 -2.90
N ALA A 14 15.43 10.79 -3.09
CA ALA A 14 14.85 10.33 -4.34
C ALA A 14 13.50 11.02 -4.59
N LEU A 15 12.68 11.09 -3.55
CA LEU A 15 11.37 11.76 -3.63
C LEU A 15 11.52 13.24 -3.90
N GLN A 16 12.53 13.88 -3.31
CA GLN A 16 12.78 15.29 -3.54
C GLN A 16 13.29 15.58 -4.94
N ASN A 17 14.19 14.74 -5.44
CA ASN A 17 14.74 14.94 -6.78
C ASN A 17 13.74 14.64 -7.88
N ASP A 18 12.94 13.60 -7.71
CA ASP A 18 11.94 13.25 -8.70
C ASP A 18 10.80 12.48 -8.05
N PRO A 19 9.77 13.16 -7.52
CA PRO A 19 8.64 12.54 -6.85
C PRO A 19 7.73 11.82 -7.83
N PRO A 20 6.96 10.84 -7.37
CA PRO A 20 6.11 10.03 -8.20
C PRO A 20 4.90 10.76 -8.80
N PRO A 21 4.70 10.68 -10.12
CA PRO A 21 3.57 11.24 -10.84
C PRO A 21 2.23 10.81 -10.27
N GLY A 22 1.36 11.79 -10.05
CA GLY A 22 0.04 11.54 -9.48
C GLY A 22 0.05 11.66 -7.96
N MET A 23 1.23 11.79 -7.36
CA MET A 23 1.28 11.92 -5.91
C MET A 23 1.64 13.34 -5.46
N THR A 24 1.09 13.75 -4.31
CA THR A 24 1.39 15.06 -3.72
C THR A 24 1.89 14.84 -2.30
N LEU A 25 3.17 15.09 -2.07
CA LEU A 25 3.72 14.80 -0.75
C LEU A 25 3.39 15.92 0.23
N ASN A 26 2.84 15.53 1.38
CA ASN A 26 2.46 16.48 2.41
C ASN A 26 3.53 16.63 3.50
N GLU A 27 3.50 17.79 4.16
CA GLU A 27 4.42 18.14 5.23
C GLU A 27 4.37 17.18 6.41
N LYS A 28 5.56 16.79 6.87
CA LYS A 28 5.73 15.89 8.01
C LYS A 28 5.06 16.42 9.28
N SER A 29 4.29 15.56 9.95
CA SER A 29 3.66 15.95 11.21
C SER A 29 4.72 16.02 12.30
N VAL A 30 5.77 15.22 12.14
CA VAL A 30 6.93 15.23 13.01
C VAL A 30 8.14 15.40 12.11
N GLN A 31 8.76 16.56 12.19
CA GLN A 31 9.88 16.90 11.33
C GLN A 31 11.10 16.02 11.54
N ASN A 32 11.27 15.52 12.75
CA ASN A 32 12.40 14.66 13.08
C ASN A 32 12.10 13.17 12.97
N SER A 33 10.96 12.79 12.39
CA SER A 33 10.69 11.35 12.28
C SER A 33 10.41 10.97 10.84
N ILE A 34 11.49 10.68 10.11
CA ILE A 34 11.46 10.28 8.70
C ILE A 34 10.71 8.96 8.51
N THR A 35 10.71 8.14 9.57
CA THR A 35 9.96 6.91 9.71
C THR A 35 8.50 6.98 9.21
N GLN A 36 7.82 8.12 9.38
CA GLN A 36 6.42 8.14 8.98
C GLN A 36 5.99 9.39 8.20
N TRP A 37 5.24 9.19 7.11
CA TRP A 37 4.81 10.33 6.29
C TRP A 37 3.50 10.14 5.51
N ILE A 38 2.94 11.27 5.10
CA ILE A 38 1.64 11.33 4.42
C ILE A 38 1.70 11.91 3.01
N VAL A 39 1.01 11.25 2.09
CA VAL A 39 0.98 11.67 0.69
C VAL A 39 -0.36 11.43 0.01
N ASP A 40 -0.77 12.36 -0.86
CA ASP A 40 -2.03 12.23 -1.56
C ASP A 40 -1.84 11.58 -2.92
N MET A 41 -2.87 10.88 -3.39
CA MET A 41 -2.86 10.19 -4.67
C MET A 41 -4.06 10.56 -5.53
N GLU A 42 -3.84 10.95 -6.79
CA GLU A 42 -4.97 11.24 -7.66
C GLU A 42 -5.13 10.12 -8.68
N GLY A 43 -6.34 9.59 -8.82
CA GLY A 43 -6.55 8.50 -9.77
C GLY A 43 -6.32 8.91 -11.21
N ALA A 44 -5.76 7.97 -11.97
CA ALA A 44 -5.34 8.16 -13.35
C ALA A 44 -6.50 8.36 -14.36
N PRO A 45 -6.30 9.22 -15.38
CA PRO A 45 -7.24 9.47 -16.46
C PRO A 45 -7.66 8.22 -17.20
N GLY A 46 -8.97 8.09 -17.40
CA GLY A 46 -9.52 6.95 -18.10
C GLY A 46 -9.83 5.77 -17.17
N THR A 47 -9.51 5.89 -15.89
CA THR A 47 -9.79 4.78 -14.98
C THR A 47 -11.00 5.13 -14.14
N LEU A 48 -11.42 4.16 -13.35
CA LEU A 48 -12.57 4.29 -12.46
C LEU A 48 -12.31 5.28 -11.33
N TYR A 49 -11.05 5.69 -11.11
CA TYR A 49 -10.76 6.59 -10.02
C TYR A 49 -10.29 7.94 -10.57
N GLU A 50 -10.48 8.19 -11.87
CA GLU A 50 -10.03 9.43 -12.50
C GLU A 50 -10.40 10.72 -11.79
N GLY A 51 -9.38 11.37 -11.22
CA GLY A 51 -9.56 12.64 -10.53
C GLY A 51 -9.92 12.52 -9.06
N GLU A 52 -10.14 11.31 -8.58
CA GLU A 52 -10.49 11.09 -7.19
C GLU A 52 -9.23 11.13 -6.37
N LYS A 53 -9.27 11.73 -5.20
CA LYS A 53 -8.04 11.75 -4.43
C LYS A 53 -8.12 10.87 -3.19
N PHE A 54 -6.98 10.21 -2.96
CA PHE A 54 -6.81 9.24 -1.90
C PHE A 54 -5.64 9.68 -1.04
N GLN A 55 -5.49 9.12 0.16
CA GLN A 55 -4.36 9.52 0.96
C GLN A 55 -3.71 8.32 1.63
N LEU A 56 -2.39 8.25 1.53
CA LEU A 56 -1.67 7.15 2.13
C LEU A 56 -0.73 7.59 3.24
N LEU A 57 -0.65 6.71 4.23
CA LEU A 57 0.22 6.88 5.37
C LEU A 57 1.28 5.80 5.31
N PHE A 58 2.54 6.21 5.27
CA PHE A 58 3.64 5.28 5.19
C PHE A 58 4.42 5.23 6.49
N LYS A 59 4.77 4.03 6.92
CA LYS A 59 5.56 3.88 8.13
C LYS A 59 6.62 2.79 7.98
N PHE A 60 7.85 3.09 8.35
CA PHE A 60 8.89 2.09 8.15
C PHE A 60 9.31 1.35 9.41
N SER A 61 9.70 0.10 9.22
CA SER A 61 10.19 -0.76 10.29
C SER A 61 11.67 -0.53 10.48
N SER A 62 12.22 -1.05 11.57
CA SER A 62 13.66 -0.96 11.82
C SER A 62 14.44 -1.91 10.91
N ARG A 63 13.75 -2.95 10.44
CA ARG A 63 14.32 -3.92 9.51
C ARG A 63 14.38 -3.40 8.08
N TYR A 64 13.45 -2.52 7.72
CA TYR A 64 13.41 -1.90 6.40
C TYR A 64 14.80 -1.40 6.01
N PRO A 65 15.24 -1.59 4.76
CA PRO A 65 14.63 -2.22 3.60
C PRO A 65 14.46 -3.74 3.57
N PHE A 66 14.86 -4.48 4.62
CA PHE A 66 14.70 -5.93 4.65
C PHE A 66 13.22 -6.28 4.56
N ASP A 67 12.42 -5.68 5.44
CA ASP A 67 10.99 -5.82 5.40
C ASP A 67 10.37 -4.68 4.62
N SER A 68 9.14 -4.90 4.13
CA SER A 68 8.37 -3.94 3.36
C SER A 68 7.84 -2.80 4.21
N PRO A 69 7.51 -1.64 3.63
CA PRO A 69 6.94 -0.52 4.33
C PRO A 69 5.47 -0.73 4.69
N GLN A 70 5.02 -0.15 5.79
CA GLN A 70 3.63 -0.26 6.19
C GLN A 70 2.87 0.80 5.40
N VAL A 71 1.89 0.37 4.62
CA VAL A 71 1.14 1.34 3.85
C VAL A 71 -0.32 1.32 4.28
N MET A 72 -0.83 2.48 4.66
CA MET A 72 -2.18 2.57 5.15
C MET A 72 -3.07 3.61 4.45
N PHE A 73 -4.24 3.18 4.03
CA PHE A 73 -5.21 4.11 3.47
C PHE A 73 -5.80 4.93 4.61
N THR A 74 -5.83 6.24 4.44
CA THR A 74 -6.40 7.10 5.45
C THR A 74 -7.24 8.20 4.81
N GLY A 75 -8.27 8.61 5.52
CA GLY A 75 -9.21 9.61 5.02
C GLY A 75 -10.57 8.98 4.79
N GLU A 76 -11.53 9.78 4.33
CA GLU A 76 -12.89 9.28 4.10
C GLU A 76 -13.15 8.69 2.72
N ASN A 77 -12.41 9.13 1.70
CA ASN A 77 -12.64 8.66 0.33
C ASN A 77 -12.07 7.29 0.03
N ILE A 78 -12.62 6.25 0.64
CA ILE A 78 -12.14 4.89 0.47
C ILE A 78 -12.56 4.39 -0.90
N PRO A 79 -11.64 4.01 -1.80
CA PRO A 79 -12.02 3.51 -3.09
C PRO A 79 -12.61 2.12 -3.01
N VAL A 80 -13.62 1.86 -3.83
CA VAL A 80 -14.16 0.52 -3.85
C VAL A 80 -13.20 -0.21 -4.75
N HIS A 81 -12.49 -1.18 -4.19
CA HIS A 81 -11.47 -1.88 -4.95
C HIS A 81 -11.16 -3.22 -4.30
N PRO A 82 -10.97 -4.31 -5.04
CA PRO A 82 -10.65 -5.62 -4.52
C PRO A 82 -9.48 -5.68 -3.54
N HIS A 83 -8.51 -4.79 -3.69
CA HIS A 83 -7.35 -4.78 -2.81
C HIS A 83 -7.31 -3.61 -1.84
N VAL A 84 -8.36 -2.81 -1.74
CA VAL A 84 -8.30 -1.71 -0.78
C VAL A 84 -9.37 -1.94 0.27
N TYR A 85 -8.93 -2.04 1.52
CA TYR A 85 -9.86 -2.32 2.59
C TYR A 85 -10.17 -1.08 3.39
N SER A 86 -11.37 -1.07 3.98
CA SER A 86 -11.86 0.06 4.77
C SER A 86 -11.08 0.29 6.05
N ASN A 87 -10.33 -0.73 6.48
CA ASN A 87 -9.47 -0.62 7.65
C ASN A 87 -8.08 -0.09 7.31
N GLY A 88 -7.85 0.33 6.07
CA GLY A 88 -6.58 0.89 5.67
C GLY A 88 -5.67 -0.08 4.91
N HIS A 89 -5.98 -1.38 4.93
CA HIS A 89 -5.09 -2.33 4.28
C HIS A 89 -5.01 -2.17 2.76
N ILE A 90 -3.77 -2.18 2.27
CA ILE A 90 -3.47 -2.12 0.84
C ILE A 90 -2.90 -3.44 0.38
N CYS A 91 -3.65 -4.23 -0.38
CA CYS A 91 -3.09 -5.53 -0.76
C CYS A 91 -2.32 -5.48 -2.07
N LEU A 92 -1.08 -5.04 -1.91
CA LEU A 92 -0.08 -4.93 -2.96
C LEU A 92 0.91 -6.06 -2.78
N SER A 93 1.17 -6.85 -3.83
CA SER A 93 2.08 -8.00 -3.69
C SER A 93 3.48 -7.59 -3.25
N ILE A 94 3.90 -6.40 -3.64
CA ILE A 94 5.18 -5.80 -3.28
C ILE A 94 5.36 -5.66 -1.80
N LEU A 95 4.27 -5.49 -1.06
CA LEU A 95 4.37 -5.31 0.37
C LEU A 95 4.46 -6.65 1.11
N THR A 96 4.32 -7.76 0.37
CA THR A 96 4.39 -9.12 0.91
C THR A 96 5.33 -9.89 -0.03
N GLU A 97 4.77 -10.88 -0.73
CA GLU A 97 5.46 -11.79 -1.65
C GLU A 97 6.54 -11.21 -2.57
N ASP A 98 6.27 -10.08 -3.20
CA ASP A 98 7.21 -9.47 -4.14
C ASP A 98 8.15 -8.43 -3.52
N TRP A 99 8.15 -8.29 -2.20
CA TRP A 99 9.07 -7.32 -1.58
C TRP A 99 10.53 -7.65 -1.78
N SER A 100 11.26 -6.63 -2.19
CA SER A 100 12.70 -6.67 -2.37
C SER A 100 13.28 -5.33 -1.95
N PRO A 101 14.40 -5.30 -1.20
CA PRO A 101 15.13 -4.12 -0.82
C PRO A 101 15.52 -3.23 -2.01
N ALA A 102 15.58 -3.80 -3.21
CA ALA A 102 15.87 -3.08 -4.44
C ALA A 102 14.73 -2.14 -4.84
N LEU A 103 13.53 -2.37 -4.31
CA LEU A 103 12.36 -1.55 -4.60
C LEU A 103 12.36 -0.35 -3.68
N SER A 104 11.85 0.78 -4.18
CA SER A 104 11.78 2.01 -3.39
C SER A 104 10.38 2.23 -2.82
N VAL A 105 10.25 3.17 -1.89
CA VAL A 105 8.92 3.46 -1.36
C VAL A 105 8.12 4.18 -2.45
N GLN A 106 8.85 4.89 -3.32
CA GLN A 106 8.29 5.57 -4.47
C GLN A 106 7.72 4.53 -5.43
N SER A 107 8.45 3.42 -5.60
CA SER A 107 8.02 2.29 -6.42
C SER A 107 6.67 1.81 -5.90
N VAL A 108 6.54 1.71 -4.57
CA VAL A 108 5.31 1.31 -3.91
C VAL A 108 4.17 2.30 -4.17
N CYS A 109 4.43 3.60 -4.08
CA CYS A 109 3.39 4.60 -4.35
C CYS A 109 2.83 4.48 -5.76
N LEU A 110 3.74 4.36 -6.73
CA LEU A 110 3.39 4.23 -8.12
C LEU A 110 2.70 2.91 -8.42
N SER A 111 3.11 1.85 -7.70
CA SER A 111 2.50 0.54 -7.84
C SER A 111 1.05 0.58 -7.38
N ILE A 112 0.79 1.29 -6.28
CA ILE A 112 -0.57 1.44 -5.76
C ILE A 112 -1.41 2.20 -6.78
N ILE A 113 -0.84 3.22 -7.42
CA ILE A 113 -1.57 3.88 -8.49
C ILE A 113 -1.94 2.88 -9.58
N SER A 114 -1.02 2.00 -9.98
CA SER A 114 -1.36 1.03 -11.00
C SER A 114 -2.38 0.01 -10.50
N MET A 115 -2.46 -0.21 -9.17
CA MET A 115 -3.50 -1.06 -8.60
C MET A 115 -4.85 -0.43 -8.90
N LEU A 116 -4.95 0.88 -8.67
CA LEU A 116 -6.19 1.57 -8.98
C LEU A 116 -6.46 1.57 -10.49
N SER A 117 -5.43 1.71 -11.33
CA SER A 117 -5.69 1.67 -12.76
C SER A 117 -6.02 0.28 -13.29
N SER A 118 -5.58 -0.77 -12.60
CA SER A 118 -5.90 -2.13 -13.02
C SER A 118 -6.59 -2.92 -11.91
N CYS A 119 -7.91 -2.80 -11.89
CA CYS A 119 -8.78 -3.46 -10.94
C CYS A 119 -8.77 -4.96 -11.13
N LYS A 120 -8.62 -5.69 -10.02
CA LYS A 120 -8.59 -7.15 -10.06
C LYS A 120 -9.80 -7.75 -10.77
N GLU A 121 -9.51 -8.62 -11.73
CA GLU A 121 -10.51 -9.31 -12.52
C GLU A 121 -11.52 -9.99 -11.61
N LYS A 122 -12.80 -9.68 -11.83
CA LYS A 122 -13.90 -10.19 -11.03
C LYS A 122 -14.54 -11.45 -11.59
N ARG A 123 -13.95 -12.00 -12.65
CA ARG A 123 -14.44 -13.23 -13.27
C ARG A 123 -14.07 -14.41 -12.40
N ARG A 124 -15.09 -15.12 -11.93
CA ARG A 124 -14.90 -16.25 -11.05
C ARG A 124 -14.41 -17.50 -11.79
N PRO A 125 -13.46 -18.25 -11.23
CA PRO A 125 -13.00 -19.51 -11.76
C PRO A 125 -14.12 -20.54 -11.88
N PRO A 126 -14.07 -21.45 -12.86
CA PRO A 126 -15.05 -22.51 -13.05
C PRO A 126 -15.34 -23.35 -11.81
N ASP A 127 -14.31 -23.56 -11.00
CA ASP A 127 -14.43 -24.33 -9.77
C ASP A 127 -14.38 -23.45 -8.52
N ASN A 128 -14.66 -22.16 -8.64
CA ASN A 128 -14.63 -21.27 -7.49
C ASN A 128 -15.60 -21.71 -6.40
N SER A 129 -16.83 -22.07 -6.80
CA SER A 129 -17.85 -22.54 -5.86
C SER A 129 -17.40 -23.82 -5.16
N PHE A 130 -16.74 -24.70 -5.91
CA PHE A 130 -16.15 -25.92 -5.39
C PHE A 130 -15.18 -25.61 -4.27
N TYR A 131 -14.26 -24.69 -4.53
CA TYR A 131 -13.27 -24.34 -3.52
C TYR A 131 -13.91 -23.67 -2.31
N VAL A 132 -15.01 -22.92 -2.51
CA VAL A 132 -15.75 -22.40 -1.37
C VAL A 132 -16.33 -23.54 -0.56
N ARG A 133 -16.90 -24.53 -1.22
CA ARG A 133 -17.48 -25.69 -0.54
C ARG A 133 -16.44 -26.54 0.20
N THR A 134 -15.20 -26.56 -0.29
CA THR A 134 -14.14 -27.29 0.41
C THR A 134 -13.45 -26.44 1.49
N CYS A 135 -13.80 -25.16 1.61
CA CYS A 135 -13.18 -24.30 2.60
C CYS A 135 -13.91 -24.45 3.92
N ASN A 136 -13.17 -24.76 4.98
CA ASN A 136 -13.76 -24.96 6.30
C ASN A 136 -14.32 -23.70 6.93
N LYS A 137 -13.78 -22.54 6.56
CA LYS A 137 -14.26 -21.27 7.08
C LYS A 137 -15.05 -20.52 6.02
N ASN A 138 -15.86 -19.56 6.45
CA ASN A 138 -16.64 -18.79 5.48
C ASN A 138 -15.73 -17.78 4.80
N PRO A 139 -15.79 -17.62 3.46
CA PRO A 139 -15.02 -16.63 2.73
C PRO A 139 -15.31 -15.23 3.21
N LYS A 140 -14.28 -14.39 3.27
CA LYS A 140 -14.40 -13.01 3.73
C LYS A 140 -15.21 -12.09 2.82
N LYS A 141 -16.53 -12.27 2.86
CA LYS A 141 -17.47 -11.51 2.05
C LYS A 141 -18.26 -10.45 2.81
N THR A 142 -17.91 -10.19 4.07
CA THR A 142 -18.65 -9.20 4.86
C THR A 142 -17.81 -8.56 5.96
N LYS A 143 -18.50 -7.86 6.85
CA LYS A 143 -17.87 -7.22 8.00
C LYS A 143 -17.69 -8.26 9.09
N TRP A 144 -16.47 -8.40 9.60
CA TRP A 144 -16.22 -9.41 10.61
C TRP A 144 -15.82 -8.80 11.93
N TRP A 145 -16.25 -9.44 13.02
CA TRP A 145 -15.88 -9.01 14.36
C TRP A 145 -14.44 -9.41 14.67
N TYR A 146 -13.97 -10.43 13.95
CA TYR A 146 -12.63 -10.97 14.10
C TYR A 146 -11.59 -10.08 13.47
N HIS A 147 -10.51 -9.87 14.20
CA HIS A 147 -9.41 -9.06 13.72
C HIS A 147 -8.26 -9.96 13.30
N ASP A 148 -8.10 -10.10 12.00
CA ASP A 148 -7.06 -10.96 11.44
C ASP A 148 -5.72 -10.25 11.32
N ASP A 149 -4.90 -10.42 12.34
CA ASP A 149 -3.58 -9.80 12.44
C ASP A 149 -2.53 -10.34 11.48
N THR A 150 -2.83 -11.43 10.77
CA THR A 150 -1.87 -12.00 9.83
C THR A 150 -2.10 -11.43 8.44
N CYS A 151 -3.20 -10.70 8.23
CA CYS A 151 -3.51 -10.14 6.93
C CYS A 151 -2.64 -8.94 6.57
N MET A 1 19.93 -3.09 11.21
CA MET A 1 18.88 -2.11 11.51
C MET A 1 19.15 -0.70 10.99
N ALA A 2 20.19 -0.05 11.51
CA ALA A 2 20.50 1.34 11.19
C ALA A 2 20.70 1.60 9.71
N SER A 3 21.34 0.69 8.96
CA SER A 3 21.53 0.90 7.53
C SER A 3 20.23 0.82 6.72
N MET A 4 19.21 0.17 7.29
CA MET A 4 17.92 0.02 6.64
C MET A 4 17.18 1.33 6.89
N GLN A 5 17.39 1.86 8.09
CA GLN A 5 16.82 3.15 8.47
C GLN A 5 17.44 4.24 7.61
N LYS A 6 18.74 4.14 7.34
CA LYS A 6 19.43 5.07 6.46
C LYS A 6 18.87 4.98 5.05
N ARG A 7 18.57 3.78 4.56
CA ARG A 7 17.92 3.66 3.26
C ARG A 7 16.57 4.37 3.23
N LEU A 8 15.78 4.21 4.29
CA LEU A 8 14.50 4.89 4.39
C LEU A 8 14.71 6.40 4.29
N GLN A 9 15.71 6.91 5.01
CA GLN A 9 16.07 8.33 4.98
C GLN A 9 16.51 8.78 3.58
N LYS A 10 17.21 7.91 2.85
CA LYS A 10 17.58 8.24 1.49
C LYS A 10 16.34 8.39 0.62
N GLU A 11 15.35 7.51 0.82
CA GLU A 11 14.10 7.57 0.07
C GLU A 11 13.31 8.82 0.46
N LEU A 12 13.37 9.21 1.73
CA LEU A 12 12.74 10.43 2.24
C LEU A 12 13.23 11.62 1.46
N LEU A 13 14.55 11.73 1.41
CA LEU A 13 15.21 12.83 0.73
C LEU A 13 14.95 12.79 -0.76
N ALA A 14 14.89 11.60 -1.37
CA ALA A 14 14.60 11.48 -2.79
C ALA A 14 13.22 12.04 -3.12
N LEU A 15 12.22 11.67 -2.32
CA LEU A 15 10.87 12.15 -2.54
C LEU A 15 10.74 13.65 -2.28
N GLN A 16 11.46 14.15 -1.28
CA GLN A 16 11.44 15.57 -0.99
C GLN A 16 12.14 16.41 -2.06
N ASN A 17 13.27 15.92 -2.55
CA ASN A 17 14.01 16.64 -3.59
C ASN A 17 13.32 16.62 -4.94
N ASP A 18 12.67 15.52 -5.29
CA ASP A 18 11.96 15.48 -6.56
C ASP A 18 10.79 14.51 -6.52
N PRO A 19 9.59 14.98 -6.15
CA PRO A 19 8.39 14.19 -6.12
C PRO A 19 8.06 13.59 -7.49
N PRO A 20 7.64 12.32 -7.56
CA PRO A 20 7.29 11.63 -8.79
C PRO A 20 5.96 12.09 -9.40
N PRO A 21 5.73 11.86 -10.69
CA PRO A 21 4.55 12.30 -11.41
C PRO A 21 3.21 11.98 -10.77
N GLY A 22 2.50 13.03 -10.37
CA GLY A 22 1.17 12.93 -9.76
C GLY A 22 1.19 12.55 -8.28
N MET A 23 2.37 12.43 -7.68
CA MET A 23 2.49 12.03 -6.28
C MET A 23 3.42 12.94 -5.48
N THR A 24 2.97 13.36 -4.30
CA THR A 24 3.82 14.24 -3.49
C THR A 24 3.90 13.78 -2.04
N LEU A 25 5.13 13.63 -1.55
CA LEU A 25 5.28 13.26 -0.16
C LEU A 25 4.87 14.47 0.67
N ASN A 26 3.80 14.31 1.43
CA ASN A 26 3.29 15.36 2.28
C ASN A 26 3.69 15.00 3.71
N GLU A 27 4.99 14.98 3.95
CA GLU A 27 5.49 14.54 5.25
C GLU A 27 6.78 15.22 5.67
N LYS A 28 6.80 15.67 6.92
CA LYS A 28 7.96 16.34 7.49
C LYS A 28 8.54 15.51 8.63
N SER A 29 9.85 15.63 8.82
CA SER A 29 10.56 14.92 9.88
C SER A 29 10.15 15.44 11.25
N VAL A 30 10.02 14.53 12.21
CA VAL A 30 9.63 14.92 13.56
C VAL A 30 10.66 14.46 14.58
N GLN A 31 10.63 15.11 15.75
CA GLN A 31 11.56 14.86 16.84
C GLN A 31 11.42 13.49 17.48
N ASN A 32 10.31 12.80 17.22
CA ASN A 32 10.08 11.48 17.77
C ASN A 32 10.46 10.35 16.80
N SER A 33 11.00 10.68 15.63
CA SER A 33 11.41 9.69 14.62
C SER A 33 10.31 8.66 14.31
N ILE A 34 9.13 9.16 13.96
CA ILE A 34 7.98 8.30 13.71
C ILE A 34 7.83 7.88 12.26
N THR A 35 8.00 6.58 12.01
CA THR A 35 7.89 6.01 10.66
C THR A 35 6.46 5.87 10.14
N GLN A 36 5.83 7.00 9.87
CA GLN A 36 4.46 7.09 9.36
C GLN A 36 4.39 8.21 8.33
N TRP A 37 4.54 7.88 7.05
CA TRP A 37 4.57 8.94 6.04
C TRP A 37 3.28 9.13 5.27
N ILE A 38 2.92 10.39 5.09
CA ILE A 38 1.75 10.74 4.31
C ILE A 38 2.07 11.16 2.88
N VAL A 39 1.46 10.50 1.90
CA VAL A 39 1.65 10.82 0.48
C VAL A 39 0.35 11.20 -0.19
N ASP A 40 0.32 12.36 -0.83
CA ASP A 40 -0.91 12.77 -1.51
C ASP A 40 -0.76 12.49 -3.01
N MET A 41 -1.85 12.10 -3.68
CA MET A 41 -1.67 11.89 -5.11
C MET A 41 -2.95 12.08 -5.94
N GLU A 42 -2.76 12.31 -7.23
CA GLU A 42 -3.85 12.54 -8.16
C GLU A 42 -4.09 11.35 -9.09
N GLY A 43 -5.35 10.97 -9.27
CA GLY A 43 -5.69 9.88 -10.16
C GLY A 43 -5.18 10.13 -11.58
N ALA A 44 -4.64 9.06 -12.16
CA ALA A 44 -3.99 9.07 -13.47
C ALA A 44 -4.93 9.37 -14.65
N PRO A 45 -4.45 10.13 -15.65
CA PRO A 45 -5.17 10.47 -16.87
C PRO A 45 -5.72 9.28 -17.61
N GLY A 46 -7.02 9.36 -17.95
CA GLY A 46 -7.69 8.31 -18.68
C GLY A 46 -8.34 7.26 -17.79
N THR A 47 -8.07 7.28 -16.47
CA THR A 47 -8.68 6.30 -15.60
C THR A 47 -10.03 6.76 -15.10
N LEU A 48 -10.76 5.82 -14.50
CA LEU A 48 -12.08 6.08 -13.96
C LEU A 48 -12.05 7.03 -12.76
N TYR A 49 -10.90 7.12 -12.12
CA TYR A 49 -10.69 8.00 -10.99
C TYR A 49 -9.76 9.16 -11.31
N GLU A 50 -9.60 9.51 -12.60
CA GLU A 50 -8.78 10.63 -13.02
C GLU A 50 -9.08 11.93 -12.29
N GLY A 51 -8.06 12.52 -11.68
CA GLY A 51 -8.25 13.77 -10.95
C GLY A 51 -8.62 13.59 -9.48
N GLU A 52 -8.92 12.36 -9.05
CA GLU A 52 -9.29 12.12 -7.66
C GLU A 52 -8.12 12.24 -6.72
N LYS A 53 -8.31 12.93 -5.60
CA LYS A 53 -7.23 13.04 -4.64
C LYS A 53 -7.22 11.86 -3.69
N PHE A 54 -6.06 11.23 -3.58
CA PHE A 54 -5.86 10.09 -2.71
C PHE A 54 -4.80 10.41 -1.67
N GLN A 55 -4.84 9.68 -0.56
CA GLN A 55 -3.84 9.89 0.48
C GLN A 55 -3.40 8.57 1.07
N LEU A 56 -2.10 8.31 1.01
CA LEU A 56 -1.52 7.08 1.50
C LEU A 56 -0.73 7.26 2.80
N LEU A 57 -0.85 6.29 3.69
CA LEU A 57 -0.08 6.29 4.92
C LEU A 57 0.85 5.09 4.91
N PHE A 58 2.15 5.35 4.98
CA PHE A 58 3.17 4.32 4.99
C PHE A 58 3.85 4.08 6.33
N LYS A 59 3.75 2.87 6.85
CA LYS A 59 4.41 2.60 8.12
C LYS A 59 5.66 1.78 7.87
N PHE A 60 6.75 2.12 8.55
CA PHE A 60 7.99 1.40 8.28
C PHE A 60 8.62 0.79 9.52
N SER A 61 9.32 -0.33 9.31
CA SER A 61 10.00 -1.02 10.39
C SER A 61 11.50 -0.77 10.33
N SER A 62 12.20 -1.37 11.30
CA SER A 62 13.64 -1.30 11.38
C SER A 62 14.33 -2.21 10.36
N ARG A 63 13.56 -3.08 9.69
CA ARG A 63 14.14 -3.94 8.67
C ARG A 63 13.81 -3.40 7.28
N TYR A 64 12.71 -2.65 7.14
CA TYR A 64 12.37 -2.02 5.85
C TYR A 64 13.60 -1.30 5.30
N PRO A 65 13.99 -1.47 4.04
CA PRO A 65 13.41 -2.19 2.90
C PRO A 65 13.25 -3.71 2.90
N PHE A 66 13.81 -4.43 3.85
CA PHE A 66 13.61 -5.88 3.89
C PHE A 66 12.12 -6.20 4.07
N ASP A 67 11.52 -5.60 5.10
CA ASP A 67 10.10 -5.73 5.34
C ASP A 67 9.33 -4.86 4.36
N SER A 68 8.11 -5.25 4.00
CA SER A 68 7.29 -4.39 3.15
C SER A 68 6.72 -3.29 4.03
N PRO A 69 6.36 -2.12 3.49
CA PRO A 69 5.74 -1.05 4.24
C PRO A 69 4.25 -1.34 4.43
N GLN A 70 3.68 -0.91 5.53
CA GLN A 70 2.24 -1.13 5.69
C GLN A 70 1.59 0.06 5.03
N VAL A 71 0.79 -0.15 3.98
CA VAL A 71 0.27 1.05 3.35
C VAL A 71 -1.26 1.06 3.29
N MET A 72 -1.85 2.13 3.79
CA MET A 72 -3.31 2.26 3.80
C MET A 72 -3.80 3.65 3.34
N PHE A 73 -5.03 3.71 2.85
CA PHE A 73 -5.58 5.01 2.48
C PHE A 73 -6.12 5.69 3.72
N THR A 74 -5.88 7.00 3.81
CA THR A 74 -6.36 7.81 4.92
C THR A 74 -7.08 9.04 4.38
N GLY A 75 -7.65 9.83 5.28
CA GLY A 75 -8.39 11.02 4.88
C GLY A 75 -9.86 10.88 5.24
N GLU A 76 -10.67 11.82 4.74
CA GLU A 76 -12.11 11.85 5.01
C GLU A 76 -12.95 11.19 3.91
N ASN A 77 -12.30 10.56 2.94
CA ASN A 77 -13.00 9.91 1.85
C ASN A 77 -12.15 8.76 1.33
N ILE A 78 -12.46 7.55 1.80
CA ILE A 78 -11.71 6.37 1.40
C ILE A 78 -12.37 5.71 0.19
N PRO A 79 -11.64 5.47 -0.90
CA PRO A 79 -12.17 4.86 -2.11
C PRO A 79 -12.46 3.38 -1.91
N VAL A 80 -13.39 2.84 -2.70
CA VAL A 80 -13.71 1.42 -2.61
C VAL A 80 -13.54 0.76 -3.98
N HIS A 81 -12.69 -0.26 -4.01
CA HIS A 81 -12.34 -1.00 -5.21
C HIS A 81 -12.23 -2.48 -4.84
N PRO A 82 -12.13 -3.43 -5.78
CA PRO A 82 -11.92 -4.83 -5.46
C PRO A 82 -10.75 -5.09 -4.50
N HIS A 83 -9.72 -4.26 -4.56
CA HIS A 83 -8.55 -4.35 -3.69
C HIS A 83 -8.45 -3.18 -2.70
N VAL A 84 -9.48 -2.35 -2.60
CA VAL A 84 -9.41 -1.22 -1.68
C VAL A 84 -10.63 -1.21 -0.78
N TYR A 85 -10.37 -1.26 0.52
CA TYR A 85 -11.45 -1.34 1.47
C TYR A 85 -11.75 0.02 2.07
N SER A 86 -12.99 0.18 2.55
CA SER A 86 -13.48 1.43 3.12
C SER A 86 -12.76 1.85 4.41
N ASN A 87 -12.05 0.91 5.04
CA ASN A 87 -11.24 1.22 6.21
C ASN A 87 -9.81 1.61 5.84
N GLY A 88 -9.53 1.74 4.54
CA GLY A 88 -8.21 2.13 4.05
C GLY A 88 -7.34 0.97 3.61
N HIS A 89 -7.74 -0.28 3.85
CA HIS A 89 -6.86 -1.38 3.48
C HIS A 89 -6.60 -1.50 1.98
N ILE A 90 -5.32 -1.71 1.65
CA ILE A 90 -4.86 -1.87 0.27
C ILE A 90 -4.31 -3.25 -0.03
N CYS A 91 -5.04 -4.04 -0.81
CA CYS A 91 -4.63 -5.39 -1.17
C CYS A 91 -3.69 -5.41 -2.37
N LEU A 92 -2.50 -4.86 -2.17
CA LEU A 92 -1.46 -4.77 -3.17
C LEU A 92 -0.46 -5.91 -2.98
N SER A 93 -0.25 -6.71 -4.02
CA SER A 93 0.62 -7.88 -3.88
C SER A 93 2.06 -7.59 -3.54
N ILE A 94 2.60 -6.43 -3.93
CA ILE A 94 3.99 -6.17 -3.58
C ILE A 94 4.16 -5.80 -2.12
N LEU A 95 3.10 -5.76 -1.33
CA LEU A 95 3.29 -5.50 0.08
C LEU A 95 3.21 -6.83 0.82
N THR A 96 2.99 -7.92 0.08
CA THR A 96 2.85 -9.25 0.65
C THR A 96 3.73 -10.26 -0.08
N GLU A 97 3.27 -10.67 -1.26
CA GLU A 97 3.93 -11.73 -2.03
C GLU A 97 4.99 -11.30 -3.04
N ASP A 98 4.84 -10.12 -3.62
CA ASP A 98 5.78 -9.63 -4.62
C ASP A 98 6.78 -8.60 -4.10
N TRP A 99 6.88 -8.43 -2.78
CA TRP A 99 7.80 -7.46 -2.20
C TRP A 99 9.26 -7.83 -2.41
N SER A 100 10.04 -6.79 -2.69
CA SER A 100 11.47 -6.84 -2.89
C SER A 100 12.06 -5.58 -2.28
N PRO A 101 13.21 -5.66 -1.60
CA PRO A 101 13.88 -4.53 -0.98
C PRO A 101 14.44 -3.54 -2.00
N ALA A 102 14.44 -3.92 -3.28
CA ALA A 102 14.83 -3.03 -4.35
C ALA A 102 13.70 -2.03 -4.65
N LEU A 103 12.50 -2.29 -4.15
CA LEU A 103 11.36 -1.41 -4.35
C LEU A 103 11.40 -0.29 -3.33
N SER A 104 10.98 0.90 -3.77
CA SER A 104 10.92 2.10 -2.96
C SER A 104 9.51 2.50 -2.54
N VAL A 105 9.41 3.58 -1.75
CA VAL A 105 8.14 4.15 -1.33
C VAL A 105 7.39 4.60 -2.57
N GLN A 106 8.13 5.28 -3.44
CA GLN A 106 7.69 5.74 -4.74
C GLN A 106 7.12 4.60 -5.57
N SER A 107 7.89 3.50 -5.61
CA SER A 107 7.52 2.29 -6.35
C SER A 107 6.15 1.82 -5.90
N VAL A 108 5.93 1.81 -4.58
CA VAL A 108 4.66 1.40 -3.99
C VAL A 108 3.53 2.35 -4.31
N CYS A 109 3.76 3.66 -4.22
CA CYS A 109 2.69 4.62 -4.54
C CYS A 109 2.20 4.44 -5.96
N LEU A 110 3.16 4.30 -6.88
CA LEU A 110 2.86 4.09 -8.28
C LEU A 110 2.17 2.75 -8.49
N SER A 111 2.64 1.71 -7.80
CA SER A 111 2.04 0.38 -7.85
C SER A 111 0.59 0.43 -7.41
N ILE A 112 0.27 1.23 -6.38
CA ILE A 112 -1.10 1.44 -5.92
C ILE A 112 -1.90 2.11 -7.02
N ILE A 113 -1.35 3.12 -7.69
CA ILE A 113 -2.05 3.73 -8.80
C ILE A 113 -2.36 2.71 -9.89
N SER A 114 -1.37 1.87 -10.22
CA SER A 114 -1.55 0.81 -11.21
C SER A 114 -2.62 -0.18 -10.76
N MET A 115 -2.61 -0.53 -9.48
CA MET A 115 -3.59 -1.40 -8.84
C MET A 115 -4.98 -0.84 -9.01
N LEU A 116 -5.14 0.45 -8.69
CA LEU A 116 -6.42 1.14 -8.80
C LEU A 116 -6.94 1.10 -10.23
N SER A 117 -6.08 1.26 -11.24
CA SER A 117 -6.56 1.17 -12.61
C SER A 117 -6.81 -0.26 -13.07
N SER A 118 -6.12 -1.23 -12.47
CA SER A 118 -6.31 -2.63 -12.83
C SER A 118 -6.88 -3.50 -11.70
N CYS A 119 -7.82 -2.97 -10.93
CA CYS A 119 -8.39 -3.81 -9.88
C CYS A 119 -9.30 -4.88 -10.46
N LYS A 120 -9.24 -6.05 -9.85
CA LYS A 120 -10.02 -7.21 -10.26
C LYS A 120 -10.46 -8.01 -9.05
N GLU A 121 -11.74 -8.36 -9.01
CA GLU A 121 -12.29 -9.11 -7.89
C GLU A 121 -11.78 -10.54 -7.86
N LYS A 122 -11.64 -11.08 -6.65
CA LYS A 122 -11.16 -12.43 -6.48
C LYS A 122 -12.27 -13.45 -6.68
N ARG A 123 -11.89 -14.64 -7.14
CA ARG A 123 -12.80 -15.74 -7.41
C ARG A 123 -12.21 -17.06 -6.94
N ARG A 124 -13.09 -18.03 -6.68
CA ARG A 124 -12.67 -19.33 -6.21
C ARG A 124 -12.02 -20.17 -7.31
N PRO A 125 -11.02 -20.99 -6.99
CA PRO A 125 -10.35 -21.91 -7.89
C PRO A 125 -11.28 -22.92 -8.56
N PRO A 126 -10.93 -23.43 -9.75
CA PRO A 126 -11.67 -24.43 -10.47
C PRO A 126 -11.71 -25.76 -9.73
N ASP A 127 -10.72 -25.97 -8.86
CA ASP A 127 -10.66 -27.14 -8.00
C ASP A 127 -10.69 -26.67 -6.56
N ASN A 128 -11.89 -26.66 -6.00
CA ASN A 128 -12.04 -26.21 -4.64
C ASN A 128 -11.84 -27.32 -3.62
N SER A 129 -11.57 -28.55 -4.08
CA SER A 129 -11.30 -29.59 -3.10
C SER A 129 -9.85 -29.36 -2.69
N PHE A 130 -9.06 -28.92 -3.67
CA PHE A 130 -7.68 -28.53 -3.47
C PHE A 130 -7.61 -27.26 -2.65
N TYR A 131 -8.44 -26.27 -3.01
CA TYR A 131 -8.51 -25.03 -2.26
C TYR A 131 -8.76 -25.31 -0.78
N VAL A 132 -9.81 -26.08 -0.48
CA VAL A 132 -10.13 -26.45 0.89
C VAL A 132 -9.00 -27.24 1.53
N ARG A 133 -8.41 -28.20 0.82
CA ARG A 133 -7.27 -28.97 1.28
C ARG A 133 -6.16 -28.09 1.82
N THR A 134 -5.81 -27.03 1.08
CA THR A 134 -4.76 -26.16 1.58
C THR A 134 -5.28 -25.23 2.67
N CYS A 135 -6.56 -24.86 2.63
CA CYS A 135 -7.18 -24.04 3.67
C CYS A 135 -7.21 -24.76 5.01
N ASN A 136 -7.22 -26.09 4.99
CA ASN A 136 -7.15 -26.88 6.20
C ASN A 136 -5.76 -26.87 6.86
N LYS A 137 -4.74 -26.36 6.16
CA LYS A 137 -3.40 -26.28 6.70
C LYS A 137 -3.01 -24.83 6.98
N ASN A 138 -3.62 -23.91 6.25
CA ASN A 138 -3.38 -22.48 6.39
C ASN A 138 -4.27 -21.82 7.46
N PRO A 139 -3.85 -20.69 8.03
CA PRO A 139 -4.63 -19.94 8.97
C PRO A 139 -5.78 -19.25 8.26
N LYS A 140 -6.83 -18.91 9.00
CA LYS A 140 -8.00 -18.27 8.39
C LYS A 140 -8.07 -16.78 8.64
N LYS A 141 -6.91 -16.15 8.82
CA LYS A 141 -6.77 -14.73 9.05
C LYS A 141 -7.28 -13.90 7.89
N THR A 142 -7.22 -14.47 6.68
CA THR A 142 -7.69 -13.82 5.47
C THR A 142 -9.21 -13.95 5.32
N LYS A 143 -9.85 -14.74 6.19
CA LYS A 143 -11.29 -14.91 6.19
C LYS A 143 -11.82 -13.97 7.25
N TRP A 144 -11.07 -13.84 8.36
CA TRP A 144 -11.43 -12.89 9.40
C TRP A 144 -10.26 -12.60 10.33
N TRP A 145 -10.09 -11.32 10.63
CA TRP A 145 -9.04 -10.85 11.52
C TRP A 145 -9.65 -10.56 12.88
N TYR A 146 -8.90 -10.85 13.95
CA TYR A 146 -9.45 -10.59 15.27
C TYR A 146 -9.72 -9.11 15.49
N HIS A 147 -10.96 -8.83 15.89
CA HIS A 147 -11.42 -7.47 16.14
C HIS A 147 -10.69 -6.81 17.29
N ASP A 148 -9.97 -5.74 16.97
CA ASP A 148 -9.20 -4.94 17.91
C ASP A 148 -9.79 -3.55 18.11
N ASP A 149 -11.12 -3.46 18.25
CA ASP A 149 -11.81 -2.16 18.34
C ASP A 149 -11.59 -1.39 17.05
N THR A 150 -11.73 -2.12 15.93
CA THR A 150 -11.53 -1.60 14.59
C THR A 150 -12.84 -1.20 13.90
N CYS A 151 -13.97 -1.64 14.44
CA CYS A 151 -15.27 -1.31 13.86
C CYS A 151 -16.40 -1.39 14.88
N MET A 1 28.02 4.17 6.81
CA MET A 1 26.76 3.53 6.43
C MET A 1 25.56 4.35 6.87
N ALA A 2 24.65 4.62 5.93
CA ALA A 2 23.44 5.38 6.23
C ALA A 2 22.49 4.57 7.09
N SER A 3 21.83 5.27 8.01
CA SER A 3 20.83 4.70 8.89
C SER A 3 19.53 4.56 8.12
N MET A 4 18.55 3.89 8.70
CA MET A 4 17.23 3.69 8.09
C MET A 4 16.65 5.03 7.65
N GLN A 5 16.69 5.98 8.58
CA GLN A 5 16.21 7.33 8.32
C GLN A 5 17.02 8.03 7.24
N LYS A 6 18.35 7.89 7.27
CA LYS A 6 19.17 8.54 6.26
C LYS A 6 18.95 7.96 4.88
N ARG A 7 18.69 6.65 4.79
CA ARG A 7 18.41 6.00 3.53
C ARG A 7 17.12 6.57 2.95
N LEU A 8 16.11 6.77 3.79
CA LEU A 8 14.86 7.38 3.36
C LEU A 8 15.04 8.84 2.98
N GLN A 9 15.93 9.56 3.66
CA GLN A 9 16.21 10.95 3.29
C GLN A 9 16.82 11.00 1.90
N LYS A 10 17.74 10.07 1.61
CA LYS A 10 18.35 10.00 0.30
C LYS A 10 17.31 9.66 -0.76
N GLU A 11 16.38 8.78 -0.43
CA GLU A 11 15.29 8.44 -1.33
C GLU A 11 14.47 9.70 -1.62
N LEU A 12 14.14 10.49 -0.59
CA LEU A 12 13.42 11.74 -0.80
C LEU A 12 14.19 12.71 -1.68
N LEU A 13 15.52 12.78 -1.54
CA LEU A 13 16.30 13.65 -2.41
C LEU A 13 16.19 13.21 -3.87
N ALA A 14 16.20 11.89 -4.11
CA ALA A 14 16.02 11.35 -5.45
C ALA A 14 14.64 11.70 -5.99
N LEU A 15 13.63 11.64 -5.12
CA LEU A 15 12.25 11.97 -5.44
C LEU A 15 12.08 13.46 -5.72
N GLN A 16 12.87 14.31 -5.07
CA GLN A 16 12.84 15.73 -5.37
C GLN A 16 13.44 15.94 -6.76
N ASN A 17 14.50 15.19 -7.08
CA ASN A 17 15.10 15.27 -8.40
C ASN A 17 14.19 14.69 -9.49
N ASP A 18 13.37 13.69 -9.15
CA ASP A 18 12.43 13.14 -10.12
C ASP A 18 11.17 12.57 -9.45
N PRO A 19 10.15 13.40 -9.19
CA PRO A 19 8.86 13.02 -8.63
C PRO A 19 8.11 11.98 -9.47
N PRO A 20 7.42 11.01 -8.86
CA PRO A 20 6.66 10.01 -9.56
C PRO A 20 5.36 10.52 -10.20
N PRO A 21 4.92 9.91 -11.32
CA PRO A 21 3.70 10.25 -12.03
C PRO A 21 2.44 10.27 -11.19
N GLY A 22 1.84 11.45 -11.04
CA GLY A 22 0.59 11.60 -10.30
C GLY A 22 0.80 11.42 -8.80
N MET A 23 2.02 11.62 -8.31
CA MET A 23 2.19 11.37 -6.89
C MET A 23 3.24 12.16 -6.11
N THR A 24 2.85 12.55 -4.89
CA THR A 24 3.78 13.23 -4.00
C THR A 24 4.12 12.33 -2.83
N LEU A 25 5.41 12.06 -2.70
CA LEU A 25 5.92 11.25 -1.59
C LEU A 25 6.55 12.25 -0.63
N ASN A 26 6.35 12.09 0.66
CA ASN A 26 6.88 13.09 1.59
C ASN A 26 6.78 12.69 3.06
N GLU A 27 7.91 12.76 3.76
CA GLU A 27 7.92 12.42 5.17
C GLU A 27 7.19 13.43 6.01
N LYS A 28 6.33 12.92 6.90
CA LYS A 28 5.56 13.78 7.80
C LYS A 28 6.10 13.75 9.22
N SER A 29 6.55 14.90 9.70
CA SER A 29 7.01 14.96 11.08
C SER A 29 5.80 14.80 11.99
N VAL A 30 5.92 13.92 12.98
CA VAL A 30 4.82 13.69 13.92
C VAL A 30 5.29 13.84 15.34
N GLN A 31 4.35 14.02 16.26
CA GLN A 31 4.62 14.22 17.68
C GLN A 31 5.23 13.02 18.39
N ASN A 32 5.17 11.84 17.77
CA ASN A 32 5.73 10.64 18.35
C ASN A 32 7.13 10.35 17.80
N SER A 33 7.69 11.23 16.96
CA SER A 33 9.01 11.04 16.35
C SER A 33 9.16 9.71 15.61
N ILE A 34 8.11 9.27 14.94
CA ILE A 34 8.12 8.02 14.21
C ILE A 34 8.26 8.26 12.71
N THR A 35 9.32 7.72 12.13
CA THR A 35 9.51 7.80 10.68
C THR A 35 8.25 7.36 9.93
N GLN A 36 7.42 8.31 9.50
CA GLN A 36 6.23 8.01 8.71
C GLN A 36 6.10 8.94 7.51
N TRP A 37 5.68 8.40 6.36
CA TRP A 37 5.47 9.22 5.18
C TRP A 37 4.00 9.29 4.81
N ILE A 38 3.59 10.45 4.30
CA ILE A 38 2.23 10.63 3.81
C ILE A 38 2.29 10.79 2.30
N VAL A 39 1.49 9.97 1.63
CA VAL A 39 1.48 9.95 0.18
C VAL A 39 0.20 10.44 -0.46
N ASP A 40 0.37 11.39 -1.39
CA ASP A 40 -0.75 11.96 -2.12
C ASP A 40 -0.82 11.37 -3.53
N MET A 41 -1.92 10.70 -3.86
CA MET A 41 -2.00 10.12 -5.21
C MET A 41 -3.13 10.73 -6.01
N GLU A 42 -2.91 10.87 -7.31
CA GLU A 42 -3.92 11.38 -8.23
C GLU A 42 -4.58 10.26 -9.02
N GLY A 43 -5.91 10.15 -8.92
CA GLY A 43 -6.68 9.18 -9.67
C GLY A 43 -6.48 9.33 -11.17
N ALA A 44 -5.94 8.26 -11.76
CA ALA A 44 -5.61 8.17 -13.18
C ALA A 44 -6.80 8.47 -14.10
N PRO A 45 -6.58 9.25 -15.17
CA PRO A 45 -7.61 9.66 -16.08
C PRO A 45 -8.13 8.50 -16.91
N GLY A 46 -9.44 8.51 -17.10
CA GLY A 46 -10.10 7.46 -17.84
C GLY A 46 -10.54 6.31 -16.92
N THR A 47 -10.17 6.36 -15.64
CA THR A 47 -10.57 5.29 -14.73
C THR A 47 -11.71 5.75 -13.86
N LEU A 48 -12.21 4.82 -13.07
CA LEU A 48 -13.30 5.05 -12.13
C LEU A 48 -12.92 6.00 -11.01
N TYR A 49 -11.62 6.25 -10.83
CA TYR A 49 -11.17 7.12 -9.76
C TYR A 49 -10.59 8.42 -10.28
N GLU A 50 -10.80 8.74 -11.57
CA GLU A 50 -10.22 9.95 -12.14
C GLU A 50 -10.45 11.25 -11.38
N GLY A 51 -9.32 11.89 -11.04
CA GLY A 51 -9.31 13.17 -10.33
C GLY A 51 -9.33 13.05 -8.81
N GLU A 52 -9.50 11.84 -8.28
CA GLU A 52 -9.57 11.65 -6.84
C GLU A 52 -8.23 11.75 -6.14
N LYS A 53 -8.21 12.47 -5.02
CA LYS A 53 -6.99 12.58 -4.23
C LYS A 53 -6.98 11.50 -3.16
N PHE A 54 -5.91 10.71 -3.12
CA PHE A 54 -5.82 9.67 -2.12
C PHE A 54 -4.75 10.02 -1.10
N GLN A 55 -4.94 9.58 0.14
CA GLN A 55 -3.96 9.83 1.20
C GLN A 55 -3.56 8.51 1.86
N LEU A 56 -2.26 8.23 1.82
CA LEU A 56 -1.73 6.99 2.39
C LEU A 56 -0.62 7.15 3.43
N LEU A 57 -0.56 6.18 4.33
CA LEU A 57 0.42 6.09 5.41
C LEU A 57 1.45 5.00 5.19
N PHE A 58 2.71 5.41 5.27
CA PHE A 58 3.87 4.54 5.20
C PHE A 58 4.67 4.62 6.51
N LYS A 59 4.50 3.63 7.37
CA LYS A 59 5.21 3.65 8.66
C LYS A 59 6.45 2.78 8.57
N PHE A 60 7.61 3.37 8.78
CA PHE A 60 8.82 2.59 8.59
C PHE A 60 9.38 2.09 9.91
N SER A 61 9.83 0.84 9.88
CA SER A 61 10.44 0.21 11.05
C SER A 61 11.90 0.55 11.10
N SER A 62 12.54 0.31 12.24
CA SER A 62 13.98 0.56 12.35
C SER A 62 14.78 -0.47 11.56
N ARG A 63 14.16 -1.63 11.33
CA ARG A 63 14.75 -2.70 10.55
C ARG A 63 14.72 -2.40 9.06
N TYR A 64 13.65 -1.75 8.60
CA TYR A 64 13.48 -1.27 7.21
C TYR A 64 14.82 -0.94 6.52
N PRO A 65 15.08 -1.50 5.34
CA PRO A 65 14.25 -2.37 4.53
C PRO A 65 14.38 -3.86 4.77
N PHE A 66 14.81 -4.28 5.95
CA PHE A 66 14.80 -5.70 6.24
C PHE A 66 13.33 -6.15 6.28
N ASP A 67 12.53 -5.45 7.08
CA ASP A 67 11.09 -5.69 7.17
C ASP A 67 10.26 -4.68 6.37
N SER A 68 9.10 -5.13 5.90
CA SER A 68 8.15 -4.33 5.16
C SER A 68 7.54 -3.25 6.05
N PRO A 69 7.39 -2.00 5.58
CA PRO A 69 6.78 -0.91 6.30
C PRO A 69 5.26 -1.08 6.37
N GLN A 70 4.59 -0.40 7.29
CA GLN A 70 3.14 -0.55 7.34
C GLN A 70 2.58 0.30 6.22
N VAL A 71 1.86 -0.34 5.31
CA VAL A 71 1.29 0.37 4.18
C VAL A 71 -0.22 0.35 4.20
N MET A 72 -0.83 1.53 4.23
CA MET A 72 -2.28 1.62 4.27
C MET A 72 -2.83 2.98 3.87
N PHE A 73 -4.12 3.04 3.57
CA PHE A 73 -4.76 4.32 3.29
C PHE A 73 -5.05 4.93 4.66
N THR A 74 -4.96 6.25 4.79
CA THR A 74 -5.19 6.86 6.08
C THR A 74 -5.92 8.19 6.03
N GLY A 75 -6.67 8.48 7.08
CA GLY A 75 -7.43 9.72 7.19
C GLY A 75 -8.93 9.45 7.21
N GLU A 76 -9.69 10.54 7.16
CA GLU A 76 -11.16 10.53 7.17
C GLU A 76 -11.83 10.00 5.91
N ASN A 77 -11.09 9.77 4.83
CA ASN A 77 -11.68 9.29 3.60
C ASN A 77 -10.90 8.14 3.00
N ILE A 78 -11.34 6.93 3.31
CA ILE A 78 -10.73 5.70 2.81
C ILE A 78 -11.53 5.30 1.57
N PRO A 79 -10.91 5.09 0.40
CA PRO A 79 -11.60 4.78 -0.83
C PRO A 79 -12.22 3.39 -0.93
N VAL A 80 -13.23 3.30 -1.81
CA VAL A 80 -13.91 2.05 -2.07
C VAL A 80 -13.27 1.42 -3.29
N HIS A 81 -12.79 0.21 -3.11
CA HIS A 81 -12.08 -0.53 -4.15
C HIS A 81 -12.07 -2.01 -3.76
N PRO A 82 -12.15 -2.97 -4.69
CA PRO A 82 -12.07 -4.38 -4.38
C PRO A 82 -10.89 -4.80 -3.51
N HIS A 83 -9.76 -4.09 -3.59
CA HIS A 83 -8.61 -4.39 -2.77
C HIS A 83 -8.39 -3.38 -1.62
N VAL A 84 -9.35 -2.50 -1.35
CA VAL A 84 -9.17 -1.55 -0.26
C VAL A 84 -10.28 -1.67 0.76
N TYR A 85 -9.89 -1.86 2.01
CA TYR A 85 -10.85 -2.02 3.09
C TYR A 85 -11.06 -0.70 3.79
N SER A 86 -12.19 -0.56 4.47
CA SER A 86 -12.60 0.68 5.14
C SER A 86 -11.66 1.14 6.25
N ASN A 87 -10.83 0.25 6.76
CA ASN A 87 -9.85 0.61 7.78
C ASN A 87 -8.49 0.96 7.17
N GLY A 88 -8.42 1.09 5.84
CA GLY A 88 -7.19 1.45 5.15
C GLY A 88 -6.40 0.26 4.63
N HIS A 89 -6.79 -0.97 4.97
CA HIS A 89 -6.02 -2.13 4.52
C HIS A 89 -5.99 -2.29 3.00
N ILE A 90 -4.79 -2.56 2.48
CA ILE A 90 -4.57 -2.73 1.05
C ILE A 90 -4.20 -4.17 0.71
N CYS A 91 -5.07 -4.85 -0.04
CA CYS A 91 -4.87 -6.25 -0.38
C CYS A 91 -3.90 -6.55 -1.53
N LEU A 92 -2.64 -6.19 -1.36
CA LEU A 92 -1.64 -6.50 -2.39
C LEU A 92 -0.54 -7.38 -1.83
N SER A 93 -0.11 -8.35 -2.65
CA SER A 93 0.92 -9.28 -2.22
C SER A 93 2.25 -8.59 -1.99
N ILE A 94 2.49 -7.51 -2.73
CA ILE A 94 3.72 -6.73 -2.66
C ILE A 94 3.94 -6.04 -1.35
N LEU A 95 2.98 -6.06 -0.43
CA LEU A 95 3.17 -5.43 0.86
C LEU A 95 3.61 -6.48 1.88
N THR A 96 3.34 -7.75 1.57
CA THR A 96 3.66 -8.88 2.44
C THR A 96 4.56 -9.85 1.68
N GLU A 97 3.95 -10.93 1.20
CA GLU A 97 4.57 -12.04 0.47
C GLU A 97 5.58 -11.68 -0.63
N ASP A 98 5.25 -10.71 -1.47
CA ASP A 98 6.12 -10.29 -2.55
C ASP A 98 6.92 -9.02 -2.24
N TRP A 99 6.84 -8.51 -1.00
CA TRP A 99 7.60 -7.32 -0.67
C TRP A 99 9.06 -7.71 -0.54
N SER A 100 9.95 -6.86 -1.01
CA SER A 100 11.36 -7.17 -0.88
C SER A 100 12.11 -5.86 -0.61
N PRO A 101 13.29 -5.90 0.03
CA PRO A 101 14.14 -4.77 0.34
C PRO A 101 14.49 -3.90 -0.87
N ALA A 102 14.54 -4.54 -2.04
CA ALA A 102 14.82 -3.93 -3.33
C ALA A 102 13.73 -2.94 -3.76
N LEU A 103 12.51 -3.06 -3.22
CA LEU A 103 11.45 -2.16 -3.62
C LEU A 103 11.62 -0.80 -2.96
N SER A 104 11.41 0.25 -3.75
CA SER A 104 11.46 1.62 -3.24
C SER A 104 10.07 1.96 -2.75
N VAL A 105 9.93 3.08 -2.04
CA VAL A 105 8.62 3.48 -1.55
C VAL A 105 7.82 3.81 -2.78
N GLN A 106 8.47 4.53 -3.69
CA GLN A 106 7.94 4.91 -4.99
C GLN A 106 7.42 3.70 -5.74
N SER A 107 8.22 2.63 -5.82
CA SER A 107 7.83 1.41 -6.52
C SER A 107 6.54 0.83 -5.95
N VAL A 108 6.46 0.78 -4.62
CA VAL A 108 5.28 0.27 -3.94
C VAL A 108 4.06 1.14 -4.15
N CYS A 109 4.25 2.45 -4.02
CA CYS A 109 3.18 3.40 -4.20
C CYS A 109 2.65 3.46 -5.63
N LEU A 110 3.54 3.38 -6.62
CA LEU A 110 3.12 3.37 -8.01
C LEU A 110 2.36 2.07 -8.30
N SER A 111 2.79 0.98 -7.66
CA SER A 111 2.08 -0.28 -7.80
C SER A 111 0.65 -0.14 -7.22
N ILE A 112 0.51 0.54 -6.08
CA ILE A 112 -0.79 0.83 -5.48
C ILE A 112 -1.61 1.69 -6.42
N ILE A 113 -1.00 2.67 -7.07
CA ILE A 113 -1.70 3.45 -8.07
C ILE A 113 -2.21 2.56 -9.20
N SER A 114 -1.41 1.60 -9.69
CA SER A 114 -1.92 0.73 -10.74
C SER A 114 -3.05 -0.16 -10.23
N MET A 115 -3.05 -0.49 -8.93
CA MET A 115 -4.14 -1.21 -8.29
C MET A 115 -5.41 -0.40 -8.41
N LEU A 116 -5.31 0.88 -8.04
CA LEU A 116 -6.41 1.82 -8.10
C LEU A 116 -6.90 2.02 -9.54
N SER A 117 -5.98 2.07 -10.51
CA SER A 117 -6.41 2.22 -11.90
C SER A 117 -6.99 0.93 -12.50
N SER A 118 -6.59 -0.23 -11.96
CA SER A 118 -7.12 -1.50 -12.43
C SER A 118 -8.05 -2.15 -11.43
N CYS A 119 -9.24 -1.56 -11.29
CA CYS A 119 -10.27 -2.03 -10.38
C CYS A 119 -10.75 -3.42 -10.81
N LYS A 120 -10.58 -4.41 -9.93
CA LYS A 120 -10.97 -5.77 -10.27
C LYS A 120 -11.52 -6.56 -9.09
N GLU A 121 -12.76 -7.03 -9.25
CA GLU A 121 -13.47 -7.82 -8.27
C GLU A 121 -13.14 -9.32 -8.42
N LYS A 122 -14.11 -10.20 -8.13
CA LYS A 122 -13.92 -11.64 -8.23
C LYS A 122 -15.14 -12.28 -8.89
N ARG A 123 -14.89 -13.19 -9.82
CA ARG A 123 -15.96 -13.86 -10.55
C ARG A 123 -15.73 -15.36 -10.61
N ARG A 124 -16.72 -16.07 -11.17
CA ARG A 124 -16.68 -17.51 -11.30
C ARG A 124 -15.51 -17.96 -12.18
N PRO A 125 -14.69 -18.91 -11.73
CA PRO A 125 -13.56 -19.42 -12.46
C PRO A 125 -13.98 -20.31 -13.62
N PRO A 126 -13.08 -20.61 -14.57
CA PRO A 126 -13.29 -21.47 -15.73
C PRO A 126 -13.88 -22.83 -15.36
N ASP A 127 -13.53 -23.33 -14.18
CA ASP A 127 -14.04 -24.57 -13.66
C ASP A 127 -14.16 -24.49 -12.15
N ASN A 128 -15.36 -24.14 -11.70
CA ASN A 128 -15.61 -24.06 -10.27
C ASN A 128 -15.79 -25.43 -9.63
N SER A 129 -15.88 -26.51 -10.42
CA SER A 129 -16.01 -27.81 -9.80
C SER A 129 -14.59 -28.21 -9.43
N PHE A 130 -13.61 -27.71 -10.19
CA PHE A 130 -12.19 -27.86 -9.91
C PHE A 130 -11.93 -27.18 -8.59
N TYR A 131 -12.45 -25.96 -8.45
CA TYR A 131 -12.35 -25.29 -7.16
C TYR A 131 -12.90 -26.16 -6.05
N VAL A 132 -14.07 -26.77 -6.22
CA VAL A 132 -14.59 -27.68 -5.19
C VAL A 132 -13.64 -28.84 -4.94
N ARG A 133 -13.10 -29.46 -6.00
CA ARG A 133 -12.17 -30.57 -5.88
C ARG A 133 -10.90 -30.15 -5.12
N THR A 134 -10.49 -28.90 -5.29
CA THR A 134 -9.34 -28.33 -4.59
C THR A 134 -9.75 -27.23 -3.60
N CYS A 135 -10.93 -27.36 -3.00
CA CYS A 135 -11.48 -26.41 -2.03
C CYS A 135 -10.54 -25.98 -0.90
N ASN A 136 -10.49 -24.67 -0.67
CA ASN A 136 -9.64 -24.10 0.35
C ASN A 136 -10.33 -24.21 1.70
N LYS A 137 -9.85 -25.13 2.52
CA LYS A 137 -10.42 -25.43 3.83
C LYS A 137 -9.78 -24.67 4.98
N ASN A 138 -8.89 -23.71 4.68
CA ASN A 138 -8.24 -22.93 5.71
C ASN A 138 -9.10 -21.70 6.01
N PRO A 139 -9.00 -21.11 7.21
CA PRO A 139 -9.78 -19.94 7.58
C PRO A 139 -9.33 -18.70 6.85
N LYS A 140 -10.30 -17.81 6.61
CA LYS A 140 -10.07 -16.58 5.88
C LYS A 140 -9.95 -15.35 6.77
N LYS A 141 -8.94 -14.53 6.52
CA LYS A 141 -8.77 -13.31 7.29
C LYS A 141 -9.65 -12.19 6.77
N THR A 142 -10.08 -11.34 7.68
CA THR A 142 -10.87 -10.17 7.35
C THR A 142 -9.91 -9.01 7.54
N LYS A 143 -10.38 -7.82 7.22
CA LYS A 143 -9.62 -6.59 7.36
C LYS A 143 -9.11 -6.30 8.76
N TRP A 144 -9.64 -6.96 9.80
CA TRP A 144 -9.15 -6.75 11.15
C TRP A 144 -8.31 -7.89 11.72
N TRP A 145 -8.04 -8.96 10.96
CA TRP A 145 -7.28 -10.07 11.57
C TRP A 145 -5.78 -9.85 11.62
N TYR A 146 -5.35 -8.97 12.50
CA TYR A 146 -3.94 -8.64 12.67
C TYR A 146 -3.32 -9.55 13.71
N HIS A 147 -3.21 -10.83 13.35
CA HIS A 147 -2.67 -11.83 14.25
C HIS A 147 -1.15 -11.89 14.20
N ASP A 148 -0.54 -12.27 15.31
CA ASP A 148 0.90 -12.35 15.34
C ASP A 148 1.38 -13.63 14.70
N ASP A 149 1.60 -13.54 13.40
CA ASP A 149 2.08 -14.64 12.58
C ASP A 149 3.60 -14.85 12.63
N THR A 150 4.31 -14.06 13.46
CA THR A 150 5.76 -14.20 13.55
C THR A 150 6.11 -15.03 14.78
N CYS A 151 5.21 -15.05 15.76
CA CYS A 151 5.40 -15.84 16.98
C CYS A 151 5.12 -17.32 16.76
N MET A 1 19.15 9.22 12.87
CA MET A 1 19.94 8.96 11.67
C MET A 1 20.34 7.50 11.51
N ALA A 2 19.34 6.61 11.54
CA ALA A 2 19.56 5.18 11.35
C ALA A 2 19.85 4.97 9.89
N SER A 3 20.56 3.89 9.52
CA SER A 3 20.84 3.63 8.12
C SER A 3 19.55 3.39 7.34
N MET A 4 18.54 2.89 8.05
CA MET A 4 17.17 2.70 7.60
C MET A 4 16.59 4.05 7.22
N GLN A 5 16.72 5.02 8.12
CA GLN A 5 16.23 6.37 7.90
C GLN A 5 17.03 7.02 6.77
N LYS A 6 18.33 6.80 6.71
CA LYS A 6 19.16 7.36 5.66
C LYS A 6 18.70 6.86 4.30
N ARG A 7 18.36 5.57 4.22
CA ARG A 7 17.77 5.00 3.01
C ARG A 7 16.52 5.74 2.62
N LEU A 8 15.62 5.96 3.58
CA LEU A 8 14.36 6.65 3.34
C LEU A 8 14.59 8.09 2.90
N GLN A 9 15.62 8.74 3.43
CA GLN A 9 15.98 10.09 3.02
C GLN A 9 16.40 10.06 1.56
N LYS A 10 17.17 9.05 1.17
CA LYS A 10 17.59 8.88 -0.21
C LYS A 10 16.42 8.55 -1.13
N GLU A 11 15.44 7.79 -0.62
CA GLU A 11 14.26 7.47 -1.41
C GLU A 11 13.51 8.77 -1.70
N LEU A 12 13.42 9.66 -0.69
CA LEU A 12 12.84 10.98 -0.84
C LEU A 12 13.61 11.83 -1.84
N LEU A 13 14.94 11.85 -1.74
CA LEU A 13 15.73 12.63 -2.67
C LEU A 13 15.54 12.19 -4.12
N ALA A 14 15.45 10.87 -4.33
CA ALA A 14 15.19 10.32 -5.66
C ALA A 14 13.82 10.78 -6.13
N LEU A 15 12.83 10.75 -5.24
CA LEU A 15 11.48 11.24 -5.48
C LEU A 15 11.49 12.69 -5.89
N GLN A 16 12.22 13.52 -5.17
CA GLN A 16 12.30 14.93 -5.50
C GLN A 16 12.85 15.11 -6.91
N ASN A 17 13.82 14.29 -7.31
CA ASN A 17 14.31 14.34 -8.67
C ASN A 17 13.28 13.83 -9.70
N ASP A 18 12.56 12.76 -9.37
CA ASP A 18 11.54 12.21 -10.26
C ASP A 18 10.45 11.46 -9.49
N PRO A 19 9.37 12.12 -9.05
CA PRO A 19 8.29 11.54 -8.28
C PRO A 19 7.30 10.69 -9.07
N PRO A 20 6.61 9.73 -8.43
CA PRO A 20 5.55 8.93 -9.03
C PRO A 20 4.41 9.84 -9.55
N PRO A 21 3.72 9.46 -10.63
CA PRO A 21 2.64 10.22 -11.25
C PRO A 21 1.52 10.68 -10.32
N GLY A 22 1.42 11.99 -10.13
CA GLY A 22 0.36 12.54 -9.28
C GLY A 22 0.62 12.30 -7.80
N MET A 23 1.88 12.08 -7.42
CA MET A 23 2.24 11.80 -6.02
C MET A 23 3.35 12.64 -5.40
N THR A 24 3.09 13.17 -4.19
CA THR A 24 4.10 13.93 -3.45
C THR A 24 4.38 13.28 -2.10
N LEU A 25 5.51 13.62 -1.48
CA LEU A 25 5.92 12.97 -0.23
C LEU A 25 6.61 13.85 0.81
N ASN A 26 6.16 13.75 2.07
CA ASN A 26 6.83 14.42 3.18
C ASN A 26 6.52 13.65 4.44
N GLU A 27 7.20 13.95 5.54
CA GLU A 27 6.97 13.22 6.78
C GLU A 27 6.06 13.96 7.75
N LYS A 28 5.51 13.24 8.73
CA LYS A 28 4.67 13.90 9.71
C LYS A 28 5.46 14.91 10.53
N SER A 29 4.99 16.16 10.51
CA SER A 29 5.63 17.29 11.21
C SER A 29 5.52 17.23 12.72
N VAL A 30 4.65 16.36 13.21
CA VAL A 30 4.42 16.15 14.63
C VAL A 30 5.21 14.96 15.17
N GLN A 31 5.89 14.22 14.29
CA GLN A 31 6.66 13.06 14.72
C GLN A 31 8.15 13.34 14.79
N ASN A 32 8.85 12.47 15.52
CA ASN A 32 10.29 12.54 15.68
C ASN A 32 11.04 11.62 14.72
N SER A 33 10.34 11.07 13.73
CA SER A 33 10.94 10.18 12.75
C SER A 33 10.23 10.17 11.41
N ILE A 34 11.06 10.20 10.38
CA ILE A 34 10.63 10.20 8.99
C ILE A 34 9.97 8.90 8.58
N THR A 35 10.01 7.85 9.42
CA THR A 35 9.37 6.59 9.11
C THR A 35 7.85 6.71 9.04
N GLN A 36 7.30 7.80 9.60
CA GLN A 36 5.88 8.12 9.48
C GLN A 36 5.70 9.02 8.26
N TRP A 37 5.50 8.42 7.07
CA TRP A 37 5.40 9.25 5.87
C TRP A 37 3.98 9.54 5.43
N ILE A 38 3.84 10.75 4.90
CA ILE A 38 2.62 11.32 4.33
C ILE A 38 2.68 11.41 2.82
N VAL A 39 1.76 10.72 2.15
CA VAL A 39 1.72 10.78 0.70
C VAL A 39 0.47 11.43 0.16
N ASP A 40 0.62 12.46 -0.64
CA ASP A 40 -0.57 13.09 -1.17
C ASP A 40 -0.71 12.73 -2.65
N MET A 41 -1.90 12.24 -3.02
CA MET A 41 -2.13 11.88 -4.40
C MET A 41 -3.43 12.34 -5.03
N GLU A 42 -3.38 12.48 -6.36
CA GLU A 42 -4.58 12.80 -7.12
C GLU A 42 -4.81 11.73 -8.18
N GLY A 43 -6.06 11.28 -8.31
CA GLY A 43 -6.49 10.27 -9.24
C GLY A 43 -6.16 10.63 -10.69
N ALA A 44 -5.32 9.77 -11.29
CA ALA A 44 -4.83 9.93 -12.65
C ALA A 44 -5.96 10.03 -13.70
N PRO A 45 -5.83 10.97 -14.66
CA PRO A 45 -6.75 11.18 -15.75
C PRO A 45 -6.99 9.93 -16.57
N GLY A 46 -8.26 9.69 -16.87
CA GLY A 46 -8.65 8.53 -17.66
C GLY A 46 -8.96 7.32 -16.80
N THR A 47 -8.75 7.40 -15.48
CA THR A 47 -9.06 6.23 -14.66
C THR A 47 -10.37 6.45 -13.94
N LEU A 48 -10.82 5.38 -13.27
CA LEU A 48 -12.06 5.39 -12.52
C LEU A 48 -11.99 6.25 -11.26
N TYR A 49 -10.78 6.68 -10.87
CA TYR A 49 -10.65 7.46 -9.66
C TYR A 49 -10.20 8.87 -10.02
N GLU A 50 -10.29 9.24 -11.31
CA GLU A 50 -9.85 10.55 -11.79
C GLU A 50 -10.37 11.75 -11.03
N GLY A 51 -9.41 12.56 -10.55
CA GLY A 51 -9.70 13.77 -9.82
C GLY A 51 -9.84 13.57 -8.31
N GLU A 52 -9.87 12.33 -7.84
CA GLU A 52 -10.02 12.12 -6.41
C GLU A 52 -8.74 12.42 -5.68
N LYS A 53 -8.84 13.10 -4.54
CA LYS A 53 -7.61 13.37 -3.81
C LYS A 53 -7.61 12.61 -2.51
N PHE A 54 -6.43 12.11 -2.16
CA PHE A 54 -6.30 11.34 -0.95
C PHE A 54 -4.90 11.33 -0.35
N GLN A 55 -4.85 10.95 0.92
CA GLN A 55 -3.59 10.90 1.64
C GLN A 55 -3.27 9.47 2.04
N LEU A 56 -2.01 9.07 1.93
CA LEU A 56 -1.63 7.72 2.33
C LEU A 56 -0.66 7.76 3.51
N LEU A 57 -0.71 6.69 4.29
CA LEU A 57 0.14 6.46 5.45
C LEU A 57 1.09 5.31 5.27
N PHE A 58 2.37 5.64 5.40
CA PHE A 58 3.43 4.65 5.37
C PHE A 58 4.14 4.52 6.69
N LYS A 59 4.26 3.29 7.17
CA LYS A 59 4.96 3.02 8.42
C LYS A 59 6.18 2.15 8.18
N PHE A 60 7.36 2.75 8.23
CA PHE A 60 8.57 1.95 8.04
C PHE A 60 9.14 1.45 9.35
N SER A 61 9.56 0.19 9.35
CA SER A 61 10.13 -0.47 10.51
C SER A 61 11.62 -0.23 10.65
N SER A 62 12.17 -0.59 11.80
CA SER A 62 13.60 -0.48 12.02
C SER A 62 14.35 -1.55 11.25
N ARG A 63 13.65 -2.66 10.98
CA ARG A 63 14.22 -3.75 10.19
C ARG A 63 14.32 -3.36 8.72
N TYR A 64 13.30 -2.67 8.18
CA TYR A 64 13.29 -2.10 6.82
C TYR A 64 14.71 -1.72 6.35
N PRO A 65 15.17 -2.19 5.19
CA PRO A 65 14.57 -2.99 4.15
C PRO A 65 14.64 -4.49 4.32
N PHE A 66 14.70 -4.98 5.54
CA PHE A 66 14.72 -6.40 5.77
C PHE A 66 13.41 -6.84 6.43
N ASP A 67 12.34 -6.09 6.14
CA ASP A 67 10.97 -6.35 6.57
C ASP A 67 10.07 -5.36 5.82
N SER A 68 8.80 -5.73 5.67
CA SER A 68 7.81 -4.96 4.91
C SER A 68 7.07 -3.88 5.73
N PRO A 69 6.93 -2.65 5.21
CA PRO A 69 6.24 -1.54 5.83
C PRO A 69 4.72 -1.62 5.80
N GLN A 70 4.04 -0.81 6.62
CA GLN A 70 2.58 -0.84 6.59
C GLN A 70 2.12 0.21 5.59
N VAL A 71 1.14 -0.18 4.77
CA VAL A 71 0.64 0.71 3.71
C VAL A 71 -0.89 0.84 3.72
N MET A 72 -1.38 2.08 3.90
CA MET A 72 -2.82 2.31 3.91
C MET A 72 -3.27 3.74 3.58
N PHE A 73 -4.56 3.90 3.29
CA PHE A 73 -5.18 5.20 3.04
C PHE A 73 -5.58 5.88 4.35
N THR A 74 -5.38 7.20 4.38
CA THR A 74 -5.72 8.08 5.49
C THR A 74 -6.83 9.07 5.12
N GLY A 75 -7.85 9.15 5.96
CA GLY A 75 -8.96 10.06 5.72
C GLY A 75 -10.24 9.32 5.39
N GLU A 76 -11.27 10.07 5.04
CA GLU A 76 -12.57 9.51 4.69
C GLU A 76 -12.67 9.06 3.24
N ASN A 77 -11.83 9.60 2.36
CA ASN A 77 -11.91 9.26 0.94
C ASN A 77 -11.25 7.93 0.62
N ILE A 78 -11.89 6.84 1.03
CA ILE A 78 -11.41 5.50 0.80
C ILE A 78 -12.10 4.97 -0.46
N PRO A 79 -11.39 4.70 -1.55
CA PRO A 79 -11.98 4.24 -2.79
C PRO A 79 -12.47 2.79 -2.76
N VAL A 80 -13.51 2.53 -3.53
CA VAL A 80 -14.03 1.17 -3.66
C VAL A 80 -13.18 0.51 -4.72
N HIS A 81 -12.51 -0.57 -4.34
CA HIS A 81 -11.58 -1.27 -5.22
C HIS A 81 -11.29 -2.66 -4.68
N PRO A 82 -11.10 -3.69 -5.50
CA PRO A 82 -10.75 -5.03 -5.05
C PRO A 82 -9.59 -5.14 -4.06
N HIS A 83 -8.61 -4.23 -4.15
CA HIS A 83 -7.47 -4.23 -3.24
C HIS A 83 -7.50 -3.10 -2.21
N VAL A 84 -8.64 -2.43 -2.06
CA VAL A 84 -8.73 -1.38 -1.05
C VAL A 84 -9.83 -1.71 -0.07
N TYR A 85 -9.47 -1.75 1.21
CA TYR A 85 -10.44 -2.06 2.24
C TYR A 85 -10.98 -0.77 2.81
N SER A 86 -12.18 -0.83 3.37
CA SER A 86 -12.88 0.34 3.91
C SER A 86 -12.18 0.99 5.10
N ASN A 87 -11.26 0.26 5.74
CA ASN A 87 -10.46 0.80 6.82
C ASN A 87 -9.15 1.41 6.30
N GLY A 88 -9.00 1.49 4.97
CA GLY A 88 -7.83 2.07 4.35
C GLY A 88 -6.76 1.05 3.94
N HIS A 89 -6.88 -0.22 4.31
CA HIS A 89 -5.81 -1.15 3.96
C HIS A 89 -5.58 -1.33 2.46
N ILE A 90 -4.31 -1.23 2.07
CA ILE A 90 -3.91 -1.43 0.67
C ILE A 90 -3.26 -2.78 0.44
N CYS A 91 -3.86 -3.59 -0.43
CA CYS A 91 -3.36 -4.92 -0.73
C CYS A 91 -2.58 -5.04 -2.04
N LEU A 92 -1.26 -4.97 -1.94
CA LEU A 92 -0.41 -5.15 -3.11
C LEU A 92 0.41 -6.40 -2.90
N SER A 93 0.70 -7.15 -3.96
CA SER A 93 1.47 -8.38 -3.75
C SER A 93 2.88 -8.08 -3.27
N ILE A 94 3.40 -6.92 -3.67
CA ILE A 94 4.74 -6.48 -3.29
C ILE A 94 4.91 -6.15 -1.82
N LEU A 95 3.84 -6.14 -1.06
CA LEU A 95 3.97 -5.89 0.37
C LEU A 95 4.12 -7.21 1.12
N THR A 96 3.83 -8.34 0.44
CA THR A 96 3.95 -9.66 1.03
C THR A 96 4.71 -10.61 0.10
N GLU A 97 3.97 -11.25 -0.80
CA GLU A 97 4.46 -12.29 -1.71
C GLU A 97 5.57 -11.87 -2.68
N ASP A 98 5.50 -10.66 -3.20
CA ASP A 98 6.50 -10.15 -4.12
C ASP A 98 7.38 -9.10 -3.44
N TRP A 99 7.40 -9.08 -2.10
CA TRP A 99 8.20 -8.10 -1.40
C TRP A 99 9.70 -8.36 -1.54
N SER A 100 10.44 -7.26 -1.67
CA SER A 100 11.88 -7.28 -1.83
C SER A 100 12.54 -6.08 -1.16
N PRO A 101 13.73 -6.24 -0.55
CA PRO A 101 14.54 -5.20 0.03
C PRO A 101 14.87 -4.06 -0.93
N ALA A 102 14.81 -4.34 -2.24
CA ALA A 102 15.07 -3.36 -3.28
C ALA A 102 13.92 -2.36 -3.47
N LEU A 103 12.75 -2.63 -2.89
CA LEU A 103 11.62 -1.73 -3.08
C LEU A 103 11.72 -0.43 -2.28
N SER A 104 11.27 0.65 -2.92
CA SER A 104 11.20 1.98 -2.33
C SER A 104 9.78 2.40 -1.98
N VAL A 105 9.64 3.48 -1.21
CA VAL A 105 8.31 4.04 -0.93
C VAL A 105 7.65 4.48 -2.23
N GLN A 106 8.46 4.86 -3.23
CA GLN A 106 8.00 5.26 -4.53
C GLN A 106 7.50 4.06 -5.30
N SER A 107 8.20 2.93 -5.16
CA SER A 107 7.84 1.68 -5.80
C SER A 107 6.44 1.26 -5.39
N VAL A 108 6.17 1.40 -4.08
CA VAL A 108 4.87 1.03 -3.55
C VAL A 108 3.83 2.03 -4.01
N CYS A 109 4.11 3.32 -3.93
CA CYS A 109 3.15 4.31 -4.39
C CYS A 109 2.87 4.22 -5.88
N LEU A 110 3.87 3.88 -6.68
CA LEU A 110 3.69 3.68 -8.12
C LEU A 110 2.75 2.51 -8.31
N SER A 111 2.96 1.44 -7.55
CA SER A 111 2.08 0.28 -7.60
C SER A 111 0.65 0.68 -7.22
N ILE A 112 0.47 1.54 -6.21
CA ILE A 112 -0.84 2.07 -5.81
C ILE A 112 -1.50 2.86 -6.93
N ILE A 113 -0.71 3.67 -7.63
CA ILE A 113 -1.18 4.44 -8.77
C ILE A 113 -1.69 3.48 -9.85
N SER A 114 -0.92 2.42 -10.16
CA SER A 114 -1.36 1.46 -11.16
C SER A 114 -2.49 0.56 -10.65
N MET A 115 -2.57 0.36 -9.33
CA MET A 115 -3.62 -0.41 -8.67
C MET A 115 -4.94 0.25 -8.94
N LEU A 116 -5.04 1.54 -8.62
CA LEU A 116 -6.25 2.28 -8.87
C LEU A 116 -6.48 2.45 -10.37
N SER A 117 -5.42 2.58 -11.16
CA SER A 117 -5.57 2.68 -12.61
C SER A 117 -6.22 1.44 -13.23
N SER A 118 -5.88 0.25 -12.72
CA SER A 118 -6.46 -0.99 -13.23
C SER A 118 -7.29 -1.75 -12.20
N CYS A 119 -8.59 -1.48 -12.22
CA CYS A 119 -9.54 -2.14 -11.32
C CYS A 119 -9.58 -3.61 -11.67
N LYS A 120 -9.41 -4.45 -10.65
CA LYS A 120 -9.32 -5.89 -10.85
C LYS A 120 -10.65 -6.62 -10.72
N GLU A 121 -10.63 -7.90 -11.06
CA GLU A 121 -11.82 -8.74 -10.98
C GLU A 121 -11.43 -10.16 -10.55
N LYS A 122 -12.20 -10.70 -9.61
CA LYS A 122 -11.95 -12.05 -9.09
C LYS A 122 -12.11 -13.15 -10.12
N ARG A 123 -11.07 -13.97 -10.23
CA ARG A 123 -11.12 -15.11 -11.13
C ARG A 123 -11.59 -16.31 -10.34
N ARG A 124 -12.68 -16.91 -10.78
CA ARG A 124 -13.22 -18.08 -10.10
C ARG A 124 -12.45 -19.34 -10.49
N PRO A 125 -12.26 -20.29 -9.56
CA PRO A 125 -11.59 -21.56 -9.82
C PRO A 125 -12.27 -22.35 -10.92
N PRO A 126 -11.52 -23.12 -11.71
CA PRO A 126 -12.02 -23.96 -12.79
C PRO A 126 -12.77 -25.19 -12.29
N ASP A 127 -12.57 -25.52 -11.02
CA ASP A 127 -13.23 -26.64 -10.37
C ASP A 127 -13.35 -26.37 -8.88
N ASN A 128 -14.55 -25.96 -8.48
CA ASN A 128 -14.84 -25.67 -7.08
C ASN A 128 -14.90 -26.94 -6.24
N SER A 129 -15.12 -28.10 -6.86
CA SER A 129 -15.19 -29.32 -6.06
C SER A 129 -13.76 -29.73 -5.77
N PHE A 130 -12.83 -29.37 -6.67
CA PHE A 130 -11.40 -29.58 -6.49
C PHE A 130 -10.97 -28.80 -5.28
N TYR A 131 -11.40 -27.53 -5.24
CA TYR A 131 -11.16 -26.69 -4.07
C TYR A 131 -11.61 -27.39 -2.80
N VAL A 132 -12.84 -27.92 -2.79
CA VAL A 132 -13.31 -28.66 -1.63
C VAL A 132 -12.46 -29.89 -1.32
N ARG A 133 -12.11 -30.68 -2.33
CA ARG A 133 -11.29 -31.87 -2.16
C ARG A 133 -9.91 -31.55 -1.58
N THR A 134 -9.37 -30.39 -1.96
CA THR A 134 -8.08 -29.91 -1.48
C THR A 134 -8.21 -28.77 -0.47
N CYS A 135 -9.39 -28.58 0.13
CA CYS A 135 -9.57 -27.49 1.08
C CYS A 135 -8.78 -27.75 2.35
N ASN A 136 -7.91 -26.80 2.69
CA ASN A 136 -7.05 -26.92 3.86
C ASN A 136 -7.72 -26.36 5.11
N LYS A 137 -7.28 -26.89 6.25
CA LYS A 137 -7.78 -26.49 7.56
C LYS A 137 -7.06 -25.26 8.09
N ASN A 138 -7.72 -24.54 8.99
CA ASN A 138 -7.12 -23.35 9.57
C ASN A 138 -6.07 -23.76 10.61
N PRO A 139 -4.97 -23.01 10.73
CA PRO A 139 -3.90 -23.28 11.67
C PRO A 139 -4.26 -22.99 13.11
N LYS A 140 -3.58 -23.69 14.01
CA LYS A 140 -3.77 -23.50 15.44
C LYS A 140 -3.02 -22.26 15.93
N LYS A 141 -1.95 -21.90 15.22
CA LYS A 141 -1.15 -20.73 15.57
C LYS A 141 -1.90 -19.42 15.39
N THR A 142 -1.94 -18.64 16.46
CA THR A 142 -2.57 -17.33 16.40
C THR A 142 -1.50 -16.38 15.90
N LYS A 143 -1.79 -15.71 14.80
CA LYS A 143 -0.85 -14.78 14.20
C LYS A 143 -1.22 -13.33 14.41
N TRP A 144 -2.41 -13.08 15.00
CA TRP A 144 -2.92 -11.74 15.29
C TRP A 144 -3.09 -10.81 14.10
N TRP A 145 -3.15 -11.36 12.89
CA TRP A 145 -3.33 -10.62 11.64
C TRP A 145 -4.63 -9.80 11.53
N TYR A 146 -5.64 -10.16 12.33
CA TYR A 146 -6.93 -9.51 12.29
C TYR A 146 -6.88 -8.11 12.88
N HIS A 147 -7.50 -7.18 12.17
CA HIS A 147 -7.56 -5.78 12.54
C HIS A 147 -8.65 -5.44 13.56
N ASP A 148 -8.63 -4.20 14.05
CA ASP A 148 -9.63 -3.78 15.03
C ASP A 148 -11.04 -3.65 14.45
N ASP A 149 -12.02 -4.01 15.26
CA ASP A 149 -13.43 -3.90 14.87
C ASP A 149 -13.89 -2.46 14.82
N THR A 150 -14.82 -2.16 13.91
CA THR A 150 -15.37 -0.83 13.74
C THR A 150 -16.11 -0.38 15.00
N CYS A 151 -15.76 0.81 15.48
CA CYS A 151 -16.38 1.36 16.68
C CYS A 151 -16.21 2.88 16.76
N MET A 1 28.51 8.92 10.02
CA MET A 1 27.42 8.08 10.52
C MET A 1 26.53 7.55 9.41
N ALA A 2 26.28 6.24 9.44
CA ALA A 2 25.43 5.58 8.46
C ALA A 2 24.14 5.15 9.13
N SER A 3 23.04 5.19 8.39
CA SER A 3 21.74 4.81 8.92
C SER A 3 20.72 4.51 7.83
N MET A 4 19.77 3.67 8.19
CA MET A 4 18.72 3.27 7.28
C MET A 4 17.67 4.37 7.17
N GLN A 5 17.70 5.29 8.13
CA GLN A 5 16.85 6.47 8.09
C GLN A 5 17.48 7.43 7.10
N LYS A 6 18.81 7.42 7.02
CA LYS A 6 19.53 8.24 6.06
C LYS A 6 19.30 7.67 4.67
N ARG A 7 19.16 6.33 4.57
CA ARG A 7 18.80 5.72 3.28
C ARG A 7 17.46 6.29 2.84
N LEU A 8 16.52 6.37 3.78
CA LEU A 8 15.22 6.98 3.52
C LEU A 8 15.32 8.46 3.20
N GLN A 9 16.21 9.23 3.85
CA GLN A 9 16.29 10.65 3.50
C GLN A 9 16.84 10.85 2.10
N LYS A 10 17.82 10.03 1.72
CA LYS A 10 18.39 10.12 0.39
C LYS A 10 17.36 9.75 -0.66
N GLU A 11 16.58 8.70 -0.39
CA GLU A 11 15.54 8.28 -1.30
C GLU A 11 14.45 9.33 -1.42
N LEU A 12 14.04 9.93 -0.30
CA LEU A 12 13.02 10.96 -0.32
C LEU A 12 13.47 12.09 -1.22
N LEU A 13 14.73 12.52 -1.07
CA LEU A 13 15.29 13.58 -1.90
C LEU A 13 15.36 13.17 -3.36
N ALA A 14 15.65 11.90 -3.64
CA ALA A 14 15.62 11.39 -5.00
C ALA A 14 14.21 11.51 -5.56
N LEU A 15 13.20 11.29 -4.71
CA LEU A 15 11.81 11.41 -5.13
C LEU A 15 11.33 12.86 -5.08
N GLN A 16 12.09 13.77 -4.47
CA GLN A 16 11.74 15.17 -4.58
C GLN A 16 12.15 15.58 -5.99
N ASN A 17 13.29 15.04 -6.44
CA ASN A 17 13.77 15.30 -7.79
C ASN A 17 12.97 14.53 -8.86
N ASP A 18 12.51 13.33 -8.54
CA ASP A 18 11.72 12.57 -9.50
C ASP A 18 10.76 11.58 -8.82
N PRO A 19 9.60 12.04 -8.36
CA PRO A 19 8.57 11.23 -7.73
C PRO A 19 7.80 10.40 -8.74
N PRO A 20 7.13 9.32 -8.31
CA PRO A 20 6.32 8.50 -9.17
C PRO A 20 5.07 9.25 -9.64
N PRO A 21 4.64 9.09 -10.89
CA PRO A 21 3.47 9.74 -11.46
C PRO A 21 2.20 9.61 -10.64
N GLY A 22 1.61 10.75 -10.33
CA GLY A 22 0.38 10.83 -9.54
C GLY A 22 0.65 10.91 -8.04
N MET A 23 1.91 10.89 -7.62
CA MET A 23 2.24 10.93 -6.21
C MET A 23 3.22 12.03 -5.77
N THR A 24 2.87 12.77 -4.72
CA THR A 24 3.74 13.81 -4.15
C THR A 24 4.19 13.35 -2.78
N LEU A 25 5.49 13.43 -2.49
CA LEU A 25 5.93 12.88 -1.20
C LEU A 25 6.60 13.84 -0.22
N ASN A 26 6.35 13.63 1.07
CA ASN A 26 7.05 14.37 2.12
C ASN A 26 7.11 13.53 3.40
N GLU A 27 7.75 14.08 4.44
CA GLU A 27 7.88 13.39 5.71
C GLU A 27 7.05 14.01 6.82
N LYS A 28 6.44 13.15 7.63
CA LYS A 28 5.60 13.59 8.73
C LYS A 28 6.41 14.34 9.77
N SER A 29 6.20 15.67 9.83
CA SER A 29 6.98 16.49 10.75
C SER A 29 6.43 16.49 12.15
N VAL A 30 6.85 15.49 12.91
CA VAL A 30 6.49 15.30 14.31
C VAL A 30 7.70 15.01 15.19
N GLN A 31 7.50 15.15 16.50
CA GLN A 31 8.52 14.90 17.51
C GLN A 31 8.91 13.43 17.67
N ASN A 32 8.12 12.51 17.13
CA ASN A 32 8.42 11.10 17.23
C ASN A 32 9.54 10.70 16.27
N SER A 33 10.39 9.78 16.72
CA SER A 33 11.51 9.28 15.94
C SER A 33 11.11 8.28 14.86
N ILE A 34 9.90 7.75 14.94
CA ILE A 34 9.45 6.80 13.94
C ILE A 34 9.23 7.48 12.61
N THR A 35 10.24 7.37 11.75
CA THR A 35 10.13 7.87 10.39
C THR A 35 8.86 7.43 9.69
N GLN A 36 7.86 8.30 9.67
CA GLN A 36 6.63 8.09 8.92
C GLN A 36 6.53 9.12 7.82
N TRP A 37 6.11 8.70 6.63
CA TRP A 37 5.93 9.63 5.51
C TRP A 37 4.47 9.85 5.16
N ILE A 38 4.20 11.07 4.67
CA ILE A 38 2.87 11.49 4.26
C ILE A 38 2.92 11.84 2.79
N VAL A 39 2.08 11.18 1.99
CA VAL A 39 2.15 11.51 0.58
C VAL A 39 0.76 11.83 0.01
N ASP A 40 0.71 12.56 -1.10
CA ASP A 40 -0.56 12.89 -1.73
C ASP A 40 -0.72 12.07 -3.01
N MET A 41 -1.86 11.41 -3.18
CA MET A 41 -2.06 10.61 -4.38
C MET A 41 -3.31 10.95 -5.13
N GLU A 42 -3.19 11.16 -6.43
CA GLU A 42 -4.35 11.46 -7.25
C GLU A 42 -4.68 10.27 -8.16
N GLY A 43 -5.94 9.86 -8.19
CA GLY A 43 -6.31 8.72 -9.04
C GLY A 43 -6.05 9.04 -10.50
N ALA A 44 -5.56 8.02 -11.20
CA ALA A 44 -5.15 8.12 -12.60
C ALA A 44 -6.30 8.38 -13.59
N PRO A 45 -6.05 9.20 -14.63
CA PRO A 45 -6.97 9.49 -15.70
C PRO A 45 -7.48 8.26 -16.41
N GLY A 46 -8.80 8.20 -16.61
CA GLY A 46 -9.42 7.08 -17.27
C GLY A 46 -9.83 5.99 -16.30
N THR A 47 -9.50 6.12 -15.01
CA THR A 47 -9.89 5.09 -14.06
C THR A 47 -11.06 5.59 -13.26
N LEU A 48 -11.61 4.70 -12.44
CA LEU A 48 -12.73 5.01 -11.59
C LEU A 48 -12.39 6.00 -10.48
N TYR A 49 -11.10 6.26 -10.25
CA TYR A 49 -10.73 7.14 -9.17
C TYR A 49 -10.12 8.43 -9.73
N GLU A 50 -10.29 8.67 -11.04
CA GLU A 50 -9.73 9.84 -11.70
C GLU A 50 -9.96 11.19 -11.04
N GLY A 51 -8.88 11.75 -10.50
CA GLY A 51 -8.93 13.05 -9.84
C GLY A 51 -9.20 12.99 -8.34
N GLU A 52 -9.52 11.81 -7.82
CA GLU A 52 -9.80 11.67 -6.40
C GLU A 52 -8.49 11.67 -5.66
N LYS A 53 -8.39 12.45 -4.59
CA LYS A 53 -7.12 12.49 -3.89
C LYS A 53 -7.16 11.80 -2.54
N PHE A 54 -6.05 11.14 -2.22
CA PHE A 54 -5.91 10.37 -1.00
C PHE A 54 -4.61 10.77 -0.30
N GLN A 55 -4.55 10.69 1.03
CA GLN A 55 -3.25 10.95 1.64
C GLN A 55 -2.78 9.62 2.18
N LEU A 56 -1.50 9.32 2.06
CA LEU A 56 -1.09 8.00 2.52
C LEU A 56 0.06 8.03 3.48
N LEU A 57 0.02 7.03 4.36
CA LEU A 57 0.99 6.80 5.41
C LEU A 57 1.94 5.68 5.06
N PHE A 58 3.23 5.98 5.21
CA PHE A 58 4.28 4.98 5.07
C PHE A 58 5.06 4.93 6.36
N LYS A 59 4.71 4.00 7.24
CA LYS A 59 5.42 3.92 8.50
C LYS A 59 6.67 3.08 8.32
N PHE A 60 7.84 3.65 8.58
CA PHE A 60 9.05 2.88 8.39
C PHE A 60 9.68 2.44 9.70
N SER A 61 10.16 1.21 9.69
CA SER A 61 10.86 0.61 10.82
C SER A 61 12.32 0.96 10.68
N SER A 62 13.11 0.65 11.70
CA SER A 62 14.54 0.93 11.68
C SER A 62 15.22 0.15 10.55
N ARG A 63 14.81 -1.10 10.34
CA ARG A 63 15.38 -1.99 9.33
C ARG A 63 14.99 -1.74 7.87
N TYR A 64 15.32 -0.57 7.33
CA TYR A 64 15.01 -0.23 5.95
C TYR A 64 16.17 -0.58 5.01
N PRO A 65 15.94 -1.32 3.92
CA PRO A 65 14.71 -1.87 3.38
C PRO A 65 14.51 -3.36 3.59
N PHE A 66 14.80 -3.86 4.78
CA PHE A 66 14.60 -5.26 5.09
C PHE A 66 13.10 -5.52 5.23
N ASP A 67 12.47 -4.68 6.05
CA ASP A 67 11.03 -4.73 6.28
C ASP A 67 10.25 -3.74 5.41
N SER A 68 9.02 -4.10 5.04
CA SER A 68 8.18 -3.21 4.25
C SER A 68 7.58 -2.14 5.17
N PRO A 69 7.17 -0.98 4.66
CA PRO A 69 6.50 0.05 5.43
C PRO A 69 5.04 -0.28 5.71
N GLN A 70 4.48 0.30 6.77
CA GLN A 70 3.05 0.08 6.99
C GLN A 70 2.37 0.94 5.95
N VAL A 71 1.51 0.32 5.14
CA VAL A 71 0.83 1.03 4.06
C VAL A 71 -0.66 1.25 4.30
N MET A 72 -1.07 2.52 4.38
CA MET A 72 -2.48 2.85 4.56
C MET A 72 -2.78 4.26 4.07
N PHE A 73 -4.07 4.60 3.95
CA PHE A 73 -4.42 5.93 3.47
C PHE A 73 -5.59 6.53 4.24
N THR A 74 -5.78 7.83 4.06
CA THR A 74 -6.84 8.56 4.73
C THR A 74 -7.45 9.66 3.88
N GLY A 75 -8.68 10.00 4.23
CA GLY A 75 -9.43 11.03 3.54
C GLY A 75 -10.90 10.97 3.91
N GLU A 76 -11.70 11.82 3.25
CA GLU A 76 -13.14 11.90 3.48
C GLU A 76 -13.95 10.94 2.61
N ASN A 77 -13.28 10.24 1.70
CA ASN A 77 -13.97 9.33 0.79
C ASN A 77 -13.19 8.03 0.57
N ILE A 78 -13.67 6.95 1.19
CA ILE A 78 -13.05 5.65 1.00
C ILE A 78 -13.48 5.12 -0.37
N PRO A 79 -12.55 4.77 -1.27
CA PRO A 79 -12.87 4.27 -2.58
C PRO A 79 -13.42 2.85 -2.52
N VAL A 80 -14.36 2.55 -3.40
CA VAL A 80 -14.91 1.20 -3.43
C VAL A 80 -13.95 0.36 -4.23
N HIS A 81 -13.36 -0.63 -3.58
CA HIS A 81 -12.36 -1.47 -4.25
C HIS A 81 -12.11 -2.74 -3.45
N PRO A 82 -11.92 -3.91 -4.08
CA PRO A 82 -11.63 -5.18 -3.42
C PRO A 82 -10.49 -5.19 -2.40
N HIS A 83 -9.47 -4.36 -2.57
CA HIS A 83 -8.37 -4.34 -1.63
C HIS A 83 -8.36 -3.11 -0.72
N VAL A 84 -9.50 -2.41 -0.64
CA VAL A 84 -9.62 -1.24 0.21
C VAL A 84 -10.56 -1.39 1.40
N TYR A 85 -10.02 -1.06 2.58
CA TYR A 85 -10.76 -1.12 3.83
C TYR A 85 -11.20 0.27 4.26
N SER A 86 -12.29 0.36 5.04
CA SER A 86 -12.87 1.64 5.45
C SER A 86 -12.00 2.38 6.45
N ASN A 87 -11.06 1.66 7.04
CA ASN A 87 -10.11 2.21 7.99
C ASN A 87 -8.78 2.58 7.33
N GLY A 88 -8.74 2.59 5.99
CA GLY A 88 -7.54 3.01 5.29
C GLY A 88 -6.58 1.91 4.87
N HIS A 89 -6.86 0.65 5.21
CA HIS A 89 -5.89 -0.37 4.83
C HIS A 89 -5.89 -0.69 3.33
N ILE A 90 -4.68 -0.89 2.82
CA ILE A 90 -4.39 -1.27 1.43
C ILE A 90 -3.85 -2.68 1.40
N CYS A 91 -4.61 -3.62 0.86
CA CYS A 91 -4.17 -5.02 0.86
C CYS A 91 -3.60 -5.58 -0.43
N LEU A 92 -2.28 -5.54 -0.54
CA LEU A 92 -1.64 -6.16 -1.69
C LEU A 92 -0.65 -7.17 -1.11
N SER A 93 -0.52 -8.36 -1.70
CA SER A 93 0.37 -9.36 -1.11
C SER A 93 1.82 -8.93 -1.22
N ILE A 94 2.11 -8.13 -2.25
CA ILE A 94 3.39 -7.51 -2.55
C ILE A 94 3.83 -6.45 -1.56
N LEU A 95 2.98 -6.06 -0.62
CA LEU A 95 3.38 -5.11 0.41
C LEU A 95 3.76 -5.83 1.71
N THR A 96 3.44 -7.13 1.78
CA THR A 96 3.75 -7.93 2.97
C THR A 96 4.62 -9.11 2.55
N GLU A 97 3.98 -10.28 2.46
CA GLU A 97 4.62 -11.55 2.13
C GLU A 97 5.49 -11.55 0.87
N ASP A 98 5.04 -10.90 -0.19
CA ASP A 98 5.78 -10.87 -1.43
C ASP A 98 6.63 -9.61 -1.60
N TRP A 99 6.71 -8.75 -0.58
CA TRP A 99 7.51 -7.54 -0.74
C TRP A 99 8.99 -7.88 -0.76
N SER A 100 9.66 -7.41 -1.80
CA SER A 100 11.09 -7.60 -1.94
C SER A 100 11.85 -6.40 -1.40
N PRO A 101 13.00 -6.60 -0.75
CA PRO A 101 13.84 -5.55 -0.21
C PRO A 101 14.49 -4.70 -1.31
N ALA A 102 14.43 -5.18 -2.55
CA ALA A 102 14.91 -4.47 -3.71
C ALA A 102 13.88 -3.41 -4.16
N LEU A 103 12.67 -3.45 -3.62
CA LEU A 103 11.65 -2.49 -4.01
C LEU A 103 11.83 -1.17 -3.28
N SER A 104 11.53 -0.10 -4.00
CA SER A 104 11.63 1.26 -3.51
C SER A 104 10.31 1.75 -2.94
N VAL A 105 10.33 2.91 -2.28
CA VAL A 105 9.10 3.50 -1.76
C VAL A 105 8.29 3.90 -2.97
N GLN A 106 8.98 4.41 -3.98
CA GLN A 106 8.43 4.77 -5.28
C GLN A 106 7.66 3.59 -5.85
N SER A 107 8.29 2.40 -5.82
CA SER A 107 7.69 1.15 -6.29
C SER A 107 6.37 0.88 -5.55
N VAL A 108 6.38 1.09 -4.23
CA VAL A 108 5.19 0.94 -3.40
C VAL A 108 4.09 1.92 -3.76
N CYS A 109 4.45 3.18 -3.97
CA CYS A 109 3.49 4.20 -4.35
C CYS A 109 2.81 3.84 -5.66
N LEU A 110 3.60 3.41 -6.64
CA LEU A 110 3.07 3.00 -7.93
C LEU A 110 2.27 1.72 -7.86
N SER A 111 2.62 0.82 -6.93
CA SER A 111 1.86 -0.40 -6.72
C SER A 111 0.45 -0.09 -6.24
N ILE A 112 0.35 0.89 -5.35
CA ILE A 112 -0.92 1.37 -4.81
C ILE A 112 -1.76 2.01 -5.91
N ILE A 113 -1.11 2.85 -6.71
CA ILE A 113 -1.73 3.51 -7.84
C ILE A 113 -2.23 2.46 -8.84
N SER A 114 -1.40 1.46 -9.11
CA SER A 114 -1.71 0.34 -10.00
C SER A 114 -2.91 -0.45 -9.48
N MET A 115 -2.98 -0.65 -8.16
CA MET A 115 -4.12 -1.30 -7.52
C MET A 115 -5.42 -0.61 -7.86
N LEU A 116 -5.47 0.70 -7.65
CA LEU A 116 -6.68 1.42 -7.99
C LEU A 116 -6.90 1.47 -9.51
N SER A 117 -5.82 1.51 -10.29
CA SER A 117 -5.93 1.53 -11.74
C SER A 117 -6.55 0.25 -12.30
N SER A 118 -6.20 -0.90 -11.72
CA SER A 118 -6.75 -2.18 -12.16
C SER A 118 -7.54 -2.88 -11.06
N CYS A 119 -8.84 -2.62 -11.06
CA CYS A 119 -9.77 -3.16 -10.09
C CYS A 119 -9.98 -4.65 -10.30
N LYS A 120 -10.20 -5.37 -9.20
CA LYS A 120 -10.37 -6.80 -9.26
C LYS A 120 -11.84 -7.18 -9.30
N GLU A 121 -12.13 -8.40 -9.73
CA GLU A 121 -13.51 -8.85 -9.84
C GLU A 121 -13.65 -10.35 -9.67
N LYS A 122 -14.87 -10.78 -9.38
CA LYS A 122 -15.16 -12.19 -9.20
C LYS A 122 -15.31 -12.89 -10.54
N ARG A 123 -14.56 -13.97 -10.72
CA ARG A 123 -14.62 -14.76 -11.93
C ARG A 123 -14.76 -16.24 -11.58
N ARG A 124 -15.77 -16.87 -12.16
CA ARG A 124 -16.02 -18.29 -11.89
C ARG A 124 -15.05 -19.19 -12.65
N PRO A 125 -14.57 -20.28 -12.05
CA PRO A 125 -13.70 -21.24 -12.69
C PRO A 125 -14.32 -21.89 -13.93
N PRO A 126 -13.49 -22.29 -14.91
CA PRO A 126 -13.91 -22.94 -16.14
C PRO A 126 -14.39 -24.38 -15.92
N ASP A 127 -14.05 -24.94 -14.76
CA ASP A 127 -14.44 -26.28 -14.36
C ASP A 127 -14.58 -26.35 -12.85
N ASN A 128 -15.80 -26.19 -12.37
CA ASN A 128 -16.07 -26.27 -10.93
C ASN A 128 -15.97 -27.70 -10.42
N SER A 129 -16.26 -28.68 -11.29
CA SER A 129 -16.24 -30.08 -10.91
C SER A 129 -14.81 -30.53 -10.61
N PHE A 130 -13.83 -29.81 -11.16
CA PHE A 130 -12.43 -29.99 -10.85
C PHE A 130 -12.18 -29.89 -9.37
N TYR A 131 -12.78 -28.89 -8.75
CA TYR A 131 -12.58 -28.59 -7.34
C TYR A 131 -13.37 -29.58 -6.51
N VAL A 132 -14.45 -30.10 -7.09
CA VAL A 132 -15.20 -31.17 -6.45
C VAL A 132 -14.35 -32.46 -6.41
N ARG A 133 -13.70 -32.77 -7.54
CA ARG A 133 -12.84 -33.94 -7.67
C ARG A 133 -11.56 -33.89 -6.83
N THR A 134 -10.93 -32.73 -6.72
CA THR A 134 -9.71 -32.63 -5.93
C THR A 134 -9.99 -32.37 -4.45
N CYS A 135 -8.93 -32.46 -3.64
CA CYS A 135 -9.02 -32.23 -2.21
C CYS A 135 -8.59 -30.81 -1.88
N ASN A 136 -9.09 -30.28 -0.76
CA ASN A 136 -8.74 -28.93 -0.36
C ASN A 136 -7.40 -28.89 0.36
N LYS A 137 -6.69 -27.79 0.18
CA LYS A 137 -5.39 -27.59 0.81
C LYS A 137 -5.57 -27.34 2.30
N ASN A 138 -4.75 -28.02 3.10
CA ASN A 138 -4.78 -27.91 4.55
C ASN A 138 -3.37 -27.66 5.08
N PRO A 139 -2.85 -26.43 4.97
CA PRO A 139 -1.52 -26.07 5.37
C PRO A 139 -1.32 -26.02 6.87
N LYS A 140 -0.07 -26.19 7.30
CA LYS A 140 0.27 -26.16 8.70
C LYS A 140 0.73 -24.78 9.17
N LYS A 141 0.69 -23.79 8.28
CA LYS A 141 1.11 -22.44 8.60
C LYS A 141 -0.08 -21.48 8.66
N THR A 142 0.00 -20.52 9.59
CA THR A 142 -1.03 -19.50 9.75
C THR A 142 -0.43 -18.14 9.41
N LYS A 143 -1.12 -17.40 8.54
CA LYS A 143 -0.65 -16.09 8.14
C LYS A 143 -1.39 -15.00 8.89
N TRP A 144 -0.83 -13.80 8.91
CA TRP A 144 -1.54 -12.70 9.54
C TRP A 144 -2.48 -12.05 8.52
N TRP A 145 -3.73 -11.91 8.90
CA TRP A 145 -4.70 -11.31 7.99
C TRP A 145 -5.26 -10.01 8.52
N TYR A 146 -5.53 -9.11 7.58
CA TYR A 146 -6.07 -7.78 7.85
C TYR A 146 -7.54 -7.67 7.46
N HIS A 147 -8.27 -8.79 7.46
CA HIS A 147 -9.65 -8.79 6.99
C HIS A 147 -10.66 -8.40 8.06
N ASP A 148 -10.63 -7.13 8.42
CA ASP A 148 -11.52 -6.59 9.43
C ASP A 148 -12.82 -6.00 8.89
N ASP A 149 -12.79 -5.43 7.69
CA ASP A 149 -13.98 -4.84 7.10
C ASP A 149 -14.65 -5.73 6.06
N THR A 150 -14.23 -6.99 5.98
CA THR A 150 -14.82 -7.89 4.99
C THR A 150 -16.08 -8.52 5.54
N CYS A 151 -16.85 -9.16 4.66
CA CYS A 151 -18.10 -9.82 5.04
C CYS A 151 -18.07 -11.30 4.70
N MET A 1 21.14 9.42 14.61
CA MET A 1 20.26 8.49 13.91
C MET A 1 21.03 7.37 13.24
N ALA A 2 20.35 6.25 13.01
CA ALA A 2 20.95 5.08 12.39
C ALA A 2 21.10 5.30 10.90
N SER A 3 22.08 4.65 10.28
CA SER A 3 22.32 4.78 8.84
C SER A 3 21.13 4.27 8.03
N MET A 4 20.33 3.38 8.61
CA MET A 4 19.13 2.86 8.00
C MET A 4 18.06 3.94 7.93
N GLN A 5 18.06 4.82 8.94
CA GLN A 5 17.11 5.90 9.07
C GLN A 5 17.55 6.98 8.09
N LYS A 6 18.87 7.12 7.94
CA LYS A 6 19.44 8.06 6.99
C LYS A 6 19.07 7.61 5.58
N ARG A 7 19.08 6.30 5.32
CA ARG A 7 18.64 5.78 4.03
C ARG A 7 17.17 6.10 3.80
N LEU A 8 16.35 5.97 4.83
CA LEU A 8 14.94 6.35 4.71
C LEU A 8 14.83 7.83 4.35
N GLN A 9 15.65 8.69 4.98
CA GLN A 9 15.69 10.12 4.67
C GLN A 9 16.13 10.34 3.22
N LYS A 10 17.06 9.53 2.72
CA LYS A 10 17.45 9.64 1.32
C LYS A 10 16.28 9.30 0.41
N GLU A 11 15.46 8.32 0.82
CA GLU A 11 14.29 7.90 0.05
C GLU A 11 13.25 9.02 0.06
N LEU A 12 13.11 9.68 1.22
CA LEU A 12 12.24 10.83 1.41
C LEU A 12 12.56 11.89 0.40
N LEU A 13 13.84 12.25 0.35
CA LEU A 13 14.34 13.27 -0.54
C LEU A 13 14.18 12.88 -2.00
N ALA A 14 14.35 11.60 -2.33
CA ALA A 14 14.13 11.14 -3.69
C ALA A 14 12.69 11.42 -4.11
N LEU A 15 11.74 11.13 -3.22
CA LEU A 15 10.33 11.39 -3.47
C LEU A 15 9.94 12.85 -3.38
N GLN A 16 10.67 13.65 -2.62
CA GLN A 16 10.36 15.08 -2.62
C GLN A 16 10.84 15.69 -3.94
N ASN A 17 11.95 15.18 -4.47
CA ASN A 17 12.44 15.64 -5.76
C ASN A 17 11.66 15.05 -6.93
N ASP A 18 11.20 13.81 -6.81
CA ASP A 18 10.46 13.19 -7.89
C ASP A 18 9.48 12.10 -7.43
N PRO A 19 8.26 12.47 -7.01
CA PRO A 19 7.21 11.57 -6.62
C PRO A 19 6.50 11.02 -7.86
N PRO A 20 5.75 9.92 -7.75
CA PRO A 20 4.96 9.37 -8.83
C PRO A 20 3.95 10.38 -9.40
N PRO A 21 3.66 10.35 -10.71
CA PRO A 21 2.71 11.23 -11.35
C PRO A 21 1.35 11.18 -10.68
N GLY A 22 0.85 12.35 -10.30
CA GLY A 22 -0.45 12.46 -9.63
C GLY A 22 -0.34 12.12 -8.14
N MET A 23 0.87 12.11 -7.60
CA MET A 23 1.08 11.77 -6.20
C MET A 23 2.05 12.68 -5.42
N THR A 24 1.81 12.80 -4.11
CA THR A 24 2.69 13.59 -3.25
C THR A 24 2.90 12.97 -1.86
N LEU A 25 4.07 13.27 -1.31
CA LEU A 25 4.51 12.70 -0.03
C LEU A 25 4.59 13.64 1.18
N ASN A 26 3.82 13.31 2.21
CA ASN A 26 3.78 14.04 3.47
C ASN A 26 4.54 13.30 4.58
N GLU A 27 5.24 14.09 5.40
CA GLU A 27 5.99 13.58 6.55
C GLU A 27 5.97 14.64 7.64
N LYS A 28 5.73 14.21 8.87
CA LYS A 28 5.75 15.11 10.02
C LYS A 28 7.16 15.65 10.19
N SER A 29 7.29 16.96 10.37
CA SER A 29 8.60 17.58 10.50
C SER A 29 9.43 17.06 11.68
N VAL A 30 8.76 16.59 12.72
CA VAL A 30 9.47 15.96 13.82
C VAL A 30 9.47 14.46 13.60
N GLN A 31 10.60 13.97 13.10
CA GLN A 31 10.77 12.56 12.77
C GLN A 31 10.80 11.70 14.02
N ASN A 32 11.16 12.31 15.15
CA ASN A 32 11.20 11.62 16.42
C ASN A 32 9.82 11.25 16.97
N SER A 33 8.73 11.68 16.33
CA SER A 33 7.42 11.29 16.80
C SER A 33 6.56 10.74 15.67
N ILE A 34 7.18 10.24 14.59
CA ILE A 34 6.37 9.65 13.53
C ILE A 34 7.08 8.45 12.92
N THR A 35 6.32 7.38 12.66
CA THR A 35 6.87 6.15 12.12
C THR A 35 6.36 5.74 10.74
N GLN A 36 5.56 6.58 10.11
CA GLN A 36 5.02 6.25 8.79
C GLN A 36 4.83 7.45 7.89
N TRP A 37 4.82 7.19 6.59
CA TRP A 37 4.57 8.23 5.60
C TRP A 37 3.14 8.29 5.15
N ILE A 38 2.71 9.51 4.79
CA ILE A 38 1.36 9.75 4.32
C ILE A 38 1.42 10.16 2.86
N VAL A 39 0.85 9.32 2.00
CA VAL A 39 0.93 9.57 0.58
C VAL A 39 -0.42 9.82 -0.09
N ASP A 40 -0.54 10.96 -0.75
CA ASP A 40 -1.81 11.30 -1.39
C ASP A 40 -1.75 11.15 -2.90
N MET A 41 -2.84 10.69 -3.52
CA MET A 41 -2.82 10.60 -4.97
C MET A 41 -4.18 10.75 -5.62
N GLU A 42 -4.16 11.10 -6.90
CA GLU A 42 -5.38 11.28 -7.69
C GLU A 42 -5.58 10.18 -8.72
N GLY A 43 -6.81 9.68 -8.78
CA GLY A 43 -7.20 8.66 -9.75
C GLY A 43 -6.93 9.14 -11.17
N ALA A 44 -6.08 8.38 -11.86
CA ALA A 44 -5.63 8.70 -13.21
C ALA A 44 -6.78 8.90 -14.21
N PRO A 45 -6.70 9.95 -15.04
CA PRO A 45 -7.65 10.26 -16.08
C PRO A 45 -7.89 9.13 -17.04
N GLY A 46 -9.16 8.91 -17.35
CA GLY A 46 -9.55 7.84 -18.26
C GLY A 46 -9.83 6.53 -17.53
N THR A 47 -9.57 6.45 -16.23
CA THR A 47 -9.86 5.22 -15.53
C THR A 47 -11.15 5.35 -14.76
N LEU A 48 -11.56 4.24 -14.17
CA LEU A 48 -12.78 4.16 -13.38
C LEU A 48 -12.70 4.95 -12.08
N TYR A 49 -11.51 5.39 -11.69
CA TYR A 49 -11.33 6.14 -10.47
C TYR A 49 -10.95 7.59 -10.74
N GLU A 50 -11.08 8.06 -11.99
CA GLU A 50 -10.65 9.41 -12.34
C GLU A 50 -11.13 10.54 -11.44
N GLY A 51 -10.15 11.26 -10.90
CA GLY A 51 -10.37 12.42 -10.06
C GLY A 51 -10.51 12.11 -8.57
N GLU A 52 -10.57 10.82 -8.21
CA GLU A 52 -10.74 10.43 -6.82
C GLU A 52 -9.47 10.54 -5.99
N LYS A 53 -9.59 11.09 -4.79
CA LYS A 53 -8.42 11.22 -3.93
C LYS A 53 -8.23 9.99 -3.05
N PHE A 54 -7.01 9.46 -3.05
CA PHE A 54 -6.66 8.30 -2.27
C PHE A 54 -5.54 8.61 -1.29
N GLN A 55 -5.45 7.84 -0.22
CA GLN A 55 -4.37 8.07 0.74
C GLN A 55 -3.78 6.76 1.23
N LEU A 56 -2.46 6.68 1.11
CA LEU A 56 -1.68 5.51 1.51
C LEU A 56 -0.77 5.75 2.70
N LEU A 57 -0.59 4.70 3.49
CA LEU A 57 0.34 4.76 4.60
C LEU A 57 1.49 3.84 4.33
N PHE A 58 2.69 4.26 4.72
CA PHE A 58 3.91 3.48 4.62
C PHE A 58 4.54 3.38 5.99
N LYS A 59 4.24 2.33 6.75
CA LYS A 59 4.81 2.19 8.08
C LYS A 59 6.20 1.64 8.04
N PHE A 60 7.16 2.42 8.50
CA PHE A 60 8.54 1.96 8.44
C PHE A 60 8.98 1.22 9.69
N SER A 61 9.34 -0.03 9.48
CA SER A 61 9.84 -0.95 10.48
C SER A 61 11.14 -0.50 11.08
N SER A 62 11.37 -0.81 12.36
CA SER A 62 12.64 -0.47 12.99
C SER A 62 13.82 -1.24 12.36
N ARG A 63 13.52 -2.31 11.63
CA ARG A 63 14.50 -3.08 10.90
C ARG A 63 14.72 -2.62 9.46
N TYR A 64 13.84 -1.74 8.96
CA TYR A 64 13.87 -1.22 7.59
C TYR A 64 15.24 -0.64 7.29
N PRO A 65 15.84 -0.94 6.14
CA PRO A 65 15.34 -1.73 5.02
C PRO A 65 15.59 -3.23 5.02
N PHE A 66 15.78 -3.85 6.17
CA PHE A 66 15.88 -5.31 6.22
C PHE A 66 14.48 -5.85 5.91
N ASP A 67 13.49 -5.38 6.68
CA ASP A 67 12.09 -5.72 6.48
C ASP A 67 11.35 -4.65 5.68
N SER A 68 10.27 -5.07 5.00
CA SER A 68 9.47 -4.15 4.20
C SER A 68 8.58 -3.27 5.07
N PRO A 69 8.15 -2.11 4.58
CA PRO A 69 7.21 -1.25 5.27
C PRO A 69 5.78 -1.74 5.10
N GLN A 70 4.91 -1.45 6.06
CA GLN A 70 3.52 -1.87 5.90
C GLN A 70 2.81 -0.85 5.05
N VAL A 71 2.28 -1.30 3.92
CA VAL A 71 1.62 -0.34 3.05
C VAL A 71 0.11 -0.58 3.03
N MET A 72 -0.66 0.50 3.14
CA MET A 72 -2.11 0.37 3.15
C MET A 72 -2.93 1.61 2.82
N PHE A 73 -4.20 1.41 2.47
CA PHE A 73 -5.11 2.52 2.23
C PHE A 73 -5.73 2.97 3.54
N THR A 74 -5.95 4.27 3.67
CA THR A 74 -6.53 4.83 4.89
C THR A 74 -7.41 6.04 4.62
N GLY A 75 -8.37 6.27 5.50
CA GLY A 75 -9.25 7.42 5.38
C GLY A 75 -10.71 7.00 5.30
N GLU A 76 -11.56 7.99 5.02
CA GLU A 76 -13.00 7.80 4.88
C GLU A 76 -13.43 7.00 3.65
N ASN A 77 -12.52 6.77 2.71
CA ASN A 77 -12.87 6.03 1.51
C ASN A 77 -11.78 5.10 1.02
N ILE A 78 -11.75 3.90 1.58
CA ILE A 78 -10.84 2.86 1.12
C ILE A 78 -11.59 2.24 -0.07
N PRO A 79 -11.00 2.21 -1.27
CA PRO A 79 -11.70 1.78 -2.47
C PRO A 79 -12.05 0.32 -2.66
N VAL A 80 -13.12 0.13 -3.44
CA VAL A 80 -13.57 -1.18 -3.84
C VAL A 80 -12.70 -1.54 -5.03
N HIS A 81 -12.00 -2.66 -4.90
CA HIS A 81 -11.06 -3.11 -5.90
C HIS A 81 -10.71 -4.58 -5.66
N PRO A 82 -10.47 -5.40 -6.69
CA PRO A 82 -10.09 -6.79 -6.52
C PRO A 82 -8.94 -7.06 -5.54
N HIS A 83 -8.02 -6.11 -5.38
CA HIS A 83 -6.92 -6.27 -4.46
C HIS A 83 -6.92 -5.27 -3.31
N VAL A 84 -8.05 -4.61 -3.04
CA VAL A 84 -8.08 -3.69 -1.90
C VAL A 84 -9.18 -4.12 -0.95
N TYR A 85 -8.80 -4.32 0.30
CA TYR A 85 -9.72 -4.74 1.34
C TYR A 85 -10.17 -3.53 2.10
N SER A 86 -11.34 -3.63 2.73
CA SER A 86 -11.96 -2.51 3.45
C SER A 86 -11.17 -2.01 4.65
N ASN A 87 -10.23 -2.81 5.14
CA ASN A 87 -9.37 -2.40 6.23
C ASN A 87 -8.07 -1.77 5.73
N GLY A 88 -7.97 -1.52 4.42
CA GLY A 88 -6.80 -0.90 3.84
C GLY A 88 -5.79 -1.86 3.23
N HIS A 89 -5.96 -3.17 3.43
CA HIS A 89 -4.97 -4.11 2.89
C HIS A 89 -4.89 -4.10 1.37
N ILE A 90 -3.66 -4.10 0.88
CA ILE A 90 -3.36 -4.10 -0.55
C ILE A 90 -2.72 -5.41 -0.97
N CYS A 91 -3.38 -6.16 -1.84
CA CYS A 91 -2.82 -7.44 -2.23
C CYS A 91 -1.85 -7.27 -3.38
N LEU A 92 -0.63 -6.97 -2.98
CA LEU A 92 0.54 -6.76 -3.82
C LEU A 92 1.75 -7.47 -3.25
N SER A 93 2.29 -8.42 -4.01
CA SER A 93 3.39 -9.25 -3.50
C SER A 93 4.67 -8.51 -3.16
N ILE A 94 4.95 -7.38 -3.82
CA ILE A 94 6.17 -6.65 -3.54
C ILE A 94 6.09 -5.87 -2.25
N LEU A 95 4.99 -5.96 -1.51
CA LEU A 95 4.93 -5.32 -0.22
C LEU A 95 5.49 -6.28 0.83
N THR A 96 5.53 -7.58 0.50
CA THR A 96 6.00 -8.61 1.43
C THR A 96 7.02 -9.54 0.76
N GLU A 97 6.51 -10.62 0.15
CA GLU A 97 7.33 -11.68 -0.43
C GLU A 97 8.28 -11.30 -1.56
N ASP A 98 7.88 -10.36 -2.41
CA ASP A 98 8.74 -9.92 -3.49
C ASP A 98 9.41 -8.59 -3.15
N TRP A 99 9.27 -8.12 -1.90
CA TRP A 99 9.89 -6.86 -1.54
C TRP A 99 11.39 -7.02 -1.44
N SER A 100 12.08 -5.98 -1.86
CA SER A 100 13.52 -5.93 -1.83
C SER A 100 13.94 -4.51 -1.52
N PRO A 101 15.03 -4.30 -0.76
CA PRO A 101 15.55 -2.99 -0.44
C PRO A 101 16.11 -2.27 -1.66
N ALA A 102 16.28 -3.00 -2.76
CA ALA A 102 16.68 -2.44 -4.04
C ALA A 102 15.50 -1.74 -4.70
N LEU A 103 14.27 -1.99 -4.23
CA LEU A 103 13.10 -1.35 -4.79
C LEU A 103 12.91 0.00 -4.12
N SER A 104 12.42 0.95 -4.90
CA SER A 104 12.12 2.29 -4.39
C SER A 104 10.68 2.39 -3.98
N VAL A 105 10.42 3.28 -3.03
CA VAL A 105 9.07 3.54 -2.56
C VAL A 105 8.29 4.13 -3.73
N GLN A 106 8.96 4.89 -4.60
CA GLN A 106 8.34 5.48 -5.79
C GLN A 106 7.73 4.36 -6.61
N SER A 107 8.52 3.32 -6.87
CA SER A 107 8.14 2.14 -7.63
C SER A 107 6.98 1.41 -6.97
N VAL A 108 7.03 1.26 -5.63
CA VAL A 108 5.94 0.64 -4.89
C VAL A 108 4.63 1.40 -5.09
N CYS A 109 4.70 2.72 -4.97
CA CYS A 109 3.56 3.58 -5.19
C CYS A 109 3.04 3.46 -6.62
N LEU A 110 3.95 3.45 -7.59
CA LEU A 110 3.60 3.28 -8.99
C LEU A 110 2.93 1.95 -9.25
N SER A 111 3.37 0.89 -8.56
CA SER A 111 2.73 -0.41 -8.70
C SER A 111 1.30 -0.34 -8.21
N ILE A 112 1.05 0.34 -7.08
CA ILE A 112 -0.29 0.53 -6.54
C ILE A 112 -1.15 1.35 -7.52
N ILE A 113 -0.58 2.44 -8.04
CA ILE A 113 -1.24 3.29 -9.03
C ILE A 113 -1.63 2.50 -10.26
N SER A 114 -0.73 1.64 -10.72
CA SER A 114 -0.97 0.76 -11.86
C SER A 114 -2.13 -0.17 -11.58
N MET A 115 -2.07 -0.91 -10.46
CA MET A 115 -3.08 -1.89 -10.03
C MET A 115 -4.48 -1.32 -10.00
N LEU A 116 -4.60 -0.07 -9.53
CA LEU A 116 -5.86 0.65 -9.45
C LEU A 116 -6.68 0.52 -10.75
N SER A 117 -6.04 0.41 -11.91
CA SER A 117 -6.76 0.28 -13.17
C SER A 117 -6.37 -1.00 -13.93
N SER A 118 -5.09 -1.41 -13.84
CA SER A 118 -4.60 -2.56 -14.57
C SER A 118 -5.16 -3.88 -14.09
N CYS A 119 -5.69 -3.93 -12.87
CA CYS A 119 -6.30 -5.16 -12.40
C CYS A 119 -7.79 -5.27 -12.76
N LYS A 120 -8.28 -4.40 -13.64
CA LYS A 120 -9.66 -4.50 -14.09
C LYS A 120 -9.77 -5.44 -15.29
N GLU A 121 -10.94 -6.07 -15.41
CA GLU A 121 -11.21 -7.00 -16.49
C GLU A 121 -12.70 -6.97 -16.83
N LYS A 122 -13.01 -7.02 -18.12
CA LYS A 122 -14.40 -6.99 -18.59
C LYS A 122 -15.23 -8.18 -18.13
N ARG A 123 -14.60 -9.35 -18.03
CA ARG A 123 -15.29 -10.54 -17.55
C ARG A 123 -15.43 -10.50 -16.04
N ARG A 124 -16.58 -10.94 -15.54
CA ARG A 124 -16.87 -10.99 -14.11
C ARG A 124 -16.18 -12.24 -13.53
N PRO A 125 -15.22 -12.12 -12.61
CA PRO A 125 -14.54 -13.26 -12.04
C PRO A 125 -15.49 -14.23 -11.33
N PRO A 126 -15.31 -15.54 -11.48
CA PRO A 126 -16.13 -16.56 -10.86
C PRO A 126 -15.89 -16.66 -9.37
N ASP A 127 -14.76 -16.10 -8.93
CA ASP A 127 -14.37 -16.03 -7.54
C ASP A 127 -14.37 -14.59 -7.02
N ASN A 128 -15.12 -13.70 -7.67
CA ASN A 128 -15.19 -12.31 -7.23
C ASN A 128 -15.80 -12.23 -5.83
N SER A 129 -17.05 -12.70 -5.72
CA SER A 129 -17.77 -12.70 -4.45
C SER A 129 -17.14 -13.65 -3.44
N PHE A 130 -16.43 -14.65 -3.94
CA PHE A 130 -15.69 -15.58 -3.08
C PHE A 130 -14.68 -14.80 -2.27
N TYR A 131 -13.86 -14.01 -2.94
CA TYR A 131 -12.87 -13.20 -2.24
C TYR A 131 -13.47 -12.02 -1.49
N VAL A 132 -14.63 -11.52 -1.94
CA VAL A 132 -15.30 -10.48 -1.15
C VAL A 132 -15.69 -11.04 0.21
N ARG A 133 -16.26 -12.24 0.22
CA ARG A 133 -16.65 -12.90 1.46
C ARG A 133 -15.49 -13.47 2.27
N THR A 134 -14.44 -13.95 1.61
CA THR A 134 -13.29 -14.50 2.30
C THR A 134 -12.58 -13.44 3.15
N CYS A 135 -12.39 -13.76 4.43
CA CYS A 135 -11.76 -12.85 5.36
C CYS A 135 -10.24 -12.97 5.37
N ASN A 136 -9.74 -14.18 5.13
CA ASN A 136 -8.31 -14.42 5.10
C ASN A 136 -7.69 -13.95 3.79
N LYS A 137 -6.59 -13.22 3.89
CA LYS A 137 -5.87 -12.72 2.72
C LYS A 137 -4.99 -13.86 2.21
N ASN A 138 -4.53 -14.68 3.15
CA ASN A 138 -3.74 -15.87 2.91
C ASN A 138 -4.30 -17.03 3.75
N PRO A 139 -5.40 -17.66 3.34
CA PRO A 139 -6.05 -18.74 4.09
C PRO A 139 -5.16 -19.91 4.43
N LYS A 140 -5.35 -20.43 5.65
CA LYS A 140 -4.60 -21.56 6.20
C LYS A 140 -4.74 -22.88 5.44
N LYS A 141 -5.76 -22.97 4.60
CA LYS A 141 -5.99 -24.16 3.80
C LYS A 141 -5.34 -24.09 2.41
N THR A 142 -4.55 -23.04 2.15
CA THR A 142 -3.86 -22.91 0.87
C THR A 142 -2.95 -24.09 0.61
N LYS A 143 -3.13 -24.74 -0.53
CA LYS A 143 -2.27 -25.86 -0.90
C LYS A 143 -0.90 -25.36 -1.29
N TRP A 144 0.13 -25.87 -0.62
CA TRP A 144 1.48 -25.44 -0.93
C TRP A 144 2.20 -26.53 -1.72
N TRP A 145 3.30 -26.15 -2.36
CA TRP A 145 4.07 -27.10 -3.15
C TRP A 145 4.80 -28.09 -2.26
N TYR A 146 4.85 -29.34 -2.70
CA TYR A 146 5.54 -30.39 -1.97
C TYR A 146 7.04 -30.21 -1.94
N HIS A 147 7.60 -30.31 -0.73
CA HIS A 147 9.04 -30.26 -0.55
C HIS A 147 9.42 -31.38 0.40
N ASP A 148 10.60 -31.95 0.20
CA ASP A 148 11.08 -33.04 1.04
C ASP A 148 12.23 -32.63 1.96
N ASP A 149 12.32 -31.34 2.27
CA ASP A 149 13.37 -30.85 3.15
C ASP A 149 12.94 -31.03 4.59
N THR A 150 13.49 -32.07 5.21
CA THR A 150 13.19 -32.42 6.60
C THR A 150 14.35 -32.13 7.53
N CYS A 151 15.33 -31.33 7.08
CA CYS A 151 16.50 -31.01 7.89
C CYS A 151 16.17 -30.02 9.01
N MET A 1 28.39 -0.66 8.88
CA MET A 1 27.06 -0.99 8.39
C MET A 1 26.17 0.25 8.29
N ALA A 2 25.59 0.46 7.11
CA ALA A 2 24.71 1.60 6.91
C ALA A 2 23.38 1.40 7.63
N SER A 3 22.85 2.48 8.17
CA SER A 3 21.58 2.45 8.87
C SER A 3 20.41 2.35 7.91
N MET A 4 19.38 1.66 8.38
CA MET A 4 18.13 1.46 7.66
C MET A 4 17.41 2.79 7.49
N GLN A 5 17.66 3.73 8.41
CA GLN A 5 17.09 5.06 8.36
C GLN A 5 17.73 5.83 7.22
N LYS A 6 19.02 5.61 7.02
CA LYS A 6 19.76 6.24 5.93
C LYS A 6 19.25 5.67 4.62
N ARG A 7 19.00 4.36 4.58
CA ARG A 7 18.44 3.74 3.39
C ARG A 7 17.06 4.31 3.08
N LEU A 8 16.25 4.52 4.12
CA LEU A 8 14.96 5.16 3.95
C LEU A 8 15.10 6.54 3.38
N GLN A 9 16.01 7.35 3.93
CA GLN A 9 16.22 8.68 3.38
C GLN A 9 16.62 8.61 1.92
N LYS A 10 17.46 7.64 1.55
CA LYS A 10 17.85 7.47 0.16
C LYS A 10 16.66 7.11 -0.71
N GLU A 11 15.72 6.33 -0.17
CA GLU A 11 14.52 5.97 -0.90
C GLU A 11 13.67 7.21 -1.13
N LEU A 12 13.58 8.04 -0.09
CA LEU A 12 12.81 9.28 -0.15
C LEU A 12 13.44 10.23 -1.16
N LEU A 13 14.77 10.27 -1.23
CA LEU A 13 15.49 11.08 -2.20
C LEU A 13 15.23 10.57 -3.62
N ALA A 14 15.18 9.25 -3.78
CA ALA A 14 14.87 8.63 -5.06
C ALA A 14 13.46 9.02 -5.50
N LEU A 15 12.52 9.07 -4.55
CA LEU A 15 11.16 9.49 -4.82
C LEU A 15 11.10 10.97 -5.21
N GLN A 16 11.98 11.79 -4.63
CA GLN A 16 12.04 13.19 -5.03
C GLN A 16 12.54 13.29 -6.47
N ASN A 17 13.54 12.48 -6.80
CA ASN A 17 14.09 12.46 -8.16
C ASN A 17 13.15 11.86 -9.20
N ASP A 18 12.38 10.84 -8.83
CA ASP A 18 11.46 10.22 -9.78
C ASP A 18 10.25 9.56 -9.12
N PRO A 19 9.21 10.32 -8.77
CA PRO A 19 7.99 9.81 -8.20
C PRO A 19 7.10 9.24 -9.30
N PRO A 20 6.20 8.33 -8.99
CA PRO A 20 5.24 7.75 -9.91
C PRO A 20 4.17 8.79 -10.24
N PRO A 21 3.42 8.61 -11.33
CA PRO A 21 2.39 9.53 -11.80
C PRO A 21 1.40 9.94 -10.73
N GLY A 22 1.31 11.24 -10.51
CA GLY A 22 0.39 11.82 -9.54
C GLY A 22 0.91 11.82 -8.10
N MET A 23 2.17 11.46 -7.87
CA MET A 23 2.69 11.42 -6.50
C MET A 23 3.58 12.56 -6.01
N THR A 24 3.19 13.11 -4.86
CA THR A 24 3.91 14.20 -4.18
C THR A 24 4.23 13.86 -2.72
N LEU A 25 5.47 14.15 -2.31
CA LEU A 25 5.91 13.84 -0.96
C LEU A 25 5.65 14.94 0.07
N ASN A 26 5.29 14.55 1.29
CA ASN A 26 5.11 15.46 2.40
C ASN A 26 5.97 15.04 3.59
N GLU A 27 7.01 15.84 3.79
CA GLU A 27 8.00 15.66 4.83
C GLU A 27 7.56 16.08 6.23
N LYS A 28 7.81 15.20 7.18
CA LYS A 28 7.52 15.46 8.58
C LYS A 28 8.48 16.52 9.08
N SER A 29 7.98 17.50 9.82
CA SER A 29 8.77 18.63 10.31
C SER A 29 9.88 18.26 11.30
N VAL A 30 9.78 17.09 11.93
CA VAL A 30 10.80 16.63 12.83
C VAL A 30 11.95 16.05 12.02
N GLN A 31 13.13 16.67 12.14
CA GLN A 31 14.30 16.26 11.35
C GLN A 31 14.87 14.89 11.71
N ASN A 32 14.47 14.38 12.88
CA ASN A 32 14.88 13.07 13.34
C ASN A 32 13.81 12.01 13.10
N SER A 33 12.75 12.33 12.35
CA SER A 33 11.72 11.33 12.12
C SER A 33 11.17 11.36 10.69
N ILE A 34 11.66 10.43 9.87
CA ILE A 34 11.24 10.31 8.48
C ILE A 34 10.52 9.00 8.22
N THR A 35 10.19 8.29 9.31
CA THR A 35 9.52 7.00 9.25
C THR A 35 8.01 7.18 9.19
N GLN A 36 7.53 8.36 9.56
CA GLN A 36 6.13 8.69 9.43
C GLN A 36 6.08 9.62 8.23
N TRP A 37 5.47 9.19 7.14
CA TRP A 37 5.52 10.05 5.97
C TRP A 37 4.18 10.15 5.24
N ILE A 38 3.90 11.33 4.67
CA ILE A 38 2.63 11.52 3.98
C ILE A 38 2.79 11.68 2.48
N VAL A 39 1.98 10.94 1.73
CA VAL A 39 2.01 11.00 0.28
C VAL A 39 0.69 11.40 -0.39
N ASP A 40 0.77 12.37 -1.29
CA ASP A 40 -0.42 12.80 -2.02
C ASP A 40 -0.48 12.01 -3.33
N MET A 41 -1.61 11.38 -3.59
CA MET A 41 -1.77 10.61 -4.83
C MET A 41 -2.96 11.01 -5.69
N GLU A 42 -2.71 11.68 -6.80
CA GLU A 42 -3.80 12.07 -7.69
C GLU A 42 -4.18 10.91 -8.61
N GLY A 43 -5.47 10.60 -8.69
CA GLY A 43 -5.95 9.50 -9.53
C GLY A 43 -5.68 9.74 -11.02
N ALA A 44 -5.34 8.64 -11.68
CA ALA A 44 -4.95 8.60 -13.09
C ALA A 44 -6.10 8.90 -14.06
N PRO A 45 -5.81 9.55 -15.20
CA PRO A 45 -6.76 9.87 -16.25
C PRO A 45 -7.55 8.69 -16.78
N GLY A 46 -8.86 8.86 -16.83
CA GLY A 46 -9.75 7.83 -17.33
C GLY A 46 -10.23 6.86 -16.26
N THR A 47 -9.67 6.92 -15.04
CA THR A 47 -10.11 6.00 -14.01
C THR A 47 -11.27 6.59 -13.25
N LEU A 48 -11.83 5.78 -12.37
CA LEU A 48 -12.94 6.18 -11.53
C LEU A 48 -12.53 7.26 -10.53
N TYR A 49 -11.23 7.46 -10.31
CA TYR A 49 -10.82 8.46 -9.35
C TYR A 49 -9.96 9.53 -10.02
N GLU A 50 -10.12 9.71 -11.34
CA GLU A 50 -9.35 10.75 -12.02
C GLU A 50 -9.45 12.11 -11.36
N GLY A 51 -8.30 12.65 -10.95
CA GLY A 51 -8.26 13.96 -10.32
C GLY A 51 -8.45 13.94 -8.80
N GLU A 52 -8.85 12.81 -8.23
CA GLU A 52 -9.06 12.73 -6.79
C GLU A 52 -7.71 12.61 -6.13
N LYS A 53 -7.46 13.36 -5.08
CA LYS A 53 -6.17 13.21 -4.45
C LYS A 53 -6.36 12.48 -3.14
N PHE A 54 -5.52 11.48 -2.94
CA PHE A 54 -5.60 10.66 -1.75
C PHE A 54 -4.43 10.91 -0.83
N GLN A 55 -4.66 10.77 0.46
CA GLN A 55 -3.60 10.95 1.44
C GLN A 55 -3.13 9.60 1.94
N LEU A 56 -1.88 9.25 1.64
CA LEU A 56 -1.37 7.97 2.13
C LEU A 56 -0.43 8.16 3.30
N LEU A 57 -0.57 7.27 4.27
CA LEU A 57 0.31 7.30 5.42
C LEU A 57 1.23 6.11 5.34
N PHE A 58 2.52 6.40 5.34
CA PHE A 58 3.55 5.39 5.31
C PHE A 58 4.21 5.29 6.67
N LYS A 59 4.26 4.07 7.16
CA LYS A 59 4.91 3.78 8.43
C LYS A 59 6.10 2.89 8.14
N PHE A 60 7.30 3.46 8.16
CA PHE A 60 8.46 2.66 7.85
C PHE A 60 9.02 2.09 9.14
N SER A 61 9.39 0.82 9.10
CA SER A 61 9.93 0.15 10.29
C SER A 61 11.43 0.33 10.41
N SER A 62 11.99 -0.08 11.54
CA SER A 62 13.43 -0.03 11.75
C SER A 62 14.12 -1.10 10.91
N ARG A 63 13.37 -2.14 10.55
CA ARG A 63 13.83 -3.22 9.69
C ARG A 63 13.75 -2.85 8.22
N TYR A 64 12.78 -2.00 7.84
CA TYR A 64 12.59 -1.54 6.47
C TYR A 64 13.89 -1.06 5.82
N PRO A 65 14.18 -1.47 4.58
CA PRO A 65 13.45 -2.31 3.63
C PRO A 65 13.25 -3.81 3.87
N PHE A 66 13.77 -4.38 4.96
CA PHE A 66 13.59 -5.80 5.22
C PHE A 66 12.10 -6.14 5.34
N ASP A 67 11.39 -5.41 6.19
CA ASP A 67 9.94 -5.55 6.33
C ASP A 67 9.21 -4.44 5.58
N SER A 68 7.98 -4.74 5.14
CA SER A 68 7.10 -3.79 4.45
C SER A 68 6.66 -2.66 5.35
N PRO A 69 6.56 -1.44 4.84
CA PRO A 69 6.01 -0.34 5.59
C PRO A 69 4.51 -0.57 5.63
N GLN A 70 3.83 0.08 6.58
CA GLN A 70 2.38 -0.04 6.60
C GLN A 70 1.88 1.09 5.73
N VAL A 71 0.97 0.80 4.81
CA VAL A 71 0.51 1.86 3.93
C VAL A 71 -1.01 1.96 3.97
N MET A 72 -1.55 3.10 4.41
CA MET A 72 -3.01 3.26 4.50
C MET A 72 -3.55 4.61 4.02
N PHE A 73 -4.82 4.64 3.62
CA PHE A 73 -5.44 5.90 3.21
C PHE A 73 -5.88 6.63 4.46
N THR A 74 -5.68 7.95 4.47
CA THR A 74 -6.03 8.81 5.59
C THR A 74 -7.04 9.89 5.19
N GLY A 75 -8.05 10.07 6.01
CA GLY A 75 -9.06 11.11 5.76
C GLY A 75 -10.40 10.52 5.37
N GLU A 76 -11.30 11.41 4.95
CA GLU A 76 -12.64 11.02 4.54
C GLU A 76 -12.71 10.50 3.11
N ASN A 77 -11.77 10.92 2.26
CA ASN A 77 -11.79 10.52 0.85
C ASN A 77 -11.20 9.12 0.66
N ILE A 78 -11.94 8.12 1.08
CA ILE A 78 -11.54 6.73 0.95
C ILE A 78 -12.20 6.19 -0.32
N PRO A 79 -11.44 5.72 -1.30
CA PRO A 79 -11.99 5.22 -2.54
C PRO A 79 -12.68 3.87 -2.37
N VAL A 80 -13.58 3.56 -3.28
CA VAL A 80 -14.33 2.32 -3.26
C VAL A 80 -13.64 1.34 -4.19
N HIS A 81 -13.29 0.19 -3.63
CA HIS A 81 -12.58 -0.86 -4.34
C HIS A 81 -12.54 -2.12 -3.50
N PRO A 82 -12.59 -3.32 -4.07
CA PRO A 82 -12.46 -4.55 -3.30
C PRO A 82 -11.27 -4.64 -2.34
N HIS A 83 -10.16 -3.98 -2.66
CA HIS A 83 -8.98 -3.98 -1.80
C HIS A 83 -8.80 -2.67 -1.01
N VAL A 84 -9.84 -1.86 -0.92
CA VAL A 84 -9.78 -0.64 -0.12
C VAL A 84 -10.88 -0.70 0.93
N TYR A 85 -10.51 -0.51 2.19
CA TYR A 85 -11.51 -0.63 3.23
C TYR A 85 -11.79 0.71 3.88
N SER A 86 -12.93 0.78 4.59
CA SER A 86 -13.42 2.02 5.21
C SER A 86 -12.53 2.58 6.31
N ASN A 87 -11.63 1.76 6.86
CA ASN A 87 -10.67 2.20 7.84
C ASN A 87 -9.38 2.69 7.20
N GLY A 88 -9.34 2.77 5.86
CA GLY A 88 -8.17 3.22 5.12
C GLY A 88 -7.27 2.06 4.71
N HIS A 89 -7.61 0.83 5.07
CA HIS A 89 -6.73 -0.27 4.74
C HIS A 89 -6.58 -0.53 3.25
N ILE A 90 -5.33 -0.75 2.86
CA ILE A 90 -4.95 -1.06 1.49
C ILE A 90 -4.44 -2.48 1.42
N CYS A 91 -5.15 -3.34 0.69
CA CYS A 91 -4.72 -4.73 0.63
C CYS A 91 -3.96 -5.07 -0.64
N LEU A 92 -2.64 -4.99 -0.56
CA LEU A 92 -1.77 -5.40 -1.66
C LEU A 92 -1.01 -6.60 -1.16
N SER A 93 -0.75 -7.60 -2.00
CA SER A 93 -0.03 -8.76 -1.49
C SER A 93 1.40 -8.40 -1.13
N ILE A 94 1.95 -7.40 -1.81
CA ILE A 94 3.31 -6.93 -1.59
C ILE A 94 3.52 -6.25 -0.24
N LEU A 95 2.46 -5.97 0.50
CA LEU A 95 2.66 -5.36 1.79
C LEU A 95 2.78 -6.46 2.85
N THR A 96 2.50 -7.71 2.46
CA THR A 96 2.60 -8.87 3.36
C THR A 96 3.36 -10.02 2.73
N GLU A 97 2.65 -10.73 1.84
CA GLU A 97 3.11 -11.97 1.22
C GLU A 97 4.16 -11.85 0.13
N ASP A 98 4.10 -10.79 -0.67
CA ASP A 98 5.06 -10.61 -1.74
C ASP A 98 6.07 -9.49 -1.47
N TRP A 99 6.24 -9.10 -0.20
CA TRP A 99 7.21 -8.07 0.09
C TRP A 99 8.64 -8.52 -0.11
N SER A 100 9.42 -7.63 -0.69
CA SER A 100 10.83 -7.79 -0.94
C SER A 100 11.50 -6.44 -0.81
N PRO A 101 12.69 -6.35 -0.21
CA PRO A 101 13.51 -5.16 -0.12
C PRO A 101 13.78 -4.50 -1.48
N ALA A 102 13.72 -5.30 -2.55
CA ALA A 102 13.88 -4.84 -3.91
C ALA A 102 12.71 -3.95 -4.36
N LEU A 103 11.57 -4.04 -3.68
CA LEU A 103 10.42 -3.23 -4.04
C LEU A 103 10.63 -1.81 -3.55
N SER A 104 10.30 -0.86 -4.40
CA SER A 104 10.45 0.55 -4.07
C SER A 104 9.15 1.13 -3.53
N VAL A 105 9.22 2.33 -2.94
CA VAL A 105 8.01 3.00 -2.47
C VAL A 105 7.19 3.36 -3.68
N GLN A 106 7.89 3.78 -4.74
CA GLN A 106 7.32 4.06 -6.04
C GLN A 106 6.51 2.88 -6.50
N SER A 107 7.09 1.67 -6.45
CA SER A 107 6.42 0.43 -6.84
C SER A 107 5.15 0.22 -6.03
N VAL A 108 5.20 0.48 -4.71
CA VAL A 108 4.02 0.36 -3.86
C VAL A 108 2.93 1.32 -4.29
N CYS A 109 3.30 2.57 -4.56
CA CYS A 109 2.35 3.56 -5.00
C CYS A 109 1.79 3.22 -6.37
N LEU A 110 2.61 2.67 -7.27
CA LEU A 110 2.15 2.23 -8.57
C LEU A 110 1.15 1.10 -8.43
N SER A 111 1.37 0.23 -7.45
CA SER A 111 0.43 -0.86 -7.16
C SER A 111 -0.89 -0.28 -6.64
N ILE A 112 -0.84 0.77 -5.81
CA ILE A 112 -2.04 1.46 -5.32
C ILE A 112 -2.79 2.13 -6.46
N ILE A 113 -2.05 2.78 -7.37
CA ILE A 113 -2.61 3.39 -8.56
C ILE A 113 -3.29 2.34 -9.42
N SER A 114 -2.58 1.23 -9.64
CA SER A 114 -3.07 0.10 -10.42
C SER A 114 -4.33 -0.47 -9.81
N MET A 115 -4.33 -0.60 -8.49
CA MET A 115 -5.46 -1.07 -7.71
C MET A 115 -6.67 -0.20 -7.95
N LEU A 116 -6.53 1.11 -7.79
CA LEU A 116 -7.69 1.95 -8.00
C LEU A 116 -8.14 2.01 -9.47
N SER A 117 -7.21 1.88 -10.42
CA SER A 117 -7.61 1.89 -11.83
C SER A 117 -8.26 0.59 -12.29
N SER A 118 -8.00 -0.52 -11.60
CA SER A 118 -8.58 -1.81 -11.96
C SER A 118 -9.48 -2.40 -10.89
N CYS A 119 -10.78 -2.14 -11.03
CA CYS A 119 -11.79 -2.67 -10.11
C CYS A 119 -11.81 -4.18 -10.23
N LYS A 120 -11.68 -4.86 -9.10
CA LYS A 120 -11.59 -6.32 -9.13
C LYS A 120 -12.92 -7.02 -8.90
N GLU A 121 -12.93 -8.30 -9.21
CA GLU A 121 -14.09 -9.16 -9.06
C GLU A 121 -13.63 -10.59 -8.83
N LYS A 122 -14.51 -11.42 -8.28
CA LYS A 122 -14.15 -12.81 -8.03
C LYS A 122 -14.14 -13.63 -9.31
N ARG A 123 -12.98 -14.19 -9.62
CA ARG A 123 -12.81 -15.03 -10.79
C ARG A 123 -12.21 -16.37 -10.40
N ARG A 124 -12.63 -17.42 -11.10
CA ARG A 124 -12.13 -18.76 -10.82
C ARG A 124 -10.75 -19.01 -11.44
N PRO A 125 -9.86 -19.72 -10.76
CA PRO A 125 -8.57 -20.14 -11.28
C PRO A 125 -8.68 -20.99 -12.55
N PRO A 126 -7.70 -20.92 -13.46
CA PRO A 126 -7.64 -21.71 -14.69
C PRO A 126 -7.80 -23.22 -14.48
N ASP A 127 -7.34 -23.68 -13.32
CA ASP A 127 -7.42 -25.07 -12.89
C ASP A 127 -7.54 -25.10 -11.38
N ASN A 128 -8.78 -25.30 -10.93
CA ASN A 128 -9.11 -25.36 -9.52
C ASN A 128 -8.49 -26.56 -8.83
N SER A 129 -8.24 -27.64 -9.58
CA SER A 129 -7.71 -28.83 -8.96
C SER A 129 -6.21 -28.61 -8.79
N PHE A 130 -5.61 -27.80 -9.67
CA PHE A 130 -4.20 -27.39 -9.58
C PHE A 130 -4.03 -26.63 -8.30
N TYR A 131 -4.94 -25.67 -8.06
CA TYR A 131 -4.92 -24.91 -6.82
C TYR A 131 -4.93 -25.86 -5.64
N VAL A 132 -5.83 -26.85 -5.63
CA VAL A 132 -5.85 -27.81 -4.53
C VAL A 132 -4.55 -28.61 -4.42
N ARG A 133 -4.05 -29.14 -5.54
CA ARG A 133 -2.83 -29.93 -5.56
C ARG A 133 -1.63 -29.16 -5.06
N THR A 134 -1.58 -27.87 -5.37
CA THR A 134 -0.48 -27.03 -4.93
C THR A 134 -0.92 -25.95 -3.96
N CYS A 135 -1.97 -26.16 -3.17
CA CYS A 135 -2.46 -25.12 -2.26
C CYS A 135 -1.48 -24.62 -1.20
N ASN A 136 -0.46 -25.43 -0.88
CA ASN A 136 0.56 -25.02 0.09
C ASN A 136 1.78 -24.42 -0.60
N LYS A 137 1.75 -24.36 -1.94
CA LYS A 137 2.80 -23.78 -2.74
C LYS A 137 2.25 -22.48 -3.32
N ASN A 138 0.92 -22.43 -3.45
CA ASN A 138 0.18 -21.27 -3.91
C ASN A 138 -1.03 -20.98 -3.01
N PRO A 139 -0.83 -20.60 -1.74
CA PRO A 139 -1.89 -20.25 -0.82
C PRO A 139 -2.50 -18.89 -1.13
N LYS A 140 -3.68 -18.62 -0.60
CA LYS A 140 -4.31 -17.33 -0.84
C LYS A 140 -3.50 -16.24 -0.16
N LYS A 141 -3.20 -15.18 -0.90
CA LYS A 141 -2.40 -14.08 -0.40
C LYS A 141 -3.21 -12.89 0.12
N THR A 142 -4.53 -13.06 0.22
CA THR A 142 -5.44 -12.06 0.76
C THR A 142 -6.10 -12.56 2.04
N LYS A 143 -6.04 -13.87 2.27
CA LYS A 143 -6.61 -14.60 3.41
C LYS A 143 -6.40 -13.97 4.77
N TRP A 144 -5.17 -13.52 5.03
CA TRP A 144 -4.75 -12.84 6.25
C TRP A 144 -5.53 -11.58 6.63
N TRP A 145 -6.25 -10.99 5.69
CA TRP A 145 -6.98 -9.77 5.97
C TRP A 145 -8.45 -10.03 6.27
N TYR A 146 -8.80 -9.83 7.54
CA TYR A 146 -10.12 -10.07 8.07
C TYR A 146 -10.95 -8.83 8.42
N HIS A 147 -11.15 -7.90 7.47
CA HIS A 147 -11.94 -6.71 7.74
C HIS A 147 -13.35 -7.05 8.22
N ASP A 148 -13.71 -6.54 9.40
CA ASP A 148 -15.04 -6.78 9.97
C ASP A 148 -16.13 -6.12 9.15
N ASP A 149 -17.27 -6.79 9.05
CA ASP A 149 -18.41 -6.29 8.31
C ASP A 149 -19.07 -5.09 8.97
N THR A 150 -19.58 -4.18 8.13
CA THR A 150 -20.25 -2.97 8.59
C THR A 150 -21.53 -3.31 9.34
N CYS A 151 -21.68 -2.74 10.52
CA CYS A 151 -22.85 -2.97 11.35
C CYS A 151 -23.03 -1.87 12.40
N MET A 1 17.43 8.47 15.06
CA MET A 1 18.55 8.58 14.13
C MET A 1 19.10 7.23 13.69
N ALA A 2 18.20 6.29 13.37
CA ALA A 2 18.58 4.96 12.91
C ALA A 2 19.09 5.06 11.50
N SER A 3 19.93 4.12 11.05
CA SER A 3 20.43 4.20 9.69
C SER A 3 19.28 4.03 8.70
N MET A 4 18.22 3.33 9.12
CA MET A 4 17.01 3.17 8.34
C MET A 4 16.40 4.52 8.08
N GLN A 5 16.24 5.28 9.16
CA GLN A 5 15.66 6.60 9.15
C GLN A 5 16.49 7.56 8.33
N LYS A 6 17.81 7.41 8.39
CA LYS A 6 18.72 8.23 7.59
C LYS A 6 18.54 7.96 6.10
N ARG A 7 18.50 6.68 5.73
CA ARG A 7 18.32 6.29 4.34
C ARG A 7 16.95 6.71 3.83
N LEU A 8 15.94 6.53 4.69
CA LEU A 8 14.57 6.89 4.43
C LEU A 8 14.45 8.37 4.18
N GLN A 9 15.03 9.20 5.05
CA GLN A 9 14.94 10.63 4.85
C GLN A 9 15.62 11.03 3.56
N LYS A 10 16.75 10.42 3.19
CA LYS A 10 17.38 10.74 1.92
C LYS A 10 16.46 10.40 0.75
N GLU A 11 15.78 9.26 0.85
CA GLU A 11 14.79 8.83 -0.14
C GLU A 11 13.68 9.83 -0.28
N LEU A 12 13.12 10.24 0.86
CA LEU A 12 12.03 11.20 0.92
C LEU A 12 12.45 12.54 0.36
N LEU A 13 13.70 12.96 0.61
CA LEU A 13 14.21 14.20 0.05
C LEU A 13 14.28 14.12 -1.47
N ALA A 14 14.69 12.96 -2.00
CA ALA A 14 14.71 12.73 -3.44
C ALA A 14 13.30 12.81 -4.01
N LEU A 15 12.34 12.25 -3.27
CA LEU A 15 10.93 12.28 -3.65
C LEU A 15 10.39 13.71 -3.59
N GLN A 16 10.86 14.53 -2.65
CA GLN A 16 10.45 15.93 -2.61
C GLN A 16 11.02 16.67 -3.81
N ASN A 17 12.26 16.38 -4.16
CA ASN A 17 12.90 17.01 -5.31
C ASN A 17 12.25 16.62 -6.63
N ASP A 18 11.82 15.37 -6.77
CA ASP A 18 11.14 14.96 -7.99
C ASP A 18 10.19 13.79 -7.78
N PRO A 19 8.96 14.05 -7.30
CA PRO A 19 7.94 13.04 -7.10
C PRO A 19 7.30 12.66 -8.42
N PRO A 20 6.79 11.44 -8.56
CA PRO A 20 6.10 11.01 -9.75
C PRO A 20 4.71 11.64 -9.78
N PRO A 21 4.10 11.77 -10.96
CA PRO A 21 2.78 12.37 -11.13
C PRO A 21 1.72 11.75 -10.24
N GLY A 22 1.04 12.62 -9.49
CA GLY A 22 -0.02 12.21 -8.59
C GLY A 22 0.46 11.84 -7.18
N MET A 23 1.77 11.88 -6.92
CA MET A 23 2.31 11.54 -5.60
C MET A 23 2.85 12.71 -4.76
N THR A 24 2.29 12.92 -3.57
CA THR A 24 2.77 13.96 -2.65
C THR A 24 3.07 13.42 -1.25
N LEU A 25 4.20 13.80 -0.67
CA LEU A 25 4.53 13.31 0.66
C LEU A 25 3.86 14.11 1.78
N ASN A 26 3.55 13.41 2.88
CA ASN A 26 2.91 13.98 4.05
C ASN A 26 3.32 13.15 5.28
N GLU A 27 2.87 13.56 6.46
CA GLU A 27 3.24 12.84 7.68
C GLU A 27 2.25 13.08 8.81
N LYS A 28 2.34 12.24 9.84
CA LYS A 28 1.48 12.36 11.00
C LYS A 28 2.05 11.66 12.22
N SER A 29 2.15 12.41 13.31
CA SER A 29 2.65 11.86 14.57
C SER A 29 1.62 10.89 15.13
N VAL A 30 2.11 9.78 15.68
CA VAL A 30 1.21 8.76 16.22
C VAL A 30 1.55 8.45 17.66
N GLN A 31 0.59 7.84 18.35
CA GLN A 31 0.70 7.48 19.76
C GLN A 31 1.75 6.42 20.08
N ASN A 32 2.23 5.72 19.05
CA ASN A 32 3.25 4.72 19.24
C ASN A 32 4.66 5.26 19.06
N SER A 33 4.79 6.55 18.71
CA SER A 33 6.09 7.18 18.45
C SER A 33 6.95 6.38 17.48
N ILE A 34 6.39 6.06 16.32
CA ILE A 34 7.09 5.28 15.30
C ILE A 34 7.16 5.97 13.94
N THR A 35 8.10 5.50 13.12
CA THR A 35 8.30 6.13 11.83
C THR A 35 7.39 5.62 10.74
N GLN A 36 6.32 6.39 10.56
CA GLN A 36 5.35 6.18 9.49
C GLN A 36 5.22 7.45 8.66
N TRP A 37 4.98 7.29 7.36
CA TRP A 37 4.80 8.43 6.46
C TRP A 37 3.56 8.27 5.59
N ILE A 38 2.99 9.41 5.21
CA ILE A 38 1.74 9.42 4.46
C ILE A 38 1.92 9.89 3.03
N VAL A 39 1.37 9.14 2.09
CA VAL A 39 1.48 9.60 0.72
C VAL A 39 0.10 9.99 0.20
N ASP A 40 -0.03 11.23 -0.22
CA ASP A 40 -1.29 11.72 -0.74
C ASP A 40 -1.32 11.34 -2.21
N MET A 41 -2.36 10.66 -2.66
CA MET A 41 -2.38 10.26 -4.06
C MET A 41 -3.63 10.53 -4.87
N GLU A 42 -3.38 11.00 -6.09
CA GLU A 42 -4.43 11.26 -7.07
C GLU A 42 -4.35 10.22 -8.19
N GLY A 43 -5.48 9.60 -8.54
CA GLY A 43 -5.48 8.59 -9.59
C GLY A 43 -5.12 9.13 -10.97
N ALA A 44 -4.45 8.27 -11.72
CA ALA A 44 -3.91 8.55 -13.05
C ALA A 44 -4.99 8.82 -14.12
N PRO A 45 -4.72 9.75 -15.04
CA PRO A 45 -5.64 10.13 -16.07
C PRO A 45 -5.81 9.03 -17.10
N GLY A 46 -7.06 8.91 -17.54
CA GLY A 46 -7.41 7.87 -18.48
C GLY A 46 -7.90 6.62 -17.76
N THR A 47 -7.76 6.57 -16.43
CA THR A 47 -8.23 5.40 -15.69
C THR A 47 -9.52 5.77 -15.00
N LEU A 48 -10.13 4.77 -14.38
CA LEU A 48 -11.37 4.94 -13.62
C LEU A 48 -11.18 5.76 -12.35
N TYR A 49 -9.92 6.00 -11.96
CA TYR A 49 -9.61 6.74 -10.77
C TYR A 49 -9.06 8.12 -11.10
N GLU A 50 -9.15 8.55 -12.37
CA GLU A 50 -8.68 9.88 -12.76
C GLU A 50 -9.18 11.03 -11.90
N GLY A 51 -8.28 11.58 -11.09
CA GLY A 51 -8.62 12.71 -10.23
C GLY A 51 -9.15 12.32 -8.84
N GLU A 52 -9.36 11.02 -8.63
CA GLU A 52 -9.86 10.49 -7.38
C GLU A 52 -8.74 10.36 -6.38
N LYS A 53 -8.99 10.78 -5.15
CA LYS A 53 -7.90 10.74 -4.18
C LYS A 53 -8.07 9.79 -3.00
N PHE A 54 -6.90 9.36 -2.52
CA PHE A 54 -6.74 8.46 -1.38
C PHE A 54 -5.39 8.67 -0.76
N GLN A 55 -5.16 8.13 0.44
CA GLN A 55 -3.84 8.27 1.04
C GLN A 55 -3.22 6.89 1.29
N LEU A 56 -1.89 6.82 1.29
CA LEU A 56 -1.27 5.57 1.67
C LEU A 56 -0.47 5.76 2.94
N LEU A 57 -0.51 4.77 3.82
CA LEU A 57 0.28 4.88 5.03
C LEU A 57 1.38 3.85 4.94
N PHE A 58 2.61 4.32 5.02
CA PHE A 58 3.83 3.53 4.98
C PHE A 58 4.50 3.39 6.34
N LYS A 59 4.47 2.18 6.89
CA LYS A 59 5.14 1.94 8.16
C LYS A 59 6.53 1.42 7.91
N PHE A 60 7.54 2.12 8.41
CA PHE A 60 8.89 1.67 8.13
C PHE A 60 9.46 0.91 9.31
N SER A 61 9.96 -0.29 9.02
CA SER A 61 10.55 -1.13 10.06
C SER A 61 11.98 -0.73 10.29
N SER A 62 12.60 -1.33 11.29
CA SER A 62 14.00 -1.10 11.61
C SER A 62 14.94 -1.78 10.60
N ARG A 63 14.40 -2.59 9.69
CA ARG A 63 15.19 -3.28 8.69
C ARG A 63 15.06 -2.63 7.32
N TYR A 64 13.91 -2.02 7.04
CA TYR A 64 13.66 -1.24 5.81
C TYR A 64 14.94 -0.62 5.20
N PRO A 65 15.20 -0.85 3.91
CA PRO A 65 14.42 -1.58 2.93
C PRO A 65 14.75 -3.05 2.79
N PHE A 66 15.32 -3.66 3.83
CA PHE A 66 15.52 -5.10 3.83
C PHE A 66 14.10 -5.68 3.80
N ASP A 67 13.29 -5.20 4.73
CA ASP A 67 11.87 -5.55 4.82
C ASP A 67 11.00 -4.50 4.12
N SER A 68 9.85 -4.95 3.63
CA SER A 68 8.85 -4.08 3.01
C SER A 68 8.23 -3.17 4.04
N PRO A 69 7.91 -1.93 3.70
CA PRO A 69 7.18 -1.08 4.58
C PRO A 69 5.77 -1.64 4.57
N GLN A 70 5.00 -1.41 5.63
CA GLN A 70 3.62 -1.88 5.64
C GLN A 70 2.85 -0.84 4.90
N VAL A 71 2.13 -1.20 3.84
CA VAL A 71 1.43 -0.15 3.11
C VAL A 71 -0.06 -0.41 3.06
N MET A 72 -0.83 0.56 3.55
CA MET A 72 -2.29 0.44 3.57
C MET A 72 -3.02 1.69 3.08
N PHE A 73 -4.24 1.52 2.59
CA PHE A 73 -5.02 2.68 2.15
C PHE A 73 -5.61 3.39 3.36
N THR A 74 -5.58 4.71 3.30
CA THR A 74 -6.07 5.62 4.33
C THR A 74 -7.11 6.60 3.82
N GLY A 75 -8.17 6.75 4.62
CA GLY A 75 -9.28 7.64 4.33
C GLY A 75 -10.60 6.89 4.32
N GLU A 76 -11.69 7.63 4.15
CA GLU A 76 -13.03 7.05 4.09
C GLU A 76 -13.27 6.39 2.74
N ASN A 77 -12.53 6.85 1.71
CA ASN A 77 -12.64 6.35 0.36
C ASN A 77 -11.93 5.01 0.18
N ILE A 78 -12.55 3.96 0.71
CA ILE A 78 -12.01 2.60 0.63
C ILE A 78 -12.27 2.01 -0.75
N PRO A 79 -11.25 1.56 -1.48
CA PRO A 79 -11.36 0.95 -2.79
C PRO A 79 -12.21 -0.32 -2.82
N VAL A 80 -12.80 -0.55 -3.99
CA VAL A 80 -13.66 -1.70 -4.29
C VAL A 80 -12.95 -2.61 -5.30
N HIS A 81 -11.63 -2.51 -5.32
CA HIS A 81 -10.70 -3.21 -6.18
C HIS A 81 -10.71 -4.72 -5.91
N PRO A 82 -10.58 -5.59 -6.92
CA PRO A 82 -10.48 -7.03 -6.73
C PRO A 82 -9.41 -7.51 -5.75
N HIS A 83 -8.37 -6.71 -5.49
CA HIS A 83 -7.32 -7.12 -4.58
C HIS A 83 -6.99 -6.08 -3.50
N VAL A 84 -7.97 -5.82 -2.63
CA VAL A 84 -7.83 -4.89 -1.52
C VAL A 84 -8.80 -5.33 -0.43
N TYR A 85 -8.43 -5.10 0.82
CA TYR A 85 -9.28 -5.45 1.95
C TYR A 85 -9.98 -4.21 2.47
N SER A 86 -11.14 -4.40 3.09
CA SER A 86 -11.95 -3.30 3.60
C SER A 86 -11.30 -2.52 4.75
N ASN A 87 -10.27 -3.10 5.37
CA ASN A 87 -9.54 -2.40 6.41
C ASN A 87 -8.35 -1.61 5.86
N GLY A 88 -8.21 -1.54 4.54
CA GLY A 88 -7.12 -0.80 3.91
C GLY A 88 -5.95 -1.69 3.48
N HIS A 89 -5.94 -2.96 3.86
CA HIS A 89 -4.80 -3.80 3.46
C HIS A 89 -4.76 -3.97 1.95
N ILE A 90 -3.55 -3.86 1.40
CA ILE A 90 -3.40 -3.93 -0.04
C ILE A 90 -2.85 -5.27 -0.51
N CYS A 91 -3.60 -5.97 -1.35
CA CYS A 91 -3.09 -7.27 -1.76
C CYS A 91 -2.26 -7.06 -3.02
N LEU A 92 -0.99 -6.79 -2.75
CA LEU A 92 0.02 -6.52 -3.75
C LEU A 92 1.34 -7.20 -3.38
N SER A 93 1.89 -7.96 -4.32
CA SER A 93 3.09 -8.76 -4.08
C SER A 93 4.34 -7.99 -3.71
N ILE A 94 4.42 -6.71 -4.07
CA ILE A 94 5.56 -5.86 -3.75
C ILE A 94 5.70 -5.70 -2.24
N LEU A 95 4.62 -5.91 -1.50
CA LEU A 95 4.61 -5.77 -0.06
C LEU A 95 5.02 -7.07 0.64
N THR A 96 5.22 -8.15 -0.13
CA THR A 96 5.57 -9.46 0.39
C THR A 96 6.76 -9.99 -0.43
N GLU A 97 6.51 -11.08 -1.16
CA GLU A 97 7.50 -11.83 -1.91
C GLU A 97 8.26 -11.09 -3.00
N ASP A 98 7.69 -10.05 -3.61
CA ASP A 98 8.43 -9.33 -4.63
C ASP A 98 9.18 -8.12 -4.08
N TRP A 99 9.18 -7.92 -2.76
CA TRP A 99 9.92 -6.82 -2.19
C TRP A 99 11.44 -7.04 -2.30
N SER A 100 12.14 -5.95 -2.55
CA SER A 100 13.59 -5.90 -2.68
C SER A 100 14.10 -4.57 -2.16
N PRO A 101 15.29 -4.50 -1.53
CA PRO A 101 15.96 -3.29 -1.10
C PRO A 101 16.13 -2.24 -2.20
N ALA A 102 16.13 -2.69 -3.46
CA ALA A 102 16.24 -1.81 -4.61
C ALA A 102 14.92 -1.07 -4.88
N LEU A 103 13.83 -1.49 -4.25
CA LEU A 103 12.53 -0.86 -4.44
C LEU A 103 12.30 0.26 -3.45
N SER A 104 11.53 1.25 -3.88
CA SER A 104 11.21 2.45 -3.12
C SER A 104 9.76 2.62 -2.68
N VAL A 105 9.53 3.71 -1.95
CA VAL A 105 8.19 4.15 -1.53
C VAL A 105 7.35 4.41 -2.77
N GLN A 106 7.90 5.16 -3.73
CA GLN A 106 7.18 5.42 -4.96
C GLN A 106 7.05 4.17 -5.83
N SER A 107 7.93 3.17 -5.66
CA SER A 107 7.77 1.93 -6.42
C SER A 107 6.45 1.30 -6.02
N VAL A 108 6.16 1.34 -4.72
CA VAL A 108 4.91 0.82 -4.19
C VAL A 108 3.73 1.66 -4.65
N CYS A 109 3.86 2.99 -4.59
CA CYS A 109 2.79 3.89 -5.02
C CYS A 109 2.42 3.70 -6.48
N LEU A 110 3.44 3.63 -7.33
CA LEU A 110 3.27 3.43 -8.76
C LEU A 110 2.68 2.05 -9.05
N SER A 111 3.08 1.04 -8.26
CA SER A 111 2.53 -0.30 -8.41
C SER A 111 1.03 -0.26 -8.11
N ILE A 112 0.64 0.44 -7.05
CA ILE A 112 -0.76 0.64 -6.68
C ILE A 112 -1.52 1.35 -7.78
N ILE A 113 -0.92 2.37 -8.39
CA ILE A 113 -1.54 3.02 -9.53
C ILE A 113 -1.80 2.04 -10.66
N SER A 114 -0.83 1.17 -10.97
CA SER A 114 -1.09 0.21 -12.03
C SER A 114 -2.16 -0.79 -11.61
N MET A 115 -2.29 -1.08 -10.31
CA MET A 115 -3.36 -1.95 -9.83
C MET A 115 -4.68 -1.30 -10.14
N LEU A 116 -4.78 -0.01 -9.82
CA LEU A 116 -6.00 0.73 -10.07
C LEU A 116 -6.33 0.80 -11.56
N SER A 117 -5.32 0.98 -12.42
CA SER A 117 -5.60 1.04 -13.85
C SER A 117 -6.06 -0.31 -14.41
N SER A 118 -5.65 -1.41 -13.76
CA SER A 118 -6.09 -2.73 -14.19
C SER A 118 -7.51 -3.08 -13.76
N CYS A 119 -8.15 -2.27 -12.90
CA CYS A 119 -9.47 -2.60 -12.36
C CYS A 119 -10.64 -2.32 -13.32
N LYS A 120 -10.63 -3.00 -14.45
CA LYS A 120 -11.63 -2.88 -15.49
C LYS A 120 -12.49 -4.13 -15.53
N GLU A 121 -11.82 -5.28 -15.40
CA GLU A 121 -12.47 -6.58 -15.41
C GLU A 121 -12.98 -6.95 -14.03
N LYS A 122 -14.25 -7.35 -13.94
CA LYS A 122 -14.85 -7.78 -12.68
C LYS A 122 -14.28 -9.10 -12.15
N ARG A 123 -13.05 -9.06 -11.66
CA ARG A 123 -12.30 -10.21 -11.15
C ARG A 123 -12.72 -10.70 -9.77
N ARG A 124 -13.97 -11.14 -9.70
CA ARG A 124 -14.61 -11.66 -8.51
C ARG A 124 -14.14 -13.10 -8.30
N PRO A 125 -13.92 -13.55 -7.06
CA PRO A 125 -13.51 -14.91 -6.76
C PRO A 125 -14.48 -15.96 -7.31
N PRO A 126 -13.98 -17.06 -7.89
CA PRO A 126 -14.75 -18.17 -8.40
C PRO A 126 -15.28 -19.09 -7.30
N ASP A 127 -14.73 -18.94 -6.11
CA ASP A 127 -15.05 -19.70 -4.91
C ASP A 127 -16.43 -19.40 -4.35
N ASN A 128 -16.92 -20.33 -3.55
CA ASN A 128 -18.21 -20.22 -2.87
C ASN A 128 -18.22 -18.95 -2.06
N SER A 129 -19.25 -18.12 -2.24
CA SER A 129 -19.35 -16.83 -1.56
C SER A 129 -19.31 -16.92 -0.04
N PHE A 130 -19.70 -18.05 0.55
CA PHE A 130 -19.59 -18.22 2.00
C PHE A 130 -18.11 -18.17 2.36
N TYR A 131 -17.34 -19.00 1.66
CA TYR A 131 -15.90 -19.08 1.82
C TYR A 131 -15.26 -17.72 1.61
N VAL A 132 -15.62 -17.06 0.52
CA VAL A 132 -15.10 -15.75 0.17
C VAL A 132 -15.33 -14.73 1.28
N ARG A 133 -16.54 -14.69 1.83
CA ARG A 133 -16.83 -13.77 2.92
C ARG A 133 -16.08 -14.13 4.21
N THR A 134 -15.88 -15.41 4.49
CA THR A 134 -15.16 -15.81 5.69
C THR A 134 -13.64 -15.87 5.49
N CYS A 135 -13.19 -15.77 4.24
CA CYS A 135 -11.77 -15.74 3.90
C CYS A 135 -11.28 -14.31 3.77
N ASN A 136 -11.94 -13.49 2.97
CA ASN A 136 -11.51 -12.11 2.80
C ASN A 136 -11.68 -11.26 4.06
N LYS A 137 -12.58 -11.64 4.97
CA LYS A 137 -12.70 -10.91 6.21
C LYS A 137 -11.76 -11.43 7.28
N ASN A 138 -10.98 -12.47 6.97
CA ASN A 138 -10.02 -13.06 7.89
C ASN A 138 -8.74 -13.45 7.17
N PRO A 139 -7.97 -12.50 6.61
CA PRO A 139 -6.75 -12.75 5.87
C PRO A 139 -5.67 -13.44 6.70
N LYS A 140 -5.79 -13.31 8.02
CA LYS A 140 -4.95 -13.94 9.03
C LYS A 140 -4.94 -15.47 8.95
N LYS A 141 -5.93 -16.05 8.27
CA LYS A 141 -6.03 -17.48 8.04
C LYS A 141 -4.99 -18.02 7.06
N THR A 142 -4.41 -17.15 6.22
CA THR A 142 -3.43 -17.56 5.20
C THR A 142 -2.06 -17.90 5.78
N LYS A 143 -2.00 -19.02 6.51
CA LYS A 143 -0.80 -19.49 7.16
C LYS A 143 -0.10 -20.69 6.52
N TRP A 144 -0.89 -21.67 6.08
CA TRP A 144 -0.29 -22.88 5.52
C TRP A 144 -1.27 -23.69 4.69
N TRP A 145 -0.77 -24.18 3.57
CA TRP A 145 -1.55 -24.97 2.63
C TRP A 145 -0.95 -26.35 2.50
N TYR A 146 -1.83 -27.35 2.35
CA TYR A 146 -1.37 -28.73 2.22
C TYR A 146 -0.53 -28.98 0.98
N HIS A 147 0.66 -29.51 1.20
CA HIS A 147 1.56 -29.85 0.11
C HIS A 147 1.11 -31.13 -0.59
N ASP A 148 1.09 -31.09 -1.92
CA ASP A 148 0.70 -32.24 -2.71
C ASP A 148 1.91 -33.08 -3.09
N ASP A 149 2.09 -34.21 -2.41
CA ASP A 149 3.22 -35.11 -2.62
C ASP A 149 3.28 -35.77 -3.99
N THR A 150 2.17 -35.76 -4.74
CA THR A 150 2.16 -36.37 -6.06
C THR A 150 2.48 -35.35 -7.14
N CYS A 151 2.57 -34.07 -6.78
CA CYS A 151 2.86 -33.00 -7.74
C CYS A 151 4.33 -32.58 -7.72
N MET A 1 19.51 9.33 13.87
CA MET A 1 20.65 8.67 14.48
C MET A 1 20.81 7.20 14.12
N ALA A 2 19.70 6.47 13.98
CA ALA A 2 19.74 5.06 13.63
C ALA A 2 20.07 4.87 12.17
N SER A 3 20.66 3.74 11.82
CA SER A 3 20.99 3.46 10.42
C SER A 3 19.74 3.34 9.56
N MET A 4 18.63 2.94 10.16
CA MET A 4 17.36 2.86 9.45
C MET A 4 16.83 4.25 9.17
N GLN A 5 17.13 5.20 10.06
CA GLN A 5 16.75 6.60 9.92
C GLN A 5 17.63 7.24 8.85
N LYS A 6 18.88 6.79 8.76
CA LYS A 6 19.77 7.27 7.71
C LYS A 6 19.23 6.80 6.36
N ARG A 7 18.83 5.53 6.29
CA ARG A 7 18.25 4.97 5.07
C ARG A 7 16.93 5.63 4.72
N LEU A 8 16.12 5.91 5.73
CA LEU A 8 14.85 6.62 5.64
C LEU A 8 15.00 7.94 4.93
N GLN A 9 15.91 8.76 5.43
CA GLN A 9 16.10 10.06 4.83
C GLN A 9 16.72 9.97 3.45
N LYS A 10 17.61 9.01 3.20
CA LYS A 10 18.16 8.89 1.86
C LYS A 10 17.08 8.55 0.84
N GLU A 11 16.18 7.64 1.23
CA GLU A 11 15.05 7.25 0.38
C GLU A 11 14.17 8.44 0.08
N LEU A 12 13.82 9.18 1.13
CA LEU A 12 12.96 10.33 0.98
C LEU A 12 13.61 11.44 0.16
N LEU A 13 14.93 11.60 0.24
CA LEU A 13 15.59 12.57 -0.60
C LEU A 13 15.51 12.17 -2.06
N ALA A 14 15.65 10.87 -2.37
CA ALA A 14 15.51 10.39 -3.74
C ALA A 14 14.10 10.65 -4.25
N LEU A 15 13.12 10.40 -3.39
CA LEU A 15 11.72 10.67 -3.66
C LEU A 15 11.48 12.13 -3.99
N GLN A 16 12.03 13.03 -3.17
CA GLN A 16 11.92 14.46 -3.39
C GLN A 16 12.59 14.87 -4.70
N ASN A 17 13.71 14.22 -5.05
CA ASN A 17 14.37 14.51 -6.31
C ASN A 17 13.50 14.12 -7.50
N ASP A 18 12.73 13.03 -7.40
CA ASP A 18 11.82 12.71 -8.49
C ASP A 18 10.57 11.93 -8.07
N PRO A 19 9.52 12.63 -7.60
CA PRO A 19 8.24 12.06 -7.21
C PRO A 19 7.51 11.36 -8.36
N PRO A 20 6.81 10.24 -8.15
CA PRO A 20 5.99 9.56 -9.11
C PRO A 20 4.87 10.44 -9.64
N PRO A 21 4.46 10.28 -10.90
CA PRO A 21 3.36 11.01 -11.49
C PRO A 21 2.11 10.91 -10.66
N GLY A 22 1.62 12.05 -10.18
CA GLY A 22 0.41 12.08 -9.37
C GLY A 22 0.63 11.65 -7.92
N MET A 23 1.86 11.71 -7.41
CA MET A 23 2.12 11.32 -6.01
C MET A 23 2.93 12.31 -5.16
N THR A 24 2.40 12.62 -3.96
CA THR A 24 3.06 13.51 -3.00
C THR A 24 3.16 12.87 -1.61
N LEU A 25 4.33 12.93 -0.98
CA LEU A 25 4.50 12.29 0.33
C LEU A 25 5.05 13.16 1.44
N ASN A 26 4.34 13.18 2.58
CA ASN A 26 4.76 13.91 3.76
C ASN A 26 5.27 12.95 4.84
N GLU A 27 6.32 13.36 5.55
CA GLU A 27 6.83 12.50 6.62
C GLU A 27 6.14 12.84 7.94
N LYS A 28 5.56 11.83 8.57
CA LYS A 28 4.86 11.98 9.83
C LYS A 28 5.71 11.52 11.02
N SER A 29 6.01 12.47 11.89
CA SER A 29 6.79 12.21 13.09
C SER A 29 5.91 12.35 14.32
N VAL A 30 5.97 11.36 15.21
CA VAL A 30 5.16 11.35 16.42
C VAL A 30 5.99 11.13 17.67
N GLN A 31 5.38 11.42 18.82
CA GLN A 31 6.00 11.31 20.14
C GLN A 31 6.37 9.89 20.55
N ASN A 32 5.86 8.90 19.83
CA ASN A 32 6.15 7.51 20.07
C ASN A 32 7.32 7.00 19.23
N SER A 33 7.99 7.90 18.50
CA SER A 33 9.15 7.58 17.66
C SER A 33 8.82 6.60 16.54
N ILE A 34 7.66 6.81 15.91
CA ILE A 34 7.20 5.97 14.81
C ILE A 34 7.12 6.78 13.53
N THR A 35 7.93 6.43 12.54
CA THR A 35 7.88 7.16 11.28
C THR A 35 6.81 6.62 10.38
N GLN A 36 5.89 7.50 9.99
CA GLN A 36 4.84 7.11 9.09
C GLN A 36 4.84 8.02 7.88
N TRP A 37 4.27 7.57 6.78
CA TRP A 37 4.21 8.45 5.61
C TRP A 37 2.78 8.74 5.25
N ILE A 38 2.55 9.97 4.80
CA ILE A 38 1.23 10.42 4.38
C ILE A 38 1.29 10.68 2.89
N VAL A 39 0.58 9.88 2.10
CA VAL A 39 0.71 10.07 0.66
C VAL A 39 -0.57 10.44 -0.05
N ASP A 40 -0.52 11.54 -0.79
CA ASP A 40 -1.70 11.96 -1.53
C ASP A 40 -1.52 11.57 -2.99
N MET A 41 -2.57 11.01 -3.60
CA MET A 41 -2.42 10.61 -5.00
C MET A 41 -3.60 11.02 -5.88
N GLU A 42 -3.32 11.22 -7.17
CA GLU A 42 -4.36 11.53 -8.13
C GLU A 42 -4.63 10.36 -9.07
N GLY A 43 -5.89 9.92 -9.18
CA GLY A 43 -6.19 8.81 -10.08
C GLY A 43 -5.97 9.14 -11.55
N ALA A 44 -5.55 8.12 -12.30
CA ALA A 44 -5.18 8.23 -13.72
C ALA A 44 -6.33 8.61 -14.66
N PRO A 45 -6.05 9.46 -15.67
CA PRO A 45 -7.02 9.93 -16.61
C PRO A 45 -7.49 8.85 -17.55
N GLY A 46 -8.78 8.89 -17.83
CA GLY A 46 -9.42 7.91 -18.69
C GLY A 46 -9.95 6.72 -17.88
N THR A 47 -9.65 6.67 -16.56
CA THR A 47 -10.13 5.58 -15.76
C THR A 47 -11.25 6.05 -14.87
N LEU A 48 -11.83 5.10 -14.14
CA LEU A 48 -12.91 5.36 -13.21
C LEU A 48 -12.46 6.17 -11.99
N TYR A 49 -11.14 6.32 -11.81
CA TYR A 49 -10.60 7.03 -10.67
C TYR A 49 -10.01 8.38 -11.10
N GLU A 50 -10.20 8.78 -12.36
CA GLU A 50 -9.67 10.03 -12.90
C GLU A 50 -9.89 11.30 -12.11
N GLY A 51 -8.81 11.81 -11.51
CA GLY A 51 -8.86 13.05 -10.75
C GLY A 51 -9.26 12.86 -9.30
N GLU A 52 -9.52 11.62 -8.89
CA GLU A 52 -9.92 11.33 -7.53
C GLU A 52 -8.74 11.42 -6.61
N LYS A 53 -8.94 12.06 -5.46
CA LYS A 53 -7.86 12.18 -4.49
C LYS A 53 -7.83 10.98 -3.54
N PHE A 54 -6.66 10.36 -3.44
CA PHE A 54 -6.45 9.21 -2.59
C PHE A 54 -5.47 9.51 -1.49
N GLN A 55 -5.57 8.78 -0.38
CA GLN A 55 -4.58 9.04 0.66
C GLN A 55 -4.13 7.74 1.33
N LEU A 56 -2.81 7.57 1.41
CA LEU A 56 -2.18 6.41 2.01
C LEU A 56 -1.48 6.68 3.31
N LEU A 57 -1.42 5.63 4.11
CA LEU A 57 -0.71 5.61 5.37
C LEU A 57 0.34 4.52 5.34
N PHE A 58 1.60 4.90 5.53
CA PHE A 58 2.64 3.90 5.59
C PHE A 58 3.36 3.81 6.91
N LYS A 59 3.69 2.60 7.33
CA LYS A 59 4.52 2.46 8.53
C LYS A 59 5.91 2.11 8.04
N PHE A 60 6.87 3.01 8.29
CA PHE A 60 8.25 2.77 7.86
C PHE A 60 8.81 1.51 8.48
N SER A 61 9.17 0.56 7.63
CA SER A 61 9.72 -0.69 8.10
C SER A 61 11.09 -0.55 8.75
N SER A 62 11.20 -1.14 9.94
CA SER A 62 12.43 -1.16 10.72
C SER A 62 13.47 -2.10 10.13
N ARG A 63 13.07 -2.90 9.13
CA ARG A 63 13.96 -3.82 8.46
C ARG A 63 14.32 -3.34 7.05
N TYR A 64 13.94 -2.12 6.69
CA TYR A 64 14.21 -1.51 5.39
C TYR A 64 15.68 -1.56 4.96
N PRO A 65 15.97 -1.93 3.71
CA PRO A 65 15.10 -2.33 2.61
C PRO A 65 14.85 -3.81 2.47
N PHE A 66 14.97 -4.57 3.55
CA PHE A 66 14.83 -6.01 3.46
C PHE A 66 13.47 -6.53 3.91
N ASP A 67 12.47 -5.66 3.82
CA ASP A 67 11.08 -5.98 4.13
C ASP A 67 10.25 -4.78 3.68
N SER A 68 8.99 -5.05 3.36
CA SER A 68 8.10 -4.02 2.83
C SER A 68 7.55 -3.11 3.94
N PRO A 69 7.16 -1.87 3.61
CA PRO A 69 6.54 -0.97 4.55
C PRO A 69 5.07 -1.35 4.67
N GLN A 70 4.45 -1.07 5.82
CA GLN A 70 3.05 -1.44 5.94
C GLN A 70 2.24 -0.37 5.25
N VAL A 71 1.37 -0.70 4.30
CA VAL A 71 0.64 0.38 3.64
C VAL A 71 -0.85 0.12 3.56
N MET A 72 -1.61 1.20 3.74
CA MET A 72 -3.05 1.13 3.63
C MET A 72 -3.68 2.46 3.24
N PHE A 73 -4.90 2.40 2.76
CA PHE A 73 -5.63 3.63 2.46
C PHE A 73 -6.17 4.15 3.77
N THR A 74 -6.22 5.48 3.90
CA THR A 74 -6.70 6.11 5.12
C THR A 74 -7.51 7.36 4.84
N GLY A 75 -8.46 7.63 5.73
CA GLY A 75 -9.34 8.78 5.61
C GLY A 75 -10.80 8.37 5.61
N GLU A 76 -11.67 9.35 5.40
CA GLU A 76 -13.12 9.16 5.38
C GLU A 76 -13.69 8.38 4.18
N ASN A 77 -12.88 8.12 3.17
CA ASN A 77 -13.36 7.40 1.99
C ASN A 77 -12.31 6.43 1.47
N ILE A 78 -12.53 5.15 1.79
CA ILE A 78 -11.62 4.09 1.34
C ILE A 78 -12.13 3.61 -0.02
N PRO A 79 -11.29 3.59 -1.07
CA PRO A 79 -11.67 3.23 -2.43
C PRO A 79 -12.33 1.87 -2.66
N VAL A 80 -13.27 1.88 -3.61
CA VAL A 80 -13.94 0.67 -4.03
C VAL A 80 -13.13 0.16 -5.21
N HIS A 81 -12.55 -1.03 -5.04
CA HIS A 81 -11.68 -1.62 -6.02
C HIS A 81 -11.45 -3.09 -5.67
N PRO A 82 -11.34 -4.02 -6.61
CA PRO A 82 -11.04 -5.42 -6.32
C PRO A 82 -9.82 -5.66 -5.41
N HIS A 83 -8.82 -4.79 -5.47
CA HIS A 83 -7.62 -4.92 -4.64
C HIS A 83 -7.58 -3.91 -3.47
N VAL A 84 -8.69 -3.23 -3.19
CA VAL A 84 -8.75 -2.31 -2.06
C VAL A 84 -9.89 -2.72 -1.14
N TYR A 85 -9.57 -2.98 0.11
CA TYR A 85 -10.58 -3.41 1.06
C TYR A 85 -11.02 -2.20 1.86
N SER A 86 -12.24 -2.25 2.40
CA SER A 86 -12.85 -1.15 3.14
C SER A 86 -12.12 -0.75 4.42
N ASN A 87 -11.26 -1.64 4.92
CA ASN A 87 -10.42 -1.35 6.08
C ASN A 87 -9.07 -0.73 5.67
N GLY A 88 -8.90 -0.42 4.39
CA GLY A 88 -7.69 0.20 3.88
C GLY A 88 -6.69 -0.79 3.28
N HIS A 89 -6.92 -2.10 3.40
CA HIS A 89 -5.94 -3.06 2.88
C HIS A 89 -5.74 -2.98 1.37
N ILE A 90 -4.47 -3.03 0.98
CA ILE A 90 -4.02 -2.97 -0.41
C ILE A 90 -3.39 -4.27 -0.85
N CYS A 91 -3.97 -4.88 -1.89
CA CYS A 91 -3.41 -6.15 -2.35
C CYS A 91 -2.48 -6.04 -3.54
N LEU A 92 -1.17 -5.96 -3.25
CA LEU A 92 -0.13 -5.95 -4.27
C LEU A 92 0.91 -7.00 -3.91
N SER A 93 1.45 -7.71 -4.90
CA SER A 93 2.43 -8.74 -4.60
C SER A 93 3.72 -8.20 -4.05
N ILE A 94 4.06 -6.97 -4.42
CA ILE A 94 5.28 -6.29 -3.97
C ILE A 94 5.30 -5.97 -2.48
N LEU A 95 4.16 -6.11 -1.82
CA LEU A 95 4.08 -5.85 -0.41
C LEU A 95 4.36 -7.13 0.38
N THR A 96 4.37 -8.27 -0.32
CA THR A 96 4.57 -9.58 0.28
C THR A 96 5.62 -10.41 -0.45
N GLU A 97 5.19 -10.97 -1.59
CA GLU A 97 5.98 -11.92 -2.37
C GLU A 97 7.06 -11.35 -3.28
N ASP A 98 6.80 -10.20 -3.87
CA ASP A 98 7.73 -9.57 -4.79
C ASP A 98 8.56 -8.46 -4.16
N TRP A 99 8.48 -8.29 -2.83
CA TRP A 99 9.31 -7.26 -2.21
C TRP A 99 10.79 -7.55 -2.41
N SER A 100 11.48 -6.53 -2.89
CA SER A 100 12.90 -6.52 -3.15
C SER A 100 13.50 -5.24 -2.63
N PRO A 101 14.74 -5.23 -2.12
CA PRO A 101 15.47 -4.04 -1.70
C PRO A 101 15.60 -2.99 -2.80
N ALA A 102 15.46 -3.39 -4.06
CA ALA A 102 15.47 -2.50 -5.20
C ALA A 102 14.21 -1.62 -5.24
N LEU A 103 13.16 -2.02 -4.52
CA LEU A 103 11.91 -1.28 -4.46
C LEU A 103 11.99 -0.16 -3.44
N SER A 104 11.15 0.84 -3.68
CA SER A 104 11.04 2.08 -2.92
C SER A 104 9.62 2.55 -2.81
N VAL A 105 9.30 3.31 -1.77
CA VAL A 105 7.98 3.88 -1.60
C VAL A 105 7.47 4.60 -2.84
N GLN A 106 8.36 5.15 -3.66
CA GLN A 106 7.92 5.82 -4.87
C GLN A 106 7.40 4.82 -5.91
N SER A 107 7.87 3.58 -5.85
CA SER A 107 7.47 2.53 -6.77
C SER A 107 6.26 1.83 -6.19
N VAL A 108 6.15 1.85 -4.86
CA VAL A 108 5.00 1.25 -4.19
C VAL A 108 3.78 2.09 -4.43
N CYS A 109 3.89 3.39 -4.20
CA CYS A 109 2.77 4.29 -4.43
C CYS A 109 2.41 4.36 -5.89
N LEU A 110 3.41 4.36 -6.78
CA LEU A 110 3.10 4.38 -8.20
C LEU A 110 2.40 3.06 -8.57
N SER A 111 2.85 1.93 -8.00
CA SER A 111 2.18 0.65 -8.23
C SER A 111 0.72 0.70 -7.78
N ILE A 112 0.46 1.34 -6.63
CA ILE A 112 -0.89 1.53 -6.10
C ILE A 112 -1.70 2.37 -7.09
N ILE A 113 -1.09 3.42 -7.66
CA ILE A 113 -1.74 4.21 -8.67
C ILE A 113 -2.08 3.36 -9.90
N SER A 114 -1.14 2.53 -10.36
CA SER A 114 -1.43 1.70 -11.53
C SER A 114 -2.48 0.63 -11.22
N MET A 115 -2.56 0.20 -9.96
CA MET A 115 -3.57 -0.73 -9.46
C MET A 115 -4.93 -0.11 -9.64
N LEU A 116 -5.05 1.13 -9.19
CA LEU A 116 -6.27 1.90 -9.34
C LEU A 116 -6.59 2.08 -10.82
N SER A 117 -5.59 2.35 -11.67
CA SER A 117 -5.88 2.49 -13.10
C SER A 117 -6.20 1.18 -13.82
N SER A 118 -5.72 0.05 -13.29
CA SER A 118 -6.00 -1.26 -13.88
C SER A 118 -5.77 -2.37 -12.86
N CYS A 119 -6.81 -3.16 -12.64
CA CYS A 119 -6.76 -4.22 -11.63
C CYS A 119 -5.67 -5.23 -11.89
N LYS A 120 -5.07 -5.70 -10.80
CA LYS A 120 -3.96 -6.65 -10.84
C LYS A 120 -4.40 -8.11 -10.79
N GLU A 121 -5.47 -8.45 -11.51
CA GLU A 121 -6.03 -9.79 -11.59
C GLU A 121 -6.69 -10.01 -12.94
N LYS A 122 -6.43 -11.17 -13.53
CA LYS A 122 -7.02 -11.52 -14.83
C LYS A 122 -8.53 -11.74 -14.73
N ARG A 123 -8.94 -12.74 -13.95
CA ARG A 123 -10.36 -13.04 -13.75
C ARG A 123 -10.66 -13.52 -12.35
N ARG A 124 -11.85 -13.16 -11.87
CA ARG A 124 -12.38 -13.57 -10.57
C ARG A 124 -12.28 -15.09 -10.40
N PRO A 125 -11.54 -15.62 -9.42
CA PRO A 125 -11.40 -17.04 -9.20
C PRO A 125 -12.73 -17.75 -8.96
N PRO A 126 -12.90 -18.97 -9.49
CA PRO A 126 -14.08 -19.80 -9.34
C PRO A 126 -14.16 -20.49 -7.98
N ASP A 127 -13.05 -20.49 -7.25
CA ASP A 127 -12.97 -21.14 -5.95
C ASP A 127 -12.82 -20.16 -4.80
N ASN A 128 -13.56 -19.05 -4.84
CA ASN A 128 -13.50 -18.05 -3.78
C ASN A 128 -14.10 -18.54 -2.47
N SER A 129 -15.07 -19.46 -2.52
CA SER A 129 -15.64 -20.00 -1.29
C SER A 129 -14.57 -20.81 -0.57
N PHE A 130 -13.82 -21.59 -1.36
CA PHE A 130 -12.70 -22.40 -0.90
C PHE A 130 -11.66 -21.49 -0.28
N TYR A 131 -11.30 -20.42 -1.02
CA TYR A 131 -10.35 -19.43 -0.54
C TYR A 131 -10.73 -18.87 0.81
N VAL A 132 -11.98 -18.43 0.97
CA VAL A 132 -12.44 -17.93 2.26
C VAL A 132 -12.34 -18.98 3.36
N ARG A 133 -12.79 -20.20 3.07
CA ARG A 133 -12.73 -21.26 4.06
C ARG A 133 -11.30 -21.63 4.47
N THR A 134 -10.36 -21.46 3.54
CA THR A 134 -8.95 -21.72 3.80
C THR A 134 -8.14 -20.42 3.93
N CYS A 135 -8.80 -19.28 4.13
CA CYS A 135 -8.04 -18.04 4.18
C CYS A 135 -7.28 -17.90 5.50
N ASN A 136 -6.03 -18.31 5.46
CA ASN A 136 -5.13 -18.25 6.61
C ASN A 136 -4.71 -16.82 6.97
N LYS A 137 -4.97 -15.87 6.08
CA LYS A 137 -4.67 -14.47 6.31
C LYS A 137 -5.90 -13.70 6.79
N ASN A 138 -7.02 -14.39 7.05
CA ASN A 138 -8.26 -13.77 7.51
C ASN A 138 -8.05 -12.95 8.79
N PRO A 139 -8.37 -11.64 8.79
CA PRO A 139 -8.25 -10.78 9.96
C PRO A 139 -9.05 -11.28 11.16
N LYS A 140 -8.49 -11.04 12.34
CA LYS A 140 -9.11 -11.45 13.60
C LYS A 140 -10.47 -10.83 13.86
N LYS A 141 -11.44 -11.71 14.11
CA LYS A 141 -12.79 -11.29 14.45
C LYS A 141 -12.97 -11.40 15.96
N THR A 142 -13.49 -10.36 16.58
CA THR A 142 -13.71 -10.37 18.01
C THR A 142 -15.04 -11.01 18.38
N LYS A 143 -15.16 -11.36 19.65
CA LYS A 143 -16.38 -11.95 20.19
C LYS A 143 -17.08 -11.01 21.17
N TRP A 144 -16.43 -9.91 21.52
CA TRP A 144 -16.98 -8.94 22.46
C TRP A 144 -17.43 -7.69 21.72
N TRP A 145 -16.64 -7.25 20.75
CA TRP A 145 -16.97 -6.04 20.00
C TRP A 145 -17.89 -6.37 18.85
N TYR A 146 -18.99 -5.62 18.79
CA TYR A 146 -19.99 -5.76 17.75
C TYR A 146 -19.53 -5.12 16.44
N HIS A 147 -20.14 -5.50 15.34
CA HIS A 147 -19.73 -4.95 14.05
C HIS A 147 -20.01 -3.46 14.01
N ASP A 148 -19.05 -2.69 13.53
CA ASP A 148 -19.12 -1.23 13.48
C ASP A 148 -20.37 -0.67 12.81
N ASP A 149 -20.86 -1.35 11.77
CA ASP A 149 -22.04 -0.87 11.04
C ASP A 149 -23.36 -1.17 11.74
N THR A 150 -23.32 -1.77 12.94
CA THR A 150 -24.52 -2.04 13.70
C THR A 150 -24.53 -1.14 14.94
N CYS A 151 -23.56 -0.22 15.04
CA CYS A 151 -23.49 0.71 16.17
C CYS A 151 -24.73 1.57 16.32
N MET A 1 18.37 1.12 14.13
CA MET A 1 17.43 2.04 13.47
C MET A 1 18.03 2.82 12.30
N ALA A 2 19.35 2.98 12.27
CA ALA A 2 20.03 3.75 11.23
C ALA A 2 19.76 3.25 9.82
N SER A 3 19.54 1.96 9.64
CA SER A 3 19.23 1.42 8.31
C SER A 3 18.00 2.09 7.73
N MET A 4 16.89 2.08 8.47
CA MET A 4 15.69 2.71 7.96
C MET A 4 15.76 4.22 8.05
N GLN A 5 16.51 4.78 8.99
CA GLN A 5 16.58 6.22 9.06
C GLN A 5 17.30 6.81 7.86
N LYS A 6 18.43 6.21 7.51
CA LYS A 6 19.21 6.66 6.38
C LYS A 6 18.50 6.36 5.08
N ARG A 7 17.92 5.17 4.96
CA ARG A 7 17.22 4.80 3.74
C ARG A 7 16.04 5.68 3.45
N LEU A 8 15.24 5.96 4.47
CA LEU A 8 14.08 6.81 4.31
C LEU A 8 14.45 8.25 4.03
N GLN A 9 15.55 8.74 4.60
CA GLN A 9 15.96 10.09 4.24
C GLN A 9 16.38 10.14 2.78
N LYS A 10 17.07 9.10 2.30
CA LYS A 10 17.46 9.06 0.90
C LYS A 10 16.26 8.98 -0.04
N GLU A 11 15.27 8.14 0.29
CA GLU A 11 14.09 8.02 -0.56
C GLU A 11 13.26 9.29 -0.49
N LEU A 12 13.17 9.90 0.70
CA LEU A 12 12.45 11.14 0.91
C LEU A 12 13.00 12.25 0.04
N LEU A 13 14.30 12.47 0.14
CA LEU A 13 14.96 13.53 -0.61
C LEU A 13 14.92 13.28 -2.11
N ALA A 14 15.05 12.04 -2.54
CA ALA A 14 14.96 11.72 -3.95
C ALA A 14 13.60 12.12 -4.52
N LEU A 15 12.55 11.80 -3.77
CA LEU A 15 11.20 12.13 -4.16
C LEU A 15 10.80 13.57 -3.89
N GLN A 16 11.47 14.26 -2.97
CA GLN A 16 11.19 15.68 -2.85
C GLN A 16 11.78 16.38 -4.06
N ASN A 17 12.96 15.92 -4.50
CA ASN A 17 13.58 16.48 -5.69
C ASN A 17 12.84 16.10 -6.97
N ASP A 18 12.33 14.87 -7.06
CA ASP A 18 11.59 14.49 -8.25
C ASP A 18 10.54 13.39 -8.02
N PRO A 19 9.34 13.74 -7.54
CA PRO A 19 8.24 12.84 -7.32
C PRO A 19 7.54 12.55 -8.65
N PRO A 20 6.92 11.39 -8.84
CA PRO A 20 6.18 11.10 -10.04
C PRO A 20 4.84 11.85 -10.03
N PRO A 21 4.24 12.09 -11.19
CA PRO A 21 2.95 12.76 -11.33
C PRO A 21 1.87 12.10 -10.49
N GLY A 22 1.19 12.93 -9.69
CA GLY A 22 0.13 12.44 -8.81
C GLY A 22 0.64 11.98 -7.45
N MET A 23 1.93 12.15 -7.16
CA MET A 23 2.44 11.74 -5.85
C MET A 23 3.17 12.82 -5.06
N THR A 24 2.77 12.99 -3.80
CA THR A 24 3.44 13.94 -2.90
C THR A 24 3.75 13.33 -1.54
N LEU A 25 5.01 13.40 -1.11
CA LEU A 25 5.31 12.86 0.20
C LEU A 25 5.11 13.89 1.30
N ASN A 26 4.51 13.49 2.40
CA ASN A 26 4.43 14.39 3.54
C ASN A 26 5.47 13.90 4.54
N GLU A 27 6.14 14.82 5.22
CA GLU A 27 7.16 14.40 6.17
C GLU A 27 6.52 14.01 7.50
N LYS A 28 7.08 12.98 8.12
CA LYS A 28 6.59 12.51 9.41
C LYS A 28 6.82 13.57 10.48
N SER A 29 5.76 13.97 11.18
CA SER A 29 5.92 14.98 12.22
C SER A 29 6.42 14.43 13.54
N VAL A 30 7.30 15.20 14.16
CA VAL A 30 7.92 14.92 15.45
C VAL A 30 6.90 14.96 16.59
N GLN A 31 5.75 15.60 16.34
CA GLN A 31 4.67 15.67 17.31
C GLN A 31 4.04 14.29 17.50
N ASN A 32 4.22 13.42 16.51
CA ASN A 32 3.74 12.06 16.56
C ASN A 32 4.88 11.17 17.03
N SER A 33 6.06 11.34 16.42
CA SER A 33 7.25 10.52 16.70
C SER A 33 6.96 9.02 16.60
N ILE A 34 6.37 8.65 15.48
CA ILE A 34 5.97 7.30 15.10
C ILE A 34 6.93 6.75 14.03
N THR A 35 6.53 5.66 13.35
CA THR A 35 7.32 5.06 12.28
C THR A 35 6.52 4.98 10.98
N GLN A 36 5.50 5.82 10.84
CA GLN A 36 4.62 5.79 9.68
C GLN A 36 4.45 7.14 8.97
N TRP A 37 4.67 7.11 7.66
CA TRP A 37 4.56 8.26 6.76
C TRP A 37 3.27 8.33 5.96
N ILE A 38 2.85 9.57 5.65
CA ILE A 38 1.64 9.83 4.87
C ILE A 38 2.00 10.32 3.48
N VAL A 39 1.44 9.68 2.45
CA VAL A 39 1.69 10.07 1.07
C VAL A 39 0.42 10.45 0.33
N ASP A 40 0.38 11.62 -0.28
CA ASP A 40 -0.82 11.99 -1.01
C ASP A 40 -0.78 11.40 -2.42
N MET A 41 -1.89 10.82 -2.85
CA MET A 41 -1.94 10.23 -4.18
C MET A 41 -3.17 10.62 -5.01
N GLU A 42 -2.93 11.03 -6.25
CA GLU A 42 -4.04 11.37 -7.15
C GLU A 42 -4.23 10.29 -8.18
N GLY A 43 -5.48 9.84 -8.34
CA GLY A 43 -5.82 8.83 -9.33
C GLY A 43 -5.41 9.26 -10.72
N ALA A 44 -4.51 8.49 -11.32
CA ALA A 44 -3.99 8.77 -12.65
C ALA A 44 -5.12 8.73 -13.67
N PRO A 45 -5.07 9.56 -14.71
CA PRO A 45 -6.09 9.66 -15.72
C PRO A 45 -6.21 8.48 -16.67
N GLY A 46 -7.40 8.36 -17.25
CA GLY A 46 -7.70 7.29 -18.18
C GLY A 46 -8.38 6.12 -17.49
N THR A 47 -8.90 6.32 -16.27
CA THR A 47 -9.56 5.21 -15.60
C THR A 47 -10.63 5.65 -14.58
N LEU A 48 -11.10 4.67 -13.81
CA LEU A 48 -12.20 4.81 -12.86
C LEU A 48 -11.94 5.69 -11.65
N TYR A 49 -10.67 5.84 -11.30
CA TYR A 49 -10.29 6.62 -10.14
C TYR A 49 -9.68 7.97 -10.54
N GLU A 50 -9.78 8.33 -11.83
CA GLU A 50 -9.20 9.58 -12.30
C GLU A 50 -9.60 10.83 -11.52
N GLY A 51 -8.58 11.50 -11.00
CA GLY A 51 -8.74 12.75 -10.27
C GLY A 51 -9.08 12.57 -8.79
N GLU A 52 -9.23 11.34 -8.32
CA GLU A 52 -9.58 11.13 -6.92
C GLU A 52 -8.38 11.24 -6.01
N LYS A 53 -8.57 11.82 -4.83
CA LYS A 53 -7.44 11.93 -3.92
C LYS A 53 -7.52 10.86 -2.84
N PHE A 54 -6.40 10.17 -2.65
CA PHE A 54 -6.27 9.09 -1.69
C PHE A 54 -5.06 9.37 -0.82
N GLN A 55 -5.01 8.87 0.40
CA GLN A 55 -3.75 9.03 1.11
C GLN A 55 -3.25 7.64 1.40
N LEU A 56 -1.93 7.47 1.36
CA LEU A 56 -1.36 6.18 1.65
C LEU A 56 -0.52 6.24 2.90
N LEU A 57 -0.59 5.17 3.69
CA LEU A 57 0.22 5.10 4.87
C LEU A 57 1.35 4.14 4.59
N PHE A 58 2.53 4.51 5.03
CA PHE A 58 3.75 3.71 4.92
C PHE A 58 4.41 3.48 6.26
N LYS A 59 4.11 2.34 6.89
CA LYS A 59 4.73 2.06 8.17
C LYS A 59 5.99 1.26 7.91
N PHE A 60 7.10 1.74 8.46
CA PHE A 60 8.35 1.07 8.18
C PHE A 60 8.94 0.34 9.37
N SER A 61 9.67 -0.72 9.03
CA SER A 61 10.39 -1.60 9.93
C SER A 61 11.79 -1.16 10.21
N SER A 62 12.30 -1.55 11.38
CA SER A 62 13.66 -1.21 11.79
C SER A 62 14.71 -1.85 10.88
N ARG A 63 14.33 -2.92 10.16
CA ARG A 63 15.25 -3.54 9.21
C ARG A 63 15.13 -2.98 7.79
N TYR A 64 14.28 -1.98 7.54
CA TYR A 64 14.07 -1.38 6.23
C TYR A 64 15.42 -0.85 5.75
N PRO A 65 15.78 -1.06 4.47
CA PRO A 65 15.04 -1.68 3.38
C PRO A 65 15.11 -3.18 3.19
N PHE A 66 15.37 -3.96 4.23
CA PHE A 66 15.30 -5.41 4.10
C PHE A 66 13.83 -5.81 4.09
N ASP A 67 13.10 -5.37 5.11
CA ASP A 67 11.66 -5.61 5.27
C ASP A 67 10.80 -4.72 4.38
N SER A 68 9.64 -5.23 3.96
CA SER A 68 8.70 -4.46 3.16
C SER A 68 7.94 -3.46 4.02
N PRO A 69 7.42 -2.37 3.45
CA PRO A 69 6.59 -1.41 4.16
C PRO A 69 5.15 -1.89 4.31
N GLN A 70 4.49 -1.51 5.40
CA GLN A 70 3.09 -1.86 5.56
C GLN A 70 2.32 -0.72 4.90
N VAL A 71 1.60 -1.02 3.82
CA VAL A 71 0.94 0.08 3.12
C VAL A 71 -0.56 -0.05 2.98
N MET A 72 -1.24 1.06 3.24
CA MET A 72 -2.70 1.08 3.17
C MET A 72 -3.34 2.42 2.82
N PHE A 73 -4.60 2.37 2.42
CA PHE A 73 -5.37 3.57 2.09
C PHE A 73 -5.96 4.21 3.33
N THR A 74 -5.98 5.53 3.34
CA THR A 74 -6.58 6.26 4.44
C THR A 74 -7.20 7.56 3.95
N GLY A 75 -8.18 8.03 4.73
CA GLY A 75 -8.89 9.26 4.42
C GLY A 75 -10.35 8.93 4.10
N GLU A 76 -11.07 9.94 3.61
CA GLU A 76 -12.47 9.80 3.24
C GLU A 76 -12.72 8.96 1.98
N ASN A 77 -11.68 8.62 1.24
CA ASN A 77 -11.85 7.83 0.03
C ASN A 77 -11.06 6.54 0.00
N ILE A 78 -11.72 5.46 0.38
CA ILE A 78 -11.13 4.13 0.29
C ILE A 78 -11.78 3.58 -0.98
N PRO A 79 -11.04 3.31 -2.04
CA PRO A 79 -11.62 2.87 -3.30
C PRO A 79 -12.22 1.48 -3.31
N VAL A 80 -13.34 1.34 -4.00
CA VAL A 80 -13.95 0.03 -4.18
C VAL A 80 -13.11 -0.57 -5.28
N HIS A 81 -12.52 -1.73 -5.01
CA HIS A 81 -11.61 -2.33 -5.96
C HIS A 81 -11.38 -3.80 -5.64
N PRO A 82 -11.18 -4.70 -6.60
CA PRO A 82 -10.89 -6.09 -6.32
C PRO A 82 -9.76 -6.34 -5.31
N HIS A 83 -8.75 -5.48 -5.26
CA HIS A 83 -7.64 -5.59 -4.33
C HIS A 83 -7.68 -4.59 -3.17
N VAL A 84 -8.79 -3.88 -2.96
CA VAL A 84 -8.82 -2.91 -1.87
C VAL A 84 -9.97 -3.20 -0.93
N TYR A 85 -9.66 -3.27 0.35
CA TYR A 85 -10.65 -3.55 1.38
C TYR A 85 -11.11 -2.24 1.99
N SER A 86 -12.32 -2.24 2.54
CA SER A 86 -12.93 -1.04 3.10
C SER A 86 -12.19 -0.45 4.31
N ASN A 87 -11.34 -1.26 4.93
CA ASN A 87 -10.51 -0.79 6.03
C ASN A 87 -9.17 -0.23 5.56
N GLY A 88 -8.98 -0.10 4.25
CA GLY A 88 -7.77 0.45 3.66
C GLY A 88 -6.76 -0.60 3.22
N HIS A 89 -6.98 -1.88 3.52
CA HIS A 89 -5.99 -2.88 3.12
C HIS A 89 -5.80 -2.99 1.62
N ILE A 90 -4.53 -3.07 1.23
CA ILE A 90 -4.15 -3.17 -0.17
C ILE A 90 -3.51 -4.51 -0.50
N CYS A 91 -4.17 -5.31 -1.34
CA CYS A 91 -3.65 -6.62 -1.72
C CYS A 91 -2.61 -6.51 -2.84
N LEU A 92 -1.47 -5.91 -2.51
CA LEU A 92 -0.36 -5.68 -3.42
C LEU A 92 0.79 -6.63 -3.14
N SER A 93 1.21 -7.33 -4.19
CA SER A 93 2.26 -8.33 -4.15
C SER A 93 3.55 -7.80 -3.52
N ILE A 94 3.93 -6.57 -3.87
CA ILE A 94 5.16 -6.04 -3.31
C ILE A 94 4.98 -5.35 -1.96
N LEU A 95 4.03 -5.81 -1.16
CA LEU A 95 4.00 -5.42 0.23
C LEU A 95 4.41 -6.67 1.00
N THR A 96 4.60 -7.79 0.28
CA THR A 96 4.94 -9.06 0.90
C THR A 96 6.29 -9.54 0.37
N GLU A 97 6.38 -10.83 0.04
CA GLU A 97 7.60 -11.49 -0.40
C GLU A 97 8.19 -10.98 -1.70
N ASP A 98 7.35 -10.44 -2.58
CA ASP A 98 7.84 -9.90 -3.84
C ASP A 98 8.53 -8.55 -3.67
N TRP A 99 8.41 -7.91 -2.50
CA TRP A 99 9.08 -6.64 -2.29
C TRP A 99 10.55 -6.92 -2.05
N SER A 100 11.43 -6.07 -2.57
CA SER A 100 12.86 -6.25 -2.37
C SER A 100 13.48 -4.86 -2.16
N PRO A 101 14.69 -4.76 -1.57
CA PRO A 101 15.42 -3.53 -1.30
C PRO A 101 15.61 -2.58 -2.48
N ALA A 102 15.53 -3.11 -3.70
CA ALA A 102 15.62 -2.35 -4.94
C ALA A 102 14.37 -1.51 -5.19
N LEU A 103 13.29 -1.78 -4.47
CA LEU A 103 12.03 -1.06 -4.59
C LEU A 103 11.96 0.06 -3.56
N SER A 104 11.02 0.96 -3.77
CA SER A 104 10.89 2.16 -2.94
C SER A 104 9.44 2.57 -2.72
N VAL A 105 9.28 3.64 -1.94
CA VAL A 105 7.98 4.23 -1.63
C VAL A 105 7.32 4.59 -2.94
N GLN A 106 8.09 5.19 -3.83
CA GLN A 106 7.70 5.56 -5.18
C GLN A 106 7.18 4.37 -5.95
N SER A 107 7.95 3.28 -5.99
CA SER A 107 7.49 2.12 -6.75
C SER A 107 6.24 1.49 -6.16
N VAL A 108 6.05 1.62 -4.84
CA VAL A 108 4.84 1.11 -4.22
C VAL A 108 3.64 1.97 -4.60
N CYS A 109 3.78 3.30 -4.54
CA CYS A 109 2.67 4.17 -4.92
C CYS A 109 2.30 3.99 -6.37
N LEU A 110 3.30 3.86 -7.24
CA LEU A 110 3.05 3.66 -8.66
C LEU A 110 2.40 2.31 -8.91
N SER A 111 2.78 1.29 -8.13
CA SER A 111 2.17 -0.02 -8.23
C SER A 111 0.70 0.04 -7.81
N ILE A 112 0.39 0.82 -6.77
CA ILE A 112 -0.96 1.05 -6.29
C ILE A 112 -1.77 1.80 -7.33
N ILE A 113 -1.18 2.81 -7.96
CA ILE A 113 -1.85 3.53 -9.05
C ILE A 113 -2.17 2.59 -10.20
N SER A 114 -1.18 1.76 -10.58
CA SER A 114 -1.34 0.78 -11.64
C SER A 114 -2.45 -0.19 -11.29
N MET A 115 -2.46 -0.64 -10.03
CA MET A 115 -3.47 -1.52 -9.47
C MET A 115 -4.85 -0.93 -9.66
N LEU A 116 -5.02 0.33 -9.24
CA LEU A 116 -6.29 0.99 -9.39
C LEU A 116 -6.69 1.10 -10.86
N SER A 117 -5.76 1.41 -11.77
CA SER A 117 -6.15 1.50 -13.17
C SER A 117 -6.51 0.14 -13.79
N SER A 118 -6.02 -0.96 -13.21
CA SER A 118 -6.35 -2.30 -13.71
C SER A 118 -7.74 -2.78 -13.30
N CYS A 119 -8.43 -2.08 -12.39
CA CYS A 119 -9.76 -2.48 -11.92
C CYS A 119 -10.67 -3.08 -12.97
N LYS A 120 -10.88 -4.39 -12.91
CA LYS A 120 -11.75 -5.07 -13.85
C LYS A 120 -13.23 -4.79 -13.60
N GLU A 121 -13.71 -5.17 -12.43
CA GLU A 121 -15.10 -4.99 -12.05
C GLU A 121 -15.32 -5.25 -10.58
N LYS A 122 -16.44 -4.76 -10.07
CA LYS A 122 -16.83 -4.92 -8.68
C LYS A 122 -17.33 -6.33 -8.35
N ARG A 123 -17.73 -7.08 -9.37
CA ARG A 123 -18.23 -8.44 -9.17
C ARG A 123 -17.11 -9.44 -8.92
N ARG A 124 -17.40 -10.41 -8.06
CA ARG A 124 -16.45 -11.46 -7.75
C ARG A 124 -16.77 -12.72 -8.57
N PRO A 125 -15.78 -13.51 -8.96
CA PRO A 125 -15.94 -14.73 -9.72
C PRO A 125 -16.48 -15.86 -8.86
N PRO A 126 -17.09 -16.90 -9.45
CA PRO A 126 -17.58 -18.08 -8.76
C PRO A 126 -16.52 -18.72 -7.87
N ASP A 127 -15.27 -18.64 -8.34
CA ASP A 127 -14.08 -19.17 -7.69
C ASP A 127 -13.82 -18.51 -6.35
N ASN A 128 -14.30 -17.28 -6.18
CA ASN A 128 -14.12 -16.53 -4.95
C ASN A 128 -14.82 -17.21 -3.79
N SER A 129 -15.87 -18.00 -4.05
CA SER A 129 -16.56 -18.68 -2.96
C SER A 129 -15.69 -19.80 -2.39
N PHE A 130 -14.74 -20.30 -3.19
CA PHE A 130 -13.86 -21.37 -2.78
C PHE A 130 -12.64 -20.73 -2.15
N TYR A 131 -12.36 -19.49 -2.55
CA TYR A 131 -11.28 -18.74 -1.94
C TYR A 131 -11.71 -18.43 -0.50
N VAL A 132 -13.00 -18.14 -0.31
CA VAL A 132 -13.57 -17.93 1.02
C VAL A 132 -13.51 -19.21 1.83
N ARG A 133 -13.89 -20.34 1.24
CA ARG A 133 -13.82 -21.62 1.93
C ARG A 133 -12.37 -21.99 2.28
N THR A 134 -11.43 -21.62 1.42
CA THR A 134 -10.02 -21.81 1.68
C THR A 134 -9.60 -20.98 2.89
N CYS A 135 -10.00 -19.71 2.91
CA CYS A 135 -9.67 -18.81 4.01
C CYS A 135 -10.28 -19.29 5.32
N ASN A 136 -11.45 -19.90 5.26
CA ASN A 136 -12.10 -20.44 6.45
C ASN A 136 -11.30 -21.59 7.09
N LYS A 137 -10.39 -22.22 6.35
CA LYS A 137 -9.56 -23.26 6.90
C LYS A 137 -8.09 -22.88 6.68
N ASN A 138 -7.81 -21.58 6.68
CA ASN A 138 -6.46 -21.07 6.51
C ASN A 138 -5.89 -20.58 7.84
N PRO A 139 -4.94 -21.29 8.47
CA PRO A 139 -4.37 -20.90 9.75
C PRO A 139 -3.55 -19.62 9.72
N LYS A 140 -3.19 -19.16 8.53
CA LYS A 140 -2.45 -17.93 8.34
C LYS A 140 -3.38 -16.75 8.02
N LYS A 141 -4.69 -16.96 8.04
CA LYS A 141 -5.66 -15.90 7.78
C LYS A 141 -5.56 -14.75 8.78
N THR A 142 -5.50 -13.53 8.26
CA THR A 142 -5.43 -12.34 9.10
C THR A 142 -6.67 -12.25 9.97
N LYS A 143 -6.45 -12.08 11.27
CA LYS A 143 -7.54 -12.00 12.23
C LYS A 143 -8.36 -10.73 12.09
N TRP A 144 -9.66 -10.90 12.21
CA TRP A 144 -10.63 -9.81 12.10
C TRP A 144 -11.96 -10.24 12.70
N TRP A 145 -12.57 -9.32 13.43
CA TRP A 145 -13.82 -9.62 14.10
C TRP A 145 -14.96 -8.71 13.65
N TYR A 146 -16.15 -9.30 13.59
CA TYR A 146 -17.38 -8.62 13.18
C TYR A 146 -17.87 -7.57 14.17
N HIS A 147 -17.18 -6.43 14.19
CA HIS A 147 -17.56 -5.33 15.07
C HIS A 147 -18.65 -4.46 14.45
N ASP A 148 -19.47 -3.86 15.30
CA ASP A 148 -20.54 -2.99 14.85
C ASP A 148 -20.01 -1.68 14.27
N ASP A 149 -20.70 -1.18 13.26
CA ASP A 149 -20.34 0.09 12.62
C ASP A 149 -20.63 1.28 13.53
N THR A 150 -19.80 2.31 13.42
CA THR A 150 -19.97 3.52 14.21
C THR A 150 -21.25 4.26 13.83
N CYS A 151 -22.05 4.60 14.84
CA CYS A 151 -23.31 5.32 14.63
C CYS A 151 -23.23 6.71 15.26
N MET A 1 23.17 1.61 15.23
CA MET A 1 23.14 2.74 14.32
C MET A 1 21.77 2.94 13.70
N ALA A 2 21.55 4.11 13.12
CA ALA A 2 20.29 4.45 12.47
C ALA A 2 20.51 4.78 11.00
N SER A 3 21.54 4.18 10.39
CA SER A 3 21.90 4.46 9.00
C SER A 3 20.81 4.06 8.00
N MET A 4 19.96 3.12 8.37
CA MET A 4 18.84 2.72 7.53
C MET A 4 17.79 3.82 7.49
N GLN A 5 17.67 4.59 8.57
CA GLN A 5 16.70 5.66 8.68
C GLN A 5 17.27 6.84 7.93
N LYS A 6 18.60 6.98 7.96
CA LYS A 6 19.27 8.02 7.19
C LYS A 6 19.05 7.77 5.70
N ARG A 7 19.12 6.50 5.28
CA ARG A 7 18.84 6.14 3.90
C ARG A 7 17.39 6.45 3.54
N LEU A 8 16.48 6.16 4.47
CA LEU A 8 15.07 6.47 4.33
C LEU A 8 14.85 7.97 4.13
N GLN A 9 15.54 8.80 4.92
CA GLN A 9 15.46 10.25 4.78
C GLN A 9 15.93 10.69 3.40
N LYS A 10 17.02 10.09 2.93
CA LYS A 10 17.53 10.39 1.61
C LYS A 10 16.53 9.98 0.54
N GLU A 11 15.87 8.83 0.72
CA GLU A 11 14.84 8.36 -0.20
C GLU A 11 13.70 9.35 -0.27
N LEU A 12 13.23 9.84 0.89
CA LEU A 12 12.16 10.83 0.91
C LEU A 12 12.54 12.05 0.10
N LEU A 13 13.74 12.57 0.35
CA LEU A 13 14.21 13.75 -0.33
C LEU A 13 14.33 13.53 -1.84
N ALA A 14 14.77 12.35 -2.25
CA ALA A 14 14.85 11.99 -3.65
C ALA A 14 13.47 12.00 -4.29
N LEU A 15 12.48 11.47 -3.57
CA LEU A 15 11.11 11.42 -4.03
C LEU A 15 10.44 12.78 -3.99
N GLN A 16 10.88 13.67 -3.10
CA GLN A 16 10.33 15.02 -3.14
C GLN A 16 10.90 15.75 -4.35
N ASN A 17 12.18 15.51 -4.66
CA ASN A 17 12.79 16.08 -5.84
C ASN A 17 12.25 15.48 -7.13
N ASP A 18 11.87 14.21 -7.10
CA ASP A 18 11.30 13.56 -8.26
C ASP A 18 10.34 12.43 -7.87
N PRO A 19 9.08 12.76 -7.55
CA PRO A 19 8.06 11.80 -7.16
C PRO A 19 7.51 11.05 -8.37
N PRO A 20 6.95 9.86 -8.17
CA PRO A 20 6.34 9.09 -9.22
C PRO A 20 5.02 9.74 -9.63
N PRO A 21 4.58 9.54 -10.87
CA PRO A 21 3.36 10.08 -11.43
C PRO A 21 2.13 9.98 -10.55
N GLY A 22 1.57 11.15 -10.22
CA GLY A 22 0.37 11.27 -9.42
C GLY A 22 0.61 11.29 -7.91
N MET A 23 1.86 11.15 -7.46
CA MET A 23 2.08 11.11 -6.02
C MET A 23 2.78 12.35 -5.43
N THR A 24 2.42 12.71 -4.21
CA THR A 24 3.05 13.82 -3.48
C THR A 24 3.56 13.29 -2.14
N LEU A 25 4.85 13.45 -1.86
CA LEU A 25 5.38 12.82 -0.65
C LEU A 25 5.98 13.74 0.40
N ASN A 26 5.82 13.34 1.67
CA ASN A 26 6.36 14.10 2.79
C ASN A 26 6.29 13.28 4.09
N GLU A 27 6.96 13.79 5.11
CA GLU A 27 7.06 13.21 6.45
C GLU A 27 5.94 13.69 7.36
N LYS A 28 5.30 12.78 8.10
CA LYS A 28 4.24 13.19 9.02
C LYS A 28 4.81 14.06 10.14
N SER A 29 4.49 15.35 10.08
CA SER A 29 4.95 16.37 11.04
C SER A 29 4.39 16.21 12.44
N VAL A 30 3.29 15.47 12.57
CA VAL A 30 2.71 15.18 13.87
C VAL A 30 3.60 14.16 14.57
N GLN A 31 3.98 13.14 13.84
CA GLN A 31 4.84 12.07 14.31
C GLN A 31 6.27 12.54 14.56
N ASN A 32 6.77 13.45 13.73
CA ASN A 32 8.13 13.97 13.87
C ASN A 32 9.17 12.86 13.69
N SER A 33 8.94 12.02 12.68
CA SER A 33 9.82 10.92 12.37
C SER A 33 9.69 10.41 10.97
N ILE A 34 10.85 10.30 10.31
CA ILE A 34 11.01 9.77 8.97
C ILE A 34 10.39 8.38 8.75
N THR A 35 10.10 7.64 9.81
CA THR A 35 9.48 6.34 9.72
C THR A 35 7.98 6.38 9.44
N GLN A 36 7.37 7.57 9.46
CA GLN A 36 5.94 7.67 9.12
C GLN A 36 5.70 8.77 8.09
N TRP A 37 5.33 8.39 6.86
CA TRP A 37 5.08 9.38 5.82
C TRP A 37 3.60 9.51 5.49
N ILE A 38 3.26 10.66 4.91
CA ILE A 38 1.92 10.94 4.41
C ILE A 38 2.05 11.25 2.94
N VAL A 39 1.42 10.43 2.10
CA VAL A 39 1.54 10.60 0.67
C VAL A 39 0.20 10.78 -0.03
N ASP A 40 0.08 11.82 -0.84
CA ASP A 40 -1.18 12.05 -1.54
C ASP A 40 -1.18 11.42 -2.93
N MET A 41 -2.35 11.00 -3.40
CA MET A 41 -2.45 10.39 -4.71
C MET A 41 -3.61 10.84 -5.60
N GLU A 42 -3.29 11.14 -6.85
CA GLU A 42 -4.30 11.52 -7.83
C GLU A 42 -4.78 10.29 -8.62
N GLY A 43 -6.10 10.10 -8.65
CA GLY A 43 -6.71 9.01 -9.40
C GLY A 43 -6.33 9.08 -10.87
N ALA A 44 -5.65 8.04 -11.33
CA ALA A 44 -5.14 7.90 -12.69
C ALA A 44 -6.24 7.98 -13.76
N PRO A 45 -5.99 8.71 -14.86
CA PRO A 45 -6.94 8.92 -15.91
C PRO A 45 -7.23 7.67 -16.70
N GLY A 46 -8.50 7.49 -17.02
CA GLY A 46 -8.96 6.32 -17.73
C GLY A 46 -9.34 5.19 -16.79
N THR A 47 -9.13 5.37 -15.47
CA THR A 47 -9.48 4.31 -14.54
C THR A 47 -10.74 4.65 -13.80
N LEU A 48 -11.20 3.70 -13.01
CA LEU A 48 -12.39 3.83 -12.18
C LEU A 48 -12.19 4.81 -11.02
N TYR A 49 -10.94 5.23 -10.78
CA TYR A 49 -10.62 6.11 -9.68
C TYR A 49 -10.26 7.51 -10.19
N GLU A 50 -10.35 7.73 -11.51
CA GLU A 50 -9.95 8.98 -12.12
C GLU A 50 -10.49 10.27 -11.52
N GLY A 51 -9.55 11.14 -11.16
CA GLY A 51 -9.86 12.44 -10.60
C GLY A 51 -10.04 12.47 -9.09
N GLU A 52 -10.05 11.30 -8.44
CA GLU A 52 -10.25 11.27 -7.00
C GLU A 52 -8.96 11.51 -6.23
N LYS A 53 -9.09 12.08 -5.04
CA LYS A 53 -7.89 12.28 -4.24
C LYS A 53 -7.81 11.23 -3.15
N PHE A 54 -6.67 10.57 -3.07
CA PHE A 54 -6.44 9.54 -2.09
C PHE A 54 -5.27 9.94 -1.23
N GLN A 55 -5.07 9.21 -0.15
CA GLN A 55 -3.96 9.50 0.75
C GLN A 55 -3.54 8.22 1.42
N LEU A 56 -2.23 8.02 1.49
CA LEU A 56 -1.68 6.82 2.08
C LEU A 56 -0.64 7.06 3.15
N LEU A 57 -0.58 6.11 4.07
CA LEU A 57 0.39 6.13 5.15
C LEU A 57 1.46 5.11 4.84
N PHE A 58 2.71 5.54 5.02
CA PHE A 58 3.86 4.68 4.78
C PHE A 58 4.66 4.52 6.07
N LYS A 59 4.66 3.31 6.60
CA LYS A 59 5.39 3.03 7.82
C LYS A 59 6.68 2.30 7.53
N PHE A 60 7.76 2.72 8.17
CA PHE A 60 9.02 2.06 7.91
C PHE A 60 9.65 1.60 9.21
N SER A 61 10.35 0.47 9.16
CA SER A 61 11.02 -0.02 10.35
C SER A 61 12.39 0.63 10.45
N SER A 62 13.08 0.31 11.54
CA SER A 62 14.44 0.76 11.78
C SER A 62 15.43 0.01 10.89
N ARG A 63 14.98 -1.05 10.22
CA ARG A 63 15.79 -1.84 9.33
C ARG A 63 15.51 -1.51 7.87
N TYR A 64 14.28 -1.09 7.54
CA TYR A 64 13.94 -0.68 6.18
C TYR A 64 15.01 0.30 5.69
N PRO A 65 15.56 0.14 4.48
CA PRO A 65 15.30 -0.78 3.38
C PRO A 65 15.47 -2.30 3.51
N PHE A 66 16.06 -2.79 4.58
CA PHE A 66 16.25 -4.23 4.78
C PHE A 66 14.92 -4.99 4.98
N ASP A 67 14.12 -4.57 5.96
CA ASP A 67 12.81 -5.17 6.21
C ASP A 67 11.65 -4.39 5.57
N SER A 68 10.55 -5.09 5.33
CA SER A 68 9.36 -4.54 4.68
C SER A 68 8.67 -3.41 5.43
N PRO A 69 8.20 -2.38 4.73
CA PRO A 69 7.41 -1.31 5.24
C PRO A 69 5.96 -1.78 5.29
N GLN A 70 5.08 -0.90 5.77
CA GLN A 70 3.64 -1.16 5.84
C GLN A 70 2.89 0.00 5.19
N VAL A 71 2.05 -0.30 4.21
CA VAL A 71 1.36 0.80 3.53
C VAL A 71 -0.16 0.67 3.57
N MET A 72 -0.83 1.73 4.01
CA MET A 72 -2.30 1.73 4.13
C MET A 72 -2.98 3.00 3.66
N PHE A 73 -4.24 2.90 3.23
CA PHE A 73 -5.02 4.07 2.85
C PHE A 73 -5.60 4.77 4.06
N THR A 74 -5.71 6.09 4.00
CA THR A 74 -6.26 6.86 5.10
C THR A 74 -7.10 8.05 4.62
N GLY A 75 -8.08 8.42 5.44
CA GLY A 75 -8.97 9.53 5.12
C GLY A 75 -10.34 8.98 4.76
N GLU A 76 -11.25 9.87 4.36
CA GLU A 76 -12.59 9.46 3.97
C GLU A 76 -12.64 8.80 2.60
N ASN A 77 -11.81 9.28 1.67
CA ASN A 77 -11.87 8.75 0.32
C ASN A 77 -11.01 7.50 0.17
N ILE A 78 -11.60 6.38 0.55
CA ILE A 78 -10.98 5.07 0.46
C ILE A 78 -11.48 4.37 -0.81
N PRO A 79 -10.60 3.87 -1.70
CA PRO A 79 -10.99 3.20 -2.91
C PRO A 79 -11.94 2.02 -2.74
N VAL A 80 -13.00 1.99 -3.55
CA VAL A 80 -13.87 0.83 -3.54
C VAL A 80 -13.16 -0.09 -4.49
N HIS A 81 -12.64 -1.19 -3.98
CA HIS A 81 -11.80 -2.10 -4.75
C HIS A 81 -11.76 -3.45 -4.05
N PRO A 82 -11.71 -4.60 -4.73
CA PRO A 82 -11.65 -5.89 -4.08
C PRO A 82 -10.43 -6.10 -3.17
N HIS A 83 -9.38 -5.31 -3.35
CA HIS A 83 -8.21 -5.42 -2.49
C HIS A 83 -8.02 -4.20 -1.60
N VAL A 84 -8.99 -3.29 -1.53
CA VAL A 84 -8.84 -2.14 -0.65
C VAL A 84 -9.96 -2.15 0.38
N TYR A 85 -9.57 -2.16 1.65
CA TYR A 85 -10.52 -2.22 2.74
C TYR A 85 -10.79 -0.84 3.30
N SER A 86 -11.97 -0.68 3.89
CA SER A 86 -12.43 0.60 4.47
C SER A 86 -11.59 1.06 5.67
N ASN A 87 -10.81 0.15 6.24
CA ASN A 87 -9.91 0.47 7.34
C ASN A 87 -8.51 0.81 6.83
N GLY A 88 -8.33 0.88 5.51
CA GLY A 88 -7.05 1.23 4.91
C GLY A 88 -6.20 0.05 4.43
N HIS A 89 -6.59 -1.17 4.75
CA HIS A 89 -5.78 -2.32 4.36
C HIS A 89 -5.69 -2.50 2.85
N ILE A 90 -4.48 -2.78 2.38
CA ILE A 90 -4.24 -2.98 0.97
C ILE A 90 -3.77 -4.41 0.69
N CYS A 91 -4.61 -5.23 0.07
CA CYS A 91 -4.28 -6.62 -0.23
C CYS A 91 -3.47 -6.74 -1.52
N LEU A 92 -2.26 -6.20 -1.48
CA LEU A 92 -1.32 -6.18 -2.58
C LEU A 92 -0.11 -7.02 -2.20
N SER A 93 0.18 -8.06 -2.96
CA SER A 93 1.29 -8.96 -2.60
C SER A 93 2.63 -8.26 -2.56
N ILE A 94 2.79 -7.21 -3.35
CA ILE A 94 4.00 -6.41 -3.42
C ILE A 94 4.37 -5.85 -2.06
N LEU A 95 3.36 -5.55 -1.23
CA LEU A 95 3.59 -5.03 0.10
C LEU A 95 4.00 -6.11 1.11
N THR A 96 3.73 -7.38 0.81
CA THR A 96 4.02 -8.48 1.74
C THR A 96 4.78 -9.63 1.07
N GLU A 97 4.02 -10.56 0.47
CA GLU A 97 4.54 -11.81 -0.12
C GLU A 97 5.57 -11.65 -1.23
N ASP A 98 5.38 -10.65 -2.08
CA ASP A 98 6.27 -10.35 -3.18
C ASP A 98 7.17 -9.15 -2.87
N TRP A 99 7.21 -8.69 -1.62
CA TRP A 99 8.06 -7.57 -1.28
C TRP A 99 9.53 -7.95 -1.37
N SER A 100 10.33 -7.02 -1.85
CA SER A 100 11.76 -7.17 -2.01
C SER A 100 12.45 -5.87 -1.64
N PRO A 101 13.64 -5.92 -1.01
CA PRO A 101 14.42 -4.76 -0.64
C PRO A 101 14.97 -3.99 -1.84
N ALA A 102 14.88 -4.60 -3.02
CA ALA A 102 15.25 -3.96 -4.27
C ALA A 102 14.15 -2.98 -4.71
N LEU A 103 12.97 -3.05 -4.11
CA LEU A 103 11.87 -2.17 -4.45
C LEU A 103 11.98 -0.86 -3.68
N SER A 104 11.60 0.23 -4.34
CA SER A 104 11.59 1.55 -3.74
C SER A 104 10.19 1.91 -3.25
N VAL A 105 10.08 3.01 -2.50
CA VAL A 105 8.76 3.47 -2.09
C VAL A 105 7.97 3.86 -3.32
N GLN A 106 8.60 4.51 -4.29
CA GLN A 106 7.86 4.85 -5.50
C GLN A 106 7.51 3.62 -6.33
N SER A 107 8.26 2.51 -6.17
CA SER A 107 7.91 1.26 -6.84
C SER A 107 6.57 0.84 -6.28
N VAL A 108 6.46 0.94 -4.96
CA VAL A 108 5.24 0.64 -4.21
C VAL A 108 4.10 1.58 -4.53
N CYS A 109 4.38 2.86 -4.64
CA CYS A 109 3.37 3.85 -4.96
C CYS A 109 2.72 3.55 -6.29
N LEU A 110 3.56 3.30 -7.29
CA LEU A 110 3.12 2.97 -8.63
C LEU A 110 2.48 1.59 -8.68
N SER A 111 2.91 0.66 -7.82
CA SER A 111 2.29 -0.66 -7.71
C SER A 111 0.86 -0.56 -7.20
N ILE A 112 0.63 0.31 -6.22
CA ILE A 112 -0.71 0.57 -5.69
C ILE A 112 -1.57 1.24 -6.75
N ILE A 113 -0.99 2.20 -7.48
CA ILE A 113 -1.71 2.80 -8.60
C ILE A 113 -2.06 1.75 -9.64
N SER A 114 -1.12 0.86 -9.97
CA SER A 114 -1.32 -0.21 -10.93
C SER A 114 -2.44 -1.13 -10.46
N MET A 115 -2.45 -1.44 -9.16
CA MET A 115 -3.49 -2.24 -8.52
C MET A 115 -4.86 -1.62 -8.76
N LEU A 116 -4.98 -0.33 -8.49
CA LEU A 116 -6.24 0.36 -8.73
C LEU A 116 -6.59 0.44 -10.21
N SER A 117 -5.63 0.72 -11.08
CA SER A 117 -5.96 0.86 -12.51
C SER A 117 -6.34 -0.46 -13.16
N SER A 118 -5.84 -1.56 -12.60
CA SER A 118 -6.15 -2.90 -13.06
C SER A 118 -7.35 -3.52 -12.35
N CYS A 119 -8.06 -2.77 -11.49
CA CYS A 119 -9.22 -3.30 -10.77
C CYS A 119 -10.09 -4.23 -11.60
N LYS A 120 -10.01 -5.52 -11.28
CA LYS A 120 -10.75 -6.57 -11.97
C LYS A 120 -10.42 -7.93 -11.41
N GLU A 121 -11.45 -8.76 -11.29
CA GLU A 121 -11.32 -10.13 -10.83
C GLU A 121 -12.07 -11.04 -11.79
N LYS A 122 -11.78 -12.33 -11.74
CA LYS A 122 -12.37 -13.31 -12.65
C LYS A 122 -13.88 -13.49 -12.52
N ARG A 123 -14.44 -13.32 -11.32
CA ARG A 123 -15.89 -13.42 -11.16
C ARG A 123 -16.40 -12.34 -10.24
N ARG A 124 -17.69 -12.03 -10.35
CA ARG A 124 -18.25 -11.02 -9.48
C ARG A 124 -18.27 -11.56 -8.05
N PRO A 125 -18.11 -10.71 -7.03
CA PRO A 125 -18.04 -11.07 -5.62
C PRO A 125 -19.11 -12.02 -5.05
N PRO A 126 -20.40 -11.99 -5.43
CA PRO A 126 -21.34 -12.97 -4.95
C PRO A 126 -20.93 -14.43 -5.15
N ASP A 127 -20.13 -14.73 -6.20
CA ASP A 127 -19.79 -16.13 -6.41
C ASP A 127 -18.58 -16.57 -5.61
N ASN A 128 -18.86 -16.83 -4.34
CA ASN A 128 -17.87 -17.27 -3.39
C ASN A 128 -17.39 -18.67 -3.69
N SER A 129 -18.22 -19.51 -4.34
CA SER A 129 -17.80 -20.87 -4.59
C SER A 129 -16.68 -20.91 -5.61
N PHE A 130 -16.70 -19.96 -6.54
CA PHE A 130 -15.63 -19.78 -7.52
C PHE A 130 -14.34 -19.48 -6.79
N TYR A 131 -14.42 -18.51 -5.88
CA TYR A 131 -13.24 -18.11 -5.15
C TYR A 131 -12.76 -19.21 -4.19
N VAL A 132 -13.65 -20.07 -3.71
CA VAL A 132 -13.22 -21.24 -2.95
C VAL A 132 -12.45 -22.18 -3.87
N ARG A 133 -12.97 -22.43 -5.07
CA ARG A 133 -12.28 -23.30 -6.04
C ARG A 133 -10.91 -22.77 -6.44
N THR A 134 -10.74 -21.45 -6.48
CA THR A 134 -9.45 -20.87 -6.82
C THR A 134 -8.58 -20.58 -5.59
N CYS A 135 -9.02 -20.93 -4.39
CA CYS A 135 -8.22 -20.61 -3.22
C CYS A 135 -7.02 -21.55 -3.11
N ASN A 136 -5.90 -21.09 -3.64
CA ASN A 136 -4.64 -21.82 -3.61
C ASN A 136 -3.69 -21.37 -2.50
N LYS A 137 -4.16 -20.54 -1.58
CA LYS A 137 -3.32 -20.08 -0.49
C LYS A 137 -3.94 -20.43 0.85
N ASN A 138 -3.09 -20.49 1.88
CA ASN A 138 -3.56 -20.83 3.22
C ASN A 138 -3.94 -19.56 4.00
N PRO A 139 -4.83 -19.66 5.00
CA PRO A 139 -5.23 -18.57 5.85
C PRO A 139 -4.07 -17.92 6.60
N LYS A 140 -4.17 -16.61 6.81
CA LYS A 140 -3.12 -15.87 7.49
C LYS A 140 -3.32 -15.85 9.00
N LYS A 141 -2.19 -15.71 9.70
CA LYS A 141 -2.19 -15.63 11.15
C LYS A 141 -2.61 -14.25 11.61
N THR A 142 -2.30 -13.23 10.80
CA THR A 142 -2.71 -11.86 11.12
C THR A 142 -4.23 -11.78 10.99
N LYS A 143 -4.87 -11.29 12.05
CA LYS A 143 -6.32 -11.18 12.07
C LYS A 143 -6.75 -9.73 11.95
N TRP A 144 -8.02 -9.53 11.63
CA TRP A 144 -8.58 -8.20 11.53
C TRP A 144 -8.73 -7.56 12.91
N TRP A 145 -9.04 -6.27 12.94
CA TRP A 145 -9.04 -5.58 14.22
C TRP A 145 -10.40 -5.05 14.66
N TYR A 146 -10.63 -5.16 15.97
CA TYR A 146 -11.83 -4.66 16.63
C TYR A 146 -11.80 -3.15 16.75
N HIS A 147 -12.93 -2.51 16.47
CA HIS A 147 -12.98 -1.07 16.60
C HIS A 147 -14.08 -0.66 17.56
N ASP A 148 -13.82 0.39 18.33
CA ASP A 148 -14.78 0.91 19.29
C ASP A 148 -15.91 1.70 18.63
N ASP A 149 -15.56 2.43 17.57
CA ASP A 149 -16.53 3.25 16.85
C ASP A 149 -17.11 2.56 15.62
N THR A 150 -16.32 1.74 14.94
CA THR A 150 -16.81 1.06 13.74
C THR A 150 -17.37 -0.32 14.07
N CYS A 151 -18.65 -0.49 13.78
CA CYS A 151 -19.34 -1.75 14.04
C CYS A 151 -19.86 -2.37 12.74
N MET A 1 19.74 2.79 14.11
CA MET A 1 18.75 3.20 13.10
C MET A 1 19.17 4.33 12.16
N ALA A 2 20.40 4.82 12.27
CA ALA A 2 20.86 5.93 11.42
C ALA A 2 20.83 5.57 9.95
N SER A 3 21.24 4.35 9.61
CA SER A 3 21.24 3.86 8.23
C SER A 3 19.85 3.89 7.64
N MET A 4 18.88 3.41 8.43
CA MET A 4 17.47 3.38 8.09
C MET A 4 16.97 4.78 7.79
N GLN A 5 17.31 5.70 8.68
CA GLN A 5 16.93 7.10 8.54
C GLN A 5 17.54 7.71 7.29
N LYS A 6 18.82 7.40 7.00
CA LYS A 6 19.48 7.88 5.80
C LYS A 6 18.80 7.36 4.56
N ARG A 7 18.36 6.09 4.57
CA ARG A 7 17.61 5.52 3.46
C ARG A 7 16.33 6.31 3.24
N LEU A 8 15.62 6.65 4.31
CA LEU A 8 14.42 7.43 4.18
C LEU A 8 14.69 8.83 3.65
N GLN A 9 15.82 9.43 4.04
CA GLN A 9 16.20 10.75 3.54
C GLN A 9 16.46 10.68 2.04
N LYS A 10 17.13 9.61 1.60
CA LYS A 10 17.41 9.39 0.19
C LYS A 10 16.12 9.24 -0.59
N GLU A 11 15.15 8.52 -0.02
CA GLU A 11 13.86 8.40 -0.69
C GLU A 11 13.10 9.69 -0.73
N LEU A 12 13.20 10.53 0.30
CA LEU A 12 12.53 11.82 0.18
C LEU A 12 13.13 12.62 -0.96
N LEU A 13 14.45 12.57 -1.11
CA LEU A 13 15.11 13.26 -2.20
C LEU A 13 14.68 12.70 -3.55
N ALA A 14 14.56 11.37 -3.63
CA ALA A 14 14.12 10.69 -4.85
C ALA A 14 12.70 11.10 -5.23
N LEU A 15 11.82 11.17 -4.24
CA LEU A 15 10.43 11.56 -4.42
C LEU A 15 10.30 13.04 -4.76
N GLN A 16 11.18 13.89 -4.24
CA GLN A 16 11.18 15.29 -4.62
C GLN A 16 11.62 15.44 -6.07
N ASN A 17 12.64 14.69 -6.47
CA ASN A 17 13.11 14.74 -7.84
C ASN A 17 12.17 14.06 -8.83
N ASP A 18 11.49 13.00 -8.41
CA ASP A 18 10.57 12.30 -9.29
C ASP A 18 9.46 11.58 -8.53
N PRO A 19 8.40 12.29 -8.15
CA PRO A 19 7.27 11.71 -7.47
C PRO A 19 6.41 10.94 -8.48
N PRO A 20 5.67 9.92 -8.07
CA PRO A 20 4.77 9.18 -8.92
C PRO A 20 3.75 10.14 -9.55
N PRO A 21 3.31 9.94 -10.80
CA PRO A 21 2.34 10.77 -11.47
C PRO A 21 1.06 10.95 -10.68
N GLY A 22 0.73 12.20 -10.40
CA GLY A 22 -0.47 12.54 -9.64
C GLY A 22 -0.27 12.36 -8.14
N MET A 23 0.98 12.18 -7.69
CA MET A 23 1.20 11.97 -6.28
C MET A 23 2.30 12.83 -5.67
N THR A 24 2.19 13.06 -4.36
CA THR A 24 3.20 13.82 -3.60
C THR A 24 3.17 13.40 -2.15
N LEU A 25 3.90 14.10 -1.28
CA LEU A 25 3.90 13.66 0.12
C LEU A 25 4.52 14.60 1.12
N ASN A 26 4.36 14.22 2.38
CA ASN A 26 4.96 14.91 3.51
C ASN A 26 5.21 13.87 4.61
N GLU A 27 5.78 14.30 5.72
CA GLU A 27 6.07 13.43 6.84
C GLU A 27 5.02 13.61 7.93
N LYS A 28 4.54 12.51 8.49
CA LYS A 28 3.56 12.60 9.56
C LYS A 28 4.25 13.24 10.76
N SER A 29 3.59 14.23 11.36
CA SER A 29 4.17 14.95 12.49
C SER A 29 4.54 14.10 13.69
N VAL A 30 5.71 14.45 14.22
CA VAL A 30 6.42 13.89 15.37
C VAL A 30 5.55 13.71 16.60
N GLN A 31 4.60 14.62 16.80
CA GLN A 31 3.69 14.59 17.92
C GLN A 31 2.85 13.32 17.92
N ASN A 32 2.54 12.83 16.73
CA ASN A 32 1.76 11.62 16.52
C ASN A 32 2.67 10.42 16.32
N SER A 33 3.65 10.56 15.43
CA SER A 33 4.58 9.47 15.12
C SER A 33 5.85 9.92 14.43
N ILE A 34 6.92 9.19 14.66
CA ILE A 34 8.20 9.50 14.04
C ILE A 34 8.57 8.38 13.08
N THR A 35 7.60 7.52 12.77
CA THR A 35 7.83 6.40 11.89
C THR A 35 7.00 6.44 10.61
N GLN A 36 6.18 7.46 10.40
CA GLN A 36 5.32 7.45 9.22
C GLN A 36 5.31 8.63 8.27
N TRP A 37 5.08 8.32 6.99
CA TRP A 37 4.91 9.30 5.92
C TRP A 37 3.47 9.32 5.44
N ILE A 38 3.03 10.49 4.99
CA ILE A 38 1.68 10.67 4.46
C ILE A 38 1.80 11.03 2.99
N VAL A 39 1.30 10.16 2.11
CA VAL A 39 1.44 10.37 0.68
C VAL A 39 0.11 10.69 0.01
N ASP A 40 0.05 11.84 -0.65
CA ASP A 40 -1.18 12.24 -1.33
C ASP A 40 -1.31 11.62 -2.73
N MET A 41 -2.50 11.14 -3.05
CA MET A 41 -2.78 10.53 -4.34
C MET A 41 -3.97 11.10 -5.10
N GLU A 42 -3.74 11.49 -6.35
CA GLU A 42 -4.79 11.96 -7.22
C GLU A 42 -5.22 10.82 -8.13
N GLY A 43 -6.51 10.50 -8.14
CA GLY A 43 -7.03 9.46 -9.01
C GLY A 43 -6.70 9.74 -10.46
N ALA A 44 -5.93 8.84 -11.05
CA ALA A 44 -5.45 8.93 -12.42
C ALA A 44 -6.59 9.02 -13.45
N PRO A 45 -6.49 9.94 -14.43
CA PRO A 45 -7.44 10.11 -15.52
C PRO A 45 -7.66 8.84 -16.32
N GLY A 46 -8.93 8.56 -16.57
CA GLY A 46 -9.31 7.38 -17.34
C GLY A 46 -9.59 6.18 -16.44
N THR A 47 -9.34 6.29 -15.14
CA THR A 47 -9.58 5.15 -14.25
C THR A 47 -10.85 5.37 -13.47
N LEU A 48 -11.24 4.34 -12.73
CA LEU A 48 -12.44 4.37 -11.91
C LEU A 48 -12.25 5.15 -10.61
N TYR A 49 -11.04 5.67 -10.39
CA TYR A 49 -10.72 6.42 -9.20
C TYR A 49 -10.49 7.88 -9.57
N GLU A 50 -10.61 8.20 -10.87
CA GLU A 50 -10.33 9.52 -11.41
C GLU A 50 -10.92 10.73 -10.73
N GLY A 51 -10.02 11.64 -10.36
CA GLY A 51 -10.39 12.89 -9.73
C GLY A 51 -10.51 12.83 -8.21
N GLU A 52 -10.49 11.64 -7.62
CA GLU A 52 -10.64 11.58 -6.18
C GLU A 52 -9.30 11.66 -5.47
N LYS A 53 -9.31 12.20 -4.26
CA LYS A 53 -8.05 12.29 -3.54
C LYS A 53 -7.99 11.20 -2.47
N PHE A 54 -6.86 10.51 -2.43
CA PHE A 54 -6.68 9.43 -1.48
C PHE A 54 -5.36 9.66 -0.75
N GLN A 55 -5.17 9.06 0.42
CA GLN A 55 -3.86 9.22 1.07
C GLN A 55 -3.29 7.88 1.51
N LEU A 56 -1.97 7.73 1.42
CA LEU A 56 -1.28 6.53 1.86
C LEU A 56 -0.37 6.75 3.06
N LEU A 57 -0.34 5.75 3.94
CA LEU A 57 0.55 5.78 5.07
C LEU A 57 1.67 4.81 4.83
N PHE A 58 2.88 5.23 5.18
CA PHE A 58 4.08 4.41 5.10
C PHE A 58 4.78 4.32 6.45
N LYS A 59 4.54 3.24 7.20
CA LYS A 59 5.21 3.09 8.49
C LYS A 59 6.50 2.34 8.33
N PHE A 60 7.59 2.88 8.85
CA PHE A 60 8.85 2.20 8.63
C PHE A 60 9.38 1.47 9.85
N SER A 61 9.99 0.33 9.57
CA SER A 61 10.64 -0.55 10.53
C SER A 61 11.99 -0.03 10.93
N SER A 62 12.42 -0.33 12.14
CA SER A 62 13.75 0.09 12.58
C SER A 62 14.86 -0.59 11.78
N ARG A 63 14.52 -1.70 11.10
CA ARG A 63 15.41 -2.44 10.21
C ARG A 63 15.27 -2.07 8.74
N TYR A 64 14.34 -1.18 8.39
CA TYR A 64 14.06 -0.75 7.02
C TYR A 64 15.35 -0.29 6.34
N PRO A 65 15.59 -0.68 5.08
CA PRO A 65 14.77 -1.44 4.16
C PRO A 65 14.87 -2.96 4.15
N PHE A 66 15.29 -3.56 5.27
CA PHE A 66 15.29 -5.01 5.42
C PHE A 66 13.83 -5.46 5.36
N ASP A 67 13.01 -4.79 6.15
CA ASP A 67 11.57 -5.02 6.22
C ASP A 67 10.82 -4.08 5.29
N SER A 68 9.64 -4.51 4.85
CA SER A 68 8.79 -3.69 3.99
C SER A 68 8.09 -2.65 4.85
N PRO A 69 7.63 -1.54 4.29
CA PRO A 69 6.89 -0.54 5.02
C PRO A 69 5.45 -1.00 5.21
N GLN A 70 4.80 -0.57 6.28
CA GLN A 70 3.40 -0.94 6.44
C GLN A 70 2.66 0.06 5.59
N VAL A 71 1.92 -0.42 4.58
CA VAL A 71 1.29 0.56 3.71
C VAL A 71 -0.22 0.43 3.67
N MET A 72 -0.88 1.59 3.82
CA MET A 72 -2.34 1.61 3.79
C MET A 72 -2.99 2.93 3.41
N PHE A 73 -4.22 2.87 2.94
CA PHE A 73 -4.97 4.07 2.66
C PHE A 73 -5.57 4.64 3.93
N THR A 74 -5.66 5.96 3.98
CA THR A 74 -6.20 6.66 5.13
C THR A 74 -7.01 7.87 4.70
N GLY A 75 -7.98 8.23 5.54
CA GLY A 75 -8.85 9.36 5.27
C GLY A 75 -10.30 8.90 5.18
N GLU A 76 -11.15 9.77 4.65
CA GLU A 76 -12.56 9.50 4.49
C GLU A 76 -12.90 8.75 3.20
N ASN A 77 -11.91 8.57 2.33
CA ASN A 77 -12.13 7.89 1.07
C ASN A 77 -11.12 6.76 0.83
N ILE A 78 -11.55 5.54 1.10
CA ILE A 78 -10.73 4.36 0.86
C ILE A 78 -11.23 3.79 -0.46
N PRO A 79 -10.39 3.61 -1.48
CA PRO A 79 -10.82 3.08 -2.75
C PRO A 79 -11.14 1.60 -2.67
N VAL A 80 -12.15 1.19 -3.44
CA VAL A 80 -12.54 -0.21 -3.49
C VAL A 80 -11.78 -0.85 -4.62
N HIS A 81 -11.02 -1.88 -4.30
CA HIS A 81 -10.17 -2.54 -5.28
C HIS A 81 -9.84 -3.96 -4.80
N PRO A 82 -9.74 -4.97 -5.67
CA PRO A 82 -9.38 -6.32 -5.26
C PRO A 82 -8.11 -6.46 -4.40
N HIS A 83 -7.13 -5.56 -4.55
CA HIS A 83 -5.93 -5.66 -3.74
C HIS A 83 -5.86 -4.61 -2.62
N VAL A 84 -6.99 -3.94 -2.35
CA VAL A 84 -7.07 -2.93 -1.29
C VAL A 84 -8.22 -3.26 -0.33
N TYR A 85 -7.92 -3.34 0.96
CA TYR A 85 -8.98 -3.64 1.91
C TYR A 85 -9.74 -2.36 2.24
N SER A 86 -10.99 -2.52 2.65
CA SER A 86 -11.88 -1.39 2.97
C SER A 86 -11.43 -0.58 4.18
N ASN A 87 -10.52 -1.13 4.99
CA ASN A 87 -9.94 -0.43 6.11
C ASN A 87 -8.61 0.21 5.72
N GLY A 88 -8.27 0.18 4.42
CA GLY A 88 -7.06 0.79 3.87
C GLY A 88 -5.90 -0.15 3.55
N HIS A 89 -5.85 -1.35 4.10
CA HIS A 89 -4.68 -2.19 3.89
C HIS A 89 -4.31 -2.51 2.44
N ILE A 90 -3.05 -2.22 2.09
CA ILE A 90 -2.54 -2.53 0.75
C ILE A 90 -1.97 -3.92 0.70
N CYS A 91 -2.48 -4.75 -0.19
CA CYS A 91 -1.98 -6.12 -0.29
C CYS A 91 -1.38 -6.41 -1.65
N LEU A 92 -0.12 -6.04 -1.79
CA LEU A 92 0.66 -6.28 -2.99
C LEU A 92 1.80 -7.22 -2.61
N SER A 93 2.26 -8.04 -3.55
CA SER A 93 3.31 -8.99 -3.22
C SER A 93 4.59 -8.32 -2.79
N ILE A 94 4.85 -7.11 -3.29
CA ILE A 94 6.05 -6.36 -2.97
C ILE A 94 6.14 -5.91 -1.52
N LEU A 95 5.06 -6.04 -0.75
CA LEU A 95 5.12 -5.69 0.64
C LEU A 95 5.37 -6.94 1.50
N THR A 96 5.34 -8.12 0.88
CA THR A 96 5.59 -9.35 1.62
C THR A 96 6.59 -10.22 0.87
N GLU A 97 6.09 -11.10 0.01
CA GLU A 97 6.88 -12.09 -0.71
C GLU A 97 7.93 -11.55 -1.67
N ASP A 98 7.63 -10.44 -2.32
CA ASP A 98 8.56 -9.82 -3.25
C ASP A 98 9.29 -8.62 -2.64
N TRP A 99 9.20 -8.39 -1.32
CA TRP A 99 9.94 -7.25 -0.79
C TRP A 99 11.45 -7.43 -0.87
N SER A 100 12.08 -6.36 -1.28
CA SER A 100 13.51 -6.24 -1.44
C SER A 100 13.92 -4.80 -1.17
N PRO A 101 15.10 -4.55 -0.58
CA PRO A 101 15.64 -3.22 -0.36
C PRO A 101 15.98 -2.49 -1.66
N ALA A 102 15.95 -3.23 -2.79
CA ALA A 102 16.11 -2.69 -4.13
C ALA A 102 14.82 -1.97 -4.56
N LEU A 103 13.72 -2.18 -3.82
CA LEU A 103 12.44 -1.54 -4.08
C LEU A 103 12.45 -0.26 -3.27
N SER A 104 11.52 0.64 -3.59
CA SER A 104 11.42 1.95 -2.98
C SER A 104 10.01 2.42 -2.75
N VAL A 105 9.84 3.31 -1.78
CA VAL A 105 8.54 3.96 -1.51
C VAL A 105 7.98 4.50 -2.82
N GLN A 106 8.85 5.03 -3.68
CA GLN A 106 8.47 5.54 -4.99
C GLN A 106 7.76 4.45 -5.77
N SER A 107 8.41 3.28 -5.86
CA SER A 107 7.89 2.13 -6.59
C SER A 107 6.67 1.49 -5.93
N VAL A 108 6.53 1.64 -4.62
CA VAL A 108 5.36 1.12 -3.93
C VAL A 108 4.16 1.97 -4.32
N CYS A 109 4.32 3.29 -4.28
CA CYS A 109 3.27 4.21 -4.67
C CYS A 109 2.90 4.03 -6.13
N LEU A 110 3.90 3.86 -6.98
CA LEU A 110 3.68 3.59 -8.40
C LEU A 110 2.93 2.28 -8.60
N SER A 111 3.29 1.25 -7.83
CA SER A 111 2.61 -0.03 -7.92
C SER A 111 1.16 0.06 -7.49
N ILE A 112 0.88 0.80 -6.41
CA ILE A 112 -0.49 0.93 -5.94
C ILE A 112 -1.37 1.65 -6.93
N ILE A 113 -0.93 2.81 -7.42
CA ILE A 113 -1.76 3.53 -8.39
C ILE A 113 -1.82 2.77 -9.72
N SER A 114 -0.79 1.98 -10.05
CA SER A 114 -0.83 1.16 -11.26
C SER A 114 -1.89 0.08 -11.11
N MET A 115 -2.00 -0.50 -9.91
CA MET A 115 -3.04 -1.49 -9.70
C MET A 115 -4.40 -0.82 -9.74
N LEU A 116 -4.52 0.41 -9.24
CA LEU A 116 -5.78 1.12 -9.33
C LEU A 116 -6.14 1.38 -10.79
N SER A 117 -5.17 1.58 -11.68
CA SER A 117 -5.53 1.78 -13.08
C SER A 117 -6.10 0.53 -13.76
N SER A 118 -5.87 -0.67 -13.21
CA SER A 118 -6.39 -1.92 -13.78
C SER A 118 -5.94 -3.15 -13.01
N CYS A 119 -6.92 -3.86 -12.45
CA CYS A 119 -6.73 -5.12 -11.74
C CYS A 119 -5.94 -6.10 -12.61
N LYS A 120 -4.91 -6.72 -12.03
CA LYS A 120 -4.06 -7.64 -12.79
C LYS A 120 -4.44 -9.11 -12.68
N GLU A 121 -5.58 -9.42 -12.06
CA GLU A 121 -6.03 -10.80 -11.95
C GLU A 121 -6.75 -11.13 -13.24
N LYS A 122 -6.78 -12.40 -13.63
CA LYS A 122 -7.42 -12.75 -14.89
C LYS A 122 -8.82 -13.33 -14.76
N ARG A 123 -8.93 -14.63 -14.45
CA ARG A 123 -10.23 -15.29 -14.35
C ARG A 123 -10.28 -16.35 -13.25
N ARG A 124 -11.51 -16.69 -12.88
CA ARG A 124 -11.78 -17.72 -11.88
C ARG A 124 -13.11 -18.35 -12.27
N PRO A 125 -13.47 -19.53 -11.74
CA PRO A 125 -14.75 -20.16 -12.02
C PRO A 125 -15.93 -19.24 -11.66
N PRO A 126 -16.90 -19.06 -12.56
CA PRO A 126 -18.07 -18.23 -12.36
C PRO A 126 -19.12 -18.88 -11.46
N ASP A 127 -19.04 -20.19 -11.26
CA ASP A 127 -20.04 -20.84 -10.44
C ASP A 127 -19.71 -20.67 -8.97
N ASN A 128 -20.24 -19.59 -8.43
CA ASN A 128 -20.09 -19.24 -7.03
C ASN A 128 -20.84 -20.21 -6.12
N SER A 129 -21.86 -20.89 -6.64
CA SER A 129 -22.56 -21.83 -5.79
C SER A 129 -21.70 -23.07 -5.63
N PHE A 130 -20.87 -23.38 -6.63
CA PHE A 130 -19.88 -24.46 -6.59
C PHE A 130 -18.91 -24.16 -5.48
N TYR A 131 -18.41 -22.92 -5.48
CA TYR A 131 -17.54 -22.47 -4.41
C TYR A 131 -18.17 -22.73 -3.05
N VAL A 132 -19.44 -22.36 -2.88
CA VAL A 132 -20.13 -22.64 -1.63
C VAL A 132 -20.25 -24.14 -1.34
N ARG A 133 -20.64 -24.95 -2.33
CA ARG A 133 -20.78 -26.39 -2.17
C ARG A 133 -19.48 -27.06 -1.75
N THR A 134 -18.36 -26.57 -2.28
CA THR A 134 -17.04 -27.08 -1.98
C THR A 134 -16.23 -26.14 -1.10
N CYS A 135 -16.88 -25.20 -0.39
CA CYS A 135 -16.14 -24.25 0.43
C CYS A 135 -15.33 -24.90 1.53
N ASN A 136 -14.01 -24.82 1.38
CA ASN A 136 -13.09 -25.37 2.36
C ASN A 136 -12.91 -24.30 3.44
N LYS A 137 -13.44 -24.58 4.61
CA LYS A 137 -13.42 -23.64 5.73
C LYS A 137 -12.22 -23.75 6.66
N ASN A 138 -11.23 -24.58 6.31
CA ASN A 138 -10.01 -24.77 7.08
C ASN A 138 -9.04 -23.62 6.82
N PRO A 139 -8.70 -22.77 7.81
CA PRO A 139 -7.76 -21.67 7.66
C PRO A 139 -6.40 -22.04 7.06
N LYS A 140 -5.93 -23.27 7.30
CA LYS A 140 -4.63 -23.76 6.86
C LYS A 140 -3.49 -22.84 7.27
N LYS A 141 -3.54 -22.36 8.51
CA LYS A 141 -2.57 -21.44 9.10
C LYS A 141 -2.54 -20.10 8.38
N THR A 142 -3.68 -19.43 8.36
CA THR A 142 -3.81 -18.11 7.73
C THR A 142 -2.86 -17.13 8.38
N LYS A 143 -2.03 -16.49 7.57
CA LYS A 143 -1.03 -15.54 8.05
C LYS A 143 -1.57 -14.15 8.37
N TRP A 144 -2.57 -13.68 7.63
CA TRP A 144 -3.10 -12.36 7.93
C TRP A 144 -4.60 -12.42 8.13
N TRP A 145 -5.07 -11.76 9.18
CA TRP A 145 -6.49 -11.74 9.50
C TRP A 145 -7.02 -10.32 9.42
N TYR A 146 -8.23 -10.19 8.91
CA TYR A 146 -8.83 -8.87 8.76
C TYR A 146 -10.18 -8.87 9.48
N HIS A 147 -10.33 -7.96 10.44
CA HIS A 147 -11.56 -7.89 11.21
C HIS A 147 -12.06 -6.47 11.42
N ASP A 148 -13.38 -6.33 11.47
CA ASP A 148 -14.04 -5.05 11.68
C ASP A 148 -14.54 -4.89 13.12
N ASP A 149 -14.20 -5.83 13.99
CA ASP A 149 -14.69 -5.76 15.36
C ASP A 149 -13.91 -4.76 16.19
N THR A 150 -14.39 -3.53 16.13
CA THR A 150 -13.86 -2.39 16.87
C THR A 150 -14.77 -2.01 18.03
N CYS A 151 -15.65 -2.94 18.45
CA CYS A 151 -16.60 -2.69 19.53
C CYS A 151 -15.94 -2.72 20.90
N MET A 1 17.10 6.45 15.44
CA MET A 1 18.43 6.63 14.89
C MET A 1 19.03 5.34 14.36
N ALA A 2 19.14 5.25 13.04
CA ALA A 2 19.71 4.08 12.39
C ALA A 2 20.12 4.46 10.97
N SER A 3 21.11 3.75 10.43
CA SER A 3 21.57 4.00 9.05
C SER A 3 20.49 3.63 8.04
N MET A 4 19.61 2.71 8.44
CA MET A 4 18.47 2.32 7.63
C MET A 4 17.51 3.49 7.50
N GLN A 5 17.31 4.18 8.62
CA GLN A 5 16.45 5.34 8.70
C GLN A 5 17.09 6.50 7.95
N LYS A 6 18.41 6.60 8.01
CA LYS A 6 19.10 7.64 7.25
C LYS A 6 18.88 7.41 5.75
N ARG A 7 18.96 6.16 5.31
CA ARG A 7 18.69 5.85 3.91
C ARG A 7 17.24 6.13 3.56
N LEU A 8 16.31 5.79 4.45
CA LEU A 8 14.90 6.10 4.26
C LEU A 8 14.69 7.57 4.03
N GLN A 9 15.27 8.39 4.91
CA GLN A 9 15.19 9.83 4.78
C GLN A 9 15.68 10.27 3.41
N LYS A 10 16.85 9.78 3.00
CA LYS A 10 17.40 10.12 1.69
C LYS A 10 16.50 9.73 0.53
N GLU A 11 15.86 8.56 0.61
CA GLU A 11 14.96 8.13 -0.45
C GLU A 11 13.70 9.00 -0.46
N LEU A 12 13.23 9.40 0.72
CA LEU A 12 12.08 10.28 0.81
C LEU A 12 12.45 11.67 0.30
N LEU A 13 13.69 12.11 0.51
CA LEU A 13 14.14 13.39 -0.02
C LEU A 13 14.21 13.36 -1.54
N ALA A 14 14.66 12.25 -2.12
CA ALA A 14 14.71 12.08 -3.57
C ALA A 14 13.29 12.12 -4.13
N LEU A 15 12.37 11.46 -3.42
CA LEU A 15 10.96 11.44 -3.72
C LEU A 15 10.39 12.85 -3.67
N GLN A 16 10.74 13.63 -2.67
CA GLN A 16 10.31 15.02 -2.58
C GLN A 16 10.84 15.83 -3.76
N ASN A 17 12.08 15.56 -4.19
CA ASN A 17 12.63 16.24 -5.34
C ASN A 17 11.90 15.87 -6.63
N ASP A 18 11.41 14.63 -6.75
CA ASP A 18 10.65 14.25 -7.94
C ASP A 18 9.62 13.13 -7.71
N PRO A 19 8.44 13.45 -7.18
CA PRO A 19 7.36 12.50 -6.96
C PRO A 19 6.63 12.20 -8.26
N PRO A 20 6.02 11.02 -8.41
CA PRO A 20 5.29 10.60 -9.58
C PRO A 20 3.94 11.32 -9.72
N PRO A 21 3.39 11.40 -10.94
CA PRO A 21 2.13 12.03 -11.26
C PRO A 21 0.96 11.51 -10.43
N GLY A 22 0.23 12.45 -9.83
CA GLY A 22 -0.92 12.11 -9.01
C GLY A 22 -0.57 11.82 -7.56
N MET A 23 0.70 11.93 -7.18
CA MET A 23 1.09 11.66 -5.79
C MET A 23 1.41 12.86 -4.90
N THR A 24 0.78 12.91 -3.72
CA THR A 24 0.96 13.95 -2.71
C THR A 24 1.65 13.42 -1.44
N LEU A 25 2.67 14.17 -1.06
CA LEU A 25 3.60 13.89 0.05
C LEU A 25 3.20 14.41 1.43
N ASN A 26 2.57 13.58 2.26
CA ASN A 26 2.16 13.98 3.62
C ASN A 26 2.83 13.09 4.67
N GLU A 27 2.66 13.44 5.94
CA GLU A 27 3.27 12.63 7.00
C GLU A 27 2.60 12.84 8.34
N LYS A 28 2.84 11.93 9.29
CA LYS A 28 2.24 12.13 10.59
C LYS A 28 3.04 13.13 11.39
N SER A 29 2.67 14.40 11.25
CA SER A 29 3.30 15.53 11.95
C SER A 29 3.11 15.47 13.47
N VAL A 30 2.15 14.67 13.91
CA VAL A 30 1.89 14.40 15.31
C VAL A 30 2.95 13.44 15.88
N GLN A 31 3.64 12.71 15.01
CA GLN A 31 4.69 11.77 15.39
C GLN A 31 6.07 12.34 15.11
N ASN A 32 6.19 13.14 14.05
CA ASN A 32 7.46 13.78 13.67
C ASN A 32 8.53 12.75 13.31
N SER A 33 8.16 11.77 12.50
CA SER A 33 9.08 10.72 12.08
C SER A 33 8.88 10.27 10.66
N ILE A 34 10.00 10.03 9.98
CA ILE A 34 10.04 9.57 8.60
C ILE A 34 9.52 8.14 8.43
N THR A 35 9.29 7.43 9.54
CA THR A 35 8.77 6.09 9.51
C THR A 35 7.25 6.09 9.52
N GLN A 36 6.67 7.26 9.80
CA GLN A 36 5.23 7.47 9.88
C GLN A 36 4.83 8.38 8.73
N TRP A 37 4.63 7.82 7.55
CA TRP A 37 4.46 8.67 6.38
C TRP A 37 3.21 8.37 5.55
N ILE A 38 2.58 9.43 5.05
CA ILE A 38 1.28 9.36 4.39
C ILE A 38 1.22 9.77 2.92
N VAL A 39 0.54 8.97 2.10
CA VAL A 39 0.46 9.31 0.70
C VAL A 39 -0.96 9.53 0.19
N ASP A 40 -1.19 10.70 -0.38
CA ASP A 40 -2.50 10.95 -0.93
C ASP A 40 -2.38 10.79 -2.44
N MET A 41 -3.39 10.21 -3.08
CA MET A 41 -3.27 10.07 -4.52
C MET A 41 -4.52 10.46 -5.28
N GLU A 42 -4.31 10.88 -6.52
CA GLU A 42 -5.40 11.17 -7.43
C GLU A 42 -5.44 10.03 -8.44
N GLY A 43 -6.59 9.38 -8.59
CA GLY A 43 -6.65 8.29 -9.55
C GLY A 43 -6.39 8.76 -10.97
N ALA A 44 -5.70 7.92 -11.71
CA ALA A 44 -5.24 8.17 -13.07
C ALA A 44 -6.36 8.49 -14.08
N PRO A 45 -6.21 9.58 -14.86
CA PRO A 45 -7.12 9.97 -15.90
C PRO A 45 -7.32 8.89 -16.94
N GLY A 46 -8.58 8.71 -17.33
CA GLY A 46 -8.94 7.69 -18.30
C GLY A 46 -9.31 6.37 -17.64
N THR A 47 -9.07 6.22 -16.33
CA THR A 47 -9.43 4.99 -15.66
C THR A 47 -10.67 5.24 -14.84
N LEU A 48 -11.17 4.17 -14.24
CA LEU A 48 -12.35 4.21 -13.40
C LEU A 48 -12.13 4.97 -12.10
N TYR A 49 -10.87 5.31 -11.79
CA TYR A 49 -10.55 6.02 -10.58
C TYR A 49 -10.20 7.48 -10.84
N GLU A 50 -10.36 7.94 -12.08
CA GLU A 50 -10.02 9.32 -12.45
C GLU A 50 -10.55 10.41 -11.53
N GLY A 51 -9.63 11.02 -10.79
CA GLY A 51 -9.95 12.11 -9.88
C GLY A 51 -10.29 11.71 -8.45
N GLU A 52 -10.36 10.41 -8.17
CA GLU A 52 -10.68 9.94 -6.83
C GLU A 52 -9.53 10.13 -5.87
N LYS A 53 -9.83 10.60 -4.66
CA LYS A 53 -8.78 10.78 -3.67
C LYS A 53 -8.55 9.53 -2.84
N PHE A 54 -7.30 9.09 -2.81
CA PHE A 54 -6.85 7.92 -2.07
C PHE A 54 -5.92 8.31 -0.95
N GLN A 55 -5.84 7.48 0.09
CA GLN A 55 -4.93 7.76 1.20
C GLN A 55 -4.28 6.49 1.75
N LEU A 56 -2.94 6.47 1.73
CA LEU A 56 -2.11 5.39 2.20
C LEU A 56 -1.27 5.69 3.42
N LEU A 57 -1.05 4.67 4.24
CA LEU A 57 -0.16 4.80 5.37
C LEU A 57 0.99 3.82 5.24
N PHE A 58 2.18 4.38 5.27
CA PHE A 58 3.43 3.66 5.21
C PHE A 58 4.09 3.58 6.57
N LYS A 59 4.38 2.35 6.97
CA LYS A 59 5.03 2.07 8.23
C LYS A 59 6.40 1.51 7.94
N PHE A 60 7.43 2.33 8.11
CA PHE A 60 8.76 1.84 7.80
C PHE A 60 9.32 1.24 9.08
N SER A 61 9.57 -0.07 9.05
CA SER A 61 10.05 -0.80 10.23
C SER A 61 11.54 -0.68 10.46
N SER A 62 11.97 -1.30 11.55
CA SER A 62 13.37 -1.39 11.92
C SER A 62 14.10 -2.43 11.05
N ARG A 63 13.36 -3.22 10.28
CA ARG A 63 13.93 -4.20 9.38
C ARG A 63 14.12 -3.54 8.02
N TYR A 64 13.17 -2.68 7.67
CA TYR A 64 13.21 -1.88 6.44
C TYR A 64 14.55 -1.17 6.34
N PRO A 65 15.21 -1.17 5.18
CA PRO A 65 14.83 -1.71 3.89
C PRO A 65 15.21 -3.14 3.55
N PHE A 66 15.41 -3.99 4.55
CA PHE A 66 15.64 -5.39 4.28
C PHE A 66 14.30 -5.97 3.82
N ASP A 67 13.27 -5.70 4.60
CA ASP A 67 11.90 -6.12 4.31
C ASP A 67 11.00 -4.93 3.98
N SER A 68 9.88 -5.23 3.33
CA SER A 68 8.87 -4.26 2.90
C SER A 68 8.24 -3.51 4.06
N PRO A 69 7.96 -2.21 3.89
CA PRO A 69 7.25 -1.44 4.88
C PRO A 69 5.80 -1.88 4.80
N GLN A 70 5.01 -1.57 5.82
CA GLN A 70 3.60 -1.97 5.73
C GLN A 70 2.90 -0.85 4.98
N VAL A 71 2.17 -1.19 3.92
CA VAL A 71 1.48 -0.15 3.17
C VAL A 71 0.01 -0.49 3.04
N MET A 72 -0.84 0.31 3.68
CA MET A 72 -2.27 0.05 3.62
C MET A 72 -3.12 1.29 3.40
N PHE A 73 -4.32 1.10 2.86
CA PHE A 73 -5.21 2.25 2.70
C PHE A 73 -5.76 2.58 4.07
N THR A 74 -5.94 3.87 4.32
CA THR A 74 -6.44 4.31 5.61
C THR A 74 -7.27 5.58 5.54
N GLY A 75 -8.14 5.74 6.53
CA GLY A 75 -9.01 6.91 6.61
C GLY A 75 -10.42 6.64 6.12
N GLU A 76 -11.09 7.73 5.73
CA GLU A 76 -12.48 7.73 5.25
C GLU A 76 -12.74 7.09 3.89
N ASN A 77 -11.71 6.73 3.14
CA ASN A 77 -11.96 6.14 1.83
C ASN A 77 -11.11 4.92 1.51
N ILE A 78 -11.65 3.74 1.81
CA ILE A 78 -10.98 2.52 1.43
C ILE A 78 -11.66 2.22 0.09
N PRO A 79 -10.95 2.25 -1.03
CA PRO A 79 -11.55 2.12 -2.34
C PRO A 79 -12.11 0.78 -2.76
N VAL A 80 -13.10 0.86 -3.66
CA VAL A 80 -13.69 -0.31 -4.27
C VAL A 80 -12.73 -0.69 -5.37
N HIS A 81 -12.14 -1.87 -5.24
CA HIS A 81 -11.10 -2.27 -6.15
C HIS A 81 -10.87 -3.77 -6.09
N PRO A 82 -10.60 -4.46 -7.21
CA PRO A 82 -10.33 -5.89 -7.23
C PRO A 82 -9.24 -6.36 -6.26
N HIS A 83 -8.28 -5.51 -5.94
CA HIS A 83 -7.20 -5.86 -5.02
C HIS A 83 -7.24 -5.10 -3.70
N VAL A 84 -8.35 -4.43 -3.36
CA VAL A 84 -8.35 -3.71 -2.09
C VAL A 84 -9.45 -4.21 -1.18
N TYR A 85 -9.08 -4.49 0.06
CA TYR A 85 -10.00 -5.01 1.03
C TYR A 85 -10.42 -3.88 1.96
N SER A 86 -11.59 -4.02 2.58
CA SER A 86 -12.19 -2.99 3.43
C SER A 86 -11.38 -2.62 4.68
N ASN A 87 -10.45 -3.49 5.07
CA ASN A 87 -9.57 -3.21 6.19
C ASN A 87 -8.30 -2.44 5.77
N GLY A 88 -8.21 -2.05 4.49
CA GLY A 88 -7.09 -1.31 3.94
C GLY A 88 -6.06 -2.18 3.23
N HIS A 89 -6.22 -3.51 3.29
CA HIS A 89 -5.24 -4.40 2.67
C HIS A 89 -5.17 -4.28 1.16
N ILE A 90 -3.93 -4.27 0.68
CA ILE A 90 -3.64 -4.13 -0.75
C ILE A 90 -2.99 -5.39 -1.32
N CYS A 91 -3.63 -6.00 -2.31
CA CYS A 91 -3.03 -7.18 -2.93
C CYS A 91 -2.25 -6.73 -4.14
N LEU A 92 -0.96 -6.49 -3.91
CA LEU A 92 -0.04 -6.02 -4.93
C LEU A 92 1.29 -6.67 -4.64
N SER A 93 1.92 -7.27 -5.65
CA SER A 93 3.16 -8.03 -5.44
C SER A 93 4.32 -7.25 -4.87
N ILE A 94 4.38 -5.93 -5.11
CA ILE A 94 5.45 -5.11 -4.56
C ILE A 94 5.32 -4.96 -3.04
N LEU A 95 4.18 -5.33 -2.46
CA LEU A 95 3.96 -5.27 -1.03
C LEU A 95 4.06 -6.65 -0.38
N THR A 96 4.54 -7.64 -1.13
CA THR A 96 4.67 -9.01 -0.63
C THR A 96 6.15 -9.35 -0.51
N GLU A 97 6.42 -10.66 -0.42
CA GLU A 97 7.77 -11.22 -0.31
C GLU A 97 8.62 -10.94 -1.56
N ASP A 98 7.96 -10.61 -2.68
CA ASP A 98 8.65 -10.23 -3.91
C ASP A 98 9.35 -8.88 -3.81
N TRP A 99 9.06 -8.07 -2.78
CA TRP A 99 9.71 -6.79 -2.61
C TRP A 99 11.19 -7.00 -2.32
N SER A 100 12.00 -6.15 -2.91
CA SER A 100 13.44 -6.18 -2.79
C SER A 100 13.99 -4.87 -2.28
N PRO A 101 15.06 -4.86 -1.46
CA PRO A 101 15.76 -3.69 -0.99
C PRO A 101 16.18 -2.73 -2.11
N ALA A 102 16.33 -3.26 -3.34
CA ALA A 102 16.65 -2.48 -4.52
C ALA A 102 15.49 -1.56 -4.93
N LEU A 103 14.27 -1.89 -4.52
CA LEU A 103 13.08 -1.11 -4.83
C LEU A 103 12.94 -0.03 -3.76
N SER A 104 12.40 1.12 -4.12
CA SER A 104 12.28 2.16 -3.11
C SER A 104 10.84 2.55 -2.79
N VAL A 105 10.70 3.67 -2.11
CA VAL A 105 9.42 4.20 -1.66
C VAL A 105 8.57 4.59 -2.85
N GLN A 106 9.22 5.31 -3.78
CA GLN A 106 8.59 5.75 -5.01
C GLN A 106 8.16 4.56 -5.85
N SER A 107 8.96 3.48 -5.84
CA SER A 107 8.65 2.28 -6.60
C SER A 107 7.30 1.73 -6.14
N VAL A 108 7.11 1.69 -4.82
CA VAL A 108 5.85 1.23 -4.23
C VAL A 108 4.66 2.11 -4.52
N CYS A 109 4.84 3.42 -4.36
CA CYS A 109 3.75 4.34 -4.60
C CYS A 109 3.32 4.34 -6.05
N LEU A 110 4.29 4.37 -6.95
CA LEU A 110 4.03 4.34 -8.38
C LEU A 110 3.35 3.04 -8.75
N SER A 111 3.80 1.91 -8.18
CA SER A 111 3.17 0.61 -8.42
C SER A 111 1.69 0.62 -8.02
N ILE A 112 1.35 1.25 -6.89
CA ILE A 112 -0.04 1.40 -6.46
C ILE A 112 -0.82 2.27 -7.46
N ILE A 113 -0.21 3.36 -7.91
CA ILE A 113 -0.82 4.21 -8.93
C ILE A 113 -1.11 3.40 -10.18
N SER A 114 -0.14 2.57 -10.59
CA SER A 114 -0.29 1.69 -11.74
C SER A 114 -1.38 0.65 -11.54
N MET A 115 -1.45 0.07 -10.33
CA MET A 115 -2.44 -0.92 -9.90
C MET A 115 -3.86 -0.45 -10.18
N LEU A 116 -4.12 0.83 -9.92
CA LEU A 116 -5.44 1.42 -10.19
C LEU A 116 -5.86 1.29 -11.67
N SER A 117 -4.91 1.16 -12.60
CA SER A 117 -5.24 1.01 -14.02
C SER A 117 -5.08 -0.44 -14.48
N SER A 118 -4.16 -1.20 -13.87
CA SER A 118 -3.92 -2.58 -14.26
C SER A 118 -4.93 -3.59 -13.72
N CYS A 119 -5.67 -3.22 -12.68
CA CYS A 119 -6.73 -4.05 -12.12
C CYS A 119 -7.90 -4.26 -13.07
N LYS A 120 -8.81 -5.14 -12.68
CA LYS A 120 -9.98 -5.45 -13.51
C LYS A 120 -10.85 -4.23 -13.74
N GLU A 121 -11.12 -3.96 -15.02
CA GLU A 121 -11.93 -2.83 -15.44
C GLU A 121 -13.35 -3.26 -15.75
N LYS A 122 -14.30 -2.68 -15.02
CA LYS A 122 -15.73 -2.96 -15.13
C LYS A 122 -16.04 -4.45 -15.03
N ARG A 123 -15.34 -5.11 -14.12
CA ARG A 123 -15.49 -6.53 -13.84
C ARG A 123 -15.37 -6.72 -12.34
N ARG A 124 -15.98 -7.79 -11.85
CA ARG A 124 -15.98 -8.07 -10.42
C ARG A 124 -14.62 -8.57 -9.94
N PRO A 125 -14.25 -8.31 -8.69
CA PRO A 125 -13.03 -8.79 -8.04
C PRO A 125 -12.93 -10.31 -8.10
N PRO A 126 -11.72 -10.87 -8.17
CA PRO A 126 -11.46 -12.29 -8.29
C PRO A 126 -11.88 -13.14 -7.09
N ASP A 127 -12.01 -12.54 -5.92
CA ASP A 127 -12.43 -13.27 -4.73
C ASP A 127 -13.92 -13.57 -4.76
N ASN A 128 -14.33 -14.72 -4.22
CA ASN A 128 -15.74 -15.06 -4.23
C ASN A 128 -16.44 -14.61 -2.95
N SER A 129 -17.76 -14.81 -2.93
CA SER A 129 -18.59 -14.40 -1.80
C SER A 129 -18.35 -15.20 -0.52
N PHE A 130 -17.88 -16.44 -0.66
CA PHE A 130 -17.54 -17.27 0.48
C PHE A 130 -16.42 -16.60 1.25
N TYR A 131 -15.37 -16.25 0.51
CA TYR A 131 -14.20 -15.57 1.03
C TYR A 131 -14.61 -14.29 1.73
N VAL A 132 -15.41 -13.47 1.04
CA VAL A 132 -15.88 -12.21 1.58
C VAL A 132 -16.64 -12.37 2.88
N ARG A 133 -17.56 -13.34 2.95
CA ARG A 133 -18.32 -13.57 4.16
C ARG A 133 -17.46 -14.07 5.32
N THR A 134 -16.49 -14.95 5.07
CA THR A 134 -15.67 -15.41 6.17
C THR A 134 -14.73 -14.30 6.64
N CYS A 135 -14.38 -13.37 5.74
CA CYS A 135 -13.59 -12.23 6.15
C CYS A 135 -14.46 -11.31 7.00
N ASN A 136 -15.71 -11.10 6.61
CA ASN A 136 -16.62 -10.26 7.39
C ASN A 136 -16.85 -10.81 8.80
N LYS A 137 -16.87 -12.14 8.93
CA LYS A 137 -16.98 -12.80 10.21
C LYS A 137 -15.76 -12.68 11.14
N ASN A 138 -14.60 -12.30 10.62
CA ASN A 138 -13.41 -12.22 11.44
C ASN A 138 -13.00 -10.78 11.80
N PRO A 139 -12.43 -10.56 12.99
CA PRO A 139 -11.93 -9.27 13.41
C PRO A 139 -10.61 -8.98 12.69
N LYS A 140 -10.27 -7.72 12.52
CA LYS A 140 -9.01 -7.40 11.86
C LYS A 140 -7.84 -7.83 12.72
N LYS A 141 -6.96 -8.63 12.12
CA LYS A 141 -5.77 -9.10 12.80
C LYS A 141 -4.57 -8.27 12.38
N THR A 142 -4.00 -7.56 13.35
CA THR A 142 -2.84 -6.73 13.11
C THR A 142 -1.57 -7.49 13.50
N LYS A 143 -1.73 -8.56 14.27
CA LYS A 143 -0.63 -9.40 14.69
C LYS A 143 0.00 -10.13 13.53
N TRP A 144 1.28 -9.89 13.33
CA TRP A 144 2.05 -10.54 12.27
C TRP A 144 3.00 -11.59 12.83
N TRP A 145 2.91 -11.82 14.14
CA TRP A 145 3.81 -12.73 14.81
C TRP A 145 3.43 -14.19 14.65
N TYR A 146 4.43 -14.99 14.27
CA TYR A 146 4.26 -16.43 14.09
C TYR A 146 4.05 -17.10 15.44
N HIS A 147 3.07 -18.00 15.47
CA HIS A 147 2.70 -18.73 16.67
C HIS A 147 3.76 -19.72 17.17
N ASP A 148 3.64 -20.11 18.43
CA ASP A 148 4.55 -21.05 19.05
C ASP A 148 3.89 -22.42 19.28
N ASP A 149 2.89 -22.77 18.48
CA ASP A 149 2.20 -24.02 18.71
C ASP A 149 2.99 -25.19 18.14
N THR A 150 3.87 -25.70 18.99
CA THR A 150 4.73 -26.84 18.70
C THR A 150 4.23 -28.11 19.40
N CYS A 151 2.96 -28.12 19.82
CA CYS A 151 2.39 -29.26 20.53
C CYS A 151 2.10 -30.43 19.60
N MET A 1 30.02 4.30 4.45
CA MET A 1 29.33 3.79 5.64
C MET A 1 27.85 3.50 5.35
N ALA A 2 27.42 2.29 5.68
CA ALA A 2 26.04 1.88 5.47
C ALA A 2 25.13 2.59 6.48
N SER A 3 23.92 2.90 6.04
CA SER A 3 22.95 3.57 6.90
C SER A 3 21.52 3.43 6.43
N MET A 4 20.70 2.88 7.34
CA MET A 4 19.29 2.66 7.09
C MET A 4 18.53 3.96 6.97
N GLN A 5 18.94 4.92 7.81
CA GLN A 5 18.32 6.23 7.83
C GLN A 5 18.66 6.99 6.57
N LYS A 6 19.92 6.90 6.12
CA LYS A 6 20.28 7.61 4.90
C LYS A 6 19.61 7.02 3.68
N ARG A 7 19.35 5.71 3.66
CA ARG A 7 18.63 5.14 2.52
C ARG A 7 17.21 5.70 2.47
N LEU A 8 16.54 5.80 3.63
CA LEU A 8 15.22 6.41 3.69
C LEU A 8 15.31 7.89 3.24
N GLN A 9 16.35 8.60 3.67
CA GLN A 9 16.57 9.99 3.25
C GLN A 9 16.77 10.09 1.75
N LYS A 10 17.48 9.14 1.14
CA LYS A 10 17.63 9.14 -0.31
C LYS A 10 16.29 8.96 -0.99
N GLU A 11 15.42 8.13 -0.42
CA GLU A 11 14.08 7.96 -0.95
C GLU A 11 13.27 9.24 -0.82
N LEU A 12 13.45 9.95 0.30
CA LEU A 12 12.81 11.23 0.52
C LEU A 12 13.18 12.19 -0.59
N LEU A 13 14.49 12.30 -0.84
CA LEU A 13 15.04 13.18 -1.85
C LEU A 13 14.56 12.80 -3.24
N ALA A 14 14.45 11.50 -3.52
CA ALA A 14 13.96 11.03 -4.80
C ALA A 14 12.52 11.48 -5.02
N LEU A 15 11.69 11.36 -3.99
CA LEU A 15 10.30 11.77 -4.06
C LEU A 15 10.16 13.29 -4.11
N GLN A 16 11.07 14.02 -3.47
CA GLN A 16 11.04 15.48 -3.57
C GLN A 16 11.39 15.94 -4.98
N ASN A 17 12.38 15.30 -5.59
CA ASN A 17 12.80 15.65 -6.94
C ASN A 17 11.84 15.18 -8.04
N ASP A 18 11.37 13.94 -7.97
CA ASP A 18 10.48 13.43 -8.99
C ASP A 18 9.59 12.30 -8.47
N PRO A 19 8.45 12.61 -7.85
CA PRO A 19 7.51 11.64 -7.33
C PRO A 19 6.71 10.98 -8.46
N PRO A 20 6.07 9.84 -8.19
CA PRO A 20 5.20 9.11 -9.10
C PRO A 20 4.08 9.96 -9.71
N PRO A 21 3.66 9.71 -10.95
CA PRO A 21 2.58 10.42 -11.59
C PRO A 21 1.32 10.37 -10.75
N GLY A 22 0.80 11.55 -10.41
CA GLY A 22 -0.41 11.65 -9.60
C GLY A 22 -0.12 11.64 -8.10
N MET A 23 1.16 11.59 -7.70
CA MET A 23 1.54 11.55 -6.28
C MET A 23 2.13 12.80 -5.63
N THR A 24 1.58 13.13 -4.46
CA THR A 24 2.07 14.21 -3.62
C THR A 24 2.57 13.64 -2.29
N LEU A 25 3.82 13.95 -1.96
CA LEU A 25 4.38 13.50 -0.70
C LEU A 25 4.21 14.53 0.40
N ASN A 26 3.44 14.18 1.42
CA ASN A 26 3.25 15.04 2.56
C ASN A 26 4.25 14.62 3.63
N GLU A 27 5.15 15.54 3.94
CA GLU A 27 6.19 15.29 4.92
C GLU A 27 5.73 15.57 6.33
N LYS A 28 6.30 14.84 7.27
CA LYS A 28 6.03 15.05 8.68
C LYS A 28 6.58 16.42 9.03
N SER A 29 5.86 17.19 9.84
CA SER A 29 6.31 18.54 10.20
C SER A 29 7.65 18.55 10.92
N VAL A 30 7.97 17.45 11.60
CA VAL A 30 9.25 17.26 12.24
C VAL A 30 10.22 16.76 11.18
N GLN A 31 11.19 17.59 10.81
CA GLN A 31 12.15 17.24 9.77
C GLN A 31 13.25 16.30 10.24
N ASN A 32 13.27 16.00 11.53
CA ASN A 32 14.20 15.05 12.09
C ASN A 32 13.54 13.66 12.19
N SER A 33 12.31 13.52 11.68
CA SER A 33 11.62 12.24 11.70
C SER A 33 10.91 12.02 10.37
N ILE A 34 11.50 11.18 9.52
CA ILE A 34 10.95 10.93 8.19
C ILE A 34 10.39 9.51 8.09
N THR A 35 10.01 8.95 9.23
CA THR A 35 9.47 7.60 9.35
C THR A 35 7.94 7.56 9.30
N GLN A 36 7.31 8.69 8.97
CA GLN A 36 5.86 8.80 8.87
C GLN A 36 5.50 9.70 7.71
N TRP A 37 5.21 9.10 6.55
CA TRP A 37 4.86 9.87 5.35
C TRP A 37 3.42 9.69 4.93
N ILE A 38 2.82 10.76 4.43
CA ILE A 38 1.44 10.66 3.97
C ILE A 38 1.43 10.89 2.48
N VAL A 39 0.84 9.95 1.76
CA VAL A 39 0.86 10.05 0.31
C VAL A 39 -0.51 10.25 -0.32
N ASP A 40 -0.63 11.34 -1.07
CA ASP A 40 -1.89 11.62 -1.72
C ASP A 40 -1.79 11.19 -3.17
N MET A 41 -2.82 10.50 -3.67
CA MET A 41 -2.79 10.05 -5.04
C MET A 41 -4.04 10.39 -5.82
N GLU A 42 -3.86 10.87 -7.04
CA GLU A 42 -4.98 11.14 -7.92
C GLU A 42 -5.21 9.96 -8.85
N GLY A 43 -6.44 9.46 -8.89
CA GLY A 43 -6.81 8.37 -9.77
C GLY A 43 -6.51 8.73 -11.21
N ALA A 44 -5.64 7.92 -11.81
CA ALA A 44 -5.16 8.07 -13.17
C ALA A 44 -6.30 8.17 -14.19
N PRO A 45 -6.19 9.07 -15.18
CA PRO A 45 -7.21 9.30 -16.16
C PRO A 45 -7.38 8.14 -17.10
N GLY A 46 -8.64 7.86 -17.41
CA GLY A 46 -8.98 6.74 -18.26
C GLY A 46 -9.23 5.48 -17.44
N THR A 47 -8.98 5.51 -16.12
CA THR A 47 -9.22 4.33 -15.32
C THR A 47 -10.52 4.47 -14.55
N LEU A 48 -10.87 3.40 -13.86
CA LEU A 48 -12.08 3.32 -13.05
C LEU A 48 -12.06 4.27 -11.86
N TYR A 49 -10.88 4.79 -11.51
CA TYR A 49 -10.76 5.67 -10.37
C TYR A 49 -10.45 7.10 -10.76
N GLU A 50 -10.58 7.45 -12.05
CA GLU A 50 -10.19 8.79 -12.49
C GLU A 50 -10.75 9.96 -11.69
N GLY A 51 -9.81 10.74 -11.17
CA GLY A 51 -10.09 11.95 -10.40
C GLY A 51 -10.26 11.72 -8.89
N GLU A 52 -10.30 10.47 -8.45
CA GLU A 52 -10.48 10.16 -7.04
C GLU A 52 -9.22 10.38 -6.22
N LYS A 53 -9.38 11.00 -5.05
CA LYS A 53 -8.23 11.22 -4.18
C LYS A 53 -8.05 10.08 -3.17
N PHE A 54 -6.85 9.52 -3.16
CA PHE A 54 -6.52 8.45 -2.24
C PHE A 54 -5.49 8.98 -1.26
N GLN A 55 -5.46 8.40 -0.06
CA GLN A 55 -4.48 8.85 0.92
C GLN A 55 -3.92 7.65 1.66
N LEU A 56 -2.59 7.52 1.61
CA LEU A 56 -1.88 6.42 2.23
C LEU A 56 -0.95 6.83 3.36
N LEU A 57 -0.76 5.94 4.32
CA LEU A 57 0.20 6.21 5.38
C LEU A 57 1.33 5.20 5.31
N PHE A 58 2.54 5.74 5.18
CA PHE A 58 3.80 5.02 5.08
C PHE A 58 4.60 5.10 6.37
N LYS A 59 4.67 3.98 7.08
CA LYS A 59 5.42 3.94 8.32
C LYS A 59 6.72 3.19 8.11
N PHE A 60 7.80 3.74 8.66
CA PHE A 60 9.08 3.08 8.50
C PHE A 60 9.60 2.74 9.89
N SER A 61 10.15 1.56 10.04
CA SER A 61 10.70 1.12 11.32
C SER A 61 12.15 1.56 11.49
N SER A 62 12.68 1.38 12.69
CA SER A 62 14.08 1.69 12.95
C SER A 62 14.98 0.70 12.22
N ARG A 63 14.43 -0.49 11.94
CA ARG A 63 15.12 -1.50 11.17
C ARG A 63 15.05 -1.23 9.68
N TYR A 64 13.95 -0.66 9.20
CA TYR A 64 13.79 -0.32 7.79
C TYR A 64 14.95 0.48 7.20
N PRO A 65 15.47 0.10 6.02
CA PRO A 65 15.16 -1.05 5.18
C PRO A 65 15.75 -2.44 5.45
N PHE A 66 15.64 -2.97 6.64
CA PHE A 66 15.96 -4.38 6.85
C PHE A 66 14.61 -5.07 6.72
N ASP A 67 13.60 -4.47 7.36
CA ASP A 67 12.21 -4.90 7.29
C ASP A 67 11.47 -4.07 6.25
N SER A 68 10.34 -4.59 5.77
CA SER A 68 9.52 -3.89 4.78
C SER A 68 8.77 -2.71 5.39
N PRO A 69 8.34 -1.72 4.59
CA PRO A 69 7.56 -0.58 5.05
C PRO A 69 6.11 -0.96 5.28
N GLN A 70 5.42 -0.24 6.16
CA GLN A 70 4.02 -0.52 6.41
C GLN A 70 3.17 0.50 5.69
N VAL A 71 2.41 0.05 4.70
CA VAL A 71 1.60 1.01 3.95
C VAL A 71 0.13 0.67 4.03
N MET A 72 -0.67 1.59 4.55
CA MET A 72 -2.11 1.36 4.66
C MET A 72 -2.94 2.54 4.21
N PHE A 73 -4.16 2.28 3.78
CA PHE A 73 -5.04 3.35 3.35
C PHE A 73 -5.51 4.12 4.59
N THR A 74 -5.33 5.43 4.59
CA THR A 74 -5.78 6.24 5.72
C THR A 74 -6.88 7.21 5.33
N GLY A 75 -8.00 7.13 6.03
CA GLY A 75 -9.12 8.01 5.76
C GLY A 75 -10.41 7.51 6.37
N GLU A 76 -11.50 8.23 6.12
CA GLU A 76 -12.83 7.89 6.61
C GLU A 76 -13.70 7.28 5.52
N ASN A 77 -13.08 6.87 4.41
CA ASN A 77 -13.80 6.31 3.28
C ASN A 77 -12.92 5.34 2.51
N ILE A 78 -13.09 4.05 2.79
CA ILE A 78 -12.33 3.01 2.12
C ILE A 78 -12.80 2.85 0.69
N PRO A 79 -11.92 2.92 -0.32
CA PRO A 79 -12.29 2.80 -1.71
C PRO A 79 -12.62 1.37 -2.09
N VAL A 80 -13.48 1.22 -3.09
CA VAL A 80 -13.82 -0.10 -3.57
C VAL A 80 -12.74 -0.54 -4.51
N HIS A 81 -12.00 -1.57 -4.10
CA HIS A 81 -10.87 -2.04 -4.87
C HIS A 81 -10.52 -3.48 -4.49
N PRO A 82 -10.16 -4.36 -5.44
CA PRO A 82 -9.79 -5.74 -5.19
C PRO A 82 -8.70 -5.97 -4.13
N HIS A 83 -7.79 -5.03 -3.97
CA HIS A 83 -6.71 -5.17 -3.01
C HIS A 83 -6.84 -4.25 -1.80
N VAL A 84 -7.98 -3.58 -1.61
CA VAL A 84 -8.10 -2.69 -0.45
C VAL A 84 -9.18 -3.19 0.51
N TYR A 85 -8.78 -3.36 1.76
CA TYR A 85 -9.66 -3.83 2.82
C TYR A 85 -10.23 -2.70 3.64
N SER A 86 -11.34 -2.99 4.32
CA SER A 86 -12.07 -2.03 5.14
C SER A 86 -11.28 -1.50 6.34
N ASN A 87 -10.24 -2.22 6.74
CA ASN A 87 -9.36 -1.76 7.81
C ASN A 87 -8.13 -1.02 7.28
N GLY A 88 -8.09 -0.72 5.98
CA GLY A 88 -6.97 -0.01 5.38
C GLY A 88 -5.88 -0.93 4.80
N HIS A 89 -6.00 -2.24 5.00
CA HIS A 89 -4.98 -3.15 4.49
C HIS A 89 -4.89 -3.15 2.97
N ILE A 90 -3.67 -3.15 2.47
CA ILE A 90 -3.40 -3.18 1.05
C ILE A 90 -2.72 -4.47 0.63
N CYS A 91 -3.38 -5.26 -0.20
CA CYS A 91 -2.85 -6.54 -0.65
C CYS A 91 -1.80 -6.41 -1.74
N LEU A 92 -0.63 -5.93 -1.32
CA LEU A 92 0.53 -5.73 -2.17
C LEU A 92 1.67 -6.59 -1.63
N SER A 93 2.18 -7.50 -2.46
CA SER A 93 3.21 -8.42 -2.01
C SER A 93 4.53 -7.74 -1.65
N ILE A 94 4.80 -6.54 -2.15
CA ILE A 94 6.06 -5.93 -1.77
C ILE A 94 5.93 -5.12 -0.49
N LEU A 95 4.86 -5.33 0.26
CA LEU A 95 4.79 -4.79 1.60
C LEU A 95 5.14 -5.91 2.58
N THR A 96 5.20 -7.17 2.11
CA THR A 96 5.46 -8.31 2.99
C THR A 96 6.29 -9.47 2.46
N GLU A 97 5.98 -9.97 1.27
CA GLU A 97 6.62 -11.17 0.74
C GLU A 97 7.66 -10.98 -0.36
N ASP A 98 7.39 -10.09 -1.30
CA ASP A 98 8.28 -9.82 -2.42
C ASP A 98 9.14 -8.58 -2.21
N TRP A 99 9.06 -7.98 -1.02
CA TRP A 99 9.82 -6.78 -0.73
C TRP A 99 11.31 -7.04 -0.64
N SER A 100 12.08 -6.07 -1.14
CA SER A 100 13.52 -6.06 -1.14
C SER A 100 14.00 -4.65 -0.88
N PRO A 101 15.11 -4.44 -0.15
CA PRO A 101 15.74 -3.15 0.09
C PRO A 101 16.07 -2.37 -1.19
N ALA A 102 16.21 -3.10 -2.30
CA ALA A 102 16.45 -2.56 -3.63
C ALA A 102 15.24 -1.78 -4.15
N LEU A 103 14.05 -2.08 -3.62
CA LEU A 103 12.81 -1.43 -4.04
C LEU A 103 12.75 -0.09 -3.32
N SER A 104 12.08 0.87 -3.94
CA SER A 104 12.00 2.20 -3.36
C SER A 104 10.58 2.53 -2.97
N VAL A 105 10.42 3.48 -2.05
CA VAL A 105 9.10 3.98 -1.66
C VAL A 105 8.36 4.45 -2.89
N GLN A 106 9.09 5.12 -3.79
CA GLN A 106 8.57 5.56 -5.07
C GLN A 106 7.96 4.40 -5.82
N SER A 107 8.69 3.27 -5.94
CA SER A 107 8.17 2.09 -6.62
C SER A 107 7.02 1.41 -5.86
N VAL A 108 6.94 1.60 -4.54
CA VAL A 108 5.81 1.09 -3.75
C VAL A 108 4.57 1.87 -4.15
N CYS A 109 4.71 3.19 -4.24
CA CYS A 109 3.63 4.06 -4.65
C CYS A 109 3.23 3.76 -6.08
N LEU A 110 4.20 3.55 -6.96
CA LEU A 110 3.94 3.18 -8.35
C LEU A 110 3.22 1.84 -8.45
N SER A 111 3.56 0.89 -7.58
CA SER A 111 2.89 -0.39 -7.55
C SER A 111 1.43 -0.23 -7.16
N ILE A 112 1.16 0.64 -6.18
CA ILE A 112 -0.21 0.93 -5.76
C ILE A 112 -0.98 1.63 -6.88
N ILE A 113 -0.34 2.61 -7.52
CA ILE A 113 -0.91 3.31 -8.66
C ILE A 113 -1.24 2.33 -9.78
N SER A 114 -0.31 1.41 -10.04
CA SER A 114 -0.50 0.37 -11.04
C SER A 114 -1.72 -0.47 -10.70
N MET A 115 -1.89 -0.82 -9.42
CA MET A 115 -3.08 -1.57 -9.01
C MET A 115 -4.34 -0.73 -9.18
N LEU A 116 -4.28 0.58 -8.99
CA LEU A 116 -5.46 1.40 -9.25
C LEU A 116 -5.81 1.36 -10.74
N SER A 117 -4.80 1.34 -11.62
CA SER A 117 -5.10 1.25 -13.05
C SER A 117 -5.44 -0.16 -13.53
N SER A 118 -5.04 -1.18 -12.78
CA SER A 118 -5.32 -2.56 -13.16
C SER A 118 -6.19 -3.32 -12.17
N CYS A 119 -7.50 -3.30 -12.47
CA CYS A 119 -8.56 -3.98 -11.71
C CYS A 119 -8.47 -5.49 -11.79
N LYS A 120 -9.32 -6.16 -11.01
CA LYS A 120 -9.37 -7.62 -10.93
C LYS A 120 -9.40 -8.30 -12.29
N GLU A 121 -8.45 -9.21 -12.46
CA GLU A 121 -8.27 -9.97 -13.70
C GLU A 121 -9.35 -11.03 -13.88
N LYS A 122 -9.66 -11.30 -15.15
CA LYS A 122 -10.66 -12.29 -15.50
C LYS A 122 -10.05 -13.69 -15.59
N ARG A 123 -10.88 -14.69 -15.33
CA ARG A 123 -10.48 -16.10 -15.36
C ARG A 123 -11.50 -16.96 -16.08
N ARG A 124 -11.17 -18.23 -16.27
CA ARG A 124 -12.04 -19.16 -16.97
C ARG A 124 -12.22 -20.51 -16.28
N PRO A 125 -12.92 -20.59 -15.13
CA PRO A 125 -13.19 -21.81 -14.44
C PRO A 125 -14.26 -22.59 -15.22
N PRO A 126 -14.37 -23.91 -15.01
CA PRO A 126 -15.33 -24.77 -15.68
C PRO A 126 -16.78 -24.52 -15.30
N ASP A 127 -16.98 -23.78 -14.21
CA ASP A 127 -18.29 -23.41 -13.72
C ASP A 127 -18.16 -22.10 -12.95
N ASN A 128 -18.59 -21.03 -13.62
CA ASN A 128 -18.56 -19.67 -13.07
C ASN A 128 -19.47 -19.53 -11.87
N SER A 129 -20.56 -20.31 -11.83
CA SER A 129 -21.49 -20.19 -10.73
C SER A 129 -20.93 -20.94 -9.54
N PHE A 130 -20.12 -21.97 -9.79
CA PHE A 130 -19.40 -22.72 -8.76
C PHE A 130 -18.48 -21.78 -8.04
N TYR A 131 -17.72 -21.00 -8.82
CA TYR A 131 -16.84 -19.99 -8.27
C TYR A 131 -17.63 -19.10 -7.31
N VAL A 132 -18.76 -18.58 -7.78
CA VAL A 132 -19.62 -17.74 -6.96
C VAL A 132 -20.13 -18.46 -5.70
N ARG A 133 -20.58 -19.70 -5.83
CA ARG A 133 -21.08 -20.49 -4.70
C ARG A 133 -20.02 -20.72 -3.64
N THR A 134 -18.78 -21.02 -4.05
CA THR A 134 -17.73 -21.24 -3.05
C THR A 134 -17.29 -19.93 -2.43
N CYS A 135 -17.45 -18.81 -3.13
CA CYS A 135 -17.16 -17.52 -2.52
C CYS A 135 -18.23 -17.24 -1.47
N ASN A 136 -19.49 -17.51 -1.80
CA ASN A 136 -20.59 -17.32 -0.85
C ASN A 136 -20.48 -18.23 0.36
N LYS A 137 -19.92 -19.42 0.16
CA LYS A 137 -19.70 -20.37 1.24
C LYS A 137 -18.32 -20.26 1.91
N ASN A 138 -17.52 -19.25 1.56
CA ASN A 138 -16.19 -19.06 2.14
C ASN A 138 -16.28 -18.30 3.47
N PRO A 139 -15.99 -18.91 4.62
CA PRO A 139 -16.07 -18.29 5.94
C PRO A 139 -15.38 -16.94 6.06
N LYS A 140 -14.28 -16.77 5.33
CA LYS A 140 -13.44 -15.58 5.35
C LYS A 140 -14.12 -14.34 4.77
N LYS A 141 -15.28 -14.51 4.14
CA LYS A 141 -16.02 -13.39 3.58
C LYS A 141 -16.96 -12.79 4.64
N THR A 142 -16.98 -13.35 5.85
CA THR A 142 -17.78 -12.83 6.95
C THR A 142 -17.31 -11.41 7.29
N LYS A 143 -18.25 -10.49 7.42
CA LYS A 143 -17.95 -9.08 7.67
C LYS A 143 -17.16 -8.79 8.95
N TRP A 144 -17.31 -9.63 9.95
CA TRP A 144 -16.59 -9.50 11.21
C TRP A 144 -15.60 -10.65 11.42
N TRP A 145 -15.15 -11.26 10.33
CA TRP A 145 -14.21 -12.37 10.38
C TRP A 145 -12.90 -12.02 11.09
N TYR A 146 -12.58 -12.87 12.05
CA TYR A 146 -11.38 -12.77 12.88
C TYR A 146 -10.07 -13.04 12.14
N HIS A 147 -8.96 -12.71 12.78
CA HIS A 147 -7.67 -12.95 12.16
C HIS A 147 -6.90 -13.98 12.95
N ASP A 148 -5.98 -14.67 12.30
CA ASP A 148 -5.20 -15.75 12.92
C ASP A 148 -3.93 -15.26 13.60
N ASP A 149 -4.11 -14.34 14.54
CA ASP A 149 -3.00 -13.68 15.25
C ASP A 149 -2.10 -12.95 14.25
N THR A 150 -2.71 -12.22 13.31
CA THR A 150 -1.95 -11.51 12.30
C THR A 150 -2.12 -10.00 12.40
N CYS A 151 -3.21 -9.56 13.04
CA CYS A 151 -3.48 -8.14 13.21
C CYS A 151 -3.52 -7.75 14.69
#